data_8SEY
#
_entry.id   8SEY
#
_cell.length_a   1.00
_cell.length_b   1.00
_cell.length_c   1.00
_cell.angle_alpha   90.00
_cell.angle_beta   90.00
_cell.angle_gamma   90.00
#
_symmetry.space_group_name_H-M   'P 1'
#
loop_
_entity.id
_entity.type
_entity.pdbx_description
1 polymer 'Ryanodine receptor 1'
2 non-polymer ADENOSINE
3 non-polymer 'ZINC ION'
#
_entity_poly.entity_id   1
_entity_poly.type   'polypeptide(L)'
_entity_poly.pdbx_seq_one_letter_code
;MGDGGEGEDEVQFLRTDDEVVLQCSATVLKEQLKLCLAAEGFGNRLCFLEPTSNAQNVPPDLAICCFTLEQSLSVRALQE
MLANTVEAGVESSQGGGHRTLLYGHAILLRHAHSRMYLSCLTTSRSMTDKLAFDVGLQEDATGEACWWTMHPASKQRSEG
EKVRVGDDLILVSVSSERYLHLSTASGELQVDASFMQTLWNMNPICSCCEEGYVTGGHVLRLFHGHMDECLTISAADSDD
QRRLVYYEGGAVCTHARSLWRLEPLRISWSGSHLRWGQPLRIRHVTTGRYLALTEDQGLVVVDACKAHTKATSFCFRVSK
EKLDTAPKRDVEGMGPPEIKYGESLCFVQHVASGLWLTYAAPDPKALRLGVLKKKAILHQEGHMDDALFLTRCQQEESQA
ARMIHSTAGLYNQFIKGLDSFSGKPRGSGPPAGPALPIEAVILSLQDLIGYFEPPSEELQHEEKQSKLRSLRNRQSLFQE
EGMLSLVLNCIDRLNVYTTAAHFAEYAGEEAAESWKEIVNLLYELLASLIRGNRANCALFSTNLDWVVSKLDRLEASSGI
LEVLYCVLIESPEVLNIIQENHIKSIISLLDKHGRNHKVLDVLCSLCVCNGVAVRSNQDLITENLLPGRELLLQTNLINY
VTSIRPNIFVGRAEGSTQYGKWYFEVMVDEVVPFLTAQATHLRVGWALTEGYSPYPGGGEGWGGNGVGDDLYSYGFDGLH
LWTGHVARPVTSPGQHLLAPEDVVSCCLDLSVPSISFRINGCPVQGVFEAFNLDGLFFPVVSFSAGVKVRFLLGGRHGEF
KFLPPPGYAPCHEAVLPRERLRLEPIKEYRREGPRGPHLVGPSRCLSHTDFVPCPVDTVQIVLPPHLERIREKLAENIHE
LWALTRIEQGWTYGPVRDDNKRLHPCLVNFHSLPEPERNYNLQMSGETLKTLLALGCHVGMADEKAEDNLKKTKLPKTYM
MSNGYKPAPLDLSHVRLTPAQTTLVDRLAENGHNVWARDRVAQGWSYSAVQDIPARRNPRLVPYRLLDEATKRSNRDSLC
QAVRTLLGYGYNIEPPDQEPSQVENQSRWDRVRIFRAEKSYTVQSGRWYFEFEAVTTGEMRVGWARPELRPDVELGADEL
AYVFNGHRGQRWHLGSEPFGRPWQSGDVVGCMIDLTENTIIFTLNGEVLMSDSGSETAFREIEIGDGFLPVCSLGPGQVG
HLNLGQDVSSLRFFAICGLQEGFEPFAINMQRPVTTWFSKSLPQFEPVPPEHPHYEVARMDGTVDTPPCLRLAHRTWGSQ
NSLVEMLFLRLSLPVQFHQHFRCTAGATPLAPPGLQPPAEDEARAAEPDPDYENLRRSAGGWGEAEGGKEGTAKEGTPGG
TPQPGVEAQPVRAENEKDATTEKNKKRGFLFKAKKAAMMTQPPATPALPRLPHDVVPADNRDDPEIILNTTTYYYSVRVF
AGQEPSCVWVGWVTPDYHQHDMNFDLSKVRAVTVTMGDEQGNVHSSLKCSNCYMVWGGDFVSPGQQGRISHTDLVIGCLV
DLATGLMTFTANGKESNTFFQVEPNTKLFPAVFVLPTHQNVIQFELGKQKNIMPLSAAMFLSERKNPAPQCPPRLEVQML
MPVSWSRMPNHFLQVETRRAGERLGWAVQCQDPLTMMALHIPEENRCMDILELSERLDLQRFHSHTLRLYRAVCALGNNR
VAHALCSHVDQAQLLHALEDAHLPGPLRAGYYDLLISIHLESACRSRRSMLSEYIVPLTPETRAITLFPPGRKGGNARRH
GLPGVGVTTSLRPPHHFSPPCFVAALPAAGVAEAPARLSPAIPLEALRDKALRMLGEAVRDGGQHARDPVGGSVEFQFVP
VLKLVSTLLVMGIFGDEDVKQILKMIEPEVFTEEEEEEEEEEEEEEEEEEDEEEKEEDEEEEEKEDAEKEEEEAPEGEKE
DLEEGLLQMKLPESVKLQMCNLLEYFCDQELQHRVESLAAFAERYVDKLQANQRSRYALLMRAFTMSAAETARRTREFRS
PPQEQINMLLHFKDEADEEDCPLPEDIRQDLQDFHQDLLAHCGIQLEGEEEEPEEETSLSSRLRSLLETVRLVKKKEEKP
EEELPAEEKKPQSLQELVSHMVVRWAQEDYVQSPELVRAMFSLLHRQYDGLGELLRALPRAYTISPSSVEDTMSLLECLG
QIRSLLIVQMGPQEENLMIQSIGNIMNNKVFYQHPNLMRALGMHETVMEVMVNVLGGGETKEIRFPKMVTSCCRFLCYFC
RISRQNQRSMFDHLSYLLENSGIGLGMQGSTPLDVAAASVIDNNELALALQEQDLEKVVSYLAGCGLQSCPMLLAKGYPD
IGWNPCGGERYLDFLRFAVFVNGESVEENANVVVRLLIRKPECFGPALRGEGGSGLLAAIEEAIRISEDPARDGPGVRRD
RRREHFGEEPPEENRVHLGHAIMSFYAALIDLLGRCAPEMHLIQAGKGEALRIRAILRSLVPLDDLVGIISLPLQIPTLG
KDGALVQPKMSASFVPDHKASMVLFLDRVYGIENQDFLLHVLDVGFLPDMRAAASLDTATFSTTEMALALNRYLCLAVLP
LITKCAPLFAGTEHRAIMVDSMLHTVYRLSRGRSLTKAQRDVIEDCLMALCRYIRPSMLQHLLRRLVFDVPILNEFAKMP
LKLLTNHYERCWKYYCLPTGWANFGVTSEEELHLTRKLFWGIFDSLAHKKYDQELYRMAMPCLCAIAGALPPDYVDASYS
SKAEKKATVDAEGNFDPRPVETLNVIIPEKLDSFINKFAEYTHEKWAFDKIQNNWSYGENVDEELKTHPMLRPYKTFSEK
DKEIYRWPIKESLKAMIAWEWTIEKAREGEEERTEKKKTRKISQTAQTYDPREGYNPQPPDLSGVTLSRELQAMAEQLAE
NYHNTWGRKKKQELEAKGGGTHPLLVPYDTLTAKEKARDREKAQELLKFLQMNGYAVTRGLKDMELDTSSIEKRFAFGFL
QQLLRWMDISQEFIAHLEAVVSSGRVEKSPHEQEIKFFAKILLPLINQYFTNHCLYFLSTPAKVLGSGGHASNKEKEMIT
SLFCKLAALVRHRVSLFGTDAPAVVNCLHILARSLDARTVMKSGPEIVKAGLRSFFESASEDIEKMVENLRLGKVSQART
QVKGVGQNLTYTTVALLPVLTTLFQHIAQHQFGDDVILDDVQVSCYRTLCSIYSLGTTKNTYVEKLRPALGECLARLAAA
MPVAFLEPQLNEYNACSVYTTKSPRERAILGLPNSVEEMCPDIPVLDRLMADIGGLAESGARYTEMPHVIEITLPMLCSY
LPRWWERGPEAPPPALPAGAPPPCTAVTSDHLNSLLGNILRIIVNNLGIDEATWMKRLAVFAQPIVSRARPELLHSHFIP
TIGRLRKRAGKVVAEEEQLRLEAKAEAEEGELLVRDEFSVLCRDLYALYPLLIRYVDNNRAHWLTEPNANAEELFRMVGE
IFIYWSKSHNFKREEQNFVVQNEINNMSFLTADSKSKMAKAGDAQSGGSDQERTKKKRRGDRYSVQTSLIVATLKKMLPI
GLNMCAPTDQDLIMLAKTRYALKDTDEEVREFLQNNLHLQGKVEGSPSLRWQMALYRGLPGREEDADDPEKIVRRVQEVS
AVLYHLEQTEHPYKSKKAVWHKLLSKQRRRAVVACFRMTPLYNLPTHRACNMFLESYKAAWILTEDHSFEDRMIDDLSKA
GEQEEEEEEVEEKKPDPLHQLVLHFSRTALTEKSKLDEDYLYMAYADIMAKSCHLEEGGENGEAEEEEVEVSFEEKEMEK
QRLLYQQSRLHTRGAAEMVLQMISACKGETGAMVSSTLKLGISILNGGNAEVQQKMLDYLKDKKEVGFFQSIQALMQTCS
VLDLNAFERQNKAEGLGMVNEDGTVINRQNGEKVMADDEFTQDLFRFLQLLCEGHNNDFQNYLRTQTGNTTTINIIICTV
DYLLRLQESISDFYWYYSGKDVIEEQGKRNFSKAMSVAKQVFNSLTEYIQGPCTGNQQSLAHSRLWDAVVGFLHVFAHMM
MKLAQDSSQIELLKELLDLQKDMVVMLLSLLEGNVVNGMIARQMVDMLVESSSNVEMILKFFDMFLKLKDIVGSEAFQDY
VTDPRGLISKKDFQKAMDSQKQFTGPEIQFLLSCSEADENEMINFEEFANRFQEPARDIGFNVAVLLTNLSEHVPHDPRL
RNFLELAESILEYFRPYLGRIEIMGASRRIERIYFEISETNRAQWEMPQVKESKRQFIFDVVNEGGEAEKMELFVSFCED
TIFEMQIAAQISEPEGEPEADEDEGMGEAAAEGAEEGAAGAEGAAGTVAAGATARLAAAAARALRGLSYRSLRRRVRRLR
RLTAREAATALAALLWAVVARAGAAGAGAAAGALRLLWGSLFGGGLVEGAKKVTVTELLAGMPDPTSDEVHGEQPAGPGG
DADGAGEGEGEGDAAEGDGDEEVAGHEAGPGGAEGVVAVADGGPFRPEGAGGLGDMGDTTPAEPPTPEGSPILKRKLGVD
GEEEELVPEPEPEPEPEPEKADEENGEKEEVPEAPPEPPKKAPPSPPAKKEEAGGAGMEFWGELEVQRVKFLNYLSRNFY
TLRFLALFLAFAINFILLFYKVSDSPPGEDDMEGSAAGDLAGAGSGGGSGWGSGAGEEAEGDEDENMVYYFLEESTGYME
PALWCLSLLHTLVAFLCIIGYNCLKVPLVIFKREKELARKLEFDGLYITEQPGDDDVKGQWDRLVLNTPSFPSNYWDKFV
KRKVLDKHGDIFGRERIAELLGMDLASLEITAHNERKPDPPPGLLTWLMSIDVKYQIWKFGVIFTDNSFLYLGWYMVMSL
LGHYNNFFFAAHLLDIAMGVKTLRTILSSVTHNGKQLVMTVGLLAVVVYLYTVVAFNFFRKFYNKSEDEDEPDMKCDDMM
TCYLFHMYVGVRAGGGIGDEIEDPAGDEYELYRVVFDITFFFFVIVILLAIIQGLIIDAFGELRDQQEQVKEDMETKCFI
CGIGSDYFDTTPHGFETHTLEEHNLANYMFFLMYLINKDETEHTGQESYVWKMYQERCWDFFPAGDCFRKQYEDQLS
;
_entity_poly.pdbx_strand_id   A,B,C,D
#
loop_
_chem_comp.id
_chem_comp.type
_chem_comp.name
_chem_comp.formula
ADN non-polymer ADENOSINE 'C10 H13 N5 O4'
ZN non-polymer 'ZINC ION' 'Zn 2'
#
# COMPACT_ATOMS: atom_id res chain seq x y z
N ASN A 3950 23.86 58.42 -47.46
CA ASN A 3950 24.13 57.18 -48.17
C ASN A 3950 24.11 55.98 -47.21
N PHE A 3951 24.06 56.28 -45.90
CA PHE A 3951 23.99 55.20 -44.92
C PHE A 3951 22.69 54.44 -45.03
N SER A 3952 21.58 55.14 -45.24
CA SER A 3952 20.28 54.47 -45.30
C SER A 3952 20.20 53.51 -46.47
N LYS A 3953 20.71 53.91 -47.64
CA LYS A 3953 20.62 53.04 -48.81
C LYS A 3953 21.58 51.86 -48.71
N ALA A 3954 22.73 52.04 -48.07
CA ALA A 3954 23.68 50.94 -47.93
C ALA A 3954 23.20 49.91 -46.92
N MET A 3955 22.57 50.37 -45.84
CA MET A 3955 22.10 49.45 -44.81
C MET A 3955 20.89 48.66 -45.27
N SER A 3956 20.09 49.22 -46.17
CA SER A 3956 18.97 48.47 -46.73
C SER A 3956 19.47 47.26 -47.52
N VAL A 3957 20.56 47.44 -48.26
CA VAL A 3957 21.16 46.32 -48.98
C VAL A 3957 21.66 45.26 -48.01
N ALA A 3958 22.26 45.70 -46.89
CA ALA A 3958 22.77 44.75 -45.91
C ALA A 3958 21.68 43.88 -45.32
N LYS A 3959 20.46 44.43 -45.16
CA LYS A 3959 19.35 43.63 -44.67
C LYS A 3959 19.00 42.51 -45.65
N GLN A 3960 19.00 42.82 -46.95
CA GLN A 3960 18.70 41.80 -47.94
C GLN A 3960 19.79 40.74 -48.02
N VAL A 3961 21.06 41.13 -47.89
CA VAL A 3961 22.14 40.16 -47.88
C VAL A 3961 22.03 39.25 -46.66
N PHE A 3962 21.73 39.83 -45.50
CA PHE A 3962 21.56 39.03 -44.30
C PHE A 3962 20.36 38.11 -44.42
N ASN A 3963 19.26 38.61 -44.99
CA ASN A 3963 18.07 37.78 -45.18
C ASN A 3963 18.34 36.63 -46.14
N SER A 3964 19.08 36.91 -47.22
CA SER A 3964 19.40 35.85 -48.18
C SER A 3964 20.26 34.77 -47.54
N LEU A 3965 21.23 35.17 -46.71
CA LEU A 3965 22.05 34.18 -46.02
C LEU A 3965 21.22 33.33 -45.08
N THR A 3966 20.24 33.94 -44.42
CA THR A 3966 19.34 33.18 -43.54
C THR A 3966 18.51 32.18 -44.36
N GLU A 3967 18.15 32.54 -45.59
CA GLU A 3967 17.35 31.65 -46.43
C GLU A 3967 18.13 30.38 -46.76
N TYR A 3968 19.45 30.48 -46.86
CA TYR A 3968 20.25 29.30 -47.20
C TYR A 3968 20.27 28.28 -46.07
N ILE A 3969 20.31 28.75 -44.82
CA ILE A 3969 20.56 27.85 -43.70
C ILE A 3969 19.31 27.49 -42.90
N GLN A 3970 18.24 28.28 -43.01
CA GLN A 3970 17.01 27.91 -42.33
C GLN A 3970 16.42 26.64 -42.94
N GLY A 3971 15.69 25.89 -42.13
CA GLY A 3971 15.32 24.55 -42.50
C GLY A 3971 16.58 23.72 -42.57
N PRO A 3972 17.16 23.42 -41.40
CA PRO A 3972 18.62 23.22 -41.30
C PRO A 3972 19.26 22.44 -42.44
N CYS A 3973 20.16 23.12 -43.15
CA CYS A 3973 20.96 22.51 -44.21
C CYS A 3973 22.38 22.37 -43.66
N THR A 3974 22.79 21.13 -43.39
CA THR A 3974 24.10 20.90 -42.77
C THR A 3974 25.23 21.41 -43.67
N GLY A 3975 25.13 21.18 -44.97
CA GLY A 3975 26.18 21.63 -45.87
C GLY A 3975 26.34 23.14 -45.88
N ASN A 3976 25.22 23.86 -45.97
CA ASN A 3976 25.29 25.32 -45.98
C ASN A 3976 25.70 25.86 -44.63
N GLN A 3977 25.24 25.23 -43.54
CA GLN A 3977 25.64 25.67 -42.21
C GLN A 3977 27.13 25.47 -41.98
N GLN A 3978 27.66 24.32 -42.40
CA GLN A 3978 29.10 24.07 -42.24
C GLN A 3978 29.92 25.02 -43.08
N SER A 3979 29.47 25.30 -44.31
CA SER A 3979 30.24 26.15 -45.22
C SER A 3979 30.35 27.57 -44.69
N LEU A 3980 29.27 28.11 -44.12
CA LEU A 3980 29.28 29.48 -43.63
C LEU A 3980 30.27 29.69 -42.50
N ALA A 3981 30.56 28.64 -41.73
CA ALA A 3981 31.52 28.77 -40.63
C ALA A 3981 32.95 28.89 -41.14
N HIS A 3982 33.28 28.19 -42.23
CA HIS A 3982 34.64 28.25 -42.77
C HIS A 3982 34.89 29.51 -43.57
N SER A 3983 33.82 30.22 -43.96
CA SER A 3983 33.96 31.41 -44.78
C SER A 3983 34.39 32.59 -43.91
N ARG A 3984 34.47 33.76 -44.54
CA ARG A 3984 34.84 35.01 -43.86
C ARG A 3984 33.65 35.71 -43.22
N LEU A 3985 32.56 34.97 -42.95
CA LEU A 3985 31.38 35.59 -42.37
C LEU A 3985 31.67 36.14 -40.98
N TRP A 3986 32.48 35.43 -40.19
CA TRP A 3986 32.79 35.89 -38.83
C TRP A 3986 33.50 37.24 -38.85
N ASP A 3987 34.40 37.45 -39.82
CA ASP A 3987 35.07 38.73 -39.94
C ASP A 3987 34.09 39.86 -40.22
N ALA A 3988 33.10 39.61 -41.08
CA ALA A 3988 32.09 40.61 -41.36
C ALA A 3988 31.23 40.91 -40.14
N VAL A 3989 30.87 39.87 -39.39
CA VAL A 3989 30.03 40.06 -38.20
C VAL A 3989 30.77 40.89 -37.15
N VAL A 3990 32.06 40.61 -36.96
CA VAL A 3990 32.86 41.41 -36.03
C VAL A 3990 32.91 42.86 -36.49
N GLY A 3991 33.10 43.08 -37.79
CA GLY A 3991 33.11 44.43 -38.31
C GLY A 3991 31.79 45.15 -38.12
N PHE A 3992 30.68 44.45 -38.35
CA PHE A 3992 29.37 45.06 -38.12
C PHE A 3992 29.17 45.42 -36.65
N LEU A 3993 29.51 44.50 -35.74
CA LEU A 3993 29.35 44.77 -34.32
C LEU A 3993 30.21 45.94 -33.87
N HIS A 3994 31.39 46.10 -34.49
CA HIS A 3994 32.21 47.26 -34.20
C HIS A 3994 31.51 48.55 -34.60
N VAL A 3995 30.86 48.55 -35.77
CA VAL A 3995 30.12 49.74 -36.21
C VAL A 3995 28.87 49.94 -35.36
N PHE A 3996 28.20 48.84 -34.99
CA PHE A 3996 26.92 48.97 -34.32
C PHE A 3996 27.05 49.66 -32.96
N ALA A 3997 28.15 49.39 -32.25
CA ALA A 3997 28.30 49.90 -30.89
C ALA A 3997 28.38 51.42 -30.86
N HIS A 3998 29.25 52.01 -31.67
CA HIS A 3998 29.45 53.45 -31.61
C HIS A 3998 28.31 54.22 -32.28
N MET A 3999 27.74 53.67 -33.34
CA MET A 3999 26.64 54.37 -34.02
C MET A 3999 25.42 54.49 -33.11
N MET A 4000 25.11 53.44 -32.34
CA MET A 4000 23.96 53.49 -31.46
C MET A 4000 24.10 54.60 -30.41
N MET A 4001 25.29 54.74 -29.83
CA MET A 4001 25.51 55.79 -28.83
C MET A 4001 25.42 57.17 -29.46
N LYS A 4002 26.03 57.36 -30.62
CA LYS A 4002 26.06 58.68 -31.25
C LYS A 4002 24.67 59.11 -31.70
N LEU A 4003 23.90 58.20 -32.29
CA LEU A 4003 22.59 58.56 -32.83
C LEU A 4003 21.60 58.89 -31.71
N ALA A 4004 21.71 58.22 -30.58
CA ALA A 4004 20.79 58.47 -29.48
C ALA A 4004 21.01 59.83 -28.83
N GLN A 4005 22.16 60.47 -29.07
CA GLN A 4005 22.44 61.76 -28.46
C GLN A 4005 21.47 62.82 -28.97
N ASP A 4006 21.19 62.84 -30.27
CA ASP A 4006 20.32 63.83 -30.88
C ASP A 4006 19.01 63.19 -31.32
N SER A 4007 17.91 63.93 -31.17
CA SER A 4007 16.60 63.45 -31.59
C SER A 4007 16.38 63.58 -33.09
N SER A 4008 17.25 64.30 -33.80
CA SER A 4008 17.08 64.46 -35.24
C SER A 4008 17.37 63.17 -35.98
N GLN A 4009 18.23 62.31 -35.42
CA GLN A 4009 18.62 61.07 -36.06
C GLN A 4009 17.90 59.85 -35.49
N ILE A 4010 16.70 60.03 -34.94
CA ILE A 4010 15.96 58.89 -34.41
C ILE A 4010 15.51 57.97 -35.54
N GLU A 4011 15.14 58.54 -36.69
CA GLU A 4011 14.72 57.72 -37.82
C GLU A 4011 15.87 56.87 -38.35
N LEU A 4012 17.09 57.43 -38.38
CA LEU A 4012 18.26 56.67 -38.79
C LEU A 4012 18.53 55.52 -37.83
N LEU A 4013 18.25 55.72 -36.55
CA LEU A 4013 18.47 54.67 -35.56
C LEU A 4013 17.52 53.49 -35.78
N LYS A 4014 16.39 53.73 -36.45
CA LYS A 4014 15.37 52.69 -36.57
C LYS A 4014 15.84 51.54 -37.45
N GLU A 4015 16.36 51.83 -38.64
CA GLU A 4015 16.88 50.74 -39.47
C GLU A 4015 18.22 50.23 -38.95
N LEU A 4016 18.86 51.01 -38.08
CA LEU A 4016 20.05 50.50 -37.39
C LEU A 4016 19.68 49.35 -36.47
N LEU A 4017 18.53 49.44 -35.79
CA LEU A 4017 18.13 48.40 -34.85
C LEU A 4017 17.69 47.13 -35.58
N ASP A 4018 16.86 47.27 -36.60
CA ASP A 4018 16.37 46.08 -37.29
C ASP A 4018 17.46 45.41 -38.14
N LEU A 4019 18.53 46.13 -38.48
CA LEU A 4019 19.67 45.47 -39.09
C LEU A 4019 20.33 44.52 -38.11
N GLN A 4020 20.40 44.92 -36.84
CA GLN A 4020 20.89 44.00 -35.81
C GLN A 4020 19.98 42.79 -35.68
N LYS A 4021 18.66 43.01 -35.74
CA LYS A 4021 17.72 41.90 -35.66
C LYS A 4021 17.92 40.92 -36.81
N ASP A 4022 18.16 41.43 -38.02
CA ASP A 4022 18.40 40.56 -39.16
C ASP A 4022 19.68 39.74 -38.97
N MET A 4023 20.72 40.37 -38.41
CA MET A 4023 21.97 39.65 -38.19
C MET A 4023 21.83 38.62 -37.08
N VAL A 4024 21.11 38.96 -36.01
CA VAL A 4024 20.91 38.01 -34.91
C VAL A 4024 20.09 36.81 -35.37
N VAL A 4025 19.09 37.03 -36.23
CA VAL A 4025 18.32 35.91 -36.78
C VAL A 4025 19.22 34.98 -37.58
N MET A 4026 20.15 35.55 -38.36
CA MET A 4026 21.13 34.73 -39.04
C MET A 4026 22.02 33.98 -38.05
N LEU A 4027 22.45 34.67 -37.00
CA LEU A 4027 23.29 34.03 -35.98
C LEU A 4027 22.55 32.90 -35.29
N LEU A 4028 21.25 33.10 -35.00
CA LEU A 4028 20.45 32.04 -34.42
C LEU A 4028 20.21 30.91 -35.41
N SER A 4029 20.13 31.22 -36.70
CA SER A 4029 19.88 30.18 -37.70
C SER A 4029 21.06 29.24 -37.83
N LEU A 4030 22.28 29.76 -37.68
CA LEU A 4030 23.47 28.91 -37.75
C LEU A 4030 23.53 27.91 -36.60
N LEU A 4031 22.84 28.18 -35.50
CA LEU A 4031 22.85 27.31 -34.33
C LEU A 4031 21.75 26.26 -34.35
N GLU A 4032 20.95 26.21 -35.40
CA GLU A 4032 19.87 25.23 -35.46
C GLU A 4032 20.44 23.82 -35.56
N GLY A 4033 20.01 22.95 -34.64
CA GLY A 4033 20.48 21.59 -34.62
C GLY A 4033 21.93 21.42 -34.20
N ASN A 4034 22.49 22.41 -33.50
CA ASN A 4034 23.88 22.31 -33.06
C ASN A 4034 24.01 21.31 -31.92
N VAL A 4035 25.21 20.78 -31.77
CA VAL A 4035 25.52 19.81 -30.73
C VAL A 4035 26.48 20.45 -29.73
N VAL A 4036 26.54 19.87 -28.53
CA VAL A 4036 27.43 20.38 -27.50
C VAL A 4036 28.88 20.18 -27.94
N ASN A 4037 29.70 21.20 -27.71
CA ASN A 4037 31.08 21.24 -28.20
C ASN A 4037 31.12 21.03 -29.71
N GLY A 4038 30.11 21.55 -30.41
CA GLY A 4038 30.07 21.42 -31.85
C GLY A 4038 31.00 22.40 -32.53
N MET A 4039 31.16 22.20 -33.84
CA MET A 4039 32.10 23.05 -34.58
C MET A 4039 31.60 24.48 -34.65
N ILE A 4040 30.42 24.69 -35.24
CA ILE A 4040 29.92 26.04 -35.50
C ILE A 4040 29.82 26.84 -34.21
N ALA A 4041 29.36 26.20 -33.13
CA ALA A 4041 29.17 26.91 -31.86
C ALA A 4041 30.49 27.47 -31.34
N ARG A 4042 31.60 26.79 -31.61
CA ARG A 4042 32.87 27.20 -31.01
C ARG A 4042 33.47 28.42 -31.68
N GLN A 4043 33.30 28.58 -33.00
CA GLN A 4043 33.71 29.85 -33.60
C GLN A 4043 32.83 31.00 -33.14
N MET A 4044 31.56 30.70 -32.83
CA MET A 4044 30.69 31.72 -32.27
C MET A 4044 31.20 32.22 -30.93
N VAL A 4045 31.66 31.32 -30.07
CA VAL A 4045 32.23 31.74 -28.78
C VAL A 4045 33.46 32.61 -29.02
N ASP A 4046 34.33 32.20 -29.94
CA ASP A 4046 35.51 33.00 -30.26
C ASP A 4046 35.11 34.35 -30.85
N MET A 4047 34.09 34.36 -31.71
CA MET A 4047 33.69 35.61 -32.35
C MET A 4047 33.15 36.61 -31.33
N LEU A 4048 32.36 36.14 -30.36
CA LEU A 4048 31.93 37.02 -29.27
C LEU A 4048 33.10 37.45 -28.40
N VAL A 4049 34.04 36.54 -28.13
CA VAL A 4049 35.19 36.88 -27.28
C VAL A 4049 36.05 37.94 -27.96
N GLU A 4050 36.31 37.78 -29.26
CA GLU A 4050 37.12 38.76 -29.98
C GLU A 4050 36.47 40.14 -29.98
N SER A 4051 35.15 40.19 -30.20
CA SER A 4051 34.40 41.43 -30.18
C SER A 4051 33.70 41.67 -28.85
N SER A 4052 34.31 41.23 -27.74
CA SER A 4052 33.68 41.36 -26.44
C SER A 4052 33.43 42.81 -26.06
N SER A 4053 34.40 43.69 -26.36
CA SER A 4053 34.20 45.10 -26.07
C SER A 4053 33.06 45.68 -26.90
N ASN A 4054 32.96 45.29 -28.17
CA ASN A 4054 31.90 45.82 -29.02
C ASN A 4054 30.53 45.28 -28.61
N VAL A 4055 30.43 43.98 -28.35
CA VAL A 4055 29.14 43.40 -28.02
C VAL A 4055 28.67 43.88 -26.65
N GLU A 4056 29.60 44.15 -25.74
CA GLU A 4056 29.22 44.67 -24.43
C GLU A 4056 29.03 46.18 -24.52
N MET A 4057 28.29 46.63 -25.53
CA MET A 4057 27.75 47.99 -25.58
C MET A 4057 26.33 48.06 -26.11
N ILE A 4058 25.89 47.07 -26.90
CA ILE A 4058 24.49 47.01 -27.32
C ILE A 4058 23.59 46.66 -26.16
N LEU A 4059 24.10 45.86 -25.22
CA LEU A 4059 23.30 45.42 -24.08
C LEU A 4059 22.86 46.60 -23.23
N LYS A 4060 23.75 47.57 -23.01
CA LYS A 4060 23.41 48.77 -22.27
C LYS A 4060 22.91 49.87 -23.21
N PRO A 4176 12.29 34.18 -17.40
CA PRO A 4176 10.94 34.73 -17.26
C PRO A 4176 10.15 34.70 -18.58
N TYR A 4177 10.79 35.12 -19.66
CA TYR A 4177 10.19 35.08 -20.98
C TYR A 4177 10.84 34.07 -21.92
N LEU A 4178 12.07 33.64 -21.63
CA LEU A 4178 12.77 32.69 -22.49
C LEU A 4178 12.21 31.29 -22.29
N GLY A 4179 11.53 30.77 -23.30
CA GLY A 4179 11.03 29.42 -23.27
C GLY A 4179 12.11 28.42 -23.63
N ARG A 4180 11.83 27.15 -23.34
CA ARG A 4180 12.82 26.10 -23.55
C ARG A 4180 12.12 24.75 -23.60
N ILE A 4181 12.22 24.07 -24.74
CA ILE A 4181 11.73 22.71 -24.89
C ILE A 4181 12.79 21.89 -25.61
N GLU A 4182 12.65 20.57 -25.51
CA GLU A 4182 13.50 19.63 -26.22
C GLU A 4182 12.61 18.75 -27.09
N ILE A 4183 13.01 18.57 -28.35
CA ILE A 4183 12.27 17.73 -29.28
C ILE A 4183 13.23 16.77 -29.96
N MET A 4184 12.67 15.67 -30.46
CA MET A 4184 13.41 14.74 -31.32
C MET A 4184 13.38 15.32 -32.73
N GLY A 4185 14.44 16.03 -33.09
CA GLY A 4185 14.47 16.75 -34.35
C GLY A 4185 14.64 15.84 -35.55
N ALA A 4186 14.74 16.48 -36.72
CA ALA A 4186 14.90 15.73 -37.96
C ALA A 4186 16.24 15.01 -38.04
N SER A 4187 17.20 15.37 -37.17
CA SER A 4187 18.50 14.74 -37.13
C SER A 4187 18.52 13.48 -36.28
N ARG A 4188 17.36 13.03 -35.81
CA ARG A 4188 17.25 11.84 -34.94
C ARG A 4188 18.03 12.02 -33.64
N ARG A 4189 18.15 13.26 -33.19
CA ARG A 4189 18.79 13.57 -31.91
C ARG A 4189 17.95 14.60 -31.18
N ILE A 4190 18.10 14.63 -29.86
CA ILE A 4190 17.40 15.62 -29.05
C ILE A 4190 17.92 17.00 -29.37
N GLU A 4191 17.00 17.93 -29.67
CA GLU A 4191 17.35 19.30 -30.01
C GLU A 4191 16.59 20.25 -29.08
N ARG A 4192 17.32 21.20 -28.50
CA ARG A 4192 16.73 22.18 -27.61
C ARG A 4192 16.26 23.38 -28.41
N ILE A 4193 15.02 23.80 -28.18
CA ILE A 4193 14.38 24.88 -28.92
C ILE A 4193 14.10 26.02 -27.96
N TYR A 4194 14.49 27.23 -28.35
CA TYR A 4194 14.30 28.42 -27.54
C TYR A 4194 13.27 29.33 -28.21
N PHE A 4195 12.27 29.75 -27.44
CA PHE A 4195 11.24 30.65 -27.93
C PHE A 4195 10.93 31.68 -26.84
N GLU A 4196 10.16 32.69 -27.21
CA GLU A 4196 9.84 33.80 -26.32
C GLU A 4196 8.40 33.66 -25.84
N ILE A 4197 8.22 33.62 -24.52
CA ILE A 4197 6.91 33.57 -23.89
C ILE A 4197 6.48 34.99 -23.55
N SER A 4198 5.17 35.22 -23.58
CA SER A 4198 4.61 36.54 -23.31
C SER A 4198 4.03 36.60 -21.90
N GLU A 4199 4.07 37.81 -21.32
CA GLU A 4199 3.64 38.00 -19.94
C GLU A 4199 2.15 37.74 -19.78
N THR A 4200 1.34 38.12 -20.78
CA THR A 4200 -0.09 37.86 -20.71
C THR A 4200 -0.37 36.36 -20.65
N ASN A 4201 0.32 35.59 -21.50
CA ASN A 4201 0.13 34.14 -21.49
C ASN A 4201 0.62 33.52 -20.19
N ARG A 4202 1.74 34.02 -19.66
CA ARG A 4202 2.23 33.51 -18.38
C ARG A 4202 1.21 33.78 -17.26
N ALA A 4203 0.63 34.97 -17.24
CA ALA A 4203 -0.37 35.29 -16.23
C ALA A 4203 -1.62 34.43 -16.40
N GLN A 4204 -2.09 34.25 -17.64
CA GLN A 4204 -3.25 33.42 -17.87
C GLN A 4204 -3.00 31.95 -17.53
N TRP A 4205 -1.76 31.49 -17.64
CA TRP A 4205 -1.41 30.14 -17.20
C TRP A 4205 -1.28 30.02 -15.69
N GLU A 4206 -0.83 31.07 -15.01
CA GLU A 4206 -0.76 31.08 -13.55
C GLU A 4206 -2.09 31.38 -12.90
N MET A 4207 -3.11 31.74 -13.69
CA MET A 4207 -4.43 31.99 -13.13
C MET A 4207 -4.95 30.76 -12.39
N PRO A 4208 -5.65 30.96 -11.27
CA PRO A 4208 -6.06 29.80 -10.45
C PRO A 4208 -6.99 28.82 -11.14
N GLN A 4209 -7.92 29.29 -11.98
CA GLN A 4209 -8.80 28.36 -12.68
C GLN A 4209 -8.03 27.51 -13.67
N VAL A 4210 -7.07 28.10 -14.36
CA VAL A 4210 -6.23 27.32 -15.27
C VAL A 4210 -5.37 26.33 -14.49
N LYS A 4211 -4.89 26.73 -13.32
CA LYS A 4211 -4.14 25.80 -12.47
C LYS A 4211 -5.00 24.63 -12.04
N GLU A 4212 -6.26 24.89 -11.67
CA GLU A 4212 -7.17 23.81 -11.28
C GLU A 4212 -7.46 22.89 -12.46
N SER A 4213 -7.65 23.44 -13.65
CA SER A 4213 -7.85 22.60 -14.83
C SER A 4213 -6.62 21.75 -15.11
N LYS A 4214 -5.43 22.32 -14.96
CA LYS A 4214 -4.20 21.55 -15.11
C LYS A 4214 -4.13 20.41 -14.12
N ARG A 4215 -4.46 20.67 -12.85
CA ARG A 4215 -4.43 19.62 -11.84
C ARG A 4215 -5.42 18.52 -12.16
N GLN A 4216 -6.63 18.90 -12.60
CA GLN A 4216 -7.63 17.90 -12.97
C GLN A 4216 -7.16 17.05 -14.13
N PHE A 4217 -6.59 17.68 -15.17
CA PHE A 4217 -6.10 16.93 -16.32
C PHE A 4217 -4.98 15.97 -15.91
N ILE A 4218 -4.03 16.45 -15.10
CA ILE A 4218 -2.93 15.61 -14.66
C ILE A 4218 -3.46 14.41 -13.89
N PHE A 4219 -4.40 14.66 -12.96
CA PHE A 4219 -4.97 13.56 -12.20
C PHE A 4219 -5.63 12.54 -13.12
N ASP A 4220 -6.46 13.01 -14.05
CA ASP A 4220 -7.18 12.09 -14.93
C ASP A 4220 -6.22 11.27 -15.78
N VAL A 4221 -5.22 11.92 -16.38
CA VAL A 4221 -4.33 11.20 -17.28
C VAL A 4221 -3.47 10.21 -16.51
N VAL A 4222 -2.95 10.60 -15.35
CA VAL A 4222 -2.12 9.69 -14.56
C VAL A 4222 -2.96 8.53 -14.05
N ASN A 4223 -4.23 8.79 -13.71
CA ASN A 4223 -5.06 7.72 -13.15
C ASN A 4223 -5.48 6.72 -14.20
N GLU A 4224 -6.16 7.16 -15.26
CA GLU A 4224 -6.69 6.21 -16.23
C GLU A 4224 -6.12 6.33 -17.64
N GLY A 4225 -5.51 7.47 -18.00
CA GLY A 4225 -4.97 7.63 -19.34
C GLY A 4225 -3.76 6.74 -19.54
N GLY A 4226 -3.78 5.98 -20.65
CA GLY A 4226 -2.68 5.10 -20.96
C GLY A 4226 -1.49 5.84 -21.55
N GLU A 4227 -0.37 5.12 -21.63
CA GLU A 4227 0.86 5.73 -22.12
C GLU A 4227 0.83 5.94 -23.63
N ALA A 4228 0.11 5.10 -24.36
CA ALA A 4228 0.07 5.23 -25.82
C ALA A 4228 -0.64 6.51 -26.25
N GLU A 4229 -1.76 6.84 -25.60
CA GLU A 4229 -2.53 8.02 -25.94
C GLU A 4229 -2.29 9.18 -24.98
N LYS A 4230 -1.30 9.05 -24.09
CA LYS A 4230 -1.06 10.08 -23.09
C LYS A 4230 -0.74 11.42 -23.73
N MET A 4231 0.14 11.42 -24.74
CA MET A 4231 0.56 12.69 -25.29
C MET A 4231 -0.49 13.27 -26.23
N GLU A 4232 -1.33 12.41 -26.82
CA GLU A 4232 -2.50 12.90 -27.54
C GLU A 4232 -3.44 13.64 -26.60
N LEU A 4233 -3.70 13.05 -25.42
CA LEU A 4233 -4.53 13.71 -24.43
C LEU A 4233 -3.87 15.01 -23.96
N PHE A 4234 -2.55 15.00 -23.80
CA PHE A 4234 -1.84 16.21 -23.39
C PHE A 4234 -1.98 17.32 -24.42
N VAL A 4235 -1.86 16.99 -25.70
CA VAL A 4235 -1.98 17.99 -26.75
C VAL A 4235 -3.42 18.52 -26.81
N SER A 4236 -4.41 17.64 -26.64
CA SER A 4236 -5.79 18.10 -26.61
C SER A 4236 -6.02 19.05 -25.43
N PHE A 4237 -5.48 18.72 -24.26
CA PHE A 4237 -5.60 19.59 -23.10
C PHE A 4237 -4.90 20.93 -23.35
N CYS A 4238 -3.75 20.90 -24.01
CA CYS A 4238 -3.06 22.15 -24.34
C CYS A 4238 -3.91 23.02 -25.25
N GLU A 4239 -4.54 22.43 -26.26
CA GLU A 4239 -5.40 23.20 -27.16
C GLU A 4239 -6.59 23.78 -26.40
N ASP A 4240 -7.20 22.98 -25.52
CA ASP A 4240 -8.32 23.49 -24.73
C ASP A 4240 -7.89 24.66 -23.84
N THR A 4241 -6.72 24.52 -23.20
CA THR A 4241 -6.21 25.61 -22.36
C THR A 4241 -5.92 26.85 -23.19
N ILE A 4242 -5.35 26.69 -24.38
CA ILE A 4242 -5.07 27.84 -25.24
C ILE A 4242 -6.36 28.56 -25.59
N PHE A 4243 -7.41 27.81 -25.94
CA PHE A 4243 -8.68 28.45 -26.26
C PHE A 4243 -9.27 29.14 -25.04
N GLU A 4244 -9.14 28.53 -23.85
CA GLU A 4244 -9.63 29.16 -22.63
C GLU A 4244 -8.95 30.50 -22.38
N MET A 4245 -7.61 30.54 -22.50
CA MET A 4245 -6.91 31.79 -22.28
C MET A 4245 -7.22 32.82 -23.37
N GLN A 4246 -7.46 32.37 -24.60
CA GLN A 4246 -7.89 33.31 -25.63
C GLN A 4246 -9.24 33.94 -25.29
N ILE A 4247 -10.18 33.13 -24.81
CA ILE A 4247 -11.49 33.67 -24.41
C ILE A 4247 -11.33 34.62 -23.23
N ALA A 4248 -10.46 34.27 -22.27
CA ALA A 4248 -10.24 35.13 -21.12
C ALA A 4248 -9.63 36.46 -21.54
N ALA A 4249 -8.68 36.44 -22.48
CA ALA A 4249 -8.11 37.67 -23.00
C ALA A 4249 -9.14 38.50 -23.73
N GLN A 4250 -10.03 37.84 -24.49
CA GLN A 4250 -11.10 38.56 -25.17
C GLN A 4250 -12.04 39.25 -24.19
N ILE A 4251 -12.40 38.56 -23.11
CA ILE A 4251 -13.36 39.13 -22.15
C ILE A 4251 -12.71 40.06 -21.15
N SER A 4252 -11.38 40.08 -21.06
CA SER A 4252 -10.70 41.00 -20.14
C SER A 4252 -10.97 42.43 -20.54
N GLU A 4253 -11.27 43.27 -19.55
CA GLU A 4253 -11.61 44.67 -19.80
C GLU A 4253 -10.38 45.53 -19.59
N PRO A 4254 -9.90 46.26 -20.62
CA PRO A 4254 -8.74 47.13 -20.51
C PRO A 4254 -9.02 48.38 -19.70
N GLU A 4543 -22.98 52.16 -30.73
CA GLU A 4543 -23.90 52.68 -29.73
C GLU A 4543 -24.35 51.60 -28.77
N LEU A 4544 -25.51 51.00 -29.04
CA LEU A 4544 -26.01 49.93 -28.19
C LEU A 4544 -25.15 48.67 -28.28
N GLU A 4545 -24.39 48.50 -29.36
CA GLU A 4545 -23.51 47.34 -29.49
C GLU A 4545 -22.42 47.38 -28.42
N VAL A 4546 -21.89 48.57 -28.14
CA VAL A 4546 -20.88 48.70 -27.08
C VAL A 4546 -21.47 48.31 -25.74
N GLN A 4547 -22.70 48.74 -25.46
CA GLN A 4547 -23.35 48.37 -24.21
C GLN A 4547 -23.54 46.87 -24.10
N ARG A 4548 -23.97 46.23 -25.20
CA ARG A 4548 -24.17 44.78 -25.18
C ARG A 4548 -22.85 44.04 -24.96
N VAL A 4549 -21.78 44.47 -25.64
CA VAL A 4549 -20.49 43.80 -25.50
C VAL A 4549 -19.93 44.02 -24.10
N LYS A 4550 -20.04 45.24 -23.58
CA LYS A 4550 -19.52 45.53 -22.24
C LYS A 4550 -20.28 44.73 -21.18
N PHE A 4551 -21.61 44.65 -21.30
CA PHE A 4551 -22.39 43.92 -20.31
C PHE A 4551 -22.06 42.44 -20.32
N LEU A 4552 -21.93 41.84 -21.51
CA LEU A 4552 -21.62 40.42 -21.59
C LEU A 4552 -20.24 40.12 -21.02
N ASN A 4553 -19.27 41.01 -21.25
CA ASN A 4553 -17.95 40.83 -20.66
C ASN A 4553 -17.99 40.92 -19.14
N TYR A 4554 -18.83 41.80 -18.60
CA TYR A 4554 -18.96 41.91 -17.15
C TYR A 4554 -19.52 40.62 -16.54
N LEU A 4555 -20.53 40.03 -17.19
CA LEU A 4555 -21.10 38.79 -16.68
C LEU A 4555 -20.10 37.64 -16.80
N SER A 4556 -19.32 37.61 -17.88
CA SER A 4556 -18.33 36.55 -18.06
C SER A 4556 -17.24 36.62 -17.00
N ARG A 4557 -16.77 37.81 -16.68
CA ARG A 4557 -15.71 37.95 -15.69
C ARG A 4557 -16.21 37.64 -14.29
N ASN A 4558 -17.50 37.86 -14.04
CA ASN A 4558 -18.11 37.63 -12.72
C ASN A 4558 -19.15 36.51 -12.76
N PHE A 4559 -18.88 35.47 -13.54
CA PHE A 4559 -19.82 34.34 -13.60
C PHE A 4559 -19.82 33.56 -12.29
N TYR A 4560 -18.62 33.24 -11.78
CA TYR A 4560 -18.55 32.46 -10.55
C TYR A 4560 -18.98 33.25 -9.34
N THR A 4561 -18.81 34.58 -9.37
CA THR A 4561 -19.34 35.42 -8.30
C THR A 4561 -20.87 35.39 -8.30
N LEU A 4562 -21.49 35.45 -9.47
CA LEU A 4562 -22.94 35.40 -9.54
C LEU A 4562 -23.48 34.05 -9.09
N ARG A 4563 -22.78 32.96 -9.45
CA ARG A 4563 -23.21 31.63 -9.01
C ARG A 4563 -23.15 31.51 -7.49
N PHE A 4564 -22.10 32.06 -6.87
CA PHE A 4564 -22.04 32.09 -5.42
C PHE A 4564 -23.06 33.06 -4.84
N LEU A 4565 -23.33 34.16 -5.54
CA LEU A 4565 -24.37 35.09 -5.10
C LEU A 4565 -25.74 34.41 -5.09
N ALA A 4566 -26.03 33.61 -6.10
CA ALA A 4566 -27.30 32.89 -6.15
C ALA A 4566 -27.40 31.89 -5.00
N LEU A 4567 -26.29 31.28 -4.63
CA LEU A 4567 -26.30 30.33 -3.50
C LEU A 4567 -26.62 31.05 -2.19
N PHE A 4568 -26.07 32.24 -1.99
CA PHE A 4568 -26.38 33.00 -0.78
C PHE A 4568 -27.84 33.39 -0.75
N LEU A 4569 -28.40 33.81 -1.89
CA LEU A 4569 -29.81 34.19 -1.93
C LEU A 4569 -30.72 32.98 -1.71
N ALA A 4570 -30.24 31.78 -2.01
CA ALA A 4570 -31.03 30.58 -1.71
C ALA A 4570 -31.09 30.33 -0.21
N PHE A 4571 -29.97 30.51 0.49
CA PHE A 4571 -29.97 30.34 1.94
C PHE A 4571 -30.79 31.43 2.62
N ALA A 4572 -30.68 32.67 2.16
CA ALA A 4572 -31.43 33.76 2.77
C ALA A 4572 -32.93 33.57 2.59
N ILE A 4573 -33.36 33.13 1.41
CA ILE A 4573 -34.78 32.86 1.18
C ILE A 4573 -35.25 31.70 2.05
N ASN A 4574 -34.48 30.62 2.10
CA ASN A 4574 -34.90 29.45 2.86
C ASN A 4574 -34.91 29.72 4.36
N PHE A 4575 -34.04 30.60 4.84
CA PHE A 4575 -34.09 30.98 6.25
C PHE A 4575 -35.41 31.67 6.59
N ILE A 4576 -35.88 32.57 5.72
CA ILE A 4576 -37.16 33.21 5.92
C ILE A 4576 -38.30 32.20 5.83
N LEU A 4577 -38.15 31.19 4.96
CA LEU A 4577 -39.19 30.17 4.80
C LEU A 4577 -39.39 29.34 6.07
N LEU A 4578 -38.47 29.39 7.02
CA LEU A 4578 -38.64 28.71 8.30
C LEU A 4578 -39.67 29.38 9.20
N PHE A 4579 -40.16 30.56 8.83
CA PHE A 4579 -41.10 31.31 9.64
C PHE A 4579 -42.54 31.17 9.15
N TYR A 4580 -42.79 30.32 8.16
CA TYR A 4580 -44.15 30.10 7.69
C TYR A 4580 -44.98 29.37 8.75
N LYS A 4581 -46.27 29.70 8.79
CA LYS A 4581 -47.22 29.06 9.68
C LYS A 4581 -48.48 28.77 8.87
N VAL A 4582 -49.21 27.75 9.29
CA VAL A 4582 -50.45 27.34 8.62
C VAL A 4582 -51.60 27.46 9.60
N SER A 4583 -52.73 27.98 9.11
CA SER A 4583 -53.92 28.14 9.94
C SER A 4583 -55.15 28.04 9.06
N ASP A 4584 -56.20 27.42 9.59
CA ASP A 4584 -57.45 27.29 8.84
C ASP A 4584 -58.09 28.65 8.59
N SER A 4585 -58.10 29.52 9.60
CA SER A 4585 -58.67 30.84 9.45
C SER A 4585 -57.68 31.79 8.76
N PRO A 4586 -58.19 32.76 7.99
CA PRO A 4586 -57.30 33.73 7.37
C PRO A 4586 -56.59 34.58 8.42
N PRO A 4587 -55.37 35.04 8.12
CA PRO A 4587 -54.62 35.88 9.06
C PRO A 4587 -55.19 37.29 9.18
N ASN A 4626 -62.75 24.84 4.29
CA ASN A 4626 -61.78 25.50 5.16
C ASN A 4626 -60.35 25.31 4.63
N MET A 4627 -60.13 25.73 3.38
CA MET A 4627 -58.81 25.63 2.79
C MET A 4627 -57.82 26.48 3.58
N VAL A 4628 -56.69 25.87 3.93
CA VAL A 4628 -55.79 26.45 4.93
C VAL A 4628 -54.99 27.60 4.33
N TYR A 4629 -54.45 28.45 5.20
CA TYR A 4629 -53.73 29.64 4.80
C TYR A 4629 -52.29 29.55 5.29
N TYR A 4630 -51.34 29.82 4.40
CA TYR A 4630 -49.93 29.87 4.74
C TYR A 4630 -49.48 31.32 4.83
N PHE A 4631 -48.77 31.65 5.90
CA PHE A 4631 -48.34 33.03 6.13
C PHE A 4631 -47.09 33.04 7.00
N LEU A 4632 -46.36 34.15 6.91
CA LEU A 4632 -45.16 34.33 7.72
C LEU A 4632 -45.55 34.86 9.10
N GLU A 4633 -44.98 34.28 10.14
CA GLU A 4633 -45.26 34.68 11.52
C GLU A 4633 -43.96 35.20 12.13
N GLU A 4634 -43.72 36.50 11.96
CA GLU A 4634 -42.54 37.15 12.51
C GLU A 4634 -42.91 38.57 12.93
N SER A 4635 -42.39 38.99 14.09
CA SER A 4635 -42.83 40.24 14.71
C SER A 4635 -42.23 41.48 14.05
N THR A 4636 -41.06 41.36 13.43
CA THR A 4636 -40.38 42.54 12.90
C THR A 4636 -41.19 43.21 11.81
N GLY A 4637 -41.82 42.43 10.92
CA GLY A 4637 -42.64 42.98 9.87
C GLY A 4637 -41.91 43.32 8.59
N TYR A 4638 -40.61 43.07 8.50
CA TYR A 4638 -39.83 43.36 7.30
C TYR A 4638 -39.48 42.11 6.50
N MET A 4639 -39.69 40.92 7.06
CA MET A 4639 -39.20 39.71 6.41
C MET A 4639 -40.03 39.34 5.20
N GLU A 4640 -41.32 39.68 5.18
CA GLU A 4640 -42.11 39.44 3.97
C GLU A 4640 -41.63 40.28 2.79
N PRO A 4641 -41.47 41.61 2.92
CA PRO A 4641 -40.87 42.35 1.80
C PRO A 4641 -39.46 41.91 1.49
N ALA A 4642 -38.68 41.53 2.51
CA ALA A 4642 -37.34 41.01 2.26
C ALA A 4642 -37.39 39.74 1.41
N LEU A 4643 -38.34 38.85 1.70
CA LEU A 4643 -38.48 37.61 0.94
C LEU A 4643 -38.90 37.91 -0.50
N TRP A 4644 -39.83 38.86 -0.69
CA TRP A 4644 -40.23 39.21 -2.05
C TRP A 4644 -39.06 39.76 -2.86
N CYS A 4645 -38.31 40.70 -2.27
CA CYS A 4645 -37.16 41.27 -2.96
C CYS A 4645 -36.10 40.21 -3.23
N LEU A 4646 -35.86 39.32 -2.26
CA LEU A 4646 -34.86 38.28 -2.44
C LEU A 4646 -35.26 37.30 -3.53
N SER A 4647 -36.55 36.97 -3.63
CA SER A 4647 -37.00 36.07 -4.69
C SER A 4647 -36.83 36.71 -6.06
N LEU A 4648 -37.21 37.99 -6.19
CA LEU A 4648 -36.99 38.67 -7.47
C LEU A 4648 -35.51 38.73 -7.82
N LEU A 4649 -34.66 39.03 -6.83
CA LEU A 4649 -33.23 39.11 -7.07
C LEU A 4649 -32.66 37.75 -7.44
N HIS A 4650 -33.17 36.68 -6.81
CA HIS A 4650 -32.70 35.33 -7.14
C HIS A 4650 -33.05 34.95 -8.56
N THR A 4651 -34.27 35.27 -9.01
CA THR A 4651 -34.62 35.00 -10.40
C THR A 4651 -33.73 35.79 -11.35
N LEU A 4652 -33.49 37.07 -11.03
CA LEU A 4652 -32.62 37.88 -11.87
C LEU A 4652 -31.21 37.32 -11.94
N VAL A 4653 -30.68 36.87 -10.80
CA VAL A 4653 -29.33 36.33 -10.74
C VAL A 4653 -29.25 35.00 -11.50
N ALA A 4654 -30.30 34.20 -11.44
CA ALA A 4654 -30.32 32.96 -12.23
C ALA A 4654 -30.27 33.26 -13.72
N PHE A 4655 -31.05 34.25 -14.17
CA PHE A 4655 -31.00 34.64 -15.58
C PHE A 4655 -29.61 35.15 -15.96
N LEU A 4656 -29.02 35.98 -15.10
CA LEU A 4656 -27.67 36.49 -15.38
C LEU A 4656 -26.65 35.35 -15.40
N CYS A 4657 -26.83 34.34 -14.56
CA CYS A 4657 -25.93 33.20 -14.56
C CYS A 4657 -26.04 32.41 -15.86
N ILE A 4658 -27.26 32.23 -16.37
CA ILE A 4658 -27.40 31.56 -17.67
C ILE A 4658 -26.70 32.36 -18.76
N ILE A 4659 -26.89 33.68 -18.77
CA ILE A 4659 -26.28 34.51 -19.80
C ILE A 4659 -24.75 34.45 -19.70
N GLY A 4660 -24.22 34.53 -18.47
CA GLY A 4660 -22.79 34.47 -18.29
C GLY A 4660 -22.19 33.13 -18.69
N TYR A 4661 -22.88 32.04 -18.37
CA TYR A 4661 -22.43 30.72 -18.81
C TYR A 4661 -22.41 30.65 -20.33
N ASN A 4662 -23.48 31.13 -20.98
CA ASN A 4662 -23.54 31.10 -22.43
C ASN A 4662 -22.38 31.91 -23.04
N CYS A 4663 -22.04 33.03 -22.41
CA CYS A 4663 -20.93 33.85 -22.93
C CYS A 4663 -19.56 33.23 -22.65
N LEU A 4664 -19.41 32.50 -21.54
CA LEU A 4664 -18.09 32.07 -21.08
C LEU A 4664 -17.76 30.63 -21.46
N LYS A 4665 -18.59 29.67 -21.05
CA LYS A 4665 -18.22 28.25 -21.15
C LYS A 4665 -18.74 27.57 -22.40
N VAL A 4666 -19.81 28.06 -23.01
CA VAL A 4666 -20.30 27.48 -24.26
C VAL A 4666 -19.27 27.53 -25.37
N PRO A 4667 -18.51 28.62 -25.56
CA PRO A 4667 -17.50 28.61 -26.63
C PRO A 4667 -16.51 27.47 -26.54
N LEU A 4668 -16.10 27.08 -25.33
CA LEU A 4668 -15.19 25.95 -25.19
C LEU A 4668 -15.84 24.64 -25.64
N VAL A 4669 -17.11 24.44 -25.29
CA VAL A 4669 -17.81 23.22 -25.70
C VAL A 4669 -17.94 23.17 -27.22
N ILE A 4670 -18.30 24.30 -27.83
CA ILE A 4670 -18.42 24.35 -29.29
C ILE A 4670 -17.07 24.11 -29.94
N PHE A 4671 -16.01 24.68 -29.37
CA PHE A 4671 -14.67 24.49 -29.91
C PHE A 4671 -14.26 23.03 -29.85
N LYS A 4672 -14.51 22.37 -28.72
CA LYS A 4672 -14.16 20.95 -28.59
C LYS A 4672 -14.96 20.10 -29.57
N ARG A 4673 -16.26 20.37 -29.72
CA ARG A 4673 -17.08 19.61 -30.64
C ARG A 4673 -16.59 19.77 -32.07
N GLU A 4674 -16.31 21.02 -32.48
CA GLU A 4674 -15.81 21.26 -33.83
C GLU A 4674 -14.45 20.61 -34.06
N LYS A 4675 -13.58 20.66 -33.05
CA LYS A 4675 -12.26 20.05 -33.17
C LYS A 4675 -12.37 18.53 -33.36
N GLU A 4676 -13.22 17.89 -32.55
CA GLU A 4676 -13.40 16.45 -32.68
C GLU A 4676 -14.00 16.09 -34.03
N LEU A 4677 -14.99 16.88 -34.48
CA LEU A 4677 -15.61 16.61 -35.78
C LEU A 4677 -14.60 16.77 -36.92
N ALA A 4678 -13.77 17.81 -36.86
CA ALA A 4678 -12.77 18.01 -37.91
C ALA A 4678 -11.75 16.89 -37.91
N ARG A 4679 -11.32 16.45 -36.73
CA ARG A 4679 -10.38 15.34 -36.65
C ARG A 4679 -11.00 14.07 -37.22
N LYS A 4680 -12.27 13.81 -36.92
CA LYS A 4680 -12.93 12.62 -37.45
C LYS A 4680 -13.09 12.72 -38.97
N LEU A 4681 -13.38 13.91 -39.49
CA LEU A 4681 -13.51 14.07 -40.93
C LEU A 4681 -12.18 13.83 -41.64
N GLU A 4682 -11.10 14.39 -41.10
CA GLU A 4682 -9.82 14.34 -41.83
C GLU A 4682 -9.09 13.03 -41.58
N PHE A 4683 -8.75 12.73 -40.33
CA PHE A 4683 -7.89 11.62 -40.00
C PHE A 4683 -8.63 10.30 -39.79
N ASP A 4684 -9.95 10.29 -39.95
CA ASP A 4684 -10.73 9.07 -39.83
C ASP A 4684 -11.68 8.82 -40.99
N GLY A 4685 -12.16 9.85 -41.68
CA GLY A 4685 -13.09 9.67 -42.76
C GLY A 4685 -14.41 9.09 -42.29
N LEU A 4686 -14.96 9.63 -41.20
CA LEU A 4686 -16.17 9.09 -40.62
C LEU A 4686 -17.34 9.19 -41.60
N TYR A 4687 -17.73 10.40 -41.96
CA TYR A 4687 -18.82 10.58 -42.91
C TYR A 4687 -18.41 10.29 -44.35
N ILE A 4688 -17.10 10.36 -44.64
CA ILE A 4688 -16.63 10.09 -45.99
C ILE A 4688 -16.77 8.61 -46.33
N THR A 4689 -16.41 7.73 -45.39
CA THR A 4689 -16.36 6.30 -45.64
C THR A 4689 -17.33 5.51 -44.78
N GLU A 4690 -17.30 5.71 -43.46
CA GLU A 4690 -18.00 4.82 -42.52
C GLU A 4690 -19.42 5.29 -42.21
N GLN A 4691 -19.55 6.50 -41.63
CA GLN A 4691 -20.81 7.09 -41.19
C GLN A 4691 -21.39 6.34 -40.00
N PRO A 4692 -22.06 7.03 -39.07
CA PRO A 4692 -22.63 6.34 -37.91
C PRO A 4692 -23.82 5.47 -38.26
N GLY A 4693 -24.39 4.79 -37.26
CA GLY A 4693 -25.50 3.88 -37.49
C GLY A 4693 -26.68 4.16 -36.58
N ASP A 4694 -26.96 5.43 -36.33
CA ASP A 4694 -28.07 5.91 -35.50
C ASP A 4694 -27.83 5.64 -34.03
N ASP A 4695 -26.76 4.91 -33.71
CA ASP A 4695 -26.34 4.78 -32.32
C ASP A 4695 -25.63 6.03 -31.85
N ASP A 4696 -24.89 6.69 -32.74
CA ASP A 4696 -24.18 7.93 -32.42
C ASP A 4696 -25.10 9.11 -32.74
N VAL A 4697 -25.93 9.46 -31.75
CA VAL A 4697 -26.78 10.63 -31.90
C VAL A 4697 -25.94 11.89 -32.06
N LYS A 4698 -24.76 11.92 -31.44
CA LYS A 4698 -23.85 13.05 -31.62
C LYS A 4698 -23.45 13.20 -33.09
N GLY A 4699 -23.08 12.08 -33.72
CA GLY A 4699 -22.73 12.14 -35.14
C GLY A 4699 -23.91 12.47 -36.02
N GLN A 4700 -25.09 11.92 -35.71
CA GLN A 4700 -26.28 12.23 -36.48
C GLN A 4700 -26.60 13.71 -36.43
N TRP A 4701 -26.46 14.33 -35.26
CA TRP A 4701 -26.67 15.76 -35.15
C TRP A 4701 -25.57 16.55 -35.84
N ASP A 4702 -24.32 16.07 -35.75
CA ASP A 4702 -23.20 16.75 -36.39
C ASP A 4702 -23.27 16.68 -37.91
N ARG A 4703 -24.09 15.77 -38.46
CA ARG A 4703 -24.30 15.75 -39.90
C ARG A 4703 -24.75 17.10 -40.44
N LEU A 4704 -25.49 17.86 -39.64
CA LEU A 4704 -26.07 19.12 -40.12
C LEU A 4704 -25.01 20.15 -40.48
N VAL A 4705 -23.96 20.26 -39.65
CA VAL A 4705 -23.01 21.37 -39.77
C VAL A 4705 -22.03 21.19 -40.93
N LEU A 4706 -21.93 19.99 -41.51
CA LEU A 4706 -20.92 19.76 -42.54
C LEU A 4706 -21.13 20.66 -43.75
N ASN A 4707 -22.37 20.80 -44.20
CA ASN A 4707 -22.68 21.62 -45.36
C ASN A 4707 -22.65 23.11 -45.06
N THR A 4708 -22.63 23.50 -43.79
CA THR A 4708 -22.71 24.91 -43.45
C THR A 4708 -21.45 25.65 -43.90
N PRO A 4709 -21.59 26.86 -44.43
CA PRO A 4709 -20.41 27.62 -44.87
C PRO A 4709 -19.45 27.97 -43.74
N SER A 4710 -19.93 28.03 -42.50
CA SER A 4710 -19.14 28.47 -41.36
C SER A 4710 -18.95 27.34 -40.35
N PHE A 4711 -18.63 26.15 -40.84
CA PHE A 4711 -18.42 25.02 -39.93
C PHE A 4711 -17.28 25.29 -38.94
N PRO A 4712 -16.06 25.68 -39.35
CA PRO A 4712 -15.06 26.05 -38.36
C PRO A 4712 -15.22 27.50 -37.93
N SER A 4713 -15.71 27.70 -36.70
CA SER A 4713 -15.86 29.04 -36.14
C SER A 4713 -15.01 29.23 -34.89
N ASN A 4714 -15.11 28.34 -33.91
CA ASN A 4714 -14.27 28.42 -32.73
C ASN A 4714 -12.92 27.75 -32.95
N TYR A 4715 -12.88 26.67 -33.73
CA TYR A 4715 -11.63 25.98 -34.01
C TYR A 4715 -10.73 26.84 -34.89
N TRP A 4716 -9.43 26.80 -34.60
CA TRP A 4716 -8.48 27.66 -35.29
C TRP A 4716 -8.33 27.27 -36.75
N ASP A 4717 -8.28 25.98 -37.04
CA ASP A 4717 -7.96 25.48 -38.38
C ASP A 4717 -9.11 25.81 -39.33
N LYS A 4718 -8.94 26.83 -40.15
CA LYS A 4718 -9.93 27.20 -41.16
C LYS A 4718 -9.73 26.46 -42.48
N PHE A 4719 -8.64 25.71 -42.63
CA PHE A 4719 -8.34 24.98 -43.84
C PHE A 4719 -8.74 23.51 -43.76
N VAL A 4720 -9.56 23.14 -42.77
CA VAL A 4720 -9.88 21.73 -42.57
C VAL A 4720 -10.65 21.17 -43.77
N LYS A 4721 -11.57 21.96 -44.32
CA LYS A 4721 -12.35 21.49 -45.47
C LYS A 4721 -11.43 21.24 -46.67
N ARG A 4722 -10.51 22.16 -46.93
CA ARG A 4722 -9.58 21.98 -48.04
C ARG A 4722 -8.68 20.77 -47.80
N LYS A 4723 -8.22 20.57 -46.56
CA LYS A 4723 -7.35 19.44 -46.25
C LYS A 4723 -8.07 18.11 -46.46
N VAL A 4724 -9.30 18.00 -45.95
CA VAL A 4724 -10.02 16.73 -46.11
C VAL A 4724 -10.41 16.52 -47.57
N LEU A 4725 -10.72 17.60 -48.29
CA LEU A 4725 -10.98 17.48 -49.73
C LEU A 4725 -9.77 16.93 -50.46
N ASP A 4726 -8.59 17.50 -50.20
CA ASP A 4726 -7.38 17.01 -50.86
C ASP A 4726 -7.06 15.58 -50.45
N LYS A 4727 -7.35 15.21 -49.21
CA LYS A 4727 -7.02 13.88 -48.73
C LYS A 4727 -7.97 12.80 -49.26
N HIS A 4728 -9.23 13.13 -49.50
CA HIS A 4728 -10.23 12.13 -49.84
C HIS A 4728 -10.83 12.29 -51.23
N GLY A 4729 -10.39 13.26 -52.02
CA GLY A 4729 -10.97 13.44 -53.34
C GLY A 4729 -10.72 12.26 -54.26
N ASP A 4730 -9.46 11.83 -54.37
CA ASP A 4730 -9.13 10.76 -55.30
C ASP A 4730 -9.87 9.46 -54.96
N ILE A 4731 -10.25 9.29 -53.69
CA ILE A 4731 -10.85 8.02 -53.29
C ILE A 4731 -12.37 8.09 -53.32
N PHE A 4732 -12.96 9.26 -53.03
CA PHE A 4732 -14.41 9.33 -52.86
C PHE A 4732 -15.08 10.31 -53.82
N GLY A 4733 -14.39 10.80 -54.84
CA GLY A 4733 -15.04 11.69 -55.78
C GLY A 4733 -14.92 13.14 -55.33
N ARG A 4734 -14.24 13.97 -56.12
CA ARG A 4734 -14.09 15.38 -55.76
C ARG A 4734 -15.45 16.07 -55.73
N GLU A 4735 -16.31 15.78 -56.70
CA GLU A 4735 -17.64 16.36 -56.74
C GLU A 4735 -18.47 15.94 -55.53
N ARG A 4736 -18.39 14.66 -55.15
CA ARG A 4736 -19.11 14.16 -53.99
C ARG A 4736 -18.62 14.85 -52.71
N ILE A 4737 -17.31 14.99 -52.57
CA ILE A 4737 -16.76 15.64 -51.38
C ILE A 4737 -17.18 17.10 -51.33
N ALA A 4738 -17.16 17.78 -52.48
CA ALA A 4738 -17.58 19.18 -52.53
C ALA A 4738 -19.04 19.31 -52.14
N GLU A 4739 -19.89 18.42 -52.63
CA GLU A 4739 -21.31 18.46 -52.27
C GLU A 4739 -21.49 18.21 -50.78
N LEU A 4740 -20.77 17.24 -50.22
CA LEU A 4740 -20.91 16.93 -48.80
C LEU A 4740 -20.45 18.10 -47.93
N LEU A 4741 -19.38 18.77 -48.33
CA LEU A 4741 -18.80 19.84 -47.54
C LEU A 4741 -19.32 21.22 -47.91
N GLY A 4742 -20.25 21.31 -48.85
CA GLY A 4742 -20.88 22.58 -49.16
C GLY A 4742 -19.96 23.65 -49.72
N MET A 4743 -19.05 23.26 -50.61
CA MET A 4743 -18.15 24.21 -51.27
C MET A 4743 -18.07 23.87 -52.75
N ASP A 4744 -17.78 24.88 -53.57
CA ASP A 4744 -17.75 24.74 -55.02
C ASP A 4744 -16.31 24.92 -55.53
N LEU A 4745 -15.90 24.02 -56.42
CA LEU A 4745 -14.54 24.11 -56.98
C LEU A 4745 -14.41 25.25 -57.98
N ALA A 4746 -15.50 25.63 -58.65
CA ALA A 4746 -15.44 26.64 -59.68
C ALA A 4746 -15.10 28.02 -59.13
N SER A 4747 -15.25 28.25 -57.83
CA SER A 4747 -14.98 29.54 -57.26
C SER A 4747 -13.49 29.74 -56.94
N LEU A 4748 -12.69 28.69 -57.05
CA LEU A 4748 -11.28 28.75 -56.70
C LEU A 4748 -10.36 29.02 -57.88
N GLU A 4749 -10.92 29.26 -59.08
CA GLU A 4749 -10.07 29.48 -60.25
C GLU A 4749 -9.44 30.87 -60.23
N ILE A 4750 -9.89 31.74 -59.33
CA ILE A 4750 -9.03 32.80 -58.78
C ILE A 4750 -9.04 32.69 -57.26
N ASP A 4772 -26.11 32.06 -40.81
CA ASP A 4772 -26.06 30.63 -41.03
C ASP A 4772 -27.07 29.91 -40.13
N VAL A 4773 -28.28 29.75 -40.65
CA VAL A 4773 -29.38 29.22 -39.83
C VAL A 4773 -29.10 27.77 -39.44
N LYS A 4774 -28.57 26.96 -40.35
CA LYS A 4774 -28.29 25.57 -40.03
C LYS A 4774 -27.19 25.46 -38.98
N TYR A 4775 -26.15 26.29 -39.09
CA TYR A 4775 -25.10 26.30 -38.08
C TYR A 4775 -25.65 26.73 -36.73
N GLN A 4776 -26.56 27.72 -36.72
CA GLN A 4776 -27.17 28.14 -35.47
C GLN A 4776 -28.00 27.02 -34.84
N ILE A 4777 -28.74 26.29 -35.67
CA ILE A 4777 -29.54 25.17 -35.16
C ILE A 4777 -28.63 24.10 -34.56
N TRP A 4778 -27.54 23.77 -35.25
CA TRP A 4778 -26.62 22.77 -34.71
C TRP A 4778 -25.98 23.24 -33.41
N LYS A 4779 -25.57 24.51 -33.37
CA LYS A 4779 -24.97 25.07 -32.17
C LYS A 4779 -25.94 25.03 -31.00
N PHE A 4780 -27.21 25.40 -31.23
CA PHE A 4780 -28.19 25.38 -30.17
C PHE A 4780 -28.52 23.95 -29.73
N GLY A 4781 -28.47 23.00 -30.66
CA GLY A 4781 -28.64 21.60 -30.26
C GLY A 4781 -27.53 21.14 -29.34
N VAL A 4782 -26.29 21.50 -29.66
CA VAL A 4782 -25.16 21.15 -28.78
C VAL A 4782 -25.33 21.85 -27.43
N ILE A 4783 -25.74 23.11 -27.43
CA ILE A 4783 -25.90 23.85 -26.19
C ILE A 4783 -26.96 23.19 -25.31
N PHE A 4784 -28.11 22.84 -25.90
CA PHE A 4784 -29.17 22.21 -25.13
C PHE A 4784 -28.83 20.77 -24.72
N THR A 4785 -27.89 20.14 -25.42
CA THR A 4785 -27.36 18.86 -24.95
C THR A 4785 -26.39 19.03 -23.79
N ASP A 4786 -25.73 20.20 -23.69
CA ASP A 4786 -24.74 20.42 -22.64
C ASP A 4786 -25.36 20.26 -21.25
N ASN A 4787 -24.68 19.47 -20.40
CA ASN A 4787 -25.21 19.13 -19.09
C ASN A 4787 -25.25 20.34 -18.15
N SER A 4788 -24.19 21.14 -18.15
CA SER A 4788 -24.17 22.32 -17.28
C SER A 4788 -25.24 23.33 -17.69
N PHE A 4789 -25.43 23.51 -19.00
CA PHE A 4789 -26.49 24.41 -19.46
C PHE A 4789 -27.86 23.87 -19.07
N LEU A 4790 -28.05 22.55 -19.15
CA LEU A 4790 -29.32 21.96 -18.71
C LEU A 4790 -29.52 22.18 -17.22
N TYR A 4791 -28.46 22.04 -16.42
CA TYR A 4791 -28.58 22.27 -14.99
C TYR A 4791 -28.95 23.72 -14.68
N LEU A 4792 -28.33 24.67 -15.39
CA LEU A 4792 -28.64 26.07 -15.15
C LEU A 4792 -30.07 26.40 -15.61
N GLY A 4793 -30.52 25.77 -16.69
CA GLY A 4793 -31.91 25.93 -17.10
C GLY A 4793 -32.88 25.41 -16.06
N TRP A 4794 -32.56 24.25 -15.48
CA TRP A 4794 -33.38 23.72 -14.39
C TRP A 4794 -33.39 24.66 -13.19
N TYR A 4795 -32.23 25.22 -12.86
CA TYR A 4795 -32.14 26.20 -11.79
C TYR A 4795 -33.07 27.39 -12.04
N MET A 4796 -33.04 27.92 -13.27
CA MET A 4796 -33.90 29.05 -13.61
C MET A 4796 -35.36 28.67 -13.57
N VAL A 4797 -35.70 27.47 -14.06
CA VAL A 4797 -37.10 27.04 -14.06
C VAL A 4797 -37.61 26.92 -12.63
N MET A 4798 -36.81 26.35 -11.73
CA MET A 4798 -37.25 26.21 -10.35
C MET A 4798 -37.33 27.57 -9.67
N SER A 4799 -36.43 28.49 -10.02
CA SER A 4799 -36.52 29.85 -9.48
C SER A 4799 -37.80 30.53 -9.95
N LEU A 4800 -38.20 30.29 -11.21
CA LEU A 4800 -39.46 30.84 -11.71
C LEU A 4800 -40.65 30.23 -10.99
N LEU A 4801 -40.61 28.91 -10.75
CA LEU A 4801 -41.67 28.26 -9.98
C LEU A 4801 -41.70 28.74 -8.53
N GLY A 4802 -40.60 29.29 -8.04
CA GLY A 4802 -40.60 29.89 -6.72
C GLY A 4802 -41.61 31.02 -6.55
N HIS A 4803 -41.80 31.83 -7.59
CA HIS A 4803 -42.81 32.88 -7.50
C HIS A 4803 -44.22 32.32 -7.46
N TYR A 4804 -44.44 31.15 -8.06
CA TYR A 4804 -45.73 30.48 -7.91
C TYR A 4804 -45.89 29.90 -6.52
N ASN A 4805 -44.86 29.25 -6.00
CA ASN A 4805 -44.89 28.66 -4.65
C ASN A 4805 -43.50 28.76 -4.03
N ASN A 4806 -43.30 29.80 -3.21
CA ASN A 4806 -42.05 30.07 -2.52
C ASN A 4806 -41.35 28.82 -1.99
N PHE A 4807 -42.09 27.79 -1.61
CA PHE A 4807 -41.45 26.57 -1.11
C PHE A 4807 -40.71 25.82 -2.21
N PHE A 4808 -40.88 26.19 -3.48
CA PHE A 4808 -40.06 25.64 -4.54
C PHE A 4808 -38.63 26.16 -4.53
N PHE A 4809 -38.34 27.19 -3.74
CA PHE A 4809 -36.98 27.66 -3.59
C PHE A 4809 -36.12 26.72 -2.76
N ALA A 4810 -36.72 25.72 -2.11
CA ALA A 4810 -35.95 24.75 -1.36
C ALA A 4810 -35.12 23.85 -2.26
N ALA A 4811 -35.52 23.67 -3.52
CA ALA A 4811 -34.77 22.86 -4.45
C ALA A 4811 -33.45 23.49 -4.86
N HIS A 4812 -33.24 24.77 -4.55
CA HIS A 4812 -31.97 25.42 -4.82
C HIS A 4812 -30.94 25.20 -3.72
N LEU A 4813 -31.34 24.59 -2.60
CA LEU A 4813 -30.38 24.18 -1.60
C LEU A 4813 -29.61 22.94 -2.01
N LEU A 4814 -30.11 22.19 -2.99
CA LEU A 4814 -29.36 21.09 -3.58
C LEU A 4814 -28.14 21.58 -4.36
N ASP A 4815 -28.08 22.87 -4.67
CA ASP A 4815 -26.93 23.45 -5.37
C ASP A 4815 -25.67 23.47 -4.52
N ILE A 4816 -25.78 23.24 -3.21
CA ILE A 4816 -24.60 23.23 -2.36
C ILE A 4816 -23.67 22.07 -2.75
N ALA A 4817 -24.23 20.94 -3.15
CA ALA A 4817 -23.41 19.80 -3.54
C ALA A 4817 -22.54 20.14 -4.74
N MET A 4818 -23.11 20.82 -5.74
CA MET A 4818 -22.35 21.19 -6.93
C MET A 4818 -21.50 22.44 -6.71
N GLY A 4819 -21.80 23.22 -5.67
CA GLY A 4819 -21.04 24.42 -5.40
C GLY A 4819 -19.82 24.22 -4.53
N VAL A 4820 -19.98 23.51 -3.42
CA VAL A 4820 -18.89 23.34 -2.46
C VAL A 4820 -18.02 22.17 -2.91
N LYS A 4821 -16.72 22.43 -3.06
CA LYS A 4821 -15.80 21.35 -3.42
C LYS A 4821 -15.72 20.31 -2.33
N THR A 4822 -15.80 20.73 -1.07
CA THR A 4822 -15.78 19.78 0.04
C THR A 4822 -16.99 18.85 -0.01
N LEU A 4823 -18.18 19.41 -0.27
CA LEU A 4823 -19.36 18.57 -0.40
C LEU A 4823 -19.26 17.65 -1.61
N ARG A 4824 -18.71 18.15 -2.72
CA ARG A 4824 -18.57 17.30 -3.89
C ARG A 4824 -17.64 16.13 -3.61
N THR A 4825 -16.53 16.39 -2.91
CA THR A 4825 -15.62 15.31 -2.56
C THR A 4825 -16.25 14.32 -1.58
N ILE A 4826 -17.02 14.83 -0.62
CA ILE A 4826 -17.68 13.95 0.35
C ILE A 4826 -18.70 13.05 -0.34
N LEU A 4827 -19.51 13.63 -1.23
CA LEU A 4827 -20.50 12.85 -1.96
C LEU A 4827 -19.88 11.96 -3.03
N SER A 4828 -18.62 12.23 -3.40
CA SER A 4828 -17.92 11.31 -4.28
C SER A 4828 -17.77 9.93 -3.64
N SER A 4829 -17.69 9.87 -2.30
CA SER A 4829 -17.65 8.58 -1.63
C SER A 4829 -18.93 7.79 -1.86
N VAL A 4830 -20.08 8.47 -1.81
CA VAL A 4830 -21.35 7.79 -2.06
C VAL A 4830 -21.47 7.41 -3.53
N THR A 4831 -21.06 8.30 -4.44
CA THR A 4831 -21.25 8.05 -5.86
C THR A 4831 -20.20 7.13 -6.46
N HIS A 4832 -19.10 6.85 -5.75
CA HIS A 4832 -18.06 5.97 -6.30
C HIS A 4832 -18.58 4.55 -6.46
N ASN A 4833 -19.35 4.06 -5.50
CA ASN A 4833 -19.93 2.73 -5.53
C ASN A 4833 -21.45 2.78 -5.55
N GLY A 4834 -22.01 3.75 -6.29
CA GLY A 4834 -23.44 3.90 -6.33
C GLY A 4834 -24.13 2.73 -7.01
N LYS A 4835 -23.52 2.19 -8.07
CA LYS A 4835 -24.09 1.02 -8.73
C LYS A 4835 -24.17 -0.16 -7.78
N GLN A 4836 -23.10 -0.40 -7.01
CA GLN A 4836 -23.12 -1.49 -6.05
C GLN A 4836 -24.09 -1.21 -4.92
N LEU A 4837 -24.25 0.06 -4.52
CA LEU A 4837 -25.22 0.39 -3.47
C LEU A 4837 -26.65 0.09 -3.92
N VAL A 4838 -27.02 0.51 -5.13
CA VAL A 4838 -28.37 0.23 -5.59
C VAL A 4838 -28.55 -1.27 -5.84
N MET A 4839 -27.49 -1.96 -6.27
CA MET A 4839 -27.63 -3.38 -6.56
C MET A 4839 -27.79 -4.18 -5.26
N THR A 4840 -27.10 -3.76 -4.19
CA THR A 4840 -27.29 -4.42 -2.90
C THR A 4840 -28.61 -4.02 -2.25
N VAL A 4841 -29.14 -2.84 -2.59
CA VAL A 4841 -30.50 -2.53 -2.17
C VAL A 4841 -31.50 -3.47 -2.83
N GLY A 4842 -31.30 -3.75 -4.13
CA GLY A 4842 -32.13 -4.74 -4.79
C GLY A 4842 -31.98 -6.13 -4.19
N LEU A 4843 -30.75 -6.49 -3.81
CA LEU A 4843 -30.54 -7.76 -3.12
C LEU A 4843 -31.28 -7.81 -1.79
N LEU A 4844 -31.27 -6.70 -1.04
CA LEU A 4844 -32.04 -6.62 0.20
C LEU A 4844 -33.52 -6.80 -0.07
N ALA A 4845 -34.02 -6.19 -1.14
CA ALA A 4845 -35.43 -6.36 -1.50
C ALA A 4845 -35.75 -7.82 -1.79
N VAL A 4846 -34.87 -8.50 -2.52
CA VAL A 4846 -35.11 -9.92 -2.84
C VAL A 4846 -35.11 -10.77 -1.57
N VAL A 4847 -34.15 -10.53 -0.67
CA VAL A 4847 -34.07 -11.31 0.56
C VAL A 4847 -35.31 -11.09 1.42
N VAL A 4848 -35.74 -9.83 1.54
CA VAL A 4848 -36.95 -9.53 2.31
C VAL A 4848 -38.17 -10.16 1.65
N TYR A 4849 -38.19 -10.25 0.32
CA TYR A 4849 -39.28 -10.93 -0.36
C TYR A 4849 -39.31 -12.42 -0.01
N LEU A 4850 -38.13 -13.05 0.06
CA LEU A 4850 -38.08 -14.45 0.45
C LEU A 4850 -38.60 -14.64 1.88
N TYR A 4851 -38.18 -13.75 2.78
CA TYR A 4851 -38.71 -13.81 4.15
C TYR A 4851 -40.22 -13.59 4.17
N THR A 4852 -40.72 -12.71 3.30
CA THR A 4852 -42.16 -12.50 3.19
C THR A 4852 -42.87 -13.76 2.72
N VAL A 4853 -42.28 -14.46 1.75
CA VAL A 4853 -42.87 -15.72 1.30
C VAL A 4853 -42.99 -16.71 2.45
N VAL A 4854 -41.90 -16.87 3.21
CA VAL A 4854 -41.90 -17.81 4.32
C VAL A 4854 -42.93 -17.40 5.36
N ALA A 4855 -42.99 -16.11 5.69
CA ALA A 4855 -43.95 -15.62 6.67
C ALA A 4855 -45.38 -15.86 6.22
N PHE A 4856 -45.71 -15.43 5.01
CA PHE A 4856 -47.07 -15.58 4.48
C PHE A 4856 -47.47 -17.05 4.39
N ASN A 4857 -46.50 -17.95 4.24
CA ASN A 4857 -46.87 -19.36 4.16
C ASN A 4857 -46.99 -20.03 5.52
N PHE A 4858 -46.24 -19.58 6.53
CA PHE A 4858 -46.22 -20.34 7.78
C PHE A 4858 -46.61 -19.56 9.02
N PHE A 4859 -46.23 -18.29 9.14
CA PHE A 4859 -46.40 -17.54 10.38
C PHE A 4859 -47.40 -16.39 10.20
N ARG A 4860 -48.52 -16.65 9.52
CA ARG A 4860 -49.52 -15.61 9.32
C ARG A 4860 -50.18 -15.19 10.62
N LYS A 4861 -50.31 -16.11 11.58
CA LYS A 4861 -51.04 -15.81 12.82
C LYS A 4861 -50.32 -14.80 13.69
N PHE A 4862 -49.01 -14.63 13.53
CA PHE A 4862 -48.24 -13.72 14.37
C PHE A 4862 -48.26 -12.28 13.86
N TYR A 4863 -48.93 -12.01 12.74
CA TYR A 4863 -48.91 -10.70 12.11
C TYR A 4863 -50.20 -9.92 12.34
N ASN A 4864 -50.76 -10.04 13.54
CA ASN A 4864 -51.95 -9.30 13.92
C ASN A 4864 -51.51 -8.06 14.70
N LYS A 4865 -51.66 -6.89 14.08
CA LYS A 4865 -51.24 -5.62 14.66
C LYS A 4865 -52.41 -4.81 15.19
N SER A 4866 -53.42 -5.46 15.76
CA SER A 4866 -54.61 -4.79 16.28
C SER A 4866 -54.74 -5.09 17.76
N GLU A 4867 -54.82 -4.03 18.57
CA GLU A 4867 -55.11 -4.22 19.99
C GLU A 4867 -56.56 -4.60 20.22
N ASP A 4868 -57.46 -4.10 19.37
CA ASP A 4868 -58.87 -4.45 19.49
C ASP A 4868 -59.09 -5.91 19.11
N GLU A 4869 -59.77 -6.65 19.97
CA GLU A 4869 -60.03 -8.06 19.71
C GLU A 4869 -61.15 -8.24 18.69
N ASP A 4870 -62.12 -7.33 18.66
CA ASP A 4870 -63.24 -7.47 17.74
C ASP A 4870 -62.83 -7.22 16.29
N GLU A 4871 -61.93 -6.26 16.06
CA GLU A 4871 -61.48 -5.92 14.72
C GLU A 4871 -60.01 -6.28 14.55
N PRO A 4872 -59.69 -7.40 13.91
CA PRO A 4872 -58.28 -7.75 13.70
C PRO A 4872 -57.70 -7.00 12.50
N ASP A 4873 -56.44 -6.60 12.63
CA ASP A 4873 -55.70 -5.94 11.58
C ASP A 4873 -54.57 -6.89 11.16
N MET A 4874 -54.88 -7.78 10.24
CA MET A 4874 -53.93 -8.78 9.79
C MET A 4874 -53.01 -8.18 8.73
N LYS A 4875 -51.71 -8.13 9.03
CA LYS A 4875 -50.74 -7.52 8.14
C LYS A 4875 -50.09 -8.54 7.19
N CYS A 4876 -50.47 -9.81 7.27
CA CYS A 4876 -49.89 -10.80 6.38
C CYS A 4876 -50.95 -11.76 5.83
N ASP A 4877 -52.21 -11.34 5.80
CA ASP A 4877 -53.25 -12.08 5.11
C ASP A 4877 -53.30 -11.76 3.62
N ASP A 4878 -52.53 -10.78 3.18
CA ASP A 4878 -52.33 -10.49 1.77
C ASP A 4878 -50.84 -10.48 1.50
N MET A 4879 -50.44 -11.02 0.34
CA MET A 4879 -49.02 -11.17 0.06
C MET A 4879 -48.35 -9.81 -0.13
N MET A 4880 -48.97 -8.91 -0.89
CA MET A 4880 -48.37 -7.59 -1.11
C MET A 4880 -48.40 -6.77 0.17
N THR A 4881 -49.46 -6.90 0.98
CA THR A 4881 -49.51 -6.22 2.26
C THR A 4881 -48.39 -6.71 3.18
N CYS A 4882 -48.15 -8.02 3.19
CA CYS A 4882 -47.08 -8.57 4.02
C CYS A 4882 -45.71 -8.12 3.54
N TYR A 4883 -45.51 -8.05 2.22
CA TYR A 4883 -44.25 -7.57 1.69
C TYR A 4883 -44.02 -6.11 2.05
N LEU A 4884 -45.06 -5.28 1.92
CA LEU A 4884 -44.94 -3.88 2.30
C LEU A 4884 -44.66 -3.74 3.79
N PHE A 4885 -45.33 -4.54 4.62
CA PHE A 4885 -45.08 -4.51 6.06
C PHE A 4885 -43.64 -4.86 6.37
N HIS A 4886 -43.11 -5.90 5.73
CA HIS A 4886 -41.71 -6.27 5.93
C HIS A 4886 -40.79 -5.13 5.53
N MET A 4887 -40.86 -4.71 4.26
CA MET A 4887 -40.00 -3.63 3.77
C MET A 4887 -40.10 -2.38 4.62
N TYR A 4888 -41.25 -2.14 5.24
CA TYR A 4888 -41.44 -0.90 5.99
C TYR A 4888 -40.87 -1.00 7.40
N VAL A 4889 -41.30 -1.99 8.18
CA VAL A 4889 -40.96 -2.02 9.60
C VAL A 4889 -39.77 -2.93 9.89
N GLY A 4890 -39.63 -4.07 9.20
CA GLY A 4890 -38.58 -5.00 9.55
C GLY A 4890 -37.19 -4.45 9.29
N VAL A 4891 -37.02 -3.73 8.19
CA VAL A 4891 -35.71 -3.16 7.87
C VAL A 4891 -35.38 -2.02 8.83
N ARG A 4892 -36.35 -1.18 9.16
CA ARG A 4892 -36.11 -0.03 10.04
C ARG A 4892 -36.11 -0.40 11.52
N ALA A 4893 -36.49 -1.62 11.87
CA ALA A 4893 -36.48 -2.05 13.25
C ALA A 4893 -35.07 -2.44 13.70
N GLY A 4894 -34.78 -2.22 14.97
CA GLY A 4894 -33.45 -2.52 15.48
C GLY A 4894 -33.14 -4.01 15.48
N GLY A 4895 -34.10 -4.83 15.91
CA GLY A 4895 -33.93 -6.26 15.97
C GLY A 4895 -34.59 -7.05 14.86
N GLY A 4896 -35.13 -6.39 13.85
CA GLY A 4896 -35.78 -7.07 12.75
C GLY A 4896 -37.29 -7.13 12.93
N ILE A 4897 -37.89 -8.05 12.17
CA ILE A 4897 -39.35 -8.19 12.19
C ILE A 4897 -39.85 -8.77 13.50
N GLY A 4898 -39.01 -9.50 14.24
CA GLY A 4898 -39.41 -10.05 15.52
C GLY A 4898 -39.71 -9.00 16.56
N ASP A 4899 -39.14 -7.80 16.42
CA ASP A 4899 -39.50 -6.70 17.30
C ASP A 4899 -40.93 -6.21 17.03
N GLU A 4900 -41.41 -6.39 15.81
CA GLU A 4900 -42.70 -5.83 15.40
C GLU A 4900 -43.82 -6.85 15.35
N ILE A 4901 -43.53 -8.14 15.38
CA ILE A 4901 -44.60 -9.13 15.32
C ILE A 4901 -44.78 -9.84 16.66
N GLU A 4902 -45.80 -10.68 16.74
CA GLU A 4902 -46.25 -11.24 18.02
C GLU A 4902 -45.19 -12.18 18.61
N ASP A 4903 -45.17 -12.23 19.94
CA ASP A 4903 -44.23 -13.08 20.65
C ASP A 4903 -44.56 -14.56 20.41
N PRO A 4904 -43.60 -15.39 20.06
CA PRO A 4904 -43.87 -16.82 19.80
C PRO A 4904 -43.76 -17.73 21.01
N ALA A 4905 -43.63 -17.19 22.21
CA ALA A 4905 -43.46 -18.04 23.39
C ALA A 4905 -44.67 -18.94 23.59
N GLY A 4906 -44.40 -20.21 23.92
CA GLY A 4906 -45.45 -21.18 24.13
C GLY A 4906 -46.28 -21.48 22.89
N ASP A 4907 -45.61 -21.69 21.77
CA ASP A 4907 -46.28 -21.96 20.50
C ASP A 4907 -45.64 -23.18 19.83
N GLU A 4908 -46.40 -23.79 18.92
CA GLU A 4908 -45.91 -24.96 18.20
C GLU A 4908 -44.72 -24.63 17.33
N TYR A 4909 -44.76 -23.47 16.67
CA TYR A 4909 -43.69 -23.02 15.78
C TYR A 4909 -42.73 -22.06 16.47
N GLU A 4910 -42.52 -22.22 17.78
CA GLU A 4910 -41.68 -21.29 18.52
C GLU A 4910 -40.24 -21.30 18.01
N LEU A 4911 -39.66 -22.51 17.87
CA LEU A 4911 -38.27 -22.59 17.45
C LEU A 4911 -38.09 -22.16 16.00
N TYR A 4912 -39.03 -22.54 15.13
CA TYR A 4912 -38.96 -22.11 13.74
C TYR A 4912 -39.04 -20.59 13.63
N ARG A 4913 -39.93 -19.97 14.40
CA ARG A 4913 -40.07 -18.52 14.36
C ARG A 4913 -38.86 -17.83 14.97
N VAL A 4914 -38.26 -18.44 16.00
CA VAL A 4914 -37.03 -17.89 16.58
C VAL A 4914 -35.91 -17.91 15.55
N VAL A 4915 -35.77 -19.02 14.83
CA VAL A 4915 -34.76 -19.10 13.77
C VAL A 4915 -35.06 -18.07 12.68
N PHE A 4916 -36.33 -17.92 12.33
CA PHE A 4916 -36.76 -16.93 11.35
C PHE A 4916 -36.29 -15.53 11.75
N ASP A 4917 -36.59 -15.13 12.98
CA ASP A 4917 -36.24 -13.79 13.45
C ASP A 4917 -34.73 -13.61 13.55
N ILE A 4918 -34.02 -14.61 14.08
CA ILE A 4918 -32.57 -14.49 14.24
C ILE A 4918 -31.89 -14.37 12.89
N THR A 4919 -32.30 -15.19 11.92
CA THR A 4919 -31.72 -15.12 10.59
C THR A 4919 -32.06 -13.80 9.91
N PHE A 4920 -33.28 -13.30 10.10
CA PHE A 4920 -33.62 -11.98 9.54
C PHE A 4920 -32.72 -10.91 10.12
N PHE A 4921 -32.53 -10.92 11.44
CA PHE A 4921 -31.68 -9.91 12.08
C PHE A 4921 -30.24 -10.00 11.58
N PHE A 4922 -29.71 -11.21 11.46
CA PHE A 4922 -28.31 -11.35 11.08
C PHE A 4922 -28.08 -11.01 9.61
N PHE A 4923 -28.94 -11.52 8.72
CA PHE A 4923 -28.72 -11.31 7.29
C PHE A 4923 -29.06 -9.88 6.88
N VAL A 4924 -30.19 -9.34 7.36
CA VAL A 4924 -30.69 -8.07 6.87
C VAL A 4924 -30.12 -6.91 7.67
N ILE A 4925 -30.33 -6.93 8.98
CA ILE A 4925 -29.94 -5.79 9.81
C ILE A 4925 -28.42 -5.69 9.91
N VAL A 4926 -27.73 -6.81 10.09
CA VAL A 4926 -26.30 -6.79 10.35
C VAL A 4926 -25.52 -6.83 9.04
N ILE A 4927 -25.65 -7.92 8.29
CA ILE A 4927 -24.80 -8.14 7.14
C ILE A 4927 -25.13 -7.18 6.01
N LEU A 4928 -26.41 -7.01 5.71
CA LEU A 4928 -26.81 -6.24 4.54
C LEU A 4928 -26.68 -4.74 4.73
N LEU A 4929 -26.51 -4.27 5.96
CA LEU A 4929 -26.16 -2.87 6.20
C LEU A 4929 -24.67 -2.66 6.42
N ALA A 4930 -24.00 -3.66 7.00
CA ALA A 4930 -22.54 -3.63 7.03
C ALA A 4930 -21.95 -3.61 5.63
N ILE A 4931 -22.64 -4.25 4.67
CA ILE A 4931 -22.18 -4.20 3.28
C ILE A 4931 -22.20 -2.77 2.76
N ILE A 4932 -23.29 -2.04 3.01
CA ILE A 4932 -23.41 -0.66 2.55
C ILE A 4932 -22.35 0.22 3.21
N GLN A 4933 -22.20 0.08 4.53
CA GLN A 4933 -21.21 0.89 5.23
C GLN A 4933 -19.80 0.58 4.75
N GLY A 4934 -19.49 -0.70 4.53
CA GLY A 4934 -18.20 -1.07 3.99
C GLY A 4934 -17.97 -0.57 2.59
N LEU A 4935 -19.03 -0.52 1.76
CA LEU A 4935 -18.89 0.05 0.43
C LEU A 4935 -18.52 1.53 0.51
N ILE A 4936 -19.16 2.27 1.40
CA ILE A 4936 -18.85 3.69 1.56
C ILE A 4936 -17.41 3.87 2.04
N ILE A 4937 -17.00 3.07 3.04
CA ILE A 4937 -15.65 3.20 3.58
C ILE A 4937 -14.61 2.81 2.53
N ASP A 4938 -14.89 1.76 1.76
CA ASP A 4938 -13.97 1.35 0.71
C ASP A 4938 -13.88 2.41 -0.38
N ALA A 4939 -14.98 3.11 -0.66
CA ALA A 4939 -14.91 4.24 -1.60
C ALA A 4939 -13.99 5.33 -1.08
N PHE A 4940 -14.12 5.67 0.21
CA PHE A 4940 -13.21 6.65 0.82
C PHE A 4940 -11.75 6.22 0.65
N GLY A 4941 -11.45 4.98 1.03
CA GLY A 4941 -10.09 4.49 0.97
C GLY A 4941 -9.55 4.42 -0.45
N GLU A 4942 -10.38 4.01 -1.40
CA GLU A 4942 -9.95 3.91 -2.78
C GLU A 4942 -9.68 5.29 -3.38
N LEU A 4943 -10.52 6.28 -3.07
CA LEU A 4943 -10.24 7.63 -3.55
C LEU A 4943 -8.94 8.17 -2.96
N ARG A 4944 -8.71 7.94 -1.66
CA ARG A 4944 -7.45 8.37 -1.06
C ARG A 4944 -6.26 7.69 -1.74
N ASP A 4945 -6.36 6.38 -1.97
CA ASP A 4945 -5.27 5.65 -2.61
C ASP A 4945 -5.03 6.14 -4.03
N GLN A 4946 -6.09 6.45 -4.77
CA GLN A 4946 -5.93 6.96 -6.13
C GLN A 4946 -5.19 8.30 -6.10
N GLN A 4947 -5.59 9.18 -5.18
CA GLN A 4947 -4.90 10.48 -5.07
C GLN A 4947 -3.42 10.29 -4.75
N GLU A 4948 -3.12 9.44 -3.78
CA GLU A 4948 -1.72 9.26 -3.37
C GLU A 4948 -0.91 8.60 -4.47
N GLN A 4949 -1.50 7.64 -5.18
CA GLN A 4949 -0.81 6.99 -6.29
C GLN A 4949 -0.50 7.99 -7.41
N VAL A 4950 -1.47 8.84 -7.75
CA VAL A 4950 -1.24 9.85 -8.79
C VAL A 4950 -0.12 10.78 -8.37
N LYS A 4951 -0.16 11.24 -7.12
CA LYS A 4951 0.88 12.16 -6.65
C LYS A 4951 2.26 11.50 -6.66
N GLU A 4952 2.34 10.25 -6.20
CA GLU A 4952 3.61 9.55 -6.15
C GLU A 4952 4.18 9.36 -7.55
N ASP A 4953 3.34 8.93 -8.50
CA ASP A 4953 3.82 8.75 -9.87
C ASP A 4953 4.28 10.08 -10.47
N MET A 4954 3.51 11.14 -10.23
CA MET A 4954 3.87 12.45 -10.78
C MET A 4954 5.20 12.94 -10.23
N GLU A 4955 5.44 12.74 -8.94
CA GLU A 4955 6.67 13.24 -8.34
C GLU A 4955 7.85 12.28 -8.50
N THR A 4956 7.63 11.04 -8.93
CA THR A 4956 8.74 10.12 -9.12
C THR A 4956 9.11 9.92 -10.59
N LYS A 4957 8.25 10.29 -11.53
CA LYS A 4957 8.55 10.10 -12.94
C LYS A 4957 8.26 11.38 -13.70
N CYS A 4958 9.04 11.61 -14.75
CA CYS A 4958 8.84 12.79 -15.59
C CYS A 4958 7.66 12.58 -16.52
N PHE A 4959 6.83 13.62 -16.64
CA PHE A 4959 5.61 13.51 -17.44
C PHE A 4959 5.92 13.34 -18.92
N ILE A 4960 6.91 14.07 -19.43
CA ILE A 4960 7.16 14.09 -20.87
C ILE A 4960 7.91 12.85 -21.34
N CYS A 4961 9.11 12.62 -20.79
CA CYS A 4961 9.96 11.55 -21.28
C CYS A 4961 9.81 10.24 -20.51
N GLY A 4962 9.23 10.27 -19.31
CA GLY A 4962 9.01 9.06 -18.55
C GLY A 4962 10.23 8.51 -17.83
N ILE A 4963 11.35 9.22 -17.85
CA ILE A 4963 12.55 8.76 -17.16
C ILE A 4963 12.40 9.06 -15.66
N GLY A 4964 12.74 8.08 -14.84
CA GLY A 4964 12.58 8.22 -13.41
C GLY A 4964 13.52 9.25 -12.82
N SER A 4965 13.15 9.72 -11.62
CA SER A 4965 13.95 10.73 -10.93
C SER A 4965 15.28 10.18 -10.43
N ASP A 4966 15.46 8.86 -10.41
CA ASP A 4966 16.73 8.30 -9.94
C ASP A 4966 17.89 8.72 -10.83
N TYR A 4967 17.66 8.73 -12.16
CA TYR A 4967 18.72 9.15 -13.07
C TYR A 4967 19.05 10.63 -12.91
N PHE A 4968 18.02 11.48 -12.83
CA PHE A 4968 18.26 12.91 -12.77
C PHE A 4968 18.79 13.34 -11.41
N ASP A 4969 18.56 12.54 -10.37
CA ASP A 4969 18.93 12.92 -9.01
C ASP A 4969 20.41 12.72 -8.71
N THR A 4970 21.19 12.20 -9.65
CA THR A 4970 22.63 12.14 -9.46
C THR A 4970 23.22 13.53 -9.26
N THR A 4971 22.81 14.48 -10.10
CA THR A 4971 23.10 15.88 -9.88
C THR A 4971 22.16 16.44 -8.81
N PRO A 4972 22.69 17.23 -7.87
CA PRO A 4972 21.82 17.81 -6.83
C PRO A 4972 20.73 18.67 -7.44
N HIS A 4973 19.50 18.45 -6.99
CA HIS A 4973 18.31 19.12 -7.51
C HIS A 4973 18.14 18.86 -9.00
N GLY A 4974 18.68 17.73 -9.47
CA GLY A 4974 18.65 17.45 -10.89
C GLY A 4974 17.25 17.25 -11.44
N PHE A 4975 16.43 16.46 -10.73
CA PHE A 4975 15.06 16.23 -11.19
C PHE A 4975 14.25 17.53 -11.18
N GLU A 4976 14.43 18.34 -10.13
CA GLU A 4976 13.72 19.61 -10.06
C GLU A 4976 14.10 20.51 -11.23
N THR A 4977 15.41 20.63 -11.51
CA THR A 4977 15.83 21.45 -12.63
C THR A 4977 15.32 20.92 -13.95
N HIS A 4978 15.36 19.60 -14.14
CA HIS A 4978 14.93 18.99 -15.39
C HIS A 4978 13.43 19.23 -15.62
N THR A 4979 12.62 19.08 -14.57
CA THR A 4979 11.19 19.22 -14.74
C THR A 4979 10.77 20.68 -14.87
N LEU A 4980 11.46 21.59 -14.17
CA LEU A 4980 11.10 23.00 -14.24
C LEU A 4980 11.60 23.65 -15.53
N GLU A 4981 12.72 23.18 -16.08
CA GLU A 4981 13.35 23.85 -17.20
C GLU A 4981 13.34 23.01 -18.47
N GLU A 4982 13.90 21.79 -18.44
CA GLU A 4982 14.12 21.05 -19.68
C GLU A 4982 12.82 20.47 -20.23
N HIS A 4983 11.99 19.89 -19.38
CA HIS A 4983 10.80 19.17 -19.82
C HIS A 4983 9.53 19.71 -19.18
N ASN A 4984 9.37 21.03 -19.15
CA ASN A 4984 8.19 21.62 -18.53
C ASN A 4984 6.99 21.52 -19.48
N LEU A 4985 5.93 20.87 -19.01
CA LEU A 4985 4.72 20.75 -19.82
C LEU A 4985 4.09 22.12 -20.06
N ALA A 4986 4.24 23.04 -19.12
CA ALA A 4986 3.81 24.42 -19.36
C ALA A 4986 4.59 25.02 -20.51
N ASN A 4987 5.90 24.77 -20.56
CA ASN A 4987 6.70 25.26 -21.68
C ASN A 4987 6.28 24.63 -23.00
N TYR A 4988 5.91 23.34 -22.98
CA TYR A 4988 5.44 22.70 -24.21
C TYR A 4988 4.14 23.32 -24.69
N MET A 4989 3.21 23.60 -23.77
CA MET A 4989 1.96 24.27 -24.15
C MET A 4989 2.24 25.67 -24.69
N PHE A 4990 3.17 26.39 -24.05
CA PHE A 4990 3.52 27.72 -24.51
C PHE A 4990 4.11 27.67 -25.92
N PHE A 4991 4.96 26.68 -26.19
CA PHE A 4991 5.52 26.53 -27.54
C PHE A 4991 4.43 26.18 -28.54
N LEU A 4992 3.47 25.34 -28.15
CA LEU A 4992 2.38 25.00 -29.05
C LEU A 4992 1.58 26.23 -29.44
N MET A 4993 1.24 27.06 -28.45
CA MET A 4993 0.45 28.25 -28.77
C MET A 4993 1.30 29.30 -29.49
N TYR A 4994 2.60 29.35 -29.22
CA TYR A 4994 3.50 30.20 -29.98
C TYR A 4994 3.53 29.81 -31.45
N LEU A 4995 3.59 28.51 -31.72
CA LEU A 4995 3.51 28.02 -33.10
C LEU A 4995 2.18 28.38 -33.73
N ILE A 4996 1.08 28.20 -32.99
CA ILE A 4996 -0.23 28.51 -33.54
C ILE A 4996 -0.35 29.98 -33.89
N ASN A 4997 0.18 30.85 -33.03
CA ASN A 4997 0.12 32.28 -33.29
C ASN A 4997 1.03 32.70 -34.43
N LYS A 4998 2.25 32.15 -34.49
CA LYS A 4998 3.23 32.57 -35.47
C LYS A 4998 2.82 32.15 -36.88
N ASP A 4999 3.25 32.95 -37.85
CA ASP A 4999 2.95 32.68 -39.25
C ASP A 4999 3.71 31.47 -39.75
N GLU A 5000 3.07 30.71 -40.64
CA GLU A 5000 3.72 29.55 -41.24
C GLU A 5000 4.96 29.95 -42.02
N THR A 5001 4.88 31.08 -42.75
CA THR A 5001 6.04 31.58 -43.46
C THR A 5001 7.13 32.05 -42.49
N GLU A 5002 6.72 32.70 -41.39
CA GLU A 5002 7.70 33.19 -40.42
C GLU A 5002 8.33 32.08 -39.61
N HIS A 5003 7.74 30.88 -39.61
CA HIS A 5003 8.33 29.76 -38.90
C HIS A 5003 9.76 29.50 -39.35
N THR A 5004 10.64 29.24 -38.37
CA THR A 5004 12.01 28.85 -38.66
C THR A 5004 12.05 27.35 -38.98
N GLY A 5005 13.24 26.78 -39.08
CA GLY A 5005 13.38 25.39 -39.48
C GLY A 5005 12.76 24.39 -38.53
N GLN A 5006 13.23 24.38 -37.29
CA GLN A 5006 12.68 23.45 -36.29
C GLN A 5006 11.21 23.75 -36.02
N GLU A 5007 10.85 25.02 -36.01
CA GLU A 5007 9.45 25.39 -35.78
C GLU A 5007 8.55 24.84 -36.88
N SER A 5008 8.98 24.95 -38.14
CA SER A 5008 8.19 24.39 -39.24
C SER A 5008 8.16 22.87 -39.19
N TYR A 5009 9.27 22.26 -38.77
CA TYR A 5009 9.32 20.80 -38.65
C TYR A 5009 8.30 20.29 -37.63
N VAL A 5010 8.32 20.85 -36.43
CA VAL A 5010 7.38 20.44 -35.39
C VAL A 5010 5.96 20.88 -35.76
N TRP A 5011 5.81 22.00 -36.46
CA TRP A 5011 4.49 22.40 -36.92
C TRP A 5011 3.92 21.39 -37.90
N LYS A 5012 4.76 20.86 -38.79
CA LYS A 5012 4.29 19.83 -39.71
C LYS A 5012 3.86 18.58 -38.95
N MET A 5013 4.71 18.05 -38.06
CA MET A 5013 4.29 16.86 -37.33
C MET A 5013 3.09 17.13 -36.42
N TYR A 5014 2.84 18.39 -36.05
CA TYR A 5014 1.58 18.70 -35.37
C TYR A 5014 0.42 18.65 -36.36
N GLN A 5015 0.64 19.10 -37.59
CA GLN A 5015 -0.43 19.12 -38.60
C GLN A 5015 -0.87 17.70 -38.96
N GLU A 5016 0.06 16.77 -39.14
CA GLU A 5016 -0.33 15.38 -39.33
C GLU A 5016 -0.48 14.61 -38.02
N ARG A 5017 -0.58 15.31 -36.89
CA ARG A 5017 -0.88 14.68 -35.60
C ARG A 5017 0.11 13.56 -35.26
N CYS A 5018 1.38 13.79 -35.56
CA CYS A 5018 2.44 12.84 -35.26
C CYS A 5018 3.19 13.34 -34.03
N TRP A 5019 3.13 12.56 -32.95
CA TRP A 5019 3.72 12.94 -31.68
C TRP A 5019 5.07 12.26 -31.45
N ASP A 5020 5.83 12.03 -32.51
CA ASP A 5020 7.16 11.44 -32.38
C ASP A 5020 8.22 12.48 -32.06
N PHE A 5021 7.89 13.78 -32.12
CA PHE A 5021 8.86 14.80 -31.76
C PHE A 5021 9.01 14.99 -30.26
N PHE A 5022 8.08 14.47 -29.47
CA PHE A 5022 8.23 14.54 -28.02
C PHE A 5022 9.30 13.56 -27.56
N PRO A 5023 10.28 14.00 -26.79
CA PRO A 5023 11.34 13.08 -26.32
C PRO A 5023 10.77 12.05 -25.38
N ALA A 5024 10.96 10.77 -25.72
CA ALA A 5024 10.48 9.66 -24.92
C ALA A 5024 11.64 8.72 -24.62
N GLY A 5025 11.89 8.49 -23.33
CA GLY A 5025 12.93 7.58 -22.91
C GLY A 5025 14.34 8.15 -22.94
N ASP A 5026 14.51 9.39 -23.36
CA ASP A 5026 15.82 10.02 -23.44
C ASP A 5026 15.66 11.54 -23.40
N CYS A 5027 16.77 12.22 -23.13
CA CYS A 5027 16.76 13.67 -23.02
C CYS A 5027 18.14 14.20 -23.40
N PHE A 5028 18.32 15.51 -23.21
CA PHE A 5028 19.59 16.14 -23.52
C PHE A 5028 20.73 15.58 -22.67
N ARG A 5029 20.47 15.38 -21.37
CA ARG A 5029 21.48 14.79 -20.50
C ARG A 5029 21.79 13.35 -20.92
N LYS A 5030 20.75 12.56 -21.17
CA LYS A 5030 20.97 11.16 -21.55
C LYS A 5030 21.68 11.06 -22.90
N GLN A 5031 21.59 12.11 -23.73
CA GLN A 5031 22.26 12.07 -25.02
C GLN A 5031 23.70 12.55 -24.93
N TYR A 5032 23.98 13.57 -24.12
CA TYR A 5032 25.30 14.20 -24.10
C TYR A 5032 25.96 14.16 -22.73
N GLU A 5033 25.68 13.11 -21.94
CA GLU A 5033 26.32 13.00 -20.62
C GLU A 5033 27.83 12.88 -20.74
N ASP A 5034 28.32 12.18 -21.77
CA ASP A 5034 29.76 11.98 -21.91
C ASP A 5034 30.49 13.31 -22.14
N GLN A 5035 29.86 14.23 -22.88
CA GLN A 5035 30.51 15.50 -23.14
C GLN A 5035 30.24 16.51 -22.03
N LEU A 5036 29.05 16.46 -21.40
CA LEU A 5036 28.73 17.42 -20.37
C LEU A 5036 29.47 17.13 -19.06
N SER A 5037 29.56 15.86 -18.68
CA SER A 5037 30.22 15.48 -17.44
C SER A 5037 31.19 14.32 -17.68
N ASN B 3950 67.19 28.25 30.36
CA ASN B 3950 67.13 28.72 28.97
C ASN B 3950 66.12 27.90 28.17
N PHE B 3951 65.63 26.81 28.77
CA PHE B 3951 64.62 26.01 28.09
C PHE B 3951 63.32 26.77 27.91
N SER B 3952 62.91 27.53 28.92
CA SER B 3952 61.64 28.26 28.84
C SER B 3952 61.67 29.30 27.73
N LYS B 3953 62.77 30.04 27.60
CA LYS B 3953 62.84 31.08 26.58
C LYS B 3953 62.95 30.50 25.18
N ALA B 3954 63.62 29.35 25.03
CA ALA B 3954 63.76 28.74 23.72
C ALA B 3954 62.45 28.12 23.25
N MET B 3955 61.69 27.53 24.17
CA MET B 3955 60.43 26.89 23.80
C MET B 3955 59.36 27.91 23.48
N SER B 3956 59.43 29.10 24.07
CA SER B 3956 58.49 30.15 23.72
C SER B 3956 58.65 30.57 22.26
N VAL B 3957 59.91 30.64 21.79
CA VAL B 3957 60.16 30.94 20.38
C VAL B 3957 59.60 29.85 19.50
N ALA B 3958 59.73 28.59 19.92
CA ALA B 3958 59.23 27.47 19.11
C ALA B 3958 57.72 27.54 18.94
N LYS B 3959 57.00 28.04 19.94
CA LYS B 3959 55.55 28.19 19.80
C LYS B 3959 55.22 29.21 18.71
N GLN B 3960 55.95 30.32 18.67
CA GLN B 3960 55.70 31.33 17.65
C GLN B 3960 56.06 30.83 16.26
N VAL B 3961 57.14 30.06 16.12
CA VAL B 3961 57.49 29.49 14.83
C VAL B 3961 56.43 28.50 14.37
N PHE B 3962 55.95 27.67 15.29
CA PHE B 3962 54.89 26.72 14.94
C PHE B 3962 53.60 27.46 14.58
N ASN B 3963 53.27 28.51 15.33
CA ASN B 3963 52.07 29.28 15.02
C ASN B 3963 52.17 29.96 13.67
N SER B 3964 53.36 30.51 13.35
CA SER B 3964 53.54 31.16 12.06
C SER B 3964 53.39 30.17 10.92
N LEU B 3965 53.93 28.96 11.08
CA LEU B 3965 53.77 27.94 10.04
C LEU B 3965 52.31 27.55 9.86
N THR B 3966 51.55 27.51 10.95
CA THR B 3966 50.12 27.23 10.86
C THR B 3966 49.39 28.35 10.11
N GLU B 3967 49.85 29.59 10.28
CA GLU B 3967 49.22 30.72 9.61
C GLU B 3967 49.35 30.60 8.10
N TYR B 3968 50.44 30.00 7.61
CA TYR B 3968 50.66 29.88 6.18
C TYR B 3968 49.67 28.91 5.55
N ILE B 3969 49.35 27.81 6.24
CA ILE B 3969 48.60 26.72 5.63
C ILE B 3969 47.12 26.70 6.01
N GLN B 3970 46.73 27.34 7.11
CA GLN B 3970 45.32 27.40 7.45
C GLN B 3970 44.57 28.22 6.41
N GLY B 3971 43.29 27.91 6.24
CA GLY B 3971 42.55 28.42 5.12
C GLY B 3971 43.15 27.82 3.85
N PRO B 3972 42.91 26.52 3.64
CA PRO B 3972 43.86 25.68 2.91
C PRO B 3972 44.51 26.31 1.68
N CYS B 3973 45.83 26.45 1.74
CA CYS B 3973 46.63 26.93 0.63
C CYS B 3973 47.38 25.73 0.07
N THR B 3974 46.99 25.30 -1.13
CA THR B 3974 47.59 24.09 -1.70
C THR B 3974 49.08 24.26 -1.93
N GLY B 3975 49.50 25.43 -2.41
CA GLY B 3975 50.92 25.65 -2.65
C GLY B 3975 51.74 25.57 -1.39
N ASN B 3976 51.29 26.23 -0.32
CA ASN B 3976 52.02 26.22 0.93
C ASN B 3976 51.97 24.85 1.59
N GLN B 3977 50.84 24.16 1.48
CA GLN B 3977 50.74 22.81 2.05
C GLN B 3977 51.68 21.84 1.34
N GLN B 3978 51.74 21.91 0.01
CA GLN B 3978 52.61 21.02 -0.75
C GLN B 3978 54.08 21.33 -0.47
N SER B 3979 54.42 22.62 -0.35
CA SER B 3979 55.81 23.01 -0.14
C SER B 3979 56.33 22.51 1.21
N LEU B 3980 55.50 22.59 2.25
CA LEU B 3980 55.93 22.17 3.58
C LEU B 3980 56.26 20.68 3.64
N ALA B 3981 55.64 19.86 2.79
CA ALA B 3981 55.93 18.44 2.78
C ALA B 3981 57.31 18.13 2.18
N HIS B 3982 57.71 18.90 1.17
CA HIS B 3982 59.01 18.67 0.54
C HIS B 3982 60.15 19.23 1.38
N SER B 3983 59.87 20.12 2.31
CA SER B 3983 60.91 20.73 3.12
C SER B 3983 61.39 19.76 4.19
N ARG B 3984 62.30 20.26 5.05
CA ARG B 3984 62.86 19.49 6.15
C ARG B 3984 61.99 19.54 7.40
N LEU B 3985 60.70 19.87 7.26
CA LEU B 3985 59.83 19.98 8.43
C LEU B 3985 59.67 18.64 9.13
N TRP B 3986 59.59 17.54 8.36
CA TRP B 3986 59.43 16.23 8.96
C TRP B 3986 60.61 15.87 9.85
N ASP B 3987 61.82 16.24 9.43
CA ASP B 3987 63.00 15.98 10.26
C ASP B 3987 62.92 16.74 11.58
N ALA B 3988 62.46 17.99 11.54
CA ALA B 3988 62.34 18.76 12.78
C ALA B 3988 61.26 18.18 13.69
N VAL B 3989 60.13 17.75 13.12
CA VAL B 3989 59.04 17.21 13.94
C VAL B 3989 59.48 15.92 14.62
N VAL B 3990 60.21 15.06 13.91
CA VAL B 3990 60.73 13.83 14.52
C VAL B 3990 61.68 14.17 15.66
N GLY B 3991 62.53 15.18 15.46
CA GLY B 3991 63.42 15.60 16.53
C GLY B 3991 62.67 16.13 17.74
N PHE B 3992 61.61 16.91 17.51
CA PHE B 3992 60.81 17.40 18.62
C PHE B 3992 60.14 16.27 19.37
N LEU B 3993 59.55 15.30 18.66
CA LEU B 3993 58.90 14.18 19.31
C LEU B 3993 59.89 13.35 20.11
N HIS B 3994 61.14 13.27 19.64
CA HIS B 3994 62.17 12.58 20.40
C HIS B 3994 62.43 13.29 21.72
N VAL B 3995 62.48 14.63 21.71
CA VAL B 3995 62.68 15.38 22.93
C VAL B 3995 61.45 15.29 23.83
N PHE B 3996 60.26 15.33 23.23
CA PHE B 3996 59.02 15.41 24.01
C PHE B 3996 58.84 14.17 24.89
N ALA B 3997 59.22 13.00 24.39
CA ALA B 3997 58.95 11.76 25.10
C ALA B 3997 59.71 11.70 26.42
N HIS B 3998 61.02 11.95 26.38
CA HIS B 3998 61.83 11.80 27.59
C HIS B 3998 61.64 12.95 28.57
N MET B 3999 61.43 14.17 28.06
CA MET B 3999 61.24 15.31 28.95
C MET B 3999 59.97 15.17 29.77
N MET B 4000 58.89 14.66 29.16
CA MET B 4000 57.64 14.51 29.90
C MET B 4000 57.78 13.55 31.06
N MET B 4001 58.48 12.43 30.85
CA MET B 4001 58.67 11.46 31.93
C MET B 4001 59.55 12.05 33.03
N LYS B 4002 60.63 12.73 32.67
CA LYS B 4002 61.56 13.25 33.67
C LYS B 4002 60.92 14.36 34.50
N LEU B 4003 60.18 15.26 33.86
CA LEU B 4003 59.61 16.40 34.57
C LEU B 4003 58.51 15.96 35.53
N ALA B 4004 57.75 14.93 35.17
CA ALA B 4004 56.67 14.47 36.03
C ALA B 4004 57.18 13.80 37.30
N GLN B 4005 58.46 13.41 37.35
CA GLN B 4005 59.00 12.74 38.53
C GLN B 4005 59.00 13.68 39.73
N ASP B 4006 59.40 14.94 39.53
CA ASP B 4006 59.48 15.91 40.61
C ASP B 4006 58.39 16.97 40.47
N SER B 4007 57.84 17.41 41.60
CA SER B 4007 56.82 18.45 41.59
C SER B 4007 57.40 19.85 41.44
N SER B 4008 58.72 20.00 41.54
CA SER B 4008 59.33 21.32 41.40
C SER B 4008 59.28 21.81 39.96
N GLN B 4009 59.27 20.88 39.00
CA GLN B 4009 59.27 21.22 37.59
C GLN B 4009 57.89 21.11 36.94
N ILE B 4010 56.83 21.26 37.72
CA ILE B 4010 55.48 21.19 37.14
C ILE B 4010 55.23 22.38 36.23
N GLU B 4011 55.75 23.56 36.60
CA GLU B 4011 55.56 24.74 35.77
C GLU B 4011 56.28 24.60 34.43
N LEU B 4012 57.47 23.99 34.43
CA LEU B 4012 58.18 23.74 33.18
C LEU B 4012 57.40 22.78 32.29
N LEU B 4013 56.70 21.83 32.90
CA LEU B 4013 55.91 20.86 32.13
C LEU B 4013 54.75 21.55 31.42
N LYS B 4014 54.33 22.72 31.92
CA LYS B 4014 53.13 23.35 31.38
C LYS B 4014 53.32 23.85 29.96
N GLU B 4015 54.40 24.60 29.71
CA GLU B 4015 54.66 25.05 28.35
C GLU B 4015 55.20 23.91 27.49
N LEU B 4016 55.65 22.83 28.13
CA LEU B 4016 55.99 21.62 27.37
C LEU B 4016 54.74 21.03 26.73
N LEU B 4017 53.62 21.04 27.44
CA LEU B 4017 52.39 20.45 26.90
C LEU B 4017 51.79 21.31 25.80
N ASP B 4018 51.70 22.63 26.01
CA ASP B 4018 51.08 23.47 24.99
C ASP B 4018 51.96 23.65 23.76
N LEU B 4019 53.27 23.39 23.88
CA LEU B 4019 54.10 23.32 22.68
C LEU B 4019 53.68 22.14 21.80
N GLN B 4020 53.34 21.01 22.43
CA GLN B 4020 52.79 19.89 21.67
C GLN B 4020 51.47 20.25 21.02
N LYS B 4021 50.61 20.97 21.75
CA LYS B 4021 49.32 21.36 21.19
C LYS B 4021 49.51 22.26 19.98
N ASP B 4022 50.43 23.22 20.05
CA ASP B 4022 50.73 24.05 18.88
C ASP B 4022 51.32 23.21 17.75
N MET B 4023 52.14 22.21 18.10
CA MET B 4023 52.73 21.35 17.07
C MET B 4023 51.66 20.48 16.41
N VAL B 4024 50.74 19.94 17.21
CA VAL B 4024 49.69 19.08 16.66
C VAL B 4024 48.74 19.87 15.77
N VAL B 4025 48.43 21.12 16.14
CA VAL B 4025 47.56 21.95 15.32
C VAL B 4025 48.18 22.16 13.94
N MET B 4026 49.51 22.33 13.88
CA MET B 4026 50.18 22.43 12.58
C MET B 4026 50.04 21.13 11.80
N LEU B 4027 50.18 19.99 12.48
CA LEU B 4027 50.03 18.70 11.82
C LEU B 4027 48.60 18.51 11.30
N LEU B 4028 47.60 18.94 12.08
CA LEU B 4028 46.22 18.87 11.63
C LEU B 4028 45.95 19.84 10.49
N SER B 4029 46.63 20.98 10.48
CA SER B 4029 46.41 21.97 9.43
C SER B 4029 46.90 21.47 8.08
N LEU B 4030 48.00 20.72 8.07
CA LEU B 4030 48.51 20.18 6.82
C LEU B 4030 47.58 19.16 6.20
N LEU B 4031 46.69 18.56 6.99
CA LEU B 4031 45.74 17.56 6.51
C LEU B 4031 44.44 18.15 6.02
N GLU B 4032 44.29 19.48 6.05
CA GLU B 4032 43.05 20.10 5.60
C GLU B 4032 42.86 19.87 4.11
N GLY B 4033 41.71 19.31 3.74
CA GLY B 4033 41.43 19.04 2.35
C GLY B 4033 42.26 17.94 1.72
N ASN B 4034 42.83 17.05 2.54
CA ASN B 4034 43.63 15.96 2.02
C ASN B 4034 42.75 14.91 1.34
N VAL B 4035 43.37 14.15 0.44
CA VAL B 4035 42.69 13.09 -0.28
C VAL B 4035 43.25 11.75 0.15
N VAL B 4036 42.50 10.68 -0.15
CA VAL B 4036 42.94 9.34 0.20
C VAL B 4036 44.17 8.99 -0.63
N ASN B 4037 45.14 8.35 0.02
CA ASN B 4037 46.44 8.05 -0.59
C ASN B 4037 47.10 9.33 -1.13
N GLY B 4038 46.95 10.42 -0.37
CA GLY B 4038 47.53 11.67 -0.78
C GLY B 4038 49.02 11.75 -0.47
N MET B 4039 49.68 12.73 -1.09
CA MET B 4039 51.11 12.89 -0.89
C MET B 4039 51.42 13.29 0.56
N ILE B 4040 50.73 14.32 1.06
CA ILE B 4040 50.99 14.80 2.41
C ILE B 4040 50.62 13.74 3.44
N ALA B 4041 49.49 13.07 3.24
CA ALA B 4041 49.04 12.05 4.20
C ALA B 4041 50.03 10.91 4.28
N ARG B 4042 50.55 10.46 3.13
CA ARG B 4042 51.50 9.35 3.14
C ARG B 4042 52.84 9.75 3.73
N GLN B 4043 53.23 11.03 3.60
CA GLN B 4043 54.47 11.48 4.22
C GLN B 4043 54.39 11.41 5.74
N MET B 4044 53.24 11.76 6.31
CA MET B 4044 53.08 11.66 7.75
C MET B 4044 53.15 10.23 8.24
N VAL B 4045 52.53 9.29 7.50
CA VAL B 4045 52.50 7.90 7.94
C VAL B 4045 53.92 7.38 8.13
N ASP B 4046 54.81 7.69 7.20
CA ASP B 4046 56.22 7.36 7.38
C ASP B 4046 56.81 8.09 8.58
N MET B 4047 56.41 9.34 8.79
CA MET B 4047 56.96 10.12 9.90
C MET B 4047 56.55 9.52 11.25
N LEU B 4048 55.29 9.10 11.38
CA LEU B 4048 54.88 8.42 12.61
C LEU B 4048 55.58 7.07 12.75
N VAL B 4049 55.75 6.35 11.65
CA VAL B 4049 56.41 5.05 11.72
C VAL B 4049 57.86 5.20 12.14
N GLU B 4050 58.56 6.19 11.59
CA GLU B 4050 59.96 6.39 11.95
C GLU B 4050 60.11 6.74 13.43
N SER B 4051 59.23 7.61 13.94
CA SER B 4051 59.24 8.00 15.34
C SER B 4051 58.22 7.22 16.16
N SER B 4052 57.97 5.96 15.80
CA SER B 4052 56.96 5.17 16.49
C SER B 4052 57.28 4.98 17.96
N SER B 4053 58.55 4.74 18.28
CA SER B 4053 58.95 4.59 19.67
C SER B 4053 58.74 5.88 20.44
N ASN B 4054 59.06 7.02 19.83
CA ASN B 4054 58.89 8.30 20.52
C ASN B 4054 57.43 8.67 20.69
N VAL B 4055 56.61 8.49 19.64
CA VAL B 4055 55.21 8.88 19.73
C VAL B 4055 54.46 7.95 20.68
N GLU B 4056 54.87 6.69 20.77
CA GLU B 4056 54.24 5.77 21.70
C GLU B 4056 54.85 5.94 23.09
N MET B 4057 54.96 7.19 23.54
CA MET B 4057 55.21 7.52 24.94
C MET B 4057 54.41 8.70 25.44
N ILE B 4058 53.97 9.61 24.56
CA ILE B 4058 53.10 10.70 24.97
C ILE B 4058 51.72 10.17 25.30
N LEU B 4059 51.29 9.10 24.62
CA LEU B 4059 49.97 8.54 24.83
C LEU B 4059 49.80 8.04 26.26
N LYS B 4060 50.83 7.40 26.80
CA LYS B 4060 50.80 6.94 28.19
C LYS B 4060 51.36 8.00 29.13
N PRO B 4176 33.31 8.53 20.96
CA PRO B 4176 32.49 9.11 22.03
C PRO B 4176 32.48 10.64 22.00
N TYR B 4177 33.66 11.25 21.85
CA TYR B 4177 33.79 12.69 21.73
C TYR B 4177 34.23 13.14 20.34
N LEU B 4178 34.82 12.26 19.55
CA LEU B 4178 35.30 12.63 18.22
C LEU B 4178 34.13 12.75 17.26
N GLY B 4179 33.83 13.97 16.82
CA GLY B 4179 32.81 14.21 15.84
C GLY B 4179 33.31 13.94 14.43
N ARG B 4180 32.37 13.84 13.50
CA ARG B 4180 32.73 13.51 12.12
C ARG B 4180 31.59 13.91 11.20
N ILE B 4181 31.87 14.83 10.27
CA ILE B 4181 30.92 15.22 9.24
C ILE B 4181 31.66 15.28 7.91
N GLU B 4182 30.89 15.26 6.83
CA GLU B 4182 31.41 15.43 5.48
C GLU B 4182 30.73 16.63 4.85
N ILE B 4183 31.52 17.51 4.23
CA ILE B 4183 30.99 18.69 3.56
C ILE B 4183 31.58 18.77 2.16
N MET B 4184 30.86 19.48 1.29
CA MET B 4184 31.38 19.84 -0.03
C MET B 4184 32.27 21.06 0.14
N GLY B 4185 33.57 20.82 0.25
CA GLY B 4185 34.51 21.88 0.57
C GLY B 4185 34.75 22.82 -0.60
N ALA B 4186 35.67 23.77 -0.36
CA ALA B 4186 36.01 24.74 -1.39
C ALA B 4186 36.72 24.10 -2.58
N SER B 4187 37.21 22.88 -2.44
CA SER B 4187 37.88 22.17 -3.50
C SER B 4187 36.91 21.42 -4.42
N ARG B 4188 35.60 21.63 -4.24
CA ARG B 4188 34.57 20.94 -5.02
C ARG B 4188 34.64 19.42 -4.87
N ARG B 4189 35.11 18.97 -3.71
CA ARG B 4189 35.15 17.55 -3.38
C ARG B 4189 34.67 17.36 -1.95
N ILE B 4190 34.20 16.15 -1.66
CA ILE B 4190 33.76 15.83 -0.31
C ILE B 4190 34.95 15.83 0.62
N GLU B 4191 34.83 16.57 1.73
CA GLU B 4191 35.89 16.68 2.72
C GLU B 4191 35.35 16.27 4.09
N ARG B 4192 36.08 15.40 4.77
CA ARG B 4192 35.69 14.94 6.09
C ARG B 4192 36.26 15.88 7.15
N ILE B 4193 35.42 16.32 8.08
CA ILE B 4193 35.78 17.29 9.11
C ILE B 4193 35.67 16.62 10.46
N TYR B 4194 36.71 16.74 11.27
CA TYR B 4194 36.76 16.15 12.60
C TYR B 4194 36.71 17.26 13.65
N PHE B 4195 35.80 17.12 14.61
CA PHE B 4195 35.67 18.08 15.70
C PHE B 4195 35.43 17.30 16.99
N GLU B 4196 35.49 18.02 18.11
CA GLU B 4196 35.36 17.42 19.43
C GLU B 4196 33.99 17.76 20.00
N ILE B 4197 33.23 16.73 20.37
CA ILE B 4197 31.93 16.87 21.00
C ILE B 4197 32.12 16.82 22.51
N SER B 4198 31.26 17.51 23.24
CA SER B 4198 31.33 17.57 24.70
C SER B 4198 30.27 16.66 25.33
N GLU B 4199 30.61 16.15 26.52
CA GLU B 4199 29.75 15.19 27.19
C GLU B 4199 28.42 15.83 27.60
N THR B 4200 28.45 17.10 28.02
CA THR B 4200 27.21 17.78 28.38
C THR B 4200 26.27 17.88 27.18
N ASN B 4201 26.82 18.24 26.02
CA ASN B 4201 25.99 18.33 24.82
C ASN B 4201 25.47 16.97 24.40
N ARG B 4202 26.31 15.93 24.51
CA ARG B 4202 25.85 14.59 24.19
C ARG B 4202 24.70 14.16 25.10
N ALA B 4203 24.81 14.44 26.39
CA ALA B 4203 23.74 14.10 27.32
C ALA B 4203 22.47 14.89 27.03
N GLN B 4204 22.60 16.19 26.75
CA GLN B 4204 21.44 16.99 26.42
C GLN B 4204 20.78 16.57 25.11
N TRP B 4205 21.55 16.02 24.18
CA TRP B 4205 20.98 15.46 22.96
C TRP B 4205 20.32 14.11 23.17
N GLU B 4206 20.87 13.29 24.07
CA GLU B 4206 20.26 12.00 24.41
C GLU B 4206 19.08 12.14 25.37
N MET B 4207 18.85 13.34 25.91
CA MET B 4207 17.72 13.55 26.79
C MET B 4207 16.39 13.19 26.09
N PRO B 4208 15.45 12.59 26.82
CA PRO B 4208 14.21 12.10 26.18
C PRO B 4208 13.37 13.17 25.52
N GLN B 4209 13.28 14.37 26.10
CA GLN B 4209 12.49 15.42 25.46
C GLN B 4209 13.12 15.87 24.15
N VAL B 4210 14.45 15.97 24.12
CA VAL B 4210 15.13 16.31 22.87
C VAL B 4210 14.96 15.19 21.84
N LYS B 4211 14.97 13.94 22.29
CA LYS B 4211 14.71 12.83 21.38
C LYS B 4211 13.31 12.91 20.79
N GLU B 4212 12.32 13.25 21.63
CA GLU B 4212 10.95 13.38 21.13
C GLU B 4212 10.83 14.53 20.15
N SER B 4213 11.50 15.66 20.42
CA SER B 4213 11.49 16.76 19.48
C SER B 4213 12.14 16.37 18.16
N LYS B 4214 13.25 15.62 18.22
CA LYS B 4214 13.88 15.11 17.01
C LYS B 4214 12.93 14.23 16.21
N ARG B 4215 12.23 13.31 16.89
CA ARG B 4215 11.30 12.43 16.20
C ARG B 4215 10.18 13.22 15.55
N GLN B 4216 9.65 14.22 16.26
CA GLN B 4216 8.59 15.06 15.69
C GLN B 4216 9.08 15.81 14.46
N PHE B 4217 10.28 16.40 14.54
CA PHE B 4217 10.83 17.13 13.40
C PHE B 4217 11.04 16.20 12.20
N ILE B 4218 11.60 15.01 12.45
CA ILE B 4218 11.84 14.07 11.36
C ILE B 4218 10.52 13.67 10.71
N PHE B 4219 9.51 13.37 11.53
CA PHE B 4219 8.20 13.02 10.98
C PHE B 4219 7.65 14.15 10.12
N ASP B 4220 7.67 15.38 10.64
CA ASP B 4220 7.10 16.50 9.90
C ASP B 4220 7.82 16.73 8.59
N VAL B 4221 9.16 16.72 8.61
CA VAL B 4221 9.90 17.03 7.39
C VAL B 4221 9.73 15.93 6.36
N VAL B 4222 9.78 14.67 6.79
CA VAL B 4222 9.62 13.56 5.84
C VAL B 4222 8.21 13.56 5.28
N ASN B 4223 7.21 13.92 6.10
CA ASN B 4223 5.83 13.86 5.63
C ASN B 4223 5.52 14.99 4.66
N GLU B 4224 5.70 16.25 5.07
CA GLU B 4224 5.30 17.35 4.20
C GLU B 4224 6.43 18.26 3.73
N GLY B 4225 7.58 18.25 4.40
CA GLY B 4225 8.68 19.12 4.00
C GLY B 4225 9.27 18.66 2.68
N GLY B 4226 9.40 19.62 1.74
CA GLY B 4226 9.96 19.31 0.45
C GLY B 4226 11.47 19.20 0.48
N GLU B 4227 12.02 18.69 -0.62
CA GLU B 4227 13.46 18.48 -0.70
C GLU B 4227 14.23 19.78 -0.87
N ALA B 4228 13.63 20.79 -1.50
CA ALA B 4228 14.32 22.04 -1.73
C ALA B 4228 14.58 22.78 -0.42
N GLU B 4229 13.60 22.81 0.48
CA GLU B 4229 13.72 23.50 1.75
C GLU B 4229 14.02 22.55 2.91
N LYS B 4230 14.29 21.28 2.61
CA LYS B 4230 14.50 20.30 3.68
C LYS B 4230 15.67 20.69 4.57
N MET B 4231 16.79 21.09 3.97
CA MET B 4231 17.96 21.35 4.79
C MET B 4231 17.86 22.69 5.49
N GLU B 4232 17.10 23.63 4.93
CA GLU B 4232 16.78 24.85 5.65
C GLU B 4232 15.98 24.53 6.91
N LEU B 4233 14.97 23.67 6.78
CA LEU B 4233 14.20 23.25 7.95
C LEU B 4233 15.09 22.50 8.94
N PHE B 4234 16.01 21.68 8.44
CA PHE B 4234 16.93 20.97 9.32
C PHE B 4234 17.82 21.92 10.11
N VAL B 4235 18.34 22.95 9.45
CA VAL B 4235 19.20 23.91 10.13
C VAL B 4235 18.39 24.71 11.16
N SER B 4236 17.15 25.07 10.82
CA SER B 4236 16.31 25.77 11.79
C SER B 4236 16.05 24.88 13.01
N PHE B 4237 15.76 23.60 12.79
CA PHE B 4237 15.55 22.67 13.89
C PHE B 4237 16.82 22.53 14.73
N CYS B 4238 17.98 22.49 14.08
CA CYS B 4238 19.24 22.42 14.82
C CYS B 4238 19.43 23.63 15.71
N GLU B 4239 19.14 24.83 15.19
CA GLU B 4239 19.26 26.04 16.00
C GLU B 4239 18.29 26.01 17.18
N ASP B 4240 17.05 25.57 16.94
CA ASP B 4240 16.08 25.48 18.02
C ASP B 4240 16.55 24.50 19.10
N THR B 4241 17.08 23.34 18.67
CA THR B 4241 17.59 22.36 19.63
C THR B 4241 18.76 22.92 20.41
N ILE B 4242 19.66 23.64 19.74
CA ILE B 4242 20.81 24.23 20.43
C ILE B 4242 20.33 25.21 21.50
N PHE B 4243 19.36 26.04 21.17
CA PHE B 4243 18.84 26.98 22.17
C PHE B 4243 18.17 26.24 23.31
N GLU B 4244 17.43 25.15 23.02
CA GLU B 4244 16.80 24.37 24.07
C GLU B 4244 17.83 23.79 25.04
N MET B 4245 18.91 23.21 24.50
CA MET B 4245 19.93 22.65 25.38
C MET B 4245 20.68 23.75 26.15
N GLN B 4246 20.85 24.93 25.55
CA GLN B 4246 21.43 26.04 26.29
C GLN B 4246 20.55 26.44 27.48
N ILE B 4247 19.25 26.52 27.26
CA ILE B 4247 18.33 26.85 28.36
C ILE B 4247 18.36 25.76 29.42
N ALA B 4248 18.41 24.49 29.00
CA ALA B 4248 18.45 23.39 29.95
C ALA B 4248 19.73 23.44 30.78
N ALA B 4249 20.87 23.75 30.14
CA ALA B 4249 22.12 23.89 30.88
C ALA B 4249 22.06 25.06 31.85
N GLN B 4250 21.43 26.17 31.44
CA GLN B 4250 21.27 27.31 32.33
C GLN B 4250 20.44 26.95 33.56
N ILE B 4251 19.35 26.22 33.36
CA ILE B 4251 18.46 25.90 34.48
C ILE B 4251 18.92 24.70 35.28
N SER B 4252 19.89 23.94 34.79
CA SER B 4252 20.42 22.80 35.55
C SER B 4252 21.08 23.28 36.83
N GLU B 4253 20.79 22.60 37.93
CA GLU B 4253 21.30 22.98 39.24
C GLU B 4253 22.54 22.17 39.56
N PRO B 4254 23.72 22.80 39.75
CA PRO B 4254 24.95 22.10 40.08
C PRO B 4254 24.96 21.56 41.50
N GLU B 4543 21.24 38.23 47.74
CA GLU B 4543 20.35 37.87 48.82
C GLU B 4543 19.05 37.26 48.28
N LEU B 4544 18.02 38.10 48.16
CA LEU B 4544 16.75 37.63 47.61
C LEU B 4544 16.85 37.26 46.14
N GLU B 4545 17.83 37.79 45.42
CA GLU B 4545 18.01 37.44 44.01
C GLU B 4545 18.37 35.97 43.87
N VAL B 4546 19.20 35.44 44.78
CA VAL B 4546 19.54 34.02 44.74
C VAL B 4546 18.29 33.18 44.97
N GLN B 4547 17.44 33.58 45.91
CA GLN B 4547 16.20 32.84 46.15
C GLN B 4547 15.30 32.85 44.93
N ARG B 4548 15.18 34.01 44.26
CA ARG B 4548 14.34 34.10 43.07
C ARG B 4548 14.89 33.22 41.94
N VAL B 4549 16.21 33.25 41.72
CA VAL B 4549 16.80 32.46 40.65
C VAL B 4549 16.69 30.97 40.96
N LYS B 4550 16.94 30.59 42.21
CA LYS B 4550 16.85 29.18 42.58
C LYS B 4550 15.42 28.66 42.44
N PHE B 4551 14.44 29.45 42.87
CA PHE B 4551 13.05 29.01 42.79
C PHE B 4551 12.60 28.84 41.34
N LEU B 4552 12.97 29.80 40.47
CA LEU B 4552 12.57 29.70 39.07
C LEU B 4552 13.22 28.50 38.39
N ASN B 4553 14.46 28.19 38.74
CA ASN B 4553 15.11 27.00 38.19
C ASN B 4553 14.43 25.72 38.66
N TYR B 4554 13.95 25.70 39.91
CA TYR B 4554 13.25 24.53 40.41
C TYR B 4554 11.94 24.30 39.65
N LEU B 4555 11.20 25.37 39.37
CA LEU B 4555 9.95 25.23 38.63
C LEU B 4555 10.22 24.81 37.18
N SER B 4556 11.29 25.34 36.58
CA SER B 4556 11.62 24.98 35.21
C SER B 4556 11.99 23.50 35.09
N ARG B 4557 12.76 22.99 36.03
CA ARG B 4557 13.17 21.59 35.97
C ARG B 4557 12.00 20.65 36.24
N ASN B 4558 11.02 21.10 37.01
CA ASN B 4558 9.85 20.30 37.37
C ASN B 4558 8.56 20.87 36.80
N PHE B 4559 8.62 21.40 35.58
CA PHE B 4559 7.42 21.93 34.95
C PHE B 4559 6.46 20.81 34.57
N TYR B 4560 6.97 19.75 33.94
CA TYR B 4560 6.10 18.66 33.51
C TYR B 4560 5.59 17.85 34.69
N THR B 4561 6.36 17.79 35.78
CA THR B 4561 5.87 17.16 37.00
C THR B 4561 4.69 17.94 37.58
N LEU B 4562 4.79 19.27 37.60
CA LEU B 4562 3.70 20.09 38.12
C LEU B 4562 2.45 19.97 37.26
N ARG B 4563 2.63 19.92 35.94
CA ARG B 4563 1.48 19.76 35.04
C ARG B 4563 0.78 18.44 35.28
N PHE B 4564 1.55 17.37 35.49
CA PHE B 4564 0.94 16.09 35.85
C PHE B 4564 0.36 16.12 37.26
N LEU B 4565 1.00 16.87 38.17
CA LEU B 4565 0.44 17.02 39.51
C LEU B 4565 -0.91 17.72 39.47
N ALA B 4566 -1.05 18.74 38.62
CA ALA B 4566 -2.32 19.44 38.49
C ALA B 4566 -3.39 18.50 37.93
N LEU B 4567 -3.02 17.60 37.02
CA LEU B 4567 -3.97 16.65 36.48
C LEU B 4567 -4.49 15.70 37.56
N PHE B 4568 -3.60 15.24 38.44
CA PHE B 4568 -4.03 14.37 39.53
C PHE B 4568 -4.97 15.10 40.48
N LEU B 4569 -4.67 16.37 40.78
CA LEU B 4569 -5.53 17.14 41.67
C LEU B 4569 -6.88 17.41 41.04
N ALA B 4570 -6.95 17.43 39.70
CA ALA B 4570 -8.25 17.59 39.04
C ALA B 4570 -9.10 16.34 39.20
N PHE B 4571 -8.49 15.15 39.09
CA PHE B 4571 -9.23 13.91 39.29
C PHE B 4571 -9.65 13.76 40.75
N ALA B 4572 -8.77 14.09 41.69
CA ALA B 4572 -9.10 13.97 43.10
C ALA B 4572 -10.24 14.89 43.49
N ILE B 4573 -10.24 16.12 42.98
CA ILE B 4573 -11.33 17.05 43.26
C ILE B 4573 -12.62 16.56 42.65
N ASN B 4574 -12.58 16.11 41.39
CA ASN B 4574 -13.79 15.68 40.71
C ASN B 4574 -14.36 14.40 41.32
N PHE B 4575 -13.50 13.54 41.88
CA PHE B 4575 -14.01 12.36 42.57
C PHE B 4575 -14.84 12.75 43.79
N ILE B 4576 -14.37 13.74 44.55
CA ILE B 4576 -15.14 14.24 45.69
C ILE B 4576 -16.42 14.90 45.23
N LEU B 4577 -16.39 15.57 44.07
CA LEU B 4577 -17.58 16.24 43.54
C LEU B 4577 -18.70 15.26 43.21
N LEU B 4578 -18.42 13.97 43.11
CA LEU B 4578 -19.45 12.96 42.89
C LEU B 4578 -20.32 12.73 44.12
N PHE B 4579 -19.97 13.30 45.27
CA PHE B 4579 -20.71 13.10 46.50
C PHE B 4579 -21.63 14.27 46.84
N TYR B 4580 -21.76 15.24 45.95
CA TYR B 4580 -22.69 16.35 46.17
C TYR B 4580 -24.13 15.87 46.13
N LYS B 4581 -24.97 16.50 46.96
CA LYS B 4581 -26.40 16.24 46.99
C LYS B 4581 -27.12 17.58 47.04
N VAL B 4582 -28.34 17.60 46.53
CA VAL B 4582 -29.15 18.81 46.51
C VAL B 4582 -30.41 18.57 47.32
N SER B 4583 -30.80 19.57 48.10
CA SER B 4583 -32.00 19.48 48.93
C SER B 4583 -32.57 20.87 49.12
N ASP B 4584 -33.90 20.96 49.13
CA ASP B 4584 -34.56 22.25 49.33
C ASP B 4584 -34.29 22.80 50.73
N SER B 4585 -34.35 21.94 51.74
CA SER B 4585 -34.09 22.37 53.10
C SER B 4585 -32.59 22.45 53.37
N PRO B 4586 -32.16 23.37 54.25
CA PRO B 4586 -30.75 23.44 54.59
C PRO B 4586 -30.30 22.18 55.31
N PRO B 4587 -29.02 21.80 55.16
CA PRO B 4587 -28.49 20.60 55.82
C PRO B 4587 -28.31 20.80 57.33
N ASN B 4626 -37.64 28.89 48.19
CA ASN B 4626 -36.98 27.64 48.59
C ASN B 4626 -35.76 27.36 47.72
N MET B 4627 -34.83 28.31 47.69
CA MET B 4627 -33.61 28.13 46.94
C MET B 4627 -32.82 26.95 47.48
N VAL B 4628 -32.41 26.06 46.57
CA VAL B 4628 -31.92 24.74 46.96
C VAL B 4628 -30.50 24.84 47.51
N TYR B 4629 -30.09 23.82 48.26
CA TYR B 4629 -28.81 23.78 48.92
C TYR B 4629 -27.99 22.62 48.38
N TYR B 4630 -26.73 22.89 48.03
CA TYR B 4630 -25.80 21.87 47.58
C TYR B 4630 -24.82 21.56 48.71
N PHE B 4631 -24.62 20.27 48.97
CA PHE B 4631 -23.75 19.86 50.08
C PHE B 4631 -23.19 18.47 49.79
N LEU B 4632 -22.08 18.16 50.45
CA LEU B 4632 -21.47 16.84 50.33
C LEU B 4632 -22.14 15.87 51.29
N GLU B 4633 -22.45 14.68 50.80
CA GLU B 4633 -23.11 13.65 51.61
C GLU B 4633 -22.17 12.45 51.69
N GLU B 4634 -21.29 12.47 52.70
CA GLU B 4634 -20.35 11.39 52.94
C GLU B 4634 -20.15 11.23 54.44
N SER B 4635 -20.10 9.97 54.89
CA SER B 4635 -20.12 9.66 56.31
C SER B 4635 -18.79 9.92 57.01
N THR B 4636 -17.67 9.84 56.28
CA THR B 4636 -16.36 9.95 56.92
C THR B 4636 -16.16 11.30 57.58
N GLY B 4637 -16.59 12.38 56.92
CA GLY B 4637 -16.48 13.70 57.47
C GLY B 4637 -15.18 14.43 57.17
N TYR B 4638 -14.28 13.82 56.40
CA TYR B 4638 -13.01 14.44 56.05
C TYR B 4638 -12.95 14.95 54.62
N MET B 4639 -13.93 14.58 53.79
CA MET B 4639 -13.84 14.87 52.36
C MET B 4639 -14.08 16.34 52.07
N GLU B 4640 -14.88 17.03 52.89
CA GLU B 4640 -15.04 18.47 52.69
C GLU B 4640 -13.75 19.23 52.96
N PRO B 4641 -13.06 19.05 54.10
CA PRO B 4641 -11.74 19.69 54.24
C PRO B 4641 -10.74 19.22 53.20
N ALA B 4642 -10.80 17.94 52.80
CA ALA B 4642 -9.93 17.46 51.75
C ALA B 4642 -10.17 18.22 50.44
N LEU B 4643 -11.44 18.46 50.10
CA LEU B 4643 -11.78 19.18 48.89
C LEU B 4643 -11.29 20.63 48.96
N TRP B 4644 -11.46 21.27 50.13
CA TRP B 4644 -10.98 22.65 50.27
C TRP B 4644 -9.47 22.73 50.08
N CYS B 4645 -8.73 21.84 50.75
CA CYS B 4645 -7.28 21.84 50.63
C CYS B 4645 -6.85 21.51 49.20
N LEU B 4646 -7.53 20.56 48.56
CA LEU B 4646 -7.18 20.19 47.19
C LEU B 4646 -7.46 21.33 46.22
N SER B 4647 -8.53 22.08 46.43
CA SER B 4647 -8.81 23.22 45.55
C SER B 4647 -7.76 24.31 45.71
N LEU B 4648 -7.38 24.62 46.96
CA LEU B 4648 -6.31 25.60 47.16
C LEU B 4648 -5.01 25.13 46.53
N LEU B 4649 -4.67 23.85 46.70
CA LEU B 4649 -3.45 23.31 46.13
C LEU B 4649 -3.49 23.33 44.62
N HIS B 4650 -4.67 23.06 44.03
CA HIS B 4650 -4.79 23.09 42.57
C HIS B 4650 -4.58 24.49 42.03
N THR B 4651 -5.15 25.50 42.69
CA THR B 4651 -4.91 26.87 42.26
C THR B 4651 -3.43 27.23 42.36
N LEU B 4652 -2.79 26.83 43.47
CA LEU B 4652 -1.37 27.11 43.64
C LEU B 4652 -0.54 26.42 42.55
N VAL B 4653 -0.87 25.17 42.23
CA VAL B 4653 -0.13 24.43 41.21
C VAL B 4653 -0.35 25.03 39.83
N ALA B 4654 -1.55 25.53 39.56
CA ALA B 4654 -1.78 26.21 38.28
C ALA B 4654 -0.92 27.46 38.16
N PHE B 4655 -0.84 28.24 39.23
CA PHE B 4655 0.02 29.42 39.21
C PHE B 4655 1.49 29.03 39.01
N LEU B 4656 1.93 27.99 39.72
CA LEU B 4656 3.31 27.52 39.56
C LEU B 4656 3.56 27.02 38.14
N CYS B 4657 2.56 26.39 37.52
CA CYS B 4657 2.71 25.92 36.15
C CYS B 4657 2.85 27.09 35.19
N ILE B 4658 2.08 28.16 35.39
CA ILE B 4658 2.24 29.34 34.54
C ILE B 4658 3.65 29.91 34.69
N ILE B 4659 4.13 30.02 35.94
CA ILE B 4659 5.45 30.59 36.17
C ILE B 4659 6.53 29.70 35.53
N GLY B 4660 6.41 28.38 35.68
CA GLY B 4660 7.38 27.48 35.10
C GLY B 4660 7.39 27.52 33.59
N TYR B 4661 6.20 27.60 32.97
CA TYR B 4661 6.13 27.74 31.52
C TYR B 4661 6.80 29.03 31.08
N ASN B 4662 6.52 30.14 31.78
CA ASN B 4662 7.13 31.41 31.42
C ASN B 4662 8.65 31.33 31.52
N CYS B 4663 9.16 30.62 32.52
CA CYS B 4663 10.61 30.48 32.67
C CYS B 4663 11.23 29.53 31.65
N LEU B 4664 10.49 28.52 31.21
CA LEU B 4664 11.07 27.43 30.42
C LEU B 4664 10.82 27.58 28.92
N LYS B 4665 9.55 27.67 28.51
CA LYS B 4665 9.21 27.56 27.08
C LYS B 4665 9.07 28.90 26.38
N VAL B 4666 8.77 29.97 27.10
CA VAL B 4666 8.69 31.29 26.47
C VAL B 4666 10.01 31.71 25.83
N PRO B 4667 11.18 31.48 26.45
CA PRO B 4667 12.43 31.87 25.77
C PRO B 4667 12.59 31.28 24.39
N LEU B 4668 12.17 30.03 24.17
CA LEU B 4668 12.26 29.43 22.84
C LEU B 4668 11.37 30.15 21.85
N VAL B 4669 10.15 30.51 22.26
CA VAL B 4669 9.24 31.23 21.36
C VAL B 4669 9.81 32.59 21.00
N ILE B 4670 10.34 33.30 22.00
CA ILE B 4670 10.95 34.61 21.73
C ILE B 4670 12.15 34.47 20.81
N PHE B 4671 12.96 33.44 21.03
CA PHE B 4671 14.12 33.20 20.19
C PHE B 4671 13.72 32.94 18.75
N LYS B 4672 12.70 32.09 18.55
CA LYS B 4672 12.24 31.81 17.18
C LYS B 4672 11.68 33.05 16.52
N ARG B 4673 10.90 33.85 17.25
CA ARG B 4673 10.34 35.07 16.68
C ARG B 4673 11.44 36.04 16.27
N GLU B 4674 12.44 36.24 17.15
CA GLU B 4674 13.54 37.14 16.84
C GLU B 4674 14.36 36.63 15.66
N LYS B 4675 14.59 35.31 15.61
CA LYS B 4675 15.35 34.74 14.51
C LYS B 4675 14.64 34.95 13.17
N GLU B 4676 13.33 34.70 13.14
CA GLU B 4676 12.57 34.90 11.91
C GLU B 4676 12.56 36.37 11.51
N LEU B 4677 12.40 37.27 12.49
CA LEU B 4677 12.40 38.70 12.18
C LEU B 4677 13.75 39.15 11.64
N ALA B 4678 14.85 38.67 12.24
CA ALA B 4678 16.17 39.05 11.75
C ALA B 4678 16.42 38.52 10.35
N ARG B 4679 15.99 37.28 10.08
CA ARG B 4679 16.14 36.73 8.74
C ARG B 4679 15.34 37.55 7.73
N LYS B 4680 14.12 37.94 8.09
CA LYS B 4680 13.31 38.74 7.18
C LYS B 4680 13.92 40.12 6.95
N LEU B 4681 14.50 40.71 8.00
CA LEU B 4681 15.14 42.01 7.84
C LEU B 4681 16.35 41.93 6.91
N GLU B 4682 17.20 40.91 7.10
CA GLU B 4682 18.46 40.86 6.37
C GLU B 4682 18.28 40.28 4.98
N PHE B 4683 17.82 39.03 4.89
CA PHE B 4683 17.80 38.30 3.64
C PHE B 4683 16.53 38.51 2.83
N ASP B 4684 15.60 39.33 3.31
CA ASP B 4684 14.38 39.62 2.57
C ASP B 4684 14.08 41.11 2.45
N GLY B 4685 14.52 41.95 3.39
CA GLY B 4685 14.22 43.36 3.34
C GLY B 4685 12.74 43.64 3.47
N LEU B 4686 12.09 42.99 4.43
CA LEU B 4686 10.65 43.13 4.59
C LEU B 4686 10.26 44.57 4.90
N TYR B 4687 10.70 45.08 6.04
CA TYR B 4687 10.40 46.47 6.41
C TYR B 4687 11.23 47.47 5.63
N ILE B 4688 12.39 47.04 5.10
CA ILE B 4688 13.23 47.96 4.34
C ILE B 4688 12.58 48.31 3.00
N THR B 4689 12.01 47.32 2.32
CA THR B 4689 11.49 47.51 0.98
C THR B 4689 9.99 47.27 0.88
N GLU B 4690 9.50 46.14 1.36
CA GLU B 4690 8.13 45.70 1.09
C GLU B 4690 7.14 46.16 2.15
N GLN B 4691 7.34 45.74 3.41
CA GLN B 4691 6.47 46.02 4.55
C GLN B 4691 5.13 45.29 4.40
N PRO B 4692 4.53 44.85 5.51
CA PRO B 4692 3.24 44.15 5.42
C PRO B 4692 2.09 45.07 5.04
N GLY B 4693 0.89 44.51 4.92
CA GLY B 4693 -0.28 45.28 4.51
C GLY B 4693 -1.45 45.11 5.44
N ASP B 4694 -1.18 45.05 6.74
CA ASP B 4694 -2.17 44.92 7.81
C ASP B 4694 -2.79 43.53 7.84
N ASP B 4695 -2.47 42.71 6.84
CA ASP B 4695 -2.85 41.30 6.90
C ASP B 4695 -1.94 40.53 7.83
N ASP B 4696 -0.66 40.90 7.89
CA ASP B 4696 0.31 40.25 8.79
C ASP B 4696 0.32 41.01 10.12
N VAL B 4697 -0.59 40.60 11.01
CA VAL B 4697 -0.62 41.17 12.35
C VAL B 4697 0.68 40.87 13.08
N LYS B 4698 1.30 39.73 12.78
CA LYS B 4698 2.60 39.42 13.37
C LYS B 4698 3.64 40.46 12.98
N GLY B 4699 3.69 40.81 11.69
CA GLY B 4699 4.63 41.84 11.26
C GLY B 4699 4.29 43.22 11.80
N GLN B 4700 3.01 43.55 11.87
CA GLN B 4700 2.60 44.83 12.43
C GLN B 4700 3.03 44.96 13.88
N TRP B 4701 2.90 43.88 14.66
CA TRP B 4701 3.36 43.90 16.03
C TRP B 4701 4.88 43.92 16.11
N ASP B 4702 5.56 43.18 15.22
CA ASP B 4702 7.01 43.16 15.21
C ASP B 4702 7.62 44.50 14.80
N ARG B 4703 6.83 45.39 14.19
CA ARG B 4703 7.32 46.73 13.90
C ARG B 4703 7.86 47.42 15.14
N LEU B 4704 7.30 47.13 16.31
CA LEU B 4704 7.67 47.84 17.53
C LEU B 4704 9.12 47.59 17.93
N VAL B 4705 9.58 46.34 17.82
CA VAL B 4705 10.87 45.96 18.38
C VAL B 4705 12.06 46.43 17.55
N LEU B 4706 11.83 46.88 16.30
CA LEU B 4706 12.96 47.23 15.44
C LEU B 4706 13.78 48.38 16.02
N ASN B 4707 13.11 49.41 16.53
CA ASN B 4707 13.80 50.56 17.10
C ASN B 4707 14.39 50.29 18.48
N THR B 4708 14.00 49.20 19.12
CA THR B 4708 14.46 48.93 20.48
C THR B 4708 15.95 48.68 20.52
N PRO B 4709 16.67 49.20 21.51
CA PRO B 4709 18.11 48.97 21.60
C PRO B 4709 18.49 47.51 21.81
N SER B 4710 17.58 46.70 22.35
CA SER B 4710 17.86 45.31 22.70
C SER B 4710 17.02 44.36 21.87
N PHE B 4711 16.92 44.61 20.57
CA PHE B 4711 16.13 43.71 19.71
C PHE B 4711 16.66 42.28 19.73
N PRO B 4712 17.96 42.00 19.49
CA PRO B 4712 18.43 40.62 19.66
C PRO B 4712 18.80 40.34 21.11
N SER B 4713 17.96 39.55 21.78
CA SER B 4713 18.22 39.15 23.16
C SER B 4713 18.38 37.65 23.30
N ASN B 4714 17.43 36.86 22.79
CA ASN B 4714 17.57 35.41 22.81
C ASN B 4714 18.38 34.90 21.62
N TYR B 4715 18.25 35.54 20.46
CA TYR B 4715 19.00 35.13 19.28
C TYR B 4715 20.48 35.42 19.47
N TRP B 4716 21.31 34.49 18.98
CA TRP B 4716 22.75 34.59 19.19
C TRP B 4716 23.35 35.76 18.43
N ASP B 4717 22.91 35.98 17.19
CA ASP B 4717 23.53 36.97 16.30
C ASP B 4717 23.25 38.37 16.82
N LYS B 4718 24.24 38.99 17.45
CA LYS B 4718 24.12 40.37 17.93
C LYS B 4718 24.54 41.39 16.87
N PHE B 4719 25.07 40.95 15.73
CA PHE B 4719 25.51 41.83 14.67
C PHE B 4719 24.48 41.97 13.56
N VAL B 4720 23.23 41.55 13.80
CA VAL B 4720 22.23 41.54 12.73
C VAL B 4720 21.94 42.96 12.26
N LYS B 4721 21.86 43.91 13.19
CA LYS B 4721 21.59 45.30 12.80
C LYS B 4721 22.70 45.85 11.93
N ARG B 4722 23.96 45.60 12.30
CA ARG B 4722 25.08 46.05 11.50
C ARG B 4722 25.08 45.39 10.12
N LYS B 4723 24.77 44.09 10.07
CA LYS B 4723 24.75 43.37 8.80
C LYS B 4723 23.68 43.92 7.86
N VAL B 4724 22.46 44.13 8.38
CA VAL B 4724 21.40 44.64 7.51
C VAL B 4724 21.67 46.08 7.13
N LEU B 4725 22.27 46.86 8.03
CA LEU B 4725 22.68 48.22 7.68
C LEU B 4725 23.67 48.22 6.53
N ASP B 4726 24.71 47.39 6.62
CA ASP B 4726 25.69 47.32 5.54
C ASP B 4726 25.07 46.80 4.25
N LYS B 4727 24.11 45.90 4.34
CA LYS B 4727 23.52 45.32 3.15
C LYS B 4727 22.54 46.26 2.45
N HIS B 4728 21.85 47.12 3.19
CA HIS B 4728 20.78 47.92 2.62
C HIS B 4728 21.04 49.43 2.67
N GLY B 4729 22.19 49.88 3.16
CA GLY B 4729 22.44 51.31 3.23
C GLY B 4729 22.49 51.96 1.86
N ASP B 4730 23.29 51.40 0.95
CA ASP B 4730 23.46 52.02 -0.36
C ASP B 4730 22.14 52.12 -1.13
N ILE B 4731 21.19 51.24 -0.81
CA ILE B 4731 19.96 51.19 -1.59
C ILE B 4731 18.86 52.01 -0.92
N PHE B 4732 18.82 52.07 0.41
CA PHE B 4732 17.69 52.67 1.10
C PHE B 4732 18.08 53.84 2.00
N GLY B 4733 19.30 54.36 1.90
CA GLY B 4733 19.66 55.51 2.72
C GLY B 4733 20.23 55.06 4.06
N ARG B 4734 21.49 55.38 4.32
CA ARG B 4734 22.10 54.99 5.60
C ARG B 4734 21.39 55.67 6.76
N GLU B 4735 21.05 56.95 6.61
CA GLU B 4735 20.33 57.67 7.66
C GLU B 4735 18.95 57.07 7.91
N ARG B 4736 18.24 56.70 6.83
CA ARG B 4736 16.93 56.09 6.98
C ARG B 4736 17.04 54.74 7.70
N ILE B 4737 18.04 53.93 7.32
CA ILE B 4737 18.21 52.63 7.97
C ILE B 4737 18.55 52.81 9.44
N ALA B 4738 19.42 53.78 9.75
CA ALA B 4738 19.78 54.04 11.14
C ALA B 4738 18.56 54.48 11.95
N GLU B 4739 17.72 55.33 11.38
CA GLU B 4739 16.51 55.75 12.07
C GLU B 4739 15.57 54.58 12.29
N LEU B 4740 15.40 53.72 11.28
CA LEU B 4740 14.50 52.59 11.41
C LEU B 4740 15.00 51.60 12.47
N LEU B 4741 16.31 51.39 12.53
CA LEU B 4741 16.89 50.41 13.44
C LEU B 4741 17.31 51.00 14.78
N GLY B 4742 17.08 52.28 15.00
CA GLY B 4742 17.35 52.88 16.30
C GLY B 4742 18.80 52.88 16.73
N MET B 4743 19.71 53.17 15.81
CA MET B 4743 21.14 53.27 16.12
C MET B 4743 21.71 54.50 15.43
N ASP B 4744 22.79 55.04 16.00
CA ASP B 4744 23.40 56.25 15.51
C ASP B 4744 24.80 55.96 14.96
N LEU B 4745 25.11 56.50 13.79
CA LEU B 4745 26.42 56.28 13.18
C LEU B 4745 27.52 57.06 13.89
N ALA B 4746 27.18 58.21 14.50
CA ALA B 4746 28.18 59.05 15.12
C ALA B 4746 28.83 58.42 16.34
N SER B 4747 28.22 57.38 16.91
CA SER B 4747 28.78 56.73 18.09
C SER B 4747 29.85 55.70 17.74
N LEU B 4748 30.01 55.38 16.47
CA LEU B 4748 30.94 54.35 16.04
C LEU B 4748 32.30 54.89 15.62
N GLU B 4749 32.54 56.20 15.76
CA GLU B 4749 33.82 56.75 15.33
C GLU B 4749 34.94 56.42 16.30
N ILE B 4750 34.60 55.88 17.48
CA ILE B 4750 35.50 54.97 18.19
C ILE B 4750 34.74 53.67 18.48
N ASP B 4772 14.04 48.46 28.81
CA ASP B 4772 13.51 48.62 27.46
C ASP B 4772 12.00 48.37 27.46
N VAL B 4773 11.24 49.44 27.68
CA VAL B 4773 9.79 49.31 27.84
C VAL B 4773 9.14 48.83 26.56
N LYS B 4774 9.57 49.34 25.41
CA LYS B 4774 9.00 48.92 24.13
C LYS B 4774 9.29 47.45 23.86
N TYR B 4775 10.51 47.00 24.15
CA TYR B 4775 10.84 45.59 23.98
C TYR B 4775 10.01 44.73 24.91
N GLN B 4776 9.79 45.19 26.15
CA GLN B 4776 8.95 44.43 27.08
C GLN B 4776 7.51 44.33 26.58
N ILE B 4777 6.99 45.43 26.02
CA ILE B 4777 5.63 45.40 25.49
C ILE B 4777 5.53 44.42 24.33
N TRP B 4778 6.51 44.44 23.42
CA TRP B 4778 6.50 43.50 22.30
C TRP B 4778 6.60 42.06 22.78
N LYS B 4779 7.49 41.81 23.75
CA LYS B 4779 7.65 40.47 24.29
C LYS B 4779 6.37 39.98 24.93
N PHE B 4780 5.70 40.83 25.71
CA PHE B 4780 4.46 40.43 26.35
C PHE B 4780 3.34 40.23 25.33
N GLY B 4781 3.35 41.00 24.24
CA GLY B 4781 2.39 40.74 23.17
C GLY B 4781 2.58 39.38 22.55
N VAL B 4782 3.84 39.01 22.28
CA VAL B 4782 4.12 37.67 21.74
C VAL B 4782 3.71 36.60 22.75
N ILE B 4783 3.99 36.82 24.03
CA ILE B 4783 3.65 35.84 25.05
C ILE B 4783 2.14 35.64 25.11
N PHE B 4784 1.37 36.74 25.11
CA PHE B 4784 -0.08 36.63 25.18
C PHE B 4784 -0.68 36.12 23.87
N THR B 4785 0.04 36.22 22.77
CA THR B 4785 -0.37 35.54 21.54
C THR B 4785 -0.08 34.04 21.58
N ASP B 4786 0.92 33.61 22.37
CA ASP B 4786 1.28 32.21 22.42
C ASP B 4786 0.11 31.34 22.87
N ASN B 4787 -0.14 30.26 22.11
CA ASN B 4787 -1.30 29.41 22.35
C ASN B 4787 -1.19 28.63 23.66
N SER B 4788 -0.01 28.08 23.94
CA SER B 4788 0.16 27.33 25.19
C SER B 4788 0.02 28.23 26.41
N PHE B 4789 0.56 29.45 26.32
CA PHE B 4789 0.39 30.39 27.42
C PHE B 4789 -1.08 30.77 27.59
N LEU B 4790 -1.81 30.94 26.49
CA LEU B 4790 -3.24 31.22 26.58
C LEU B 4790 -3.98 30.05 27.23
N TYR B 4791 -3.60 28.82 26.87
CA TYR B 4791 -4.24 27.65 27.48
C TYR B 4791 -3.98 27.59 28.97
N LEU B 4792 -2.74 27.87 29.39
CA LEU B 4792 -2.42 27.83 30.81
C LEU B 4792 -3.14 28.96 31.56
N GLY B 4793 -3.28 30.11 30.92
CA GLY B 4793 -4.06 31.19 31.53
C GLY B 4793 -5.52 30.81 31.70
N TRP B 4794 -6.09 30.14 30.70
CA TRP B 4794 -7.46 29.63 30.83
C TRP B 4794 -7.57 28.61 31.95
N TYR B 4795 -6.57 27.73 32.06
CA TYR B 4795 -6.54 26.77 33.15
C TYR B 4795 -6.57 27.47 34.51
N MET B 4796 -5.73 28.50 34.67
CA MET B 4796 -5.69 29.24 35.93
C MET B 4796 -7.00 29.97 36.19
N VAL B 4797 -7.59 30.55 35.15
CA VAL B 4797 -8.85 31.28 35.33
C VAL B 4797 -9.95 30.33 35.78
N MET B 4798 -10.02 29.14 35.17
CA MET B 4798 -11.05 28.19 35.57
C MET B 4798 -10.78 27.65 36.97
N SER B 4799 -9.51 27.47 37.33
CA SER B 4799 -9.19 27.07 38.70
C SER B 4799 -9.62 28.14 39.70
N LEU B 4800 -9.45 29.41 39.35
CA LEU B 4800 -9.92 30.50 40.21
C LEU B 4800 -11.43 30.50 40.32
N LEU B 4801 -12.13 30.27 39.20
CA LEU B 4801 -13.59 30.17 39.24
C LEU B 4801 -14.05 28.94 40.03
N GLY B 4802 -13.18 27.95 40.20
CA GLY B 4802 -13.51 26.82 41.05
C GLY B 4802 -13.81 27.20 42.49
N HIS B 4803 -13.11 28.19 43.03
CA HIS B 4803 -13.41 28.64 44.38
C HIS B 4803 -14.76 29.34 44.47
N TYR B 4804 -15.20 29.97 43.37
CA TYR B 4804 -16.55 30.50 43.33
C TYR B 4804 -17.59 29.40 43.23
N ASN B 4805 -17.35 28.41 42.37
CA ASN B 4805 -18.27 27.28 42.20
C ASN B 4805 -17.46 26.03 41.88
N ASN B 4806 -17.19 25.23 42.91
CA ASN B 4806 -16.44 23.98 42.81
C ASN B 4806 -16.74 23.16 41.56
N PHE B 4807 -17.96 23.22 41.05
CA PHE B 4807 -18.27 22.47 39.83
C PHE B 4807 -17.56 23.02 38.60
N PHE B 4808 -16.95 24.19 38.69
CA PHE B 4808 -16.10 24.68 37.61
C PHE B 4808 -14.78 23.92 37.50
N PHE B 4809 -14.44 23.10 38.49
CA PHE B 4809 -13.25 22.26 38.39
C PHE B 4809 -13.43 21.11 37.42
N ALA B 4810 -14.65 20.87 36.94
CA ALA B 4810 -14.87 19.82 35.95
C ALA B 4810 -14.26 20.16 34.60
N ALA B 4811 -14.06 21.45 34.31
CA ALA B 4811 -13.45 21.85 33.05
C ALA B 4811 -11.97 21.52 32.98
N HIS B 4812 -11.36 21.15 34.10
CA HIS B 4812 -9.97 20.72 34.10
C HIS B 4812 -9.79 19.25 33.76
N LEU B 4813 -10.90 18.49 33.66
CA LEU B 4813 -10.83 17.14 33.15
C LEU B 4813 -10.64 17.10 31.65
N LEU B 4814 -10.92 18.19 30.95
CA LEU B 4814 -10.59 18.30 29.54
C LEU B 4814 -9.10 18.34 29.29
N ASP B 4815 -8.29 18.57 30.32
CA ASP B 4815 -6.84 18.57 30.20
C ASP B 4815 -6.27 17.19 29.92
N ILE B 4816 -7.06 16.13 30.08
CA ILE B 4816 -6.56 14.80 29.80
C ILE B 4816 -6.23 14.64 28.32
N ALA B 4817 -7.00 15.28 27.45
CA ALA B 4817 -6.73 15.18 26.02
C ALA B 4817 -5.37 15.76 25.67
N MET B 4818 -5.02 16.91 26.26
CA MET B 4818 -3.73 17.53 25.99
C MET B 4818 -2.60 16.91 26.80
N GLY B 4819 -2.94 16.17 27.86
CA GLY B 4819 -1.92 15.55 28.69
C GLY B 4819 -1.49 14.17 28.22
N VAL B 4820 -2.45 13.31 27.94
CA VAL B 4820 -2.16 11.92 27.59
C VAL B 4820 -1.85 11.84 26.10
N LYS B 4821 -0.67 11.31 25.76
CA LYS B 4821 -0.31 11.14 24.36
C LYS B 4821 -1.24 10.16 23.67
N THR B 4822 -1.68 9.12 24.38
CA THR B 4822 -2.62 8.16 23.81
C THR B 4822 -3.95 8.83 23.46
N LEU B 4823 -4.47 9.66 24.36
CA LEU B 4823 -5.69 10.40 24.07
C LEU B 4823 -5.50 11.37 22.92
N ARG B 4824 -4.35 12.04 22.88
CA ARG B 4824 -4.10 12.97 21.78
C ARG B 4824 -4.07 12.24 20.44
N THR B 4825 -3.43 11.08 20.39
CA THR B 4825 -3.42 10.30 19.16
C THR B 4825 -4.81 9.79 18.78
N ILE B 4826 -5.59 9.37 19.78
CA ILE B 4826 -6.94 8.88 19.50
C ILE B 4826 -7.81 9.99 18.95
N LEU B 4827 -7.75 11.18 19.57
CA LEU B 4827 -8.54 12.31 19.10
C LEU B 4827 -7.99 12.90 17.81
N SER B 4828 -6.74 12.58 17.45
CA SER B 4828 -6.25 12.96 16.13
C SER B 4828 -7.08 12.34 15.01
N SER B 4829 -7.66 11.15 15.26
CA SER B 4829 -8.54 10.56 14.26
C SER B 4829 -9.77 11.41 14.03
N VAL B 4830 -10.34 11.97 15.10
CA VAL B 4830 -11.51 12.84 14.95
C VAL B 4830 -11.11 14.16 14.30
N THR B 4831 -9.96 14.72 14.70
CA THR B 4831 -9.57 16.04 14.21
C THR B 4831 -8.93 16.01 12.82
N HIS B 4832 -8.56 14.83 12.31
CA HIS B 4832 -7.95 14.76 11.00
C HIS B 4832 -8.93 15.17 9.91
N ASN B 4833 -10.18 14.75 10.02
CA ASN B 4833 -11.23 15.07 9.06
C ASN B 4833 -12.34 15.87 9.71
N GLY B 4834 -11.97 16.79 10.61
CA GLY B 4834 -12.97 17.58 11.32
C GLY B 4834 -13.73 18.51 10.40
N LYS B 4835 -13.03 19.10 9.41
CA LYS B 4835 -13.70 19.96 8.45
C LYS B 4835 -14.76 19.18 7.67
N GLN B 4836 -14.41 17.98 7.21
CA GLN B 4836 -15.38 17.16 6.50
C GLN B 4836 -16.50 16.70 7.42
N LEU B 4837 -16.21 16.44 8.69
CA LEU B 4837 -17.26 16.05 9.63
C LEU B 4837 -18.28 17.17 9.83
N VAL B 4838 -17.80 18.40 10.05
CA VAL B 4838 -18.75 19.50 10.23
C VAL B 4838 -19.47 19.80 8.92
N MET B 4839 -18.80 19.61 7.78
CA MET B 4839 -19.44 19.92 6.52
C MET B 4839 -20.53 18.90 6.19
N THR B 4840 -20.31 17.63 6.54
CA THR B 4840 -21.34 16.63 6.35
C THR B 4840 -22.45 16.76 7.40
N VAL B 4841 -22.14 17.32 8.57
CA VAL B 4841 -23.22 17.67 9.50
C VAL B 4841 -24.11 18.75 8.90
N GLY B 4842 -23.50 19.76 8.26
CA GLY B 4842 -24.29 20.76 7.56
C GLY B 4842 -25.11 20.16 6.42
N LEU B 4843 -24.52 19.20 5.70
CA LEU B 4843 -25.27 18.49 4.65
C LEU B 4843 -26.46 17.75 5.25
N LEU B 4844 -26.27 17.10 6.39
CA LEU B 4844 -27.38 16.44 7.08
C LEU B 4844 -28.46 17.44 7.45
N ALA B 4845 -28.06 18.62 7.93
CA ALA B 4845 -29.04 19.65 8.26
C ALA B 4845 -29.84 20.07 7.03
N VAL B 4846 -29.17 20.23 5.89
CA VAL B 4846 -29.87 20.63 4.66
C VAL B 4846 -30.85 19.55 4.22
N VAL B 4847 -30.42 18.28 4.27
CA VAL B 4847 -31.29 17.18 3.85
C VAL B 4847 -32.51 17.09 4.75
N VAL B 4848 -32.30 17.21 6.06
CA VAL B 4848 -33.43 17.18 7.00
C VAL B 4848 -34.34 18.38 6.78
N TYR B 4849 -33.78 19.52 6.38
CA TYR B 4849 -34.62 20.68 6.05
C TYR B 4849 -35.50 20.39 4.84
N LEU B 4850 -34.94 19.72 3.83
CA LEU B 4850 -35.74 19.35 2.66
C LEU B 4850 -36.88 18.40 3.05
N TYR B 4851 -36.56 17.41 3.89
CA TYR B 4851 -37.60 16.52 4.39
C TYR B 4851 -38.66 17.28 5.19
N THR B 4852 -38.22 18.29 5.95
CA THR B 4852 -39.16 19.12 6.69
C THR B 4852 -40.07 19.90 5.75
N VAL B 4853 -39.51 20.42 4.65
CA VAL B 4853 -40.34 21.12 3.67
C VAL B 4853 -41.42 20.18 3.14
N VAL B 4854 -41.02 18.97 2.74
CA VAL B 4854 -41.98 18.02 2.18
C VAL B 4854 -43.04 17.66 3.21
N ALA B 4855 -42.62 17.42 4.46
CA ALA B 4855 -43.57 17.07 5.51
C ALA B 4855 -44.55 18.20 5.76
N PHE B 4856 -44.04 19.42 5.98
CA PHE B 4856 -44.90 20.55 6.26
C PHE B 4856 -45.85 20.85 5.11
N ASN B 4857 -45.48 20.48 3.88
CA ASN B 4857 -46.38 20.74 2.77
C ASN B 4857 -47.41 19.63 2.56
N PHE B 4858 -47.09 18.38 2.90
CA PHE B 4858 -48.01 17.31 2.53
C PHE B 4858 -48.50 16.43 3.68
N PHE B 4859 -47.68 16.14 4.67
CA PHE B 4859 -48.01 15.18 5.71
C PHE B 4859 -48.15 15.85 7.08
N ARG B 4860 -48.80 17.01 7.13
CA ARG B 4860 -48.98 17.70 8.40
C ARG B 4860 -49.87 16.93 9.36
N LYS B 4861 -50.84 16.18 8.83
CA LYS B 4861 -51.82 15.50 9.69
C LYS B 4861 -51.20 14.39 10.51
N PHE B 4862 -50.06 13.83 10.10
CA PHE B 4862 -49.43 12.72 10.80
C PHE B 4862 -48.54 13.17 11.94
N TYR B 4863 -48.41 14.47 12.18
CA TYR B 4863 -47.48 15.00 13.17
C TYR B 4863 -48.20 15.47 14.43
N ASN B 4864 -49.23 14.74 14.85
CA ASN B 4864 -49.95 15.03 16.07
C ASN B 4864 -49.39 14.14 17.18
N LYS B 4865 -48.67 14.75 18.13
CA LYS B 4865 -48.02 14.03 19.22
C LYS B 4865 -48.76 14.19 20.53
N SER B 4866 -50.09 14.22 20.50
CA SER B 4866 -50.91 14.40 21.69
C SER B 4866 -51.83 13.20 21.85
N GLU B 4867 -51.76 12.55 23.01
CA GLU B 4867 -52.72 11.48 23.31
C GLU B 4867 -54.10 12.04 23.61
N ASP B 4868 -54.15 13.24 24.21
CA ASP B 4868 -55.43 13.87 24.50
C ASP B 4868 -56.11 14.31 23.20
N GLU B 4869 -57.37 13.91 23.03
CA GLU B 4869 -58.11 14.28 21.83
C GLU B 4869 -58.57 15.73 21.87
N ASP B 4870 -58.86 16.26 23.05
CA ASP B 4870 -59.36 17.63 23.16
C ASP B 4870 -58.26 18.65 22.86
N GLU B 4871 -57.03 18.38 23.28
CA GLU B 4871 -55.92 19.30 23.08
C GLU B 4871 -54.90 18.68 22.13
N PRO B 4872 -54.89 19.05 20.86
CA PRO B 4872 -53.89 18.51 19.93
C PRO B 4872 -52.56 19.23 20.07
N ASP B 4873 -51.48 18.46 19.94
CA ASP B 4873 -50.12 18.98 19.97
C ASP B 4873 -49.53 18.76 18.58
N MET B 4874 -49.76 19.70 17.69
CA MET B 4874 -49.31 19.59 16.32
C MET B 4874 -47.85 20.02 16.22
N LYS B 4875 -46.98 19.09 15.81
CA LYS B 4875 -45.56 19.35 15.74
C LYS B 4875 -45.11 19.82 14.35
N CYS B 4876 -46.03 19.95 13.40
CA CYS B 4876 -45.65 20.41 12.08
C CYS B 4876 -46.65 21.42 11.52
N ASP B 4877 -47.38 22.11 12.39
CA ASP B 4877 -48.21 23.23 11.99
C ASP B 4877 -47.42 24.53 11.91
N ASP B 4878 -46.17 24.51 12.38
CA ASP B 4878 -45.24 25.62 12.21
C ASP B 4878 -43.98 25.08 11.55
N MET B 4879 -43.41 25.86 10.63
CA MET B 4879 -42.28 25.36 9.86
C MET B 4879 -41.04 25.18 10.74
N MET B 4880 -40.74 26.15 11.60
CA MET B 4880 -39.57 26.03 12.47
C MET B 4880 -39.79 24.95 13.52
N THR B 4881 -41.02 24.81 14.02
CA THR B 4881 -41.33 23.73 14.96
C THR B 4881 -41.13 22.38 14.30
N CYS B 4882 -41.57 22.24 13.06
CA CYS B 4882 -41.40 20.97 12.34
C CYS B 4882 -39.93 20.67 12.07
N TYR B 4883 -39.15 21.70 11.73
CA TYR B 4883 -37.73 21.49 11.51
C TYR B 4883 -37.03 21.07 12.80
N LEU B 4884 -37.37 21.72 13.92
CA LEU B 4884 -36.80 21.34 15.20
C LEU B 4884 -37.19 19.92 15.57
N PHE B 4885 -38.45 19.55 15.34
CA PHE B 4885 -38.92 18.19 15.62
C PHE B 4885 -38.13 17.18 14.81
N HIS B 4886 -37.94 17.45 13.52
CA HIS B 4886 -37.14 16.56 12.68
C HIS B 4886 -35.73 16.42 13.21
N MET B 4887 -35.00 17.54 13.31
CA MET B 4887 -33.62 17.51 13.79
C MET B 4887 -33.50 16.84 15.14
N TYR B 4888 -34.53 16.91 15.97
CA TYR B 4888 -34.44 16.37 17.32
C TYR B 4888 -34.70 14.86 17.35
N VAL B 4889 -35.84 14.42 16.84
CA VAL B 4889 -36.26 13.03 17.02
C VAL B 4889 -35.91 12.17 15.81
N GLY B 4890 -36.03 12.69 14.59
CA GLY B 4890 -35.83 11.84 13.43
C GLY B 4890 -34.41 11.34 13.29
N VAL B 4891 -33.44 12.19 13.59
CA VAL B 4891 -32.03 11.79 13.49
C VAL B 4891 -31.68 10.79 14.58
N ARG B 4892 -32.18 11.02 15.81
CA ARG B 4892 -31.87 10.15 16.93
C ARG B 4892 -32.70 8.88 16.97
N ALA B 4893 -33.72 8.77 16.13
CA ALA B 4893 -34.56 7.58 16.11
C ALA B 4893 -33.87 6.48 15.30
N GLY B 4894 -34.16 5.23 15.69
CA GLY B 4894 -33.54 4.10 15.02
C GLY B 4894 -33.99 3.94 13.59
N GLY B 4895 -35.29 4.08 13.34
CA GLY B 4895 -35.85 3.94 12.01
C GLY B 4895 -36.22 5.22 11.31
N GLY B 4896 -35.85 6.37 11.86
CA GLY B 4896 -36.16 7.65 11.26
C GLY B 4896 -37.41 8.29 11.85
N ILE B 4897 -37.95 9.23 11.10
CA ILE B 4897 -39.13 9.98 11.56
C ILE B 4897 -40.38 9.12 11.58
N GLY B 4898 -40.42 8.05 10.78
CA GLY B 4898 -41.57 7.16 10.76
C GLY B 4898 -41.77 6.42 12.07
N ASP B 4899 -40.72 6.27 12.86
CA ASP B 4899 -40.87 5.69 14.20
C ASP B 4899 -41.60 6.65 15.13
N GLU B 4900 -41.49 7.96 14.87
CA GLU B 4900 -42.01 8.97 15.78
C GLU B 4900 -43.32 9.60 15.32
N ILE B 4901 -43.72 9.41 14.07
CA ILE B 4901 -44.97 10.03 13.62
C ILE B 4901 -46.04 8.97 13.39
N GLU B 4902 -47.26 9.43 13.08
CA GLU B 4902 -48.43 8.57 13.07
C GLU B 4902 -48.35 7.51 11.97
N ASP B 4903 -48.97 6.36 12.24
CA ASP B 4903 -48.98 5.27 11.28
C ASP B 4903 -49.82 5.65 10.05
N PRO B 4904 -49.32 5.45 8.84
CA PRO B 4904 -50.07 5.81 7.63
C PRO B 4904 -50.98 4.72 7.07
N ALA B 4905 -51.18 3.62 7.80
CA ALA B 4905 -51.99 2.52 7.27
C ALA B 4905 -53.41 2.98 7.00
N GLY B 4906 -53.95 2.56 5.85
CA GLY B 4906 -55.30 2.92 5.47
C GLY B 4906 -55.50 4.41 5.24
N ASP B 4907 -54.58 5.02 4.51
CA ASP B 4907 -54.64 6.45 4.23
C ASP B 4907 -54.42 6.70 2.74
N GLU B 4908 -54.86 7.87 2.28
CA GLU B 4908 -54.72 8.23 0.87
C GLU B 4908 -53.26 8.35 0.48
N TYR B 4909 -52.44 8.94 1.36
CA TYR B 4909 -51.02 9.14 1.10
C TYR B 4909 -50.16 8.06 1.73
N GLU B 4910 -50.68 6.83 1.82
CA GLU B 4910 -49.94 5.76 2.49
C GLU B 4910 -48.63 5.45 1.78
N LEU B 4911 -48.69 5.27 0.45
CA LEU B 4911 -47.48 4.91 -0.29
C LEU B 4911 -46.49 6.06 -0.34
N TYR B 4912 -46.98 7.29 -0.51
CA TYR B 4912 -46.09 8.44 -0.50
C TYR B 4912 -45.39 8.58 0.85
N ARG B 4913 -46.12 8.38 1.94
CA ARG B 4913 -45.52 8.49 3.27
C ARG B 4913 -44.56 7.33 3.54
N VAL B 4914 -44.86 6.14 3.02
CA VAL B 4914 -43.95 5.01 3.15
C VAL B 4914 -42.63 5.31 2.43
N VAL B 4915 -42.72 5.85 1.21
CA VAL B 4915 -41.51 6.24 0.48
C VAL B 4915 -40.76 7.32 1.24
N PHE B 4916 -41.49 8.29 1.80
CA PHE B 4916 -40.89 9.35 2.61
C PHE B 4916 -40.07 8.76 3.75
N ASP B 4917 -40.68 7.86 4.53
CA ASP B 4917 -39.99 7.28 5.68
C ASP B 4917 -38.81 6.41 5.26
N ILE B 4918 -38.99 5.60 4.23
CA ILE B 4918 -37.91 4.71 3.78
C ILE B 4918 -36.72 5.52 3.29
N THR B 4919 -36.98 6.55 2.49
CA THR B 4919 -35.90 7.39 1.99
C THR B 4919 -35.21 8.14 3.13
N PHE B 4920 -35.99 8.61 4.11
CA PHE B 4920 -35.38 9.27 5.27
C PHE B 4920 -34.45 8.31 6.00
N PHE B 4921 -34.92 7.08 6.23
CA PHE B 4921 -34.10 6.09 6.94
C PHE B 4921 -32.83 5.77 6.16
N PHE B 4922 -32.94 5.59 4.85
CA PHE B 4922 -31.77 5.20 4.07
C PHE B 4922 -30.77 6.34 3.92
N PHE B 4923 -31.25 7.54 3.59
CA PHE B 4923 -30.33 8.65 3.35
C PHE B 4923 -29.73 9.18 4.64
N VAL B 4924 -30.54 9.35 5.68
CA VAL B 4924 -30.10 10.04 6.89
C VAL B 4924 -29.49 9.06 7.88
N ILE B 4925 -30.26 8.04 8.26
CA ILE B 4925 -29.81 7.13 9.32
C ILE B 4925 -28.66 6.26 8.83
N VAL B 4926 -28.75 5.75 7.60
CA VAL B 4926 -27.77 4.78 7.11
C VAL B 4926 -26.61 5.50 6.44
N ILE B 4927 -26.88 6.21 5.35
CA ILE B 4927 -25.81 6.75 4.52
C ILE B 4927 -25.09 7.89 5.23
N LEU B 4928 -25.84 8.81 5.82
CA LEU B 4928 -25.25 10.02 6.38
C LEU B 4928 -24.53 9.78 7.69
N LEU B 4929 -24.74 8.65 8.34
CA LEU B 4929 -23.93 8.26 9.50
C LEU B 4929 -22.81 7.30 9.14
N ALA B 4930 -23.03 6.46 8.12
CA ALA B 4930 -21.93 5.67 7.57
C ALA B 4930 -20.84 6.57 7.01
N ILE B 4931 -21.22 7.74 6.49
CA ILE B 4931 -20.22 8.69 6.01
C ILE B 4931 -19.32 9.15 7.15
N ILE B 4932 -19.92 9.50 8.29
CA ILE B 4932 -19.14 9.96 9.44
C ILE B 4932 -18.23 8.85 9.96
N GLN B 4933 -18.79 7.64 10.10
CA GLN B 4933 -17.98 6.52 10.58
C GLN B 4933 -16.84 6.20 9.63
N GLY B 4934 -17.11 6.24 8.32
CA GLY B 4934 -16.07 6.03 7.34
C GLY B 4934 -15.02 7.11 7.35
N LEU B 4935 -15.41 8.36 7.61
CA LEU B 4935 -14.43 9.43 7.74
C LEU B 4935 -13.49 9.17 8.92
N ILE B 4936 -14.04 8.74 10.05
CA ILE B 4936 -13.20 8.44 11.21
C ILE B 4936 -12.25 7.29 10.91
N ILE B 4937 -12.77 6.22 10.28
CA ILE B 4937 -11.95 5.06 9.99
C ILE B 4937 -10.87 5.41 8.97
N ASP B 4938 -11.21 6.22 7.97
CA ASP B 4938 -10.23 6.64 6.98
C ASP B 4938 -9.17 7.53 7.61
N ALA B 4939 -9.54 8.34 8.61
CA ALA B 4939 -8.52 9.10 9.34
C ALA B 4939 -7.56 8.18 10.06
N PHE B 4940 -8.08 7.15 10.73
CA PHE B 4940 -7.22 6.15 11.37
C PHE B 4940 -6.24 5.55 10.37
N GLY B 4941 -6.77 5.07 9.25
CA GLY B 4941 -5.94 4.41 8.25
C GLY B 4941 -4.92 5.34 7.63
N GLU B 4942 -5.30 6.58 7.37
CA GLU B 4942 -4.40 7.54 6.77
C GLU B 4942 -3.27 7.91 7.73
N LEU B 4943 -3.58 8.08 9.02
CA LEU B 4943 -2.52 8.35 9.98
C LEU B 4943 -1.55 7.18 10.07
N ARG B 4944 -2.08 5.95 10.10
CA ARG B 4944 -1.20 4.78 10.12
C ARG B 4944 -0.31 4.74 8.88
N ASP B 4945 -0.90 4.99 7.70
CA ASP B 4945 -0.13 4.97 6.47
C ASP B 4945 0.94 6.05 6.45
N GLN B 4946 0.61 7.24 6.97
CA GLN B 4946 1.60 8.32 7.03
C GLN B 4946 2.78 7.91 7.92
N GLN B 4947 2.47 7.33 9.08
CA GLN B 4947 3.55 6.88 9.97
C GLN B 4947 4.43 5.85 9.29
N GLU B 4948 3.81 4.85 8.66
CA GLU B 4948 4.60 3.78 8.04
C GLU B 4948 5.40 4.30 6.86
N GLN B 4949 4.83 5.22 6.08
CA GLN B 4949 5.56 5.81 4.96
C GLN B 4949 6.77 6.60 5.44
N VAL B 4950 6.60 7.40 6.49
CA VAL B 4950 7.71 8.16 7.04
C VAL B 4950 8.81 7.23 7.52
N LYS B 4951 8.43 6.18 8.24
CA LYS B 4951 9.43 5.24 8.75
C LYS B 4951 10.16 4.54 7.62
N GLU B 4952 9.42 4.09 6.59
CA GLU B 4952 10.03 3.40 5.47
C GLU B 4952 11.01 4.30 4.73
N ASP B 4953 10.61 5.54 4.46
CA ASP B 4953 11.51 6.47 3.78
C ASP B 4953 12.75 6.74 4.62
N MET B 4954 12.57 6.94 5.92
CA MET B 4954 13.70 7.22 6.80
C MET B 4954 14.69 6.06 6.82
N GLU B 4955 14.19 4.83 6.87
CA GLU B 4955 15.08 3.68 6.96
C GLU B 4955 15.59 3.20 5.60
N THR B 4956 15.03 3.68 4.49
CA THR B 4956 15.53 3.28 3.19
C THR B 4956 16.39 4.33 2.51
N LYS B 4957 16.34 5.59 2.94
CA LYS B 4957 17.12 6.63 2.31
C LYS B 4957 17.85 7.44 3.37
N CYS B 4958 19.03 7.93 3.01
CA CYS B 4958 19.82 8.75 3.92
C CYS B 4958 19.25 10.16 3.99
N PHE B 4959 19.17 10.70 5.21
CA PHE B 4959 18.56 12.01 5.40
C PHE B 4959 19.40 13.12 4.76
N ILE B 4960 20.72 13.04 4.88
CA ILE B 4960 21.57 14.14 4.46
C ILE B 4960 21.77 14.15 2.94
N CYS B 4961 22.32 13.07 2.39
CA CYS B 4961 22.68 13.04 0.99
C CYS B 4961 21.60 12.46 0.08
N GLY B 4962 20.63 11.73 0.63
CA GLY B 4962 19.55 11.20 -0.17
C GLY B 4962 19.88 9.94 -0.96
N ILE B 4963 21.07 9.38 -0.79
CA ILE B 4963 21.44 8.17 -1.50
C ILE B 4963 20.78 6.97 -0.82
N GLY B 4964 20.20 6.09 -1.62
CA GLY B 4964 19.49 4.95 -1.08
C GLY B 4964 20.41 3.96 -0.41
N SER B 4965 19.82 3.12 0.45
CA SER B 4965 20.57 2.12 1.19
C SER B 4965 21.09 1.00 0.30
N ASP B 4966 20.60 0.88 -0.94
CA ASP B 4966 21.07 -0.17 -1.83
C ASP B 4966 22.55 -0.01 -2.15
N TYR B 4967 23.00 1.24 -2.37
CA TYR B 4967 24.41 1.47 -2.64
C TYR B 4967 25.28 1.17 -1.43
N PHE B 4968 24.87 1.63 -0.25
CA PHE B 4968 25.68 1.46 0.94
C PHE B 4968 25.67 0.02 1.43
N ASP B 4969 24.65 -0.75 1.07
CA ASP B 4969 24.49 -2.11 1.59
C ASP B 4969 25.37 -3.13 0.89
N THR B 4970 26.15 -2.73 -0.11
CA THR B 4970 27.12 -3.64 -0.70
C THR B 4970 28.12 -4.11 0.35
N THR B 4971 28.64 -3.18 1.14
CA THR B 4971 29.42 -3.52 2.32
C THR B 4971 28.49 -3.95 3.45
N PRO B 4972 28.83 -5.03 4.16
CA PRO B 4972 27.98 -5.46 5.28
C PRO B 4972 27.83 -4.37 6.32
N HIS B 4973 26.59 -4.13 6.74
CA HIS B 4973 26.25 -3.06 7.68
C HIS B 4973 26.68 -1.70 7.15
N GLY B 4974 26.77 -1.58 5.83
CA GLY B 4974 27.26 -0.34 5.24
C GLY B 4974 26.36 0.85 5.49
N PHE B 4975 25.05 0.67 5.30
CA PHE B 4975 24.12 1.77 5.54
C PHE B 4975 24.11 2.18 7.01
N GLU B 4976 24.15 1.19 7.91
CA GLU B 4976 24.18 1.50 9.33
C GLU B 4976 25.42 2.31 9.68
N THR B 4977 26.60 1.87 9.20
CA THR B 4977 27.81 2.60 9.48
C THR B 4977 27.78 4.00 8.89
N HIS B 4978 27.28 4.14 7.66
CA HIS B 4978 27.24 5.43 7.00
C HIS B 4978 26.33 6.41 7.75
N THR B 4979 25.17 5.93 8.20
CA THR B 4979 24.23 6.82 8.86
C THR B 4979 24.66 7.14 10.29
N LEU B 4980 25.29 6.18 10.98
CA LEU B 4980 25.71 6.44 12.35
C LEU B 4980 26.98 7.28 12.42
N GLU B 4981 27.86 7.17 11.42
CA GLU B 4981 29.16 7.80 11.47
C GLU B 4981 29.34 8.90 10.43
N GLU B 4982 29.17 8.58 9.14
CA GLU B 4982 29.56 9.52 8.09
C GLU B 4982 28.56 10.66 7.96
N HIS B 4983 27.26 10.37 8.00
CA HIS B 4983 26.23 11.36 7.72
C HIS B 4983 25.23 11.47 8.87
N ASN B 4984 25.72 11.54 10.11
CA ASN B 4984 24.83 11.61 11.26
C ASN B 4984 24.30 13.04 11.42
N LEU B 4985 22.99 13.19 11.38
CA LEU B 4985 22.39 14.51 11.57
C LEU B 4985 22.67 15.05 12.97
N ALA B 4986 22.78 14.16 13.96
CA ALA B 4986 23.21 14.59 15.28
C ALA B 4986 24.61 15.18 15.22
N ASN B 4987 25.51 14.54 14.46
CA ASN B 4987 26.86 15.08 14.29
C ASN B 4987 26.84 16.42 13.58
N TYR B 4988 25.95 16.60 12.60
CA TYR B 4988 25.85 17.90 11.93
C TYR B 4988 25.38 18.98 12.88
N MET B 4989 24.39 18.68 13.72
CA MET B 4989 23.94 19.65 14.72
C MET B 4989 25.06 19.96 15.71
N PHE B 4990 25.80 18.94 16.13
CA PHE B 4990 26.91 19.15 17.05
C PHE B 4990 27.98 20.05 16.43
N PHE B 4991 28.28 19.84 15.14
CA PHE B 4991 29.24 20.70 14.46
C PHE B 4991 28.71 22.13 14.35
N LEU B 4992 27.41 22.29 14.08
CA LEU B 4992 26.84 23.62 14.00
C LEU B 4992 27.00 24.37 15.31
N MET B 4993 26.67 23.71 16.42
CA MET B 4993 26.78 24.39 17.71
C MET B 4993 28.25 24.56 18.13
N TYR B 4994 29.13 23.66 17.71
CA TYR B 4994 30.56 23.85 17.92
C TYR B 4994 31.06 25.08 17.20
N LEU B 4995 30.63 25.28 15.96
CA LEU B 4995 30.97 26.50 15.22
C LEU B 4995 30.42 27.73 15.92
N ILE B 4996 29.17 27.68 16.39
CA ILE B 4996 28.58 28.82 17.05
C ILE B 4996 29.34 29.18 18.31
N ASN B 4997 29.76 28.17 19.08
CA ASN B 4997 30.50 28.42 20.30
C ASN B 4997 31.90 28.93 20.02
N LYS B 4998 32.59 28.35 19.03
CA LYS B 4998 33.98 28.68 18.77
C LYS B 4998 34.12 30.09 18.23
N ASP B 4999 35.27 30.71 18.53
CA ASP B 4999 35.55 32.06 18.06
C ASP B 4999 35.78 32.08 16.56
N GLU B 5000 35.36 33.18 15.93
CA GLU B 5000 35.57 33.34 14.50
C GLU B 5000 37.05 33.38 14.17
N THR B 5001 37.86 34.04 15.02
CA THR B 5001 39.30 34.05 14.82
C THR B 5001 39.89 32.67 15.04
N GLU B 5002 39.39 31.93 16.04
CA GLU B 5002 39.93 30.60 16.33
C GLU B 5002 39.51 29.57 15.28
N HIS B 5003 38.50 29.87 14.47
CA HIS B 5003 38.08 28.96 13.41
C HIS B 5003 39.24 28.61 12.49
N THR B 5004 39.33 27.33 12.14
CA THR B 5004 40.31 26.85 11.19
C THR B 5004 39.78 27.10 9.77
N GLY B 5005 40.47 26.57 8.76
CA GLY B 5005 40.09 26.84 7.39
C GLY B 5005 38.72 26.35 6.98
N GLN B 5006 38.49 25.04 7.08
CA GLN B 5006 37.20 24.47 6.72
C GLN B 5006 36.11 25.00 7.64
N GLU B 5007 36.42 25.18 8.92
CA GLU B 5007 35.43 25.72 9.86
C GLU B 5007 35.01 27.11 9.47
N SER B 5008 35.95 27.97 9.08
CA SER B 5008 35.59 29.33 8.64
C SER B 5008 34.84 29.29 7.33
N TYR B 5009 35.19 28.36 6.44
CA TYR B 5009 34.50 28.23 5.16
C TYR B 5009 33.02 27.89 5.37
N VAL B 5010 32.75 26.85 6.15
CA VAL B 5010 31.37 26.45 6.42
C VAL B 5010 30.68 27.49 7.29
N TRP B 5011 31.41 28.18 8.16
CA TRP B 5011 30.81 29.26 8.94
C TRP B 5011 30.36 30.39 8.04
N LYS B 5012 31.14 30.71 7.02
CA LYS B 5012 30.73 31.74 6.06
C LYS B 5012 29.46 31.31 5.32
N MET B 5013 29.45 30.11 4.73
CA MET B 5013 28.24 29.71 4.03
C MET B 5013 27.04 29.55 4.97
N TYR B 5014 27.28 29.37 6.27
CA TYR B 5014 26.16 29.44 7.21
C TYR B 5014 25.72 30.88 7.40
N GLN B 5015 26.66 31.83 7.41
CA GLN B 5015 26.32 33.24 7.60
C GLN B 5015 25.48 33.77 6.44
N GLU B 5016 25.84 33.45 5.20
CA GLU B 5016 24.97 33.81 4.09
C GLU B 5016 23.90 32.78 3.79
N ARG B 5017 23.63 31.85 4.72
CA ARG B 5017 22.52 30.91 4.60
C ARG B 5017 22.59 30.11 3.30
N CYS B 5018 23.79 29.70 2.92
CA CYS B 5018 24.01 28.89 1.73
C CYS B 5018 24.25 27.45 2.16
N TRP B 5019 23.34 26.56 1.77
CA TRP B 5019 23.38 25.17 2.18
C TRP B 5019 23.98 24.27 1.09
N ASP B 5020 24.92 24.79 0.32
CA ASP B 5020 25.59 23.99 -0.70
C ASP B 5020 26.73 23.16 -0.13
N PHE B 5021 27.12 23.38 1.13
CA PHE B 5021 28.18 22.57 1.73
C PHE B 5021 27.69 21.21 2.21
N PHE B 5022 26.39 21.02 2.32
CA PHE B 5022 25.86 19.71 2.68
C PHE B 5022 26.00 18.75 1.49
N PRO B 5023 26.60 17.57 1.67
CA PRO B 5023 26.75 16.64 0.56
C PRO B 5023 25.40 16.12 0.10
N ALA B 5024 25.10 16.31 -1.19
CA ALA B 5024 23.85 15.88 -1.78
C ALA B 5024 24.15 15.02 -3.00
N GLY B 5025 23.64 13.79 -2.99
CA GLY B 5025 23.81 12.88 -4.10
C GLY B 5025 25.15 12.18 -4.18
N ASP B 5026 26.06 12.46 -3.25
CA ASP B 5026 27.37 11.83 -3.24
C ASP B 5026 27.95 11.89 -1.84
N CYS B 5027 28.98 11.09 -1.60
CA CYS B 5027 29.62 11.01 -0.30
C CYS B 5027 31.07 10.61 -0.48
N PHE B 5028 31.74 10.35 0.65
CA PHE B 5028 33.15 9.96 0.62
C PHE B 5028 33.34 8.64 -0.13
N ARG B 5029 32.47 7.67 0.12
CA ARG B 5029 32.54 6.40 -0.60
C ARG B 5029 32.30 6.60 -2.08
N LYS B 5030 31.25 7.35 -2.44
CA LYS B 5030 30.95 7.56 -3.84
C LYS B 5030 32.04 8.35 -4.55
N GLN B 5031 32.85 9.09 -3.79
CA GLN B 5031 33.93 9.86 -4.42
C GLN B 5031 35.21 9.03 -4.55
N TYR B 5032 35.53 8.20 -3.55
CA TYR B 5032 36.81 7.51 -3.53
C TYR B 5032 36.66 5.98 -3.49
N GLU B 5033 35.59 5.46 -4.12
CA GLU B 5033 35.42 4.00 -4.14
C GLU B 5033 36.55 3.31 -4.89
N ASP B 5034 37.05 3.94 -5.95
CA ASP B 5034 38.12 3.30 -6.74
C ASP B 5034 39.39 3.13 -5.92
N GLN B 5035 39.69 4.09 -5.04
CA GLN B 5035 40.90 3.97 -4.23
C GLN B 5035 40.66 3.16 -2.97
N LEU B 5036 39.46 3.24 -2.39
CA LEU B 5036 39.20 2.52 -1.15
C LEU B 5036 39.03 1.03 -1.40
N SER B 5037 38.31 0.66 -2.45
CA SER B 5037 38.07 -0.75 -2.75
C SER B 5037 38.36 -1.04 -4.22
N ASN C 3950 50.11 -60.78 5.35
CA ASN C 3950 50.92 -59.56 5.45
C ASN C 3950 50.14 -58.35 4.94
N PHE C 3951 48.99 -58.60 4.32
CA PHE C 3951 48.15 -57.50 3.85
C PHE C 3951 47.62 -56.68 5.01
N SER C 3952 47.20 -57.33 6.09
CA SER C 3952 46.62 -56.61 7.22
C SER C 3952 47.64 -55.67 7.86
N LYS C 3953 48.87 -56.13 8.03
CA LYS C 3953 49.89 -55.29 8.68
C LYS C 3953 50.34 -54.15 7.77
N ALA C 3954 50.37 -54.37 6.46
CA ALA C 3954 50.79 -53.32 5.54
C ALA C 3954 49.73 -52.24 5.41
N MET C 3955 48.45 -52.64 5.41
CA MET C 3955 47.37 -51.67 5.26
C MET C 3955 47.19 -50.83 6.51
N SER C 3956 47.53 -51.38 7.68
CA SER C 3956 47.48 -50.59 8.91
C SER C 3956 48.46 -49.44 8.85
N VAL C 3957 49.66 -49.68 8.29
CA VAL C 3957 50.64 -48.61 8.11
C VAL C 3957 50.10 -47.55 7.16
N ALA C 3958 49.41 -47.99 6.09
CA ALA C 3958 48.88 -47.04 5.11
C ALA C 3958 47.85 -46.10 5.74
N LYS C 3959 47.08 -46.59 6.72
CA LYS C 3959 46.13 -45.71 7.40
C LYS C 3959 46.85 -44.61 8.16
N GLN C 3960 47.95 -44.95 8.84
CA GLN C 3960 48.70 -43.95 9.58
C GLN C 3960 49.37 -42.95 8.65
N VAL C 3961 49.89 -43.40 7.51
CA VAL C 3961 50.48 -42.47 6.55
C VAL C 3961 49.42 -41.53 5.99
N PHE C 3962 48.24 -42.06 5.67
CA PHE C 3962 47.16 -41.22 5.18
C PHE C 3962 46.70 -40.25 6.25
N ASN C 3963 46.60 -40.71 7.50
CA ASN C 3963 46.20 -39.83 8.59
C ASN C 3963 47.22 -38.72 8.82
N SER C 3964 48.51 -39.07 8.75
CA SER C 3964 49.55 -38.05 8.93
C SER C 3964 49.49 -37.00 7.84
N LEU C 3965 49.25 -37.42 6.59
CA LEU C 3965 49.13 -36.45 5.50
C LEU C 3965 47.93 -35.54 5.70
N THR C 3966 46.83 -36.08 6.23
CA THR C 3966 45.67 -35.25 6.54
C THR C 3966 45.99 -34.24 7.64
N GLU C 3967 46.84 -34.62 8.59
CA GLU C 3967 47.20 -33.71 9.68
C GLU C 3967 47.94 -32.48 9.15
N TYR C 3968 48.70 -32.65 8.07
CA TYR C 3968 49.46 -31.53 7.52
C TYR C 3968 48.55 -30.48 6.91
N ILE C 3969 47.47 -30.91 6.24
CA ILE C 3969 46.67 -29.99 5.43
C ILE C 3969 45.37 -29.56 6.09
N GLN C 3970 44.88 -30.30 7.09
CA GLN C 3970 43.68 -29.85 7.79
C GLN C 3970 43.98 -28.57 8.57
N GLY C 3971 42.94 -27.76 8.76
CA GLY C 3971 43.14 -26.42 9.23
C GLY C 3971 43.89 -25.65 8.16
N PRO C 3972 43.19 -25.35 7.04
CA PRO C 3972 43.85 -25.21 5.74
C PRO C 3972 45.20 -24.50 5.74
N CYS C 3973 46.23 -25.24 5.35
CA CYS C 3973 47.58 -24.70 5.18
C CYS C 3973 47.83 -24.61 3.68
N THR C 3974 47.88 -23.39 3.17
CA THR C 3974 48.02 -23.21 1.72
C THR C 3974 49.33 -23.78 1.22
N GLY C 3975 50.42 -23.59 1.97
CA GLY C 3975 51.71 -24.12 1.52
C GLY C 3975 51.71 -25.63 1.44
N ASN C 3976 51.19 -26.31 2.46
CA ASN C 3976 51.17 -27.76 2.46
C ASN C 3976 50.19 -28.30 1.43
N GLN C 3977 49.06 -27.62 1.25
CA GLN C 3977 48.09 -28.05 0.24
C GLN C 3977 48.66 -27.93 -1.16
N GLN C 3978 49.35 -26.82 -1.45
CA GLN C 3978 49.94 -26.63 -2.78
C GLN C 3978 51.07 -27.63 -3.02
N SER C 3979 51.87 -27.91 -2.00
CA SER C 3979 53.01 -28.80 -2.16
C SER C 3979 52.55 -30.23 -2.48
N LEU C 3980 51.48 -30.69 -1.82
CA LEU C 3980 51.00 -32.04 -2.04
C LEU C 3980 50.53 -32.27 -3.47
N ALA C 3981 50.06 -31.23 -4.15
CA ALA C 3981 49.61 -31.37 -5.53
C ALA C 3981 50.78 -31.57 -6.50
N HIS C 3982 51.91 -30.92 -6.23
CA HIS C 3982 53.06 -31.05 -7.11
C HIS C 3982 53.81 -32.36 -6.87
N SER C 3983 53.60 -33.01 -5.74
CA SER C 3983 54.29 -34.24 -5.42
C SER C 3983 53.71 -35.41 -6.21
N ARG C 3984 54.24 -36.61 -5.92
CA ARG C 3984 53.79 -37.84 -6.56
C ARG C 3984 52.59 -38.46 -5.86
N LEU C 3985 51.84 -37.67 -5.09
CA LEU C 3985 50.70 -38.22 -4.35
C LEU C 3985 49.62 -38.74 -5.30
N TRP C 3986 49.40 -38.04 -6.42
CA TRP C 3986 48.39 -38.47 -7.37
C TRP C 3986 48.71 -39.84 -7.94
N ASP C 3987 49.98 -40.11 -8.21
CA ASP C 3987 50.37 -41.43 -8.71
C ASP C 3987 50.07 -42.52 -7.69
N ALA C 3988 50.32 -42.25 -6.40
CA ALA C 3988 50.03 -43.24 -5.37
C ALA C 3988 48.52 -43.46 -5.23
N VAL C 3989 47.73 -42.39 -5.29
CA VAL C 3989 46.28 -42.52 -5.13
C VAL C 3989 45.69 -43.34 -6.28
N VAL C 3990 46.17 -43.11 -7.51
CA VAL C 3990 45.70 -43.90 -8.65
C VAL C 3990 46.05 -45.36 -8.45
N GLY C 3991 47.26 -45.64 -7.95
CA GLY C 3991 47.64 -47.01 -7.68
C GLY C 3991 46.77 -47.66 -6.61
N PHE C 3992 46.44 -46.91 -5.56
CA PHE C 3992 45.56 -47.44 -4.53
C PHE C 3992 44.18 -47.74 -5.08
N LEU C 3993 43.61 -46.82 -5.87
CA LEU C 3993 42.29 -47.05 -6.44
C LEU C 3993 42.28 -48.24 -7.37
N HIS C 3994 43.40 -48.49 -8.06
CA HIS C 3994 43.51 -49.68 -8.90
C HIS C 3994 43.43 -50.94 -8.05
N VAL C 3995 44.10 -50.95 -6.89
CA VAL C 3995 44.05 -52.10 -6.01
C VAL C 3995 42.67 -52.23 -5.37
N PHE C 3996 42.06 -51.10 -5.00
CA PHE C 3996 40.81 -51.13 -4.25
C PHE C 3996 39.69 -51.79 -5.05
N ALA C 3997 39.66 -51.55 -6.36
CA ALA C 3997 38.54 -52.02 -7.17
C ALA C 3997 38.48 -53.55 -7.21
N HIS C 3998 39.61 -54.19 -7.52
CA HIS C 3998 39.59 -55.65 -7.69
C HIS C 3998 39.55 -56.38 -6.36
N MET C 3999 40.19 -55.84 -5.32
CA MET C 3999 40.18 -56.50 -4.02
C MET C 3999 38.78 -56.54 -3.43
N MET C 4000 38.01 -55.47 -3.59
CA MET C 4000 36.65 -55.44 -3.04
C MET C 4000 35.78 -56.51 -3.67
N MET C 4001 35.87 -56.69 -4.99
CA MET C 4001 35.07 -57.72 -5.66
C MET C 4001 35.50 -59.12 -5.22
N LYS C 4002 36.81 -59.36 -5.14
CA LYS C 4002 37.30 -60.70 -4.81
C LYS C 4002 36.95 -61.08 -3.38
N LEU C 4003 37.11 -60.14 -2.44
CA LEU C 4003 36.89 -60.46 -1.03
C LEU C 4003 35.41 -60.71 -0.74
N ALA C 4004 34.52 -60.01 -1.44
CA ALA C 4004 33.10 -60.19 -1.20
C ALA C 4004 32.59 -61.54 -1.68
N GLN C 4005 33.35 -62.24 -2.53
CA GLN C 4005 32.91 -63.53 -3.05
C GLN C 4005 32.80 -64.56 -1.92
N ASP C 4006 33.77 -64.59 -1.02
CA ASP C 4006 33.81 -65.56 0.07
C ASP C 4006 33.54 -64.87 1.41
N SER C 4007 32.82 -65.55 2.29
CA SER C 4007 32.54 -65.01 3.61
C SER C 4007 33.71 -65.18 4.58
N SER C 4008 34.73 -65.96 4.21
CA SER C 4008 35.87 -66.15 5.10
C SER C 4008 36.72 -64.90 5.19
N GLN C 4009 36.72 -64.07 4.15
CA GLN C 4009 37.52 -62.86 4.10
C GLN C 4009 36.73 -61.59 4.39
N ILE C 4010 35.64 -61.70 5.15
CA ILE C 4010 34.86 -60.52 5.49
C ILE C 4010 35.64 -59.61 6.41
N GLU C 4011 36.42 -60.19 7.34
CA GLU C 4011 37.21 -59.38 8.25
C GLU C 4011 38.30 -58.60 7.51
N LEU C 4012 38.91 -59.23 6.50
CA LEU C 4012 39.90 -58.52 5.69
C LEU C 4012 39.27 -57.36 4.93
N LEU C 4013 38.01 -57.52 4.52
CA LEU C 4013 37.32 -56.45 3.80
C LEU C 4013 37.08 -55.24 4.70
N LYS C 4014 37.09 -55.45 6.02
CA LYS C 4014 36.72 -54.37 6.93
C LYS C 4014 37.76 -53.25 6.95
N GLU C 4015 39.04 -53.60 7.12
CA GLU C 4015 40.07 -52.57 7.07
C GLU C 4015 40.33 -52.11 5.64
N LEU C 4016 39.87 -52.90 4.66
CA LEU C 4016 39.91 -52.42 3.28
C LEU C 4016 38.98 -51.23 3.09
N LEU C 4017 37.81 -51.25 3.73
CA LEU C 4017 36.86 -50.16 3.57
C LEU C 4017 37.31 -48.90 4.30
N ASP C 4018 37.77 -49.03 5.55
CA ASP C 4018 38.16 -47.84 6.30
C ASP C 4018 39.47 -47.24 5.80
N LEU C 4019 40.28 -48.03 5.08
CA LEU C 4019 41.42 -47.43 4.38
C LEU C 4019 40.95 -46.46 3.30
N GLN C 4020 39.88 -46.83 2.59
CA GLN C 4020 39.29 -45.89 1.63
C GLN C 4020 38.76 -44.65 2.33
N LYS C 4021 38.12 -44.82 3.48
CA LYS C 4021 37.58 -43.68 4.21
C LYS C 4021 38.70 -42.74 4.63
N ASP C 4022 39.81 -43.27 5.12
CA ASP C 4022 40.96 -42.44 5.45
C ASP C 4022 41.53 -41.78 4.20
N MET C 4023 41.52 -42.49 3.07
CA MET C 4023 42.03 -41.93 1.83
C MET C 4023 41.11 -40.81 1.32
N VAL C 4024 39.80 -41.02 1.42
CA VAL C 4024 38.86 -40.00 0.94
C VAL C 4024 38.92 -38.74 1.80
N VAL C 4025 39.10 -38.90 3.12
CA VAL C 4025 39.21 -37.75 4.00
C VAL C 4025 40.41 -36.88 3.60
N MET C 4026 41.52 -37.53 3.21
CA MET C 4026 42.66 -36.76 2.71
C MET C 4026 42.30 -36.02 1.42
N LEU C 4027 41.56 -36.69 0.53
CA LEU C 4027 41.14 -36.04 -0.71
C LEU C 4027 40.22 -34.85 -0.43
N LEU C 4028 39.31 -35.00 0.54
CA LEU C 4028 38.44 -33.90 0.92
C LEU C 4028 39.21 -32.79 1.61
N SER C 4029 40.27 -33.12 2.34
CA SER C 4029 41.05 -32.11 3.05
C SER C 4029 41.80 -31.21 2.08
N LEU C 4030 42.28 -31.78 0.97
CA LEU C 4030 42.99 -30.97 -0.02
C LEU C 4030 42.08 -29.96 -0.70
N LEU C 4031 40.77 -30.18 -0.67
CA LEU C 4031 39.81 -29.28 -1.30
C LEU C 4031 39.32 -28.18 -0.37
N GLU C 4032 39.82 -28.12 0.87
CA GLU C 4032 39.38 -27.10 1.80
C GLU C 4032 39.82 -25.73 1.32
N GLY C 4033 38.85 -24.81 1.19
CA GLY C 4033 39.15 -23.48 0.73
C GLY C 4033 39.54 -23.38 -0.73
N ASN C 4034 39.18 -24.37 -1.54
CA ASN C 4034 39.52 -24.34 -2.95
C ASN C 4034 38.67 -23.31 -3.70
N VAL C 4035 39.18 -22.86 -4.83
CA VAL C 4035 38.51 -21.89 -5.67
C VAL C 4035 38.10 -22.55 -6.98
N VAL C 4036 37.16 -21.90 -7.69
CA VAL C 4036 36.71 -22.43 -8.97
C VAL C 4036 37.85 -22.36 -9.97
N ASN C 4037 37.98 -23.43 -10.77
CA ASN C 4037 39.11 -23.58 -11.70
C ASN C 4037 40.45 -23.46 -10.97
N GLY C 4038 40.51 -24.02 -9.76
CA GLY C 4038 41.72 -23.97 -8.99
C GLY C 4038 42.74 -25.01 -9.45
N MET C 4039 43.98 -24.82 -9.00
CA MET C 4039 45.04 -25.74 -9.38
C MET C 4039 44.80 -27.13 -8.80
N ILE C 4040 44.54 -27.20 -7.49
CA ILE C 4040 44.34 -28.50 -6.84
C ILE C 4040 43.10 -29.19 -7.37
N ALA C 4041 42.01 -28.43 -7.56
CA ALA C 4041 40.76 -29.02 -8.04
C ALA C 4041 40.93 -29.60 -9.43
N ARG C 4042 41.64 -28.88 -10.32
CA ARG C 4042 41.82 -29.39 -11.68
C ARG C 4042 42.75 -30.59 -11.72
N GLN C 4043 43.71 -30.67 -10.78
CA GLN C 4043 44.58 -31.84 -10.73
C GLN C 4043 43.79 -33.11 -10.38
N MET C 4044 42.83 -32.99 -9.47
CA MET C 4044 42.00 -34.14 -9.14
C MET C 4044 41.16 -34.60 -10.32
N VAL C 4045 40.58 -33.65 -11.08
CA VAL C 4045 39.71 -34.01 -12.19
C VAL C 4045 40.44 -34.91 -13.17
N ASP C 4046 41.69 -34.57 -13.48
CA ASP C 4046 42.52 -35.46 -14.29
C ASP C 4046 42.75 -36.79 -13.59
N MET C 4047 42.94 -36.76 -12.27
CA MET C 4047 43.22 -38.00 -11.54
C MET C 4047 42.02 -38.94 -11.57
N LEU C 4048 40.81 -38.40 -11.40
CA LEU C 4048 39.61 -39.24 -11.54
C LEU C 4048 39.44 -39.73 -12.98
N VAL C 4049 39.73 -38.87 -13.95
CA VAL C 4049 39.59 -39.27 -15.35
C VAL C 4049 40.56 -40.39 -15.70
N GLU C 4050 41.81 -40.28 -15.24
CA GLU C 4050 42.80 -41.31 -15.53
C GLU C 4050 42.40 -42.65 -14.92
N SER C 4051 41.91 -42.63 -13.68
CA SER C 4051 41.45 -43.83 -13.00
C SER C 4051 39.94 -44.00 -13.07
N SER C 4052 39.33 -43.57 -14.17
CA SER C 4052 37.88 -43.63 -14.30
C SER C 4052 37.36 -45.06 -14.23
N SER C 4053 38.06 -45.99 -14.88
CA SER C 4053 37.65 -47.39 -14.83
C SER C 4053 37.74 -47.94 -13.42
N ASN C 4054 38.81 -47.57 -12.69
CA ASN C 4054 38.97 -48.07 -11.32
C ASN C 4054 37.95 -47.47 -10.37
N VAL C 4055 37.74 -46.15 -10.45
CA VAL C 4055 36.82 -45.49 -9.53
C VAL C 4055 35.38 -45.92 -9.81
N GLU C 4056 35.06 -46.21 -11.07
CA GLU C 4056 33.72 -46.68 -11.39
C GLU C 4056 33.63 -48.18 -11.15
N MET C 4057 34.09 -48.62 -9.98
CA MET C 4057 33.80 -49.95 -9.46
C MET C 4057 33.52 -49.97 -7.96
N ILE C 4058 34.02 -48.99 -7.21
CA ILE C 4058 33.69 -48.88 -5.79
C ILE C 4058 32.24 -48.44 -5.62
N LEU C 4059 31.73 -47.64 -6.57
CA LEU C 4059 30.37 -47.14 -6.47
C LEU C 4059 29.36 -48.28 -6.50
N LYS C 4060 29.58 -49.27 -7.34
CA LYS C 4060 28.71 -50.45 -7.39
C LYS C 4060 29.21 -51.53 -6.45
N PRO C 4176 19.57 -35.19 -0.73
CA PRO C 4176 18.73 -35.68 0.37
C PRO C 4176 19.46 -35.64 1.72
N TYR C 4177 20.70 -36.13 1.74
CA TYR C 4177 21.53 -36.09 2.93
C TYR C 4177 22.71 -35.14 2.81
N LEU C 4178 23.11 -34.76 1.61
CA LEU C 4178 24.25 -33.88 1.42
C LEU C 4178 23.86 -32.44 1.75
N GLY C 4179 24.41 -31.92 2.85
CA GLY C 4179 24.20 -30.54 3.23
C GLY C 4179 25.09 -29.60 2.44
N ARG C 4180 24.77 -28.32 2.50
CA ARG C 4180 25.51 -27.33 1.73
C ARG C 4180 25.26 -25.95 2.32
N ILE C 4181 26.33 -25.30 2.79
CA ILE C 4181 26.27 -23.92 3.26
C ILE C 4181 27.46 -23.17 2.70
N GLU C 4182 27.37 -21.85 2.72
CA GLU C 4182 28.45 -20.97 2.34
C GLU C 4182 28.80 -20.07 3.52
N ILE C 4183 30.09 -19.95 3.82
CA ILE C 4183 30.55 -19.10 4.91
C ILE C 4183 31.67 -18.20 4.40
N MET C 4184 31.87 -17.09 5.11
CA MET C 4184 33.03 -16.23 4.89
C MET C 4184 34.20 -16.84 5.65
N GLY C 4185 35.02 -17.61 4.94
CA GLY C 4185 36.08 -18.37 5.57
C GLY C 4185 37.24 -17.49 6.02
N ALA C 4186 38.26 -18.17 6.55
CA ALA C 4186 39.45 -17.46 7.02
C ALA C 4186 40.23 -16.82 5.88
N SER C 4187 39.96 -17.19 4.64
CA SER C 4187 40.62 -16.63 3.48
C SER C 4187 39.95 -15.34 2.99
N ARG C 4188 38.98 -14.82 3.74
CA ARG C 4188 38.24 -13.62 3.36
C ARG C 4188 37.51 -13.79 2.03
N ARG C 4189 37.12 -15.02 1.72
CA ARG C 4189 36.33 -15.33 0.54
C ARG C 4189 35.23 -16.30 0.91
N ILE C 4190 34.17 -16.30 0.10
CA ILE C 4190 33.07 -17.23 0.32
C ILE C 4190 33.54 -18.65 0.08
N GLU C 4191 33.29 -19.53 1.05
CA GLU C 4191 33.69 -20.93 0.96
C GLU C 4191 32.46 -21.80 1.16
N ARG C 4192 32.29 -22.78 0.26
CA ARG C 4192 31.17 -23.71 0.34
C ARG C 4192 31.57 -24.91 1.19
N ILE C 4193 30.72 -25.25 2.14
CA ILE C 4193 30.97 -26.33 3.10
C ILE C 4193 29.95 -27.42 2.89
N TYR C 4194 30.43 -28.66 2.78
CA TYR C 4194 29.58 -29.83 2.57
C TYR C 4194 29.58 -30.70 3.82
N PHE C 4195 28.39 -31.05 4.29
CA PHE C 4195 28.25 -31.91 5.46
C PHE C 4195 27.11 -32.89 5.19
N GLU C 4196 26.98 -33.87 6.07
CA GLU C 4196 25.99 -34.94 5.92
C GLU C 4196 24.86 -34.72 6.91
N ILE C 4197 23.63 -34.64 6.39
CA ILE C 4197 22.43 -34.50 7.19
C ILE C 4197 21.86 -35.89 7.44
N SER C 4198 21.20 -36.07 8.57
CA SER C 4198 20.61 -37.34 8.96
C SER C 4198 19.10 -37.34 8.73
N GLU C 4199 18.57 -38.54 8.43
CA GLU C 4199 17.16 -38.66 8.10
C GLU C 4199 16.27 -38.33 9.30
N THR C 4200 16.70 -38.69 10.51
CA THR C 4200 15.92 -38.36 11.69
C THR C 4200 15.81 -36.86 11.87
N ASN C 4201 16.92 -36.14 11.68
CA ASN C 4201 16.89 -34.68 11.80
C ASN C 4201 16.05 -34.06 10.71
N ARG C 4202 16.13 -34.59 9.49
CA ARG C 4202 15.31 -34.07 8.40
C ARG C 4202 13.82 -34.26 8.70
N ALA C 4203 13.45 -35.42 9.23
CA ALA C 4203 12.06 -35.66 9.58
C ALA C 4203 11.60 -34.75 10.72
N GLN C 4204 12.44 -34.58 11.75
CA GLN C 4204 12.09 -33.70 12.84
C GLN C 4204 11.99 -32.23 12.42
N TRP C 4205 12.74 -31.84 11.39
CA TRP C 4205 12.61 -30.50 10.83
C TRP C 4205 11.38 -30.34 9.94
N GLU C 4206 10.98 -31.39 9.23
CA GLU C 4206 9.76 -31.37 8.43
C GLU C 4206 8.51 -31.58 9.25
N MET C 4207 8.64 -31.92 10.54
CA MET C 4207 7.48 -32.09 11.40
C MET C 4207 6.64 -30.81 11.43
N PRO C 4208 5.31 -30.95 11.47
CA PRO C 4208 4.45 -29.75 11.36
C PRO C 4208 4.62 -28.74 12.49
N GLN C 4209 4.85 -29.19 13.72
CA GLN C 4209 5.04 -28.24 14.82
C GLN C 4209 6.32 -27.45 14.64
N VAL C 4210 7.39 -28.11 14.18
CA VAL C 4210 8.63 -27.39 13.90
C VAL C 4210 8.45 -26.43 12.74
N LYS C 4211 7.66 -26.81 11.73
CA LYS C 4211 7.36 -25.90 10.64
C LYS C 4211 6.61 -24.68 11.13
N GLU C 4212 5.64 -24.87 12.03
CA GLU C 4212 4.90 -23.74 12.58
C GLU C 4212 5.79 -22.83 13.39
N SER C 4213 6.70 -23.41 14.19
CA SER C 4213 7.65 -22.60 14.94
C SER C 4213 8.56 -21.81 14.01
N LYS C 4214 9.01 -22.44 12.92
CA LYS C 4214 9.80 -21.73 11.92
C LYS C 4214 9.04 -20.56 11.32
N ARG C 4215 7.77 -20.78 10.96
CA ARG C 4215 6.97 -19.71 10.39
C ARG C 4215 6.80 -18.56 11.38
N GLN C 4216 6.53 -18.90 12.65
CA GLN C 4216 6.39 -17.86 13.67
C GLN C 4216 7.67 -17.06 13.84
N PHE C 4217 8.82 -17.75 13.90
CA PHE C 4217 10.10 -17.06 14.04
C PHE C 4217 10.37 -16.15 12.84
N ILE C 4218 10.12 -16.65 11.63
CA ILE C 4218 10.36 -15.84 10.44
C ILE C 4218 9.47 -14.61 10.46
N PHE C 4219 8.19 -14.78 10.80
CA PHE C 4219 7.29 -13.63 10.88
C PHE C 4219 7.80 -12.61 11.89
N ASP C 4220 8.16 -13.07 13.09
CA ASP C 4220 8.59 -12.14 14.12
C ASP C 4220 9.84 -11.39 13.72
N VAL C 4221 10.84 -12.10 13.18
CA VAL C 4221 12.10 -11.45 12.86
C VAL C 4221 11.93 -10.48 11.70
N VAL C 4222 11.18 -10.87 10.67
CA VAL C 4222 10.97 -9.98 9.53
C VAL C 4222 10.16 -8.76 9.96
N ASN C 4223 9.20 -8.95 10.88
CA ASN C 4223 8.34 -7.83 11.27
C ASN C 4223 9.09 -6.83 12.15
N GLU C 4224 9.63 -7.27 13.29
CA GLU C 4224 10.24 -6.33 14.21
C GLU C 4224 11.74 -6.51 14.45
N GLY C 4225 12.30 -7.68 14.14
CA GLY C 4225 13.72 -7.91 14.36
C GLY C 4225 14.55 -7.08 13.40
N GLY C 4226 15.53 -6.35 13.96
CA GLY C 4226 16.40 -5.53 13.15
C GLY C 4226 17.47 -6.35 12.45
N GLU C 4227 18.15 -5.69 11.51
CA GLU C 4227 19.17 -6.37 10.73
C GLU C 4227 20.44 -6.62 11.52
N ALA C 4228 20.75 -5.77 12.50
CA ALA C 4228 21.97 -5.93 13.27
C ALA C 4228 21.91 -7.18 14.14
N GLU C 4229 20.77 -7.45 14.78
CA GLU C 4229 20.61 -8.60 15.65
C GLU C 4229 19.86 -9.75 14.98
N LYS C 4230 19.60 -9.63 13.67
CA LYS C 4230 18.81 -10.65 12.99
C LYS C 4230 19.47 -12.02 13.08
N MET C 4231 20.77 -12.09 12.83
CA MET C 4231 21.41 -13.40 12.79
C MET C 4231 21.64 -13.94 14.19
N GLU C 4232 21.77 -13.06 15.19
CA GLU C 4232 21.77 -13.52 16.57
C GLU C 4232 20.44 -14.18 16.92
N LEU C 4233 19.33 -13.54 16.53
CA LEU C 4233 18.02 -14.14 16.75
C LEU C 4233 17.89 -15.46 15.98
N PHE C 4234 18.42 -15.51 14.76
CA PHE C 4234 18.38 -16.73 13.98
C PHE C 4234 19.14 -17.86 14.65
N VAL C 4235 20.32 -17.58 15.19
CA VAL C 4235 21.10 -18.60 15.86
C VAL C 4235 20.40 -19.07 17.14
N SER C 4236 19.79 -18.13 17.87
CA SER C 4236 19.04 -18.52 19.07
C SER C 4236 17.86 -19.43 18.69
N PHE C 4237 17.15 -19.09 17.62
CA PHE C 4237 16.05 -19.92 17.15
C PHE C 4237 16.56 -21.30 16.72
N CYS C 4238 17.71 -21.35 16.07
CA CYS C 4238 18.29 -22.64 15.67
C CYS C 4238 18.60 -23.49 16.89
N GLU C 4239 19.17 -22.89 17.93
CA GLU C 4239 19.46 -23.65 19.15
C GLU C 4239 18.18 -24.16 19.80
N ASP C 4240 17.15 -23.30 19.86
CA ASP C 4240 15.88 -23.73 20.42
C ASP C 4240 15.28 -24.89 19.64
N THR C 4241 15.33 -24.80 18.30
CA THR C 4241 14.82 -25.88 17.46
C THR C 4241 15.61 -27.16 17.67
N ILE C 4242 16.93 -27.06 17.79
CA ILE C 4242 17.76 -28.24 18.02
C ILE C 4242 17.37 -28.91 19.33
N PHE C 4243 17.18 -28.12 20.38
CA PHE C 4243 16.77 -28.70 21.66
C PHE C 4243 15.38 -29.33 21.56
N GLU C 4244 14.46 -28.70 20.82
CA GLU C 4244 13.13 -29.27 20.64
C GLU C 4244 13.19 -30.64 19.95
N MET C 4245 13.98 -30.74 18.88
CA MET C 4245 14.09 -32.02 18.19
C MET C 4245 14.82 -33.06 19.04
N GLN C 4246 15.78 -32.63 19.87
CA GLN C 4246 16.40 -33.58 20.79
C GLN C 4246 15.38 -34.13 21.79
N ILE C 4247 14.53 -33.27 22.34
CA ILE C 4247 13.49 -33.73 23.26
C ILE C 4247 12.52 -34.66 22.55
N ALA C 4248 12.15 -34.32 21.31
CA ALA C 4248 11.24 -35.16 20.55
C ALA C 4248 11.84 -36.53 20.28
N ALA C 4249 13.14 -36.58 19.94
CA ALA C 4249 13.81 -37.86 19.75
C ALA C 4249 13.88 -38.65 21.04
N GLN C 4250 14.10 -37.97 22.17
CA GLN C 4250 14.11 -38.65 23.46
C GLN C 4250 12.76 -39.27 23.78
N ILE C 4251 11.68 -38.53 23.52
CA ILE C 4251 10.34 -39.03 23.87
C ILE C 4251 9.76 -39.96 22.82
N SER C 4252 10.36 -40.05 21.64
CA SER C 4252 9.88 -40.97 20.61
C SER C 4252 10.02 -42.40 21.08
N GLU C 4253 8.97 -43.20 20.86
CA GLU C 4253 8.94 -44.59 21.31
C GLU C 4253 9.35 -45.50 20.18
N PRO C 4254 10.45 -46.27 20.31
CA PRO C 4254 10.90 -47.19 19.28
C PRO C 4254 10.00 -48.42 19.14
N GLU C 4543 12.19 -51.80 36.87
CA GLU C 4543 10.84 -52.26 37.18
C GLU C 4543 9.83 -51.14 37.03
N LEU C 4544 9.50 -50.49 38.15
CA LEU C 4544 8.57 -49.37 38.12
C LEU C 4544 9.14 -48.16 37.39
N GLU C 4545 10.47 -48.05 37.29
CA GLU C 4545 11.08 -46.95 36.56
C GLU C 4545 10.72 -47.00 35.08
N VAL C 4546 10.69 -48.21 34.51
CA VAL C 4546 10.29 -48.36 33.11
C VAL C 4546 8.85 -47.90 32.92
N GLN C 4547 7.96 -48.27 33.85
CA GLN C 4547 6.57 -47.84 33.76
C GLN C 4547 6.46 -46.32 33.83
N ARG C 4548 7.21 -45.69 34.74
CA ARG C 4548 7.17 -44.24 34.86
C ARG C 4548 7.69 -43.56 33.59
N VAL C 4549 8.79 -44.05 33.03
CA VAL C 4549 9.36 -43.45 31.84
C VAL C 4549 8.43 -43.66 30.64
N LYS C 4550 7.87 -44.85 30.51
CA LYS C 4550 6.97 -45.13 29.39
C LYS C 4550 5.71 -44.26 29.47
N PHE C 4551 5.14 -44.12 30.67
CA PHE C 4551 3.93 -43.33 30.82
C PHE C 4551 4.17 -41.86 30.50
N LEU C 4552 5.29 -41.31 30.98
CA LEU C 4552 5.59 -39.91 30.71
C LEU C 4552 5.82 -39.66 29.23
N ASN C 4553 6.46 -40.60 28.54
CA ASN C 4553 6.64 -40.47 27.09
C ASN C 4553 5.31 -40.52 26.35
N TYR C 4554 4.37 -41.34 26.83
CA TYR C 4554 3.06 -41.40 26.20
C TYR C 4554 2.31 -40.07 26.34
N LEU C 4555 2.38 -39.45 27.52
CA LEU C 4555 1.71 -38.17 27.71
C LEU C 4555 2.38 -37.07 26.88
N SER C 4556 3.71 -37.11 26.77
CA SER C 4556 4.42 -36.11 25.98
C SER C 4556 4.06 -36.19 24.50
N ARG C 4557 3.97 -37.41 23.96
CA ARG C 4557 3.64 -37.57 22.55
C ARG C 4557 2.20 -37.19 22.26
N ASN C 4558 1.31 -37.34 23.24
CA ASN C 4558 -0.11 -37.05 23.09
C ASN C 4558 -0.55 -35.90 23.97
N PHE C 4559 0.30 -34.87 24.11
CA PHE C 4559 -0.07 -33.71 24.91
C PHE C 4559 -1.15 -32.89 24.23
N TYR C 4560 -0.97 -32.62 22.93
CA TYR C 4560 -1.94 -31.80 22.21
C TYR C 4560 -3.25 -32.54 21.99
N THR C 4561 -3.20 -33.88 21.90
CA THR C 4561 -4.42 -34.66 21.83
C THR C 4561 -5.21 -34.55 23.14
N LEU C 4562 -4.52 -34.62 24.27
CA LEU C 4562 -5.19 -34.50 25.56
C LEU C 4562 -5.79 -33.11 25.75
N ARG C 4563 -5.08 -32.07 25.31
CA ARG C 4563 -5.61 -30.71 25.41
C ARG C 4563 -6.88 -30.56 24.59
N PHE C 4564 -6.89 -31.13 23.38
CA PHE C 4564 -8.12 -31.13 22.58
C PHE C 4564 -9.18 -32.03 23.19
N LEU C 4565 -8.77 -33.14 23.81
CA LEU C 4565 -9.73 -34.00 24.51
C LEU C 4565 -10.40 -33.26 25.65
N ALA C 4566 -9.63 -32.47 26.40
CA ALA C 4566 -10.21 -31.69 27.50
C ALA C 4566 -11.20 -30.66 26.98
N LEU C 4567 -10.93 -30.08 25.80
CA LEU C 4567 -11.84 -29.12 25.21
C LEU C 4567 -13.18 -29.78 24.84
N PHE C 4568 -13.12 -30.99 24.29
CA PHE C 4568 -14.36 -31.70 23.96
C PHE C 4568 -15.16 -32.03 25.22
N LEU C 4569 -14.48 -32.44 26.29
CA LEU C 4569 -15.17 -32.75 27.53
C LEU C 4569 -15.77 -31.51 28.17
N ALA C 4570 -15.20 -30.32 27.88
CA ALA C 4570 -15.81 -29.09 28.37
C ALA C 4570 -17.12 -28.79 27.65
N PHE C 4571 -17.16 -29.00 26.33
CA PHE C 4571 -18.39 -28.80 25.59
C PHE C 4571 -19.45 -29.82 25.98
N ALA C 4572 -19.06 -31.08 26.15
CA ALA C 4572 -20.01 -32.12 26.51
C ALA C 4572 -20.61 -31.86 27.89
N ILE C 4573 -19.80 -31.43 28.85
CA ILE C 4573 -20.31 -31.11 30.18
C ILE C 4573 -21.24 -29.91 30.11
N ASN C 4574 -20.85 -28.85 29.39
CA ASN C 4574 -21.65 -27.65 29.33
C ASN C 4574 -22.96 -27.87 28.58
N PHE C 4575 -22.97 -28.79 27.62
CA PHE C 4575 -24.23 -29.12 26.95
C PHE C 4575 -25.22 -29.73 27.92
N ILE C 4576 -24.75 -30.63 28.80
CA ILE C 4576 -25.62 -31.20 29.82
C ILE C 4576 -26.07 -30.14 30.81
N LEU C 4577 -25.20 -29.17 31.10
CA LEU C 4577 -25.54 -28.10 32.04
C LEU C 4577 -26.70 -27.23 31.55
N LEU C 4578 -27.04 -27.30 30.27
CA LEU C 4578 -28.20 -26.58 29.74
C LEU C 4578 -29.53 -27.17 30.19
N PHE C 4579 -29.52 -28.33 30.84
CA PHE C 4579 -30.73 -29.01 31.25
C PHE C 4579 -31.03 -28.83 32.73
N TYR C 4580 -30.26 -27.99 33.43
CA TYR C 4580 -30.55 -27.70 34.83
C TYR C 4580 -31.85 -26.92 34.98
N LYS C 4581 -32.56 -27.19 36.07
CA LYS C 4581 -33.77 -26.47 36.42
C LYS C 4581 -33.71 -26.14 37.91
N VAL C 4582 -34.39 -25.08 38.29
CA VAL C 4582 -34.42 -24.63 39.69
C VAL C 4582 -35.86 -24.68 40.18
N SER C 4583 -36.03 -25.14 41.41
CA SER C 4583 -37.36 -25.23 42.01
C SER C 4583 -37.23 -25.09 43.52
N ASP C 4584 -38.19 -24.41 44.13
CA ASP C 4584 -38.18 -24.24 45.59
C ASP C 4584 -38.35 -25.57 46.30
N SER C 4585 -39.26 -26.41 45.82
CA SER C 4585 -39.49 -27.71 46.42
C SER C 4585 -38.44 -28.72 45.96
N PRO C 4586 -38.09 -29.69 46.81
CA PRO C 4586 -37.14 -30.71 46.39
C PRO C 4586 -37.72 -31.56 45.28
N PRO C 4587 -36.88 -32.10 44.39
CA PRO C 4587 -37.34 -32.94 43.28
C PRO C 4587 -37.80 -34.32 43.75
N ASN C 4626 -36.85 -21.66 52.40
CA ASN C 4626 -37.13 -22.35 51.14
C ASN C 4626 -35.95 -22.24 50.18
N MET C 4627 -34.78 -22.70 50.64
CA MET C 4627 -33.59 -22.68 49.81
C MET C 4627 -33.80 -23.55 48.58
N VAL C 4628 -33.50 -22.99 47.40
CA VAL C 4628 -33.93 -23.58 46.14
C VAL C 4628 -33.06 -24.79 45.79
N TYR C 4629 -33.58 -25.64 44.91
CA TYR C 4629 -32.93 -26.87 44.52
C TYR C 4629 -32.61 -26.84 43.03
N TYR C 4630 -31.37 -27.18 42.68
CA TYR C 4630 -30.94 -27.29 41.30
C TYR C 4630 -30.87 -28.76 40.91
N PHE C 4631 -31.44 -29.09 39.76
CA PHE C 4631 -31.49 -30.48 39.31
C PHE C 4631 -31.59 -30.53 37.79
N LEU C 4632 -31.20 -31.67 37.23
CA LEU C 4632 -31.30 -31.89 35.80
C LEU C 4632 -32.70 -32.37 35.44
N GLU C 4633 -33.27 -31.78 34.40
CA GLU C 4633 -34.62 -32.13 33.95
C GLU C 4633 -34.51 -32.69 32.54
N GLU C 4634 -34.31 -34.01 32.45
CA GLU C 4634 -34.21 -34.70 31.18
C GLU C 4634 -34.82 -36.09 31.32
N SER C 4635 -35.58 -36.50 30.29
CA SER C 4635 -36.39 -37.70 30.38
C SER C 4635 -35.58 -38.99 30.24
N THR C 4636 -34.45 -38.95 29.55
CA THR C 4636 -33.70 -40.17 29.27
C THR C 4636 -33.21 -40.84 30.54
N GLY C 4637 -32.73 -40.05 31.51
CA GLY C 4637 -32.27 -40.59 32.77
C GLY C 4637 -30.81 -41.00 32.81
N TYR C 4638 -30.07 -40.81 31.72
CA TYR C 4638 -28.65 -41.17 31.68
C TYR C 4638 -27.72 -39.97 31.75
N MET C 4639 -28.25 -38.75 31.62
CA MET C 4639 -27.39 -37.58 31.49
C MET C 4639 -26.75 -37.20 32.81
N GLU C 4640 -27.41 -37.49 33.94
CA GLU C 4640 -26.76 -37.24 35.23
C GLU C 4640 -25.55 -38.13 35.45
N PRO C 4641 -25.64 -39.47 35.28
CA PRO C 4641 -24.40 -40.27 35.35
C PRO C 4641 -23.40 -39.90 34.29
N ALA C 4642 -23.86 -39.53 33.09
CA ALA C 4642 -22.94 -39.08 32.05
C ALA C 4642 -22.18 -37.84 32.50
N LEU C 4643 -22.86 -36.89 33.14
CA LEU C 4643 -22.22 -35.68 33.61
C LEU C 4643 -21.21 -35.99 34.72
N TRP C 4644 -21.57 -36.90 35.63
CA TRP C 4644 -20.62 -37.27 36.69
C TRP C 4644 -19.36 -37.89 36.11
N CYS C 4645 -19.53 -38.85 35.19
CA CYS C 4645 -18.38 -39.50 34.58
C CYS C 4645 -17.55 -38.50 33.77
N LEU C 4646 -18.22 -37.60 33.05
CA LEU C 4646 -17.50 -36.61 32.24
C LEU C 4646 -16.73 -35.64 33.12
N SER C 4647 -17.29 -35.25 34.27
CA SER C 4647 -16.56 -34.36 35.17
C SER C 4647 -15.32 -35.04 35.74
N LEU C 4648 -15.46 -36.31 36.17
CA LEU C 4648 -14.29 -37.03 36.66
C LEU C 4648 -13.24 -37.17 35.56
N LEU C 4649 -13.67 -37.49 34.34
CA LEU C 4649 -12.74 -37.64 33.23
C LEU C 4649 -12.07 -36.32 32.90
N HIS C 4650 -12.81 -35.21 32.99
CA HIS C 4650 -12.23 -33.90 32.71
C HIS C 4650 -11.16 -33.54 33.73
N THR C 4651 -11.42 -33.81 35.01
CA THR C 4651 -10.39 -33.56 36.02
C THR C 4651 -9.16 -34.42 35.76
N LEU C 4652 -9.37 -35.70 35.43
CA LEU C 4652 -8.23 -36.58 35.14
C LEU C 4652 -7.44 -36.08 33.94
N VAL C 4653 -8.13 -35.63 32.89
CA VAL C 4653 -7.46 -35.15 31.69
C VAL C 4653 -6.71 -33.86 31.97
N ALA C 4654 -7.25 -33.00 32.82
CA ALA C 4654 -6.52 -31.78 33.20
C ALA C 4654 -5.23 -32.13 33.93
N PHE C 4655 -5.30 -33.09 34.86
CA PHE C 4655 -4.08 -33.52 35.54
C PHE C 4655 -3.06 -34.10 34.56
N LEU C 4656 -3.54 -34.94 33.63
CA LEU C 4656 -2.65 -35.52 32.63
C LEU C 4656 -2.05 -34.44 31.74
N CYS C 4657 -2.82 -33.39 31.44
CA CYS C 4657 -2.30 -32.30 30.62
C CYS C 4657 -1.20 -31.54 31.36
N ILE C 4658 -1.37 -31.32 32.67
CA ILE C 4658 -0.30 -30.68 33.43
C ILE C 4658 0.96 -31.54 33.41
N ILE C 4659 0.80 -32.85 33.62
CA ILE C 4659 1.97 -33.73 33.64
C ILE C 4659 2.66 -33.74 32.27
N GLY C 4660 1.86 -33.81 31.20
CA GLY C 4660 2.44 -33.81 29.87
C GLY C 4660 3.15 -32.52 29.53
N TYR C 4661 2.58 -31.39 29.92
CA TYR C 4661 3.25 -30.11 29.72
C TYR C 4661 4.57 -30.08 30.48
N ASN C 4662 4.56 -30.53 31.74
CA ASN C 4662 5.79 -30.54 32.54
C ASN C 4662 6.85 -31.41 31.87
N CYS C 4663 6.44 -32.53 31.29
CA CYS C 4663 7.41 -33.41 30.63
C CYS C 4663 7.89 -32.86 29.29
N LEU C 4664 7.06 -32.10 28.59
CA LEU C 4664 7.35 -31.73 27.19
C LEU C 4664 7.91 -30.31 27.06
N LYS C 4665 7.19 -29.31 27.55
CA LYS C 4665 7.53 -27.91 27.24
C LYS C 4665 8.37 -27.24 28.30
N VAL C 4666 8.32 -27.70 29.55
CA VAL C 4666 9.18 -27.12 30.59
C VAL C 4666 10.66 -27.26 30.27
N PRO C 4667 11.15 -28.39 29.75
CA PRO C 4667 12.59 -28.45 29.43
C PRO C 4667 13.06 -27.36 28.50
N LEU C 4668 12.25 -26.96 27.52
CA LEU C 4668 12.66 -25.87 26.63
C LEU C 4668 12.77 -24.54 27.38
N VAL C 4669 11.84 -24.27 28.29
CA VAL C 4669 11.89 -23.03 29.07
C VAL C 4669 13.13 -23.02 29.95
N ILE C 4670 13.41 -24.15 30.61
CA ILE C 4670 14.61 -24.23 31.46
C ILE C 4670 15.86 -24.07 30.63
N PHE C 4671 15.90 -24.68 29.44
CA PHE C 4671 17.04 -24.56 28.56
C PHE C 4671 17.28 -23.12 28.14
N LYS C 4672 16.20 -22.42 27.75
CA LYS C 4672 16.34 -21.02 27.35
C LYS C 4672 16.81 -20.16 28.51
N ARG C 4673 16.27 -20.38 29.71
CA ARG C 4673 16.67 -19.60 30.87
C ARG C 4673 18.15 -19.82 31.19
N GLU C 4674 18.59 -21.09 31.18
CA GLU C 4674 19.99 -21.39 31.46
C GLU C 4674 20.91 -20.81 30.38
N LYS C 4675 20.48 -20.88 29.11
CA LYS C 4675 21.29 -20.34 28.03
C LYS C 4675 21.47 -18.82 28.18
N GLU C 4676 20.37 -18.12 28.48
CA GLU C 4676 20.46 -16.68 28.66
C GLU C 4676 21.33 -16.33 29.86
N LEU C 4677 21.18 -17.08 30.96
CA LEU C 4677 21.99 -16.81 32.14
C LEU C 4677 23.47 -17.05 31.87
N ALA C 4678 23.80 -18.13 31.15
CA ALA C 4678 25.20 -18.41 30.83
C ALA C 4678 25.78 -17.33 29.93
N ARG C 4679 25.00 -16.88 28.94
CA ARG C 4679 25.46 -15.82 28.06
C ARG C 4679 25.71 -14.54 28.86
N LYS C 4680 24.80 -14.21 29.78
CA LYS C 4680 24.98 -13.01 30.59
C LYS C 4680 26.20 -13.14 31.51
N LEU C 4681 26.44 -14.33 32.06
CA LEU C 4681 27.61 -14.52 32.90
C LEU C 4681 28.90 -14.36 32.12
N GLU C 4682 28.97 -14.96 30.93
CA GLU C 4682 30.24 -14.99 30.20
C GLU C 4682 30.47 -13.71 29.41
N PHE C 4683 29.57 -13.39 28.47
CA PHE C 4683 29.79 -12.32 27.53
C PHE C 4683 29.30 -10.96 28.03
N ASP C 4684 28.76 -10.89 29.25
CA ASP C 4684 28.32 -9.63 29.81
C ASP C 4684 28.84 -9.37 31.22
N GLY C 4685 29.14 -10.39 32.01
CA GLY C 4685 29.61 -10.20 33.36
C GLY C 4685 28.56 -9.54 34.24
N LEU C 4686 27.32 -10.03 34.16
CA LEU C 4686 26.22 -9.41 34.90
C LEU C 4686 26.47 -9.48 36.41
N TYR C 4687 26.52 -10.68 36.96
CA TYR C 4687 26.78 -10.84 38.40
C TYR C 4687 28.23 -10.61 38.75
N ILE C 4688 29.14 -10.74 37.78
CA ILE C 4688 30.56 -10.53 38.07
C ILE C 4688 30.85 -9.06 38.31
N THR C 4689 30.27 -8.18 37.50
CA THR C 4689 30.58 -6.75 37.55
C THR C 4689 29.38 -5.89 37.92
N GLU C 4690 28.25 -6.05 37.23
CA GLU C 4690 27.13 -5.11 37.33
C GLU C 4690 26.12 -5.51 38.39
N GLN C 4691 25.50 -6.69 38.25
CA GLN C 4691 24.45 -7.21 39.12
C GLN C 4691 23.17 -6.39 38.98
N PRO C 4692 21.99 -7.03 39.11
CA PRO C 4692 20.74 -6.28 38.98
C PRO C 4692 20.47 -5.36 40.16
N GLY C 4693 19.36 -4.63 40.13
CA GLY C 4693 19.03 -3.68 41.17
C GLY C 4693 17.63 -3.87 41.72
N ASP C 4694 17.22 -5.12 41.87
CA ASP C 4694 15.92 -5.52 42.42
C ASP C 4694 14.79 -5.22 41.45
N ASP C 4695 15.09 -4.54 40.35
CA ASP C 4695 14.12 -4.39 39.28
C ASP C 4695 14.01 -5.67 38.46
N ASP C 4696 15.13 -6.37 38.29
CA ASP C 4696 15.15 -7.64 37.55
C ASP C 4696 14.90 -8.78 38.54
N VAL C 4697 13.62 -9.07 38.76
CA VAL C 4697 13.25 -10.20 39.60
C VAL C 4697 13.75 -11.50 39.00
N LYS C 4698 13.82 -11.57 37.67
CA LYS C 4698 14.39 -12.75 37.01
C LYS C 4698 15.85 -12.96 37.41
N GLY C 4699 16.64 -11.88 37.39
CA GLY C 4699 18.03 -11.99 37.82
C GLY C 4699 18.17 -12.29 39.29
N GLN C 4700 17.33 -11.67 40.13
CA GLN C 4700 17.37 -11.94 41.55
C GLN C 4700 17.09 -13.42 41.85
N TRP C 4701 16.12 -14.00 41.14
CA TRP C 4701 15.86 -15.43 41.31
C TRP C 4701 16.97 -16.27 40.73
N ASP C 4702 17.55 -15.86 39.60
CA ASP C 4702 18.64 -16.60 38.98
C ASP C 4702 19.91 -16.57 39.82
N ARG C 4703 20.01 -15.64 40.78
CA ARG C 4703 21.14 -15.65 41.69
C ARG C 4703 21.31 -16.99 42.39
N LEU C 4704 20.21 -17.70 42.64
CA LEU C 4704 20.27 -18.93 43.42
C LEU C 4704 21.07 -20.02 42.72
N VAL C 4705 20.88 -20.16 41.40
CA VAL C 4705 21.42 -21.31 40.68
C VAL C 4705 22.92 -21.22 40.42
N LEU C 4706 23.52 -20.04 40.60
CA LEU C 4706 24.94 -19.88 40.25
C LEU C 4706 25.83 -20.81 41.07
N ASN C 4707 25.58 -20.90 42.38
CA ASN C 4707 26.38 -21.74 43.25
C ASN C 4707 26.06 -23.21 43.12
N THR C 4708 24.97 -23.58 42.46
CA THR C 4708 24.56 -24.97 42.38
C THR C 4708 25.56 -25.78 41.56
N PRO C 4709 25.88 -27.00 41.98
CA PRO C 4709 26.83 -27.83 41.22
C PRO C 4709 26.32 -28.20 39.83
N SER C 4710 25.01 -28.19 39.61
CA SER C 4710 24.41 -28.64 38.36
C SER C 4710 23.70 -27.49 37.65
N PHE C 4711 24.34 -26.33 37.60
CA PHE C 4711 23.72 -25.19 36.91
C PHE C 4711 23.44 -25.48 35.44
N PRO C 4712 24.39 -25.95 34.61
CA PRO C 4712 24.03 -26.34 33.25
C PRO C 4712 23.51 -27.77 33.21
N SER C 4713 22.20 -27.91 33.01
CA SER C 4713 21.57 -29.22 32.89
C SER C 4713 20.93 -29.42 31.53
N ASN C 4714 20.07 -28.50 31.09
CA ASN C 4714 19.49 -28.59 29.76
C ASN C 4714 20.40 -27.99 28.70
N TYR C 4715 21.14 -26.93 29.03
CA TYR C 4715 22.04 -26.31 28.08
C TYR C 4715 23.21 -27.24 27.78
N TRP C 4716 23.63 -27.25 26.51
CA TRP C 4716 24.67 -28.18 26.08
C TRP C 4716 26.02 -27.84 26.68
N ASP C 4717 26.36 -26.55 26.75
CA ASP C 4717 27.69 -26.12 27.15
C ASP C 4717 27.90 -26.41 28.63
N LYS C 4718 28.65 -27.46 28.93
CA LYS C 4718 29.00 -27.81 30.31
C LYS C 4718 30.27 -27.12 30.79
N PHE C 4719 30.99 -26.42 29.90
CA PHE C 4719 32.22 -25.74 30.25
C PHE C 4719 32.01 -24.25 30.52
N VAL C 4720 30.76 -23.81 30.70
CA VAL C 4720 30.49 -22.38 30.83
C VAL C 4720 31.16 -21.82 32.09
N LYS C 4721 31.12 -22.58 33.18
CA LYS C 4721 31.74 -22.11 34.43
C LYS C 4721 33.25 -21.94 34.25
N ARG C 4722 33.90 -22.91 33.62
CA ARG C 4722 35.33 -22.80 33.37
C ARG C 4722 35.65 -21.63 32.45
N LYS C 4723 34.83 -21.43 31.42
CA LYS C 4723 35.06 -20.33 30.48
C LYS C 4723 34.94 -18.98 31.17
N VAL C 4724 33.88 -18.78 31.96
CA VAL C 4724 33.71 -17.48 32.63
C VAL C 4724 34.77 -17.30 33.70
N LEU C 4725 35.18 -18.38 34.37
CA LEU C 4725 36.29 -18.29 35.32
C LEU C 4725 37.56 -17.82 34.64
N ASP C 4726 37.91 -18.44 33.51
CA ASP C 4726 39.12 -18.02 32.79
C ASP C 4726 39.00 -16.61 32.26
N LYS C 4727 37.80 -16.18 31.88
CA LYS C 4727 37.62 -14.85 31.31
C LYS C 4727 37.65 -13.75 32.36
N HIS C 4728 37.19 -14.02 33.58
CA HIS C 4728 37.02 -12.98 34.58
C HIS C 4728 37.91 -13.15 35.82
N GLY C 4729 38.77 -14.17 35.87
CA GLY C 4729 39.59 -14.36 37.05
C GLY C 4729 40.56 -13.21 37.27
N ASP C 4730 41.32 -12.84 36.23
CA ASP C 4730 42.34 -11.82 36.39
C ASP C 4730 41.74 -10.49 36.82
N ILE C 4731 40.46 -10.25 36.50
CA ILE C 4731 39.87 -8.95 36.77
C ILE C 4731 39.12 -8.95 38.09
N PHE C 4732 38.51 -10.07 38.48
CA PHE C 4732 37.63 -10.07 39.64
C PHE C 4732 38.06 -11.04 40.74
N GLY C 4733 39.27 -11.59 40.68
CA GLY C 4733 39.70 -12.48 41.75
C GLY C 4733 39.31 -13.91 41.45
N ARG C 4734 40.29 -14.80 41.29
CA ARG C 4734 39.99 -16.19 41.02
C ARG C 4734 39.24 -16.83 42.19
N GLU C 4735 39.65 -16.52 43.42
CA GLU C 4735 38.97 -17.04 44.60
C GLU C 4735 37.53 -16.55 44.67
N ARG C 4736 37.31 -15.26 44.38
CA ARG C 4736 35.97 -14.70 44.39
C ARG C 4736 35.08 -15.38 43.34
N ILE C 4737 35.63 -15.57 42.13
CA ILE C 4737 34.85 -16.22 41.08
C ILE C 4737 34.53 -17.65 41.46
N ALA C 4738 35.49 -18.37 42.04
CA ALA C 4738 35.25 -19.74 42.46
C ALA C 4738 34.17 -19.80 43.54
N GLU C 4739 34.20 -18.87 44.49
CA GLU C 4739 33.16 -18.84 45.52
C GLU C 4739 31.80 -18.54 44.91
N LEU C 4740 31.74 -17.59 43.97
CA LEU C 4740 30.46 -17.24 43.37
C LEU C 4740 29.89 -18.40 42.55
N LEU C 4741 30.75 -19.13 41.86
CA LEU C 4741 30.31 -20.21 40.98
C LEU C 4741 30.29 -21.57 41.66
N GLY C 4742 30.63 -21.64 42.94
CA GLY C 4742 30.51 -22.89 43.68
C GLY C 4742 31.42 -24.01 43.20
N MET C 4743 32.66 -23.70 42.86
CA MET C 4743 33.64 -24.70 42.45
C MET C 4743 34.97 -24.41 43.14
N ASP C 4744 35.77 -25.46 43.33
CA ASP C 4744 37.03 -25.35 44.03
C ASP C 4744 38.20 -25.61 43.07
N LEU C 4745 39.22 -24.77 43.14
CA LEU C 4745 40.39 -24.93 42.27
C LEU C 4745 41.26 -26.11 42.69
N ALA C 4746 41.26 -26.45 43.99
CA ALA C 4746 42.13 -27.50 44.49
C ALA C 4746 41.76 -28.88 43.96
N SER C 4747 40.56 -29.05 43.43
CA SER C 4747 40.14 -30.36 42.92
C SER C 4747 40.62 -30.61 41.50
N LEU C 4748 41.17 -29.60 40.84
CA LEU C 4748 41.58 -29.72 39.45
C LEU C 4748 43.05 -30.07 39.28
N GLU C 4749 43.78 -30.31 40.37
CA GLU C 4749 45.21 -30.60 40.24
C GLU C 4749 45.45 -32.02 39.73
N ILE C 4750 44.41 -32.84 39.68
CA ILE C 4750 44.33 -33.92 38.69
C ILE C 4750 43.02 -33.77 37.92
N ASP C 4772 20.21 -31.88 44.16
CA ASP C 4772 20.51 -30.45 44.19
C ASP C 4772 19.25 -29.66 44.58
N VAL C 4773 19.08 -29.46 45.88
CA VAL C 4773 17.86 -28.84 46.39
C VAL C 4773 17.72 -27.41 45.91
N LYS C 4774 18.82 -26.65 45.91
CA LYS C 4774 18.76 -25.26 45.45
C LYS C 4774 18.42 -25.18 43.97
N TYR C 4775 19.00 -26.06 43.16
CA TYR C 4775 18.66 -26.09 41.74
C TYR C 4775 17.20 -26.46 41.54
N GLN C 4776 16.69 -27.40 42.33
CA GLN C 4776 15.27 -27.76 42.24
C GLN C 4776 14.37 -26.59 42.60
N ILE C 4777 14.74 -25.84 43.64
CA ILE C 4777 13.95 -24.67 44.04
C ILE C 4777 13.94 -23.63 42.92
N TRP C 4778 15.11 -23.37 42.33
CA TRP C 4778 15.17 -22.40 41.23
C TRP C 4778 14.35 -22.87 40.03
N LYS C 4779 14.46 -24.16 39.69
CA LYS C 4779 13.71 -24.71 38.58
C LYS C 4779 12.21 -24.59 38.81
N PHE C 4780 11.75 -24.90 40.03
CA PHE C 4780 10.34 -24.81 40.33
C PHE C 4780 9.86 -23.36 40.35
N GLY C 4781 10.73 -22.43 40.76
CA GLY C 4781 10.37 -21.02 40.66
C GLY C 4781 10.16 -20.59 39.22
N VAL C 4782 11.06 -21.01 38.33
CA VAL C 4782 10.89 -20.71 36.91
C VAL C 4782 9.61 -21.34 36.37
N ILE C 4783 9.34 -22.59 36.76
CA ILE C 4783 8.16 -23.28 36.29
C ILE C 4783 6.90 -22.55 36.73
N PHE C 4784 6.83 -22.16 38.01
CA PHE C 4784 5.66 -21.46 38.51
C PHE C 4784 5.56 -20.03 37.98
N THR C 4785 6.66 -19.46 37.51
CA THR C 4785 6.59 -18.20 36.78
C THR C 4785 6.08 -18.39 35.35
N ASP C 4786 6.28 -19.57 34.76
CA ASP C 4786 5.86 -19.81 33.39
C ASP C 4786 4.36 -19.59 33.20
N ASN C 4787 4.02 -18.81 32.16
CA ASN C 4787 2.63 -18.41 31.94
C ASN C 4787 1.75 -19.59 31.53
N SER C 4788 2.25 -20.44 30.64
CA SER C 4788 1.46 -21.59 30.21
C SER C 4788 1.22 -22.57 31.36
N PHE C 4789 2.24 -22.77 32.20
CA PHE C 4789 2.05 -23.63 33.37
C PHE C 4789 1.04 -23.01 34.34
N LEU C 4790 1.08 -21.68 34.51
CA LEU C 4790 0.08 -21.03 35.35
C LEU C 4790 -1.32 -21.20 34.77
N TYR C 4791 -1.45 -21.09 33.45
CA TYR C 4791 -2.76 -21.27 32.82
C TYR C 4791 -3.27 -22.69 33.02
N LEU C 4792 -2.40 -23.69 32.88
CA LEU C 4792 -2.83 -25.07 33.07
C LEU C 4792 -3.18 -25.34 34.53
N GLY C 4793 -2.45 -24.72 35.45
CA GLY C 4793 -2.81 -24.83 36.86
C GLY C 4793 -4.17 -24.21 37.15
N TRP C 4794 -4.46 -23.07 36.55
CA TRP C 4794 -5.79 -22.47 36.68
C TRP C 4794 -6.86 -23.37 36.10
N TYR C 4795 -6.58 -23.98 34.95
CA TYR C 4795 -7.50 -24.94 34.36
C TYR C 4795 -7.82 -26.08 35.32
N MET C 4796 -6.78 -26.65 35.93
CA MET C 4796 -6.98 -27.74 36.87
C MET C 4796 -7.73 -27.29 38.11
N VAL C 4797 -7.43 -26.09 38.61
CA VAL C 4797 -8.12 -25.60 39.80
C VAL C 4797 -9.60 -25.41 39.51
N MET C 4798 -9.94 -24.85 38.34
CA MET C 4798 -11.34 -24.66 38.01
C MET C 4798 -12.04 -26.00 37.77
N SER C 4799 -11.33 -26.97 37.19
CA SER C 4799 -11.89 -28.30 37.04
C SER C 4799 -12.17 -28.94 38.41
N LEU C 4800 -11.29 -28.71 39.38
CA LEU C 4800 -11.53 -29.21 40.73
C LEU C 4800 -12.72 -28.52 41.37
N LEU C 4801 -12.85 -27.20 41.17
CA LEU C 4801 -14.01 -26.48 41.68
C LEU C 4801 -15.30 -26.92 40.98
N GLY C 4802 -15.18 -27.51 39.80
CA GLY C 4802 -16.35 -28.07 39.13
C GLY C 4802 -17.06 -29.15 39.94
N HIS C 4803 -16.31 -29.97 40.67
CA HIS C 4803 -16.95 -30.97 41.52
C HIS C 4803 -17.68 -30.34 42.69
N TYR C 4804 -17.21 -29.18 43.16
CA TYR C 4804 -17.96 -28.44 44.17
C TYR C 4804 -19.22 -27.82 43.58
N ASN C 4805 -19.11 -27.20 42.41
CA ASN C 4805 -20.25 -26.58 41.74
C ASN C 4805 -20.08 -26.73 40.23
N ASN C 4806 -20.73 -27.76 39.67
CA ASN C 4806 -20.70 -28.06 38.24
C ASN C 4806 -20.74 -26.83 37.33
N PHE C 4807 -21.40 -25.76 37.75
CA PHE C 4807 -21.44 -24.57 36.91
C PHE C 4807 -20.08 -23.88 36.81
N PHE C 4808 -19.10 -24.28 37.62
CA PHE C 4808 -17.74 -23.79 37.44
C PHE C 4808 -17.05 -24.38 36.22
N PHE C 4809 -17.63 -25.40 35.60
CA PHE C 4809 -17.09 -25.93 34.36
C PHE C 4809 -17.32 -25.01 33.17
N ALA C 4810 -18.14 -23.97 33.33
CA ALA C 4810 -18.34 -23.01 32.26
C ALA C 4810 -17.10 -22.18 31.98
N ALA C 4811 -16.21 -22.02 32.97
CA ALA C 4811 -14.99 -21.27 32.77
C ALA C 4811 -13.99 -21.98 31.87
N HIS C 4812 -14.22 -23.25 31.56
CA HIS C 4812 -13.37 -23.97 30.63
C HIS C 4812 -13.78 -23.77 29.17
N LEU C 4813 -14.92 -23.12 28.93
CA LEU C 4813 -15.27 -22.72 27.58
C LEU C 4813 -14.46 -21.53 27.10
N LEU C 4814 -13.84 -20.78 28.01
CA LEU C 4814 -12.89 -19.75 27.63
C LEU C 4814 -11.64 -20.31 27.00
N ASP C 4815 -11.39 -21.61 27.14
CA ASP C 4815 -10.24 -22.26 26.53
C ASP C 4815 -10.32 -22.31 25.01
N ILE C 4816 -11.50 -22.05 24.43
CA ILE C 4816 -11.62 -22.07 22.98
C ILE C 4816 -10.77 -20.98 22.35
N ALA C 4817 -10.65 -19.83 23.00
CA ALA C 4817 -9.84 -18.74 22.46
C ALA C 4817 -8.38 -19.15 22.34
N MET C 4818 -7.85 -19.83 23.36
CA MET C 4818 -6.45 -20.27 23.32
C MET C 4818 -6.27 -21.56 22.52
N GLY C 4819 -7.35 -22.29 22.26
CA GLY C 4819 -7.25 -23.52 21.51
C GLY C 4819 -7.37 -23.35 20.01
N VAL C 4820 -8.37 -22.61 19.56
CA VAL C 4820 -8.64 -22.46 18.13
C VAL C 4820 -7.76 -21.35 17.57
N LYS C 4821 -6.97 -21.67 16.55
CA LYS C 4821 -6.14 -20.65 15.91
C LYS C 4821 -6.98 -19.59 15.25
N THR C 4822 -8.12 -19.97 14.68
CA THR C 4822 -9.03 -18.99 14.07
C THR C 4822 -9.55 -18.00 15.12
N LEU C 4823 -9.97 -18.51 16.28
CA LEU C 4823 -10.41 -17.63 17.35
C LEU C 4823 -9.28 -16.74 17.85
N ARG C 4824 -8.08 -17.30 17.97
CA ARG C 4824 -6.96 -16.49 18.42
C ARG C 4824 -6.66 -15.35 17.44
N THR C 4825 -6.71 -15.65 16.14
CA THR C 4825 -6.49 -14.60 15.14
C THR C 4825 -7.61 -13.56 15.16
N ILE C 4826 -8.86 -14.00 15.35
CA ILE C 4826 -9.98 -13.07 15.39
C ILE C 4826 -9.86 -12.14 16.59
N LEU C 4827 -9.53 -12.71 17.77
CA LEU C 4827 -9.39 -11.89 18.97
C LEU C 4827 -8.10 -11.08 18.95
N SER C 4828 -7.15 -11.41 18.08
CA SER C 4828 -6.00 -10.54 17.89
C SER C 4828 -6.41 -9.16 17.40
N SER C 4829 -7.51 -9.07 16.65
CA SER C 4829 -8.00 -7.76 16.24
C SER C 4829 -8.42 -6.92 17.43
N VAL C 4830 -9.08 -7.54 18.41
CA VAL C 4830 -9.48 -6.80 19.61
C VAL C 4830 -8.26 -6.46 20.46
N THR C 4831 -7.32 -7.39 20.59
CA THR C 4831 -6.18 -7.18 21.47
C THR C 4831 -5.08 -6.32 20.85
N HIS C 4832 -5.12 -6.08 19.53
CA HIS C 4832 -4.08 -5.27 18.90
C HIS C 4832 -4.13 -3.82 19.39
N ASN C 4833 -5.33 -3.27 19.55
CA ASN C 4833 -5.53 -1.91 20.02
C ASN C 4833 -6.29 -1.89 21.34
N GLY C 4834 -5.99 -2.85 22.23
CA GLY C 4834 -6.69 -2.94 23.48
C GLY C 4834 -6.40 -1.75 24.39
N LYS C 4835 -5.15 -1.27 24.39
CA LYS C 4835 -4.82 -0.10 25.18
C LYS C 4835 -5.62 1.11 24.73
N GLN C 4836 -5.72 1.32 23.42
CA GLN C 4836 -6.51 2.43 22.91
C GLN C 4836 -7.99 2.24 23.18
N LEU C 4837 -8.47 0.99 23.15
CA LEU C 4837 -9.88 0.73 23.46
C LEU C 4837 -10.21 1.09 24.90
N VAL C 4838 -9.38 0.65 25.85
CA VAL C 4838 -9.66 0.99 27.24
C VAL C 4838 -9.46 2.49 27.48
N MET C 4839 -8.52 3.11 26.76
CA MET C 4839 -8.28 4.53 26.99
C MET C 4839 -9.44 5.37 26.45
N THR C 4840 -10.02 4.95 25.32
CA THR C 4840 -11.19 5.65 24.81
C THR C 4840 -12.44 5.33 25.62
N VAL C 4841 -12.48 4.17 26.28
CA VAL C 4841 -13.55 3.93 27.25
C VAL C 4841 -13.44 4.91 28.41
N GLY C 4842 -12.22 5.14 28.90
CA GLY C 4842 -12.02 6.15 29.93
C GLY C 4842 -12.40 7.55 29.45
N LEU C 4843 -12.08 7.86 28.19
CA LEU C 4843 -12.51 9.14 27.62
C LEU C 4843 -14.02 9.25 27.58
N LEU C 4844 -14.71 8.18 27.21
CA LEU C 4844 -16.17 8.16 27.24
C LEU C 4844 -16.69 8.40 28.65
N ALA C 4845 -16.05 7.79 29.64
CA ALA C 4845 -16.45 8.01 31.03
C ALA C 4845 -16.30 9.48 31.42
N VAL C 4846 -15.19 10.10 31.01
CA VAL C 4846 -14.97 11.52 31.35
C VAL C 4846 -16.02 12.40 30.67
N VAL C 4847 -16.31 12.14 29.40
CA VAL C 4847 -17.30 12.95 28.68
C VAL C 4847 -18.67 12.81 29.30
N VAL C 4848 -19.05 11.58 29.65
CA VAL C 4848 -20.35 11.37 30.30
C VAL C 4848 -20.37 12.03 31.68
N TYR C 4849 -19.23 12.07 32.36
CA TYR C 4849 -19.18 12.80 33.64
C TYR C 4849 -19.41 14.29 33.44
N LEU C 4850 -18.85 14.87 32.38
CA LEU C 4850 -19.09 16.27 32.09
C LEU C 4850 -20.57 16.53 31.80
N TYR C 4851 -21.18 15.65 31.01
CA TYR C 4851 -22.62 15.77 30.76
C TYR C 4851 -23.42 15.62 32.05
N THR C 4852 -22.97 14.75 32.95
CA THR C 4852 -23.62 14.60 34.25
C THR C 4852 -23.51 15.87 35.07
N VAL C 4853 -22.35 16.53 35.03
CA VAL C 4853 -22.19 17.80 35.74
C VAL C 4853 -23.20 18.81 35.22
N VAL C 4854 -23.29 18.95 33.89
CA VAL C 4854 -24.20 19.92 33.30
C VAL C 4854 -25.64 19.59 33.66
N ALA C 4855 -26.01 18.31 33.59
CA ALA C 4855 -27.37 17.90 33.91
C ALA C 4855 -27.69 18.20 35.38
N PHE C 4856 -26.84 17.74 36.30
CA PHE C 4856 -27.08 17.95 37.71
C PHE C 4856 -27.13 19.43 38.08
N ASN C 4857 -26.46 20.28 37.30
CA ASN C 4857 -26.51 21.70 37.61
C ASN C 4857 -27.71 22.41 37.00
N PHE C 4858 -28.22 21.95 35.85
CA PHE C 4858 -29.25 22.75 35.18
C PHE C 4858 -30.55 22.02 34.89
N PHE C 4859 -30.52 20.74 34.55
CA PHE C 4859 -31.71 20.03 34.08
C PHE C 4859 -32.12 18.93 35.06
N ARG C 4860 -32.09 19.23 36.36
CA ARG C 4860 -32.48 18.23 37.36
C ARG C 4860 -33.96 17.88 37.27
N LYS C 4861 -34.80 18.83 36.86
CA LYS C 4861 -36.25 18.60 36.87
C LYS C 4861 -36.69 17.58 35.83
N PHE C 4862 -35.89 17.34 34.80
CA PHE C 4862 -36.25 16.41 33.73
C PHE C 4862 -35.90 14.96 34.04
N TYR C 4863 -35.30 14.70 35.20
CA TYR C 4863 -34.80 13.38 35.54
C TYR C 4863 -35.70 12.67 36.55
N ASN C 4864 -37.00 12.84 36.43
CA ASN C 4864 -37.98 12.17 37.26
C ASN C 4864 -38.48 10.93 36.53
N LYS C 4865 -38.09 9.76 37.00
CA LYS C 4865 -38.43 8.48 36.37
C LYS C 4865 -39.52 7.74 37.13
N SER C 4866 -40.49 8.46 37.69
CA SER C 4866 -41.57 7.86 38.47
C SER C 4866 -42.90 8.21 37.82
N GLU C 4867 -43.69 7.18 37.50
CA GLU C 4867 -45.05 7.41 37.02
C GLU C 4867 -45.96 7.87 38.14
N ASP C 4868 -45.72 7.39 39.36
CA ASP C 4868 -46.52 7.82 40.50
C ASP C 4868 -46.23 9.27 40.85
N GLU C 4869 -47.29 10.07 40.97
CA GLU C 4869 -47.13 11.48 41.29
C GLU C 4869 -46.81 11.70 42.76
N ASP C 4870 -47.32 10.83 43.64
CA ASP C 4870 -47.09 11.00 45.07
C ASP C 4870 -45.65 10.68 45.46
N GLU C 4871 -45.04 9.68 44.83
CA GLU C 4871 -43.68 9.28 45.14
C GLU C 4871 -42.77 9.56 43.96
N PRO C 4872 -42.00 10.65 43.97
CA PRO C 4872 -41.08 10.92 42.86
C PRO C 4872 -39.80 10.11 43.00
N ASP C 4873 -39.29 9.66 41.85
CA ASP C 4873 -38.03 8.93 41.77
C ASP C 4873 -37.05 9.81 41.00
N MET C 4874 -36.38 10.69 41.71
CA MET C 4874 -35.46 11.64 41.09
C MET C 4874 -34.11 10.96 40.86
N LYS C 4875 -33.71 10.86 39.59
CA LYS C 4875 -32.48 10.18 39.23
C LYS C 4875 -31.29 11.13 39.13
N CYS C 4876 -31.48 12.43 39.38
CA CYS C 4876 -30.37 13.37 39.31
C CYS C 4876 -30.40 14.36 40.47
N ASP C 4877 -31.03 13.99 41.58
CA ASP C 4877 -30.94 14.77 42.81
C ASP C 4877 -29.69 14.42 43.62
N ASP C 4878 -28.97 13.38 43.21
CA ASP C 4878 -27.67 13.04 43.77
C ASP C 4878 -26.68 12.95 42.63
N MET C 4879 -25.46 13.45 42.86
CA MET C 4879 -24.48 13.51 41.78
C MET C 4879 -24.04 12.12 41.34
N MET C 4880 -23.75 11.23 42.29
CA MET C 4880 -23.32 9.88 41.92
C MET C 4880 -24.48 9.10 41.31
N THR C 4881 -25.70 9.30 41.80
CA THR C 4881 -26.86 8.66 41.21
C THR C 4881 -27.06 9.12 39.77
N CYS C 4882 -26.88 10.42 39.52
CA CYS C 4882 -27.03 10.94 38.16
C CYS C 4882 -25.94 10.40 37.24
N TYR C 4883 -24.71 10.30 37.75
CA TYR C 4883 -23.63 9.73 36.94
C TYR C 4883 -23.89 8.28 36.60
N LEU C 4884 -24.35 7.50 37.59
CA LEU C 4884 -24.69 6.10 37.33
C LEU C 4884 -25.82 5.99 36.33
N PHE C 4885 -26.84 6.84 36.46
CA PHE C 4885 -27.95 6.84 35.51
C PHE C 4885 -27.47 7.13 34.10
N HIS C 4886 -26.60 8.13 33.95
CA HIS C 4886 -26.04 8.44 32.64
C HIS C 4886 -25.28 7.24 32.08
N MET C 4887 -24.25 6.79 32.80
CA MET C 4887 -23.44 5.66 32.34
C MET C 4887 -24.28 4.44 32.03
N TYR C 4888 -25.41 4.26 32.71
CA TYR C 4888 -26.21 3.06 32.52
C TYR C 4888 -27.13 3.16 31.30
N VAL C 4889 -27.97 4.20 31.25
CA VAL C 4889 -29.02 4.26 30.23
C VAL C 4889 -28.61 5.11 29.04
N GLY C 4890 -27.90 6.22 29.24
CA GLY C 4890 -27.61 7.11 28.13
C GLY C 4890 -26.71 6.49 27.08
N VAL C 4891 -25.71 5.73 27.52
CA VAL C 4891 -24.80 5.09 26.57
C VAL C 4891 -25.51 3.97 25.83
N ARG C 4892 -26.33 3.18 26.52
CA ARG C 4892 -27.02 2.05 25.90
C ARG C 4892 -28.27 2.46 25.13
N ALA C 4893 -28.71 3.70 25.25
CA ALA C 4893 -29.87 4.16 24.51
C ALA C 4893 -29.52 4.51 23.07
N GLY C 4894 -30.47 4.30 22.17
CA GLY C 4894 -30.22 4.56 20.77
C GLY C 4894 -29.99 6.02 20.46
N GLY C 4895 -30.81 6.90 21.04
CA GLY C 4895 -30.70 8.32 20.82
C GLY C 4895 -30.04 9.11 21.93
N GLY C 4896 -29.48 8.45 22.93
CA GLY C 4896 -28.84 9.14 24.03
C GLY C 4896 -29.76 9.27 25.23
N ILE C 4897 -29.37 10.20 26.11
CA ILE C 4897 -30.12 10.41 27.35
C ILE C 4897 -31.48 11.04 27.10
N GLY C 4898 -31.65 11.75 25.97
CA GLY C 4898 -32.93 12.36 25.66
C GLY C 4898 -34.02 11.35 25.41
N ASP C 4899 -33.67 10.12 25.03
CA ASP C 4899 -34.66 9.06 24.92
C ASP C 4899 -35.18 8.64 26.29
N GLU C 4900 -34.37 8.81 27.33
CA GLU C 4900 -34.70 8.30 28.66
C GLU C 4900 -35.18 9.37 29.62
N ILE C 4901 -35.00 10.65 29.32
CA ILE C 4901 -35.44 11.69 30.24
C ILE C 4901 -36.65 12.44 29.69
N GLU C 4902 -37.20 13.33 30.51
CA GLU C 4902 -38.50 13.95 30.22
C GLU C 4902 -38.43 14.85 28.98
N ASP C 4903 -39.56 14.94 28.28
CA ASP C 4903 -39.65 15.76 27.09
C ASP C 4903 -39.54 17.24 27.46
N PRO C 4904 -38.70 18.02 26.79
CA PRO C 4904 -38.55 19.45 27.12
C PRO C 4904 -39.49 20.39 26.38
N ALA C 4905 -40.49 19.88 25.67
CA ALA C 4905 -41.37 20.75 24.89
C ALA C 4905 -42.11 21.71 25.80
N GLY C 4906 -42.19 22.98 25.37
CA GLY C 4906 -42.86 24.00 26.14
C GLY C 4906 -42.21 24.30 27.47
N ASP C 4907 -40.89 24.46 27.47
CA ASP C 4907 -40.13 24.72 28.68
C ASP C 4907 -39.17 25.89 28.45
N GLU C 4908 -38.75 26.51 29.55
CA GLU C 4908 -37.83 27.64 29.46
C GLU C 4908 -36.48 27.22 28.89
N TYR C 4909 -35.99 26.05 29.30
CA TYR C 4909 -34.70 25.53 28.84
C TYR C 4909 -34.86 24.54 27.69
N GLU C 4910 -35.87 24.73 26.84
CA GLU C 4910 -36.12 23.77 25.76
C GLU C 4910 -34.95 23.71 24.79
N LEU C 4911 -34.47 24.86 24.32
CA LEU C 4911 -33.40 24.87 23.34
C LEU C 4911 -32.08 24.40 23.95
N TYR C 4912 -31.80 24.81 25.18
CA TYR C 4912 -30.58 24.33 25.85
C TYR C 4912 -30.61 22.82 26.01
N ARG C 4913 -31.75 22.26 26.40
CA ARG C 4913 -31.85 20.82 26.58
C ARG C 4913 -31.80 20.09 25.24
N VAL C 4914 -32.35 20.69 24.19
CA VAL C 4914 -32.25 20.10 22.85
C VAL C 4914 -30.79 20.04 22.41
N VAL C 4915 -30.04 21.12 22.63
CA VAL C 4915 -28.62 21.12 22.30
C VAL C 4915 -27.88 20.08 23.15
N PHE C 4916 -28.24 19.98 24.43
CA PHE C 4916 -27.66 18.98 25.32
C PHE C 4916 -27.83 17.58 24.75
N ASP C 4917 -29.06 17.23 24.39
CA ASP C 4917 -29.36 15.89 23.89
C ASP C 4917 -28.68 15.63 22.54
N ILE C 4918 -28.73 16.61 21.64
CA ILE C 4918 -28.13 16.43 20.31
C ILE C 4918 -26.62 16.23 20.43
N THR C 4919 -25.96 17.05 21.25
CA THR C 4919 -24.53 16.92 21.43
C THR C 4919 -24.18 15.59 22.10
N PHE C 4920 -24.99 15.16 23.07
CA PHE C 4920 -24.75 13.85 23.68
C PHE C 4920 -24.84 12.75 22.64
N PHE C 4921 -25.87 12.78 21.81
CA PHE C 4921 -26.04 11.75 20.78
C PHE C 4921 -24.88 11.76 19.79
N PHE C 4922 -24.44 12.94 19.35
CA PHE C 4922 -23.39 13.00 18.35
C PHE C 4922 -22.03 12.61 18.92
N PHE C 4923 -21.68 13.14 20.09
CA PHE C 4923 -20.35 12.87 20.64
C PHE C 4923 -20.24 11.46 21.19
N VAL C 4924 -21.25 10.99 21.91
CA VAL C 4924 -21.15 9.73 22.64
C VAL C 4924 -21.60 8.56 21.77
N ILE C 4925 -22.83 8.63 21.28
CA ILE C 4925 -23.41 7.50 20.55
C ILE C 4925 -22.72 7.31 19.20
N VAL C 4926 -22.47 8.42 18.48
CA VAL C 4926 -21.96 8.33 17.12
C VAL C 4926 -20.44 8.29 17.12
N ILE C 4927 -19.81 9.37 17.59
CA ILE C 4927 -18.37 9.52 17.43
C ILE C 4927 -17.62 8.55 18.32
N LEU C 4928 -18.02 8.43 19.58
CA LEU C 4928 -17.26 7.65 20.54
C LEU C 4928 -17.43 6.15 20.37
N LEU C 4929 -18.42 5.70 19.61
CA LEU C 4929 -18.52 4.29 19.23
C LEU C 4929 -17.96 4.02 17.84
N ALA C 4930 -18.06 5.00 16.94
CA ALA C 4930 -17.35 4.91 15.67
C ALA C 4930 -15.85 4.82 15.88
N ILE C 4931 -15.34 5.46 16.95
CA ILE C 4931 -13.92 5.36 17.26
C ILE C 4931 -13.55 3.91 17.59
N ILE C 4932 -14.35 3.25 18.41
CA ILE C 4932 -14.08 1.86 18.79
C ILE C 4932 -14.15 0.94 17.57
N GLN C 4933 -15.20 1.11 16.76
CA GLN C 4933 -15.34 0.28 15.57
C GLN C 4933 -14.19 0.51 14.61
N GLY C 4934 -13.79 1.77 14.42
CA GLY C 4934 -12.65 2.05 13.57
C GLY C 4934 -11.35 1.51 14.10
N LEU C 4935 -11.18 1.49 15.43
CA LEU C 4935 -10.00 0.87 16.01
C LEU C 4935 -9.95 -0.62 15.69
N ILE C 4936 -11.08 -1.31 15.81
CA ILE C 4936 -11.12 -2.73 15.50
C ILE C 4936 -10.80 -2.97 14.02
N ILE C 4937 -11.42 -2.16 13.14
CA ILE C 4937 -11.20 -2.34 11.71
C ILE C 4937 -9.76 -2.03 11.34
N ASP C 4938 -9.18 -1.00 11.94
CA ASP C 4938 -7.79 -0.66 11.68
C ASP C 4938 -6.86 -1.75 12.19
N ALA C 4939 -7.21 -2.40 13.30
CA ALA C 4939 -6.42 -3.56 13.74
C ALA C 4939 -6.46 -4.68 12.71
N PHE C 4940 -7.64 -4.98 12.18
CA PHE C 4940 -7.76 -5.98 11.11
C PHE C 4940 -6.85 -5.62 9.94
N GLY C 4941 -6.96 -4.39 9.45
CA GLY C 4941 -6.19 -3.97 8.30
C GLY C 4941 -4.69 -3.97 8.55
N GLU C 4942 -4.28 -3.55 9.74
CA GLU C 4942 -2.87 -3.50 10.08
C GLU C 4942 -2.29 -4.91 10.19
N LEU C 4943 -3.03 -5.85 10.77
CA LEU C 4943 -2.54 -7.22 10.82
C LEU C 4943 -2.40 -7.80 9.42
N ARG C 4944 -3.39 -7.56 8.55
CA ARG C 4944 -3.29 -8.03 7.18
C ARG C 4944 -2.07 -7.42 6.48
N ASP C 4945 -1.85 -6.12 6.64
CA ASP C 4945 -0.72 -5.46 6.01
C ASP C 4945 0.60 -6.00 6.54
N GLN C 4946 0.68 -6.27 7.85
CA GLN C 4946 1.91 -6.83 8.42
C GLN C 4946 2.19 -8.21 7.80
N GLN C 4947 1.16 -9.04 7.70
CA GLN C 4947 1.36 -10.36 7.08
C GLN C 4947 1.85 -10.24 5.65
N GLU C 4948 1.20 -9.38 4.87
CA GLU C 4948 1.57 -9.26 3.45
C GLU C 4948 2.96 -8.66 3.30
N GLN C 4949 3.32 -7.70 4.15
CA GLN C 4949 4.66 -7.11 4.10
C GLN C 4949 5.72 -8.16 4.43
N VAL C 4950 5.49 -8.97 5.46
CA VAL C 4950 6.44 -10.01 5.82
C VAL C 4950 6.61 -10.99 4.68
N LYS C 4951 5.50 -11.41 4.08
CA LYS C 4951 5.57 -12.37 2.97
C LYS C 4951 6.32 -11.78 1.78
N GLU C 4952 6.02 -10.52 1.44
CA GLU C 4952 6.67 -9.87 0.30
C GLU C 4952 8.17 -9.75 0.53
N ASP C 4953 8.57 -9.31 1.72
CA ASP C 4953 10.00 -9.19 2.00
C ASP C 4953 10.68 -10.55 1.96
N MET C 4954 10.05 -11.58 2.51
CA MET C 4954 10.63 -12.91 2.53
C MET C 4954 10.81 -13.45 1.12
N GLU C 4955 9.84 -13.23 0.24
CA GLU C 4955 9.93 -13.77 -1.11
C GLU C 4955 10.71 -12.88 -2.07
N THR C 4956 11.02 -11.63 -1.69
CA THR C 4956 11.80 -10.78 -2.57
C THR C 4956 13.26 -10.64 -2.15
N LYS C 4957 13.61 -10.99 -0.91
CA LYS C 4957 14.98 -10.85 -0.46
C LYS C 4957 15.43 -12.13 0.22
N CYS C 4958 16.72 -12.43 0.08
CA CYS C 4958 17.28 -13.62 0.72
C CYS C 4958 17.49 -13.39 2.21
N PHE C 4959 17.12 -14.39 3.01
CA PHE C 4959 17.19 -14.23 4.46
C PHE C 4959 18.63 -14.12 4.94
N ILE C 4960 19.54 -14.91 4.37
CA ILE C 4960 20.89 -14.99 4.90
C ILE C 4960 21.74 -13.79 4.46
N CYS C 4961 21.90 -13.61 3.15
CA CYS C 4961 22.80 -12.59 2.63
C CYS C 4961 22.13 -11.26 2.33
N GLY C 4962 20.80 -11.23 2.21
CA GLY C 4962 20.10 -9.99 1.98
C GLY C 4962 20.12 -9.48 0.55
N ILE C 4963 20.68 -10.24 -0.38
CA ILE C 4963 20.71 -9.83 -1.78
C ILE C 4963 19.34 -10.07 -2.40
N GLY C 4964 18.85 -9.08 -3.14
CA GLY C 4964 17.54 -9.18 -3.73
C GLY C 4964 17.45 -10.24 -4.81
N SER C 4965 16.22 -10.66 -5.10
CA SER C 4965 15.98 -11.68 -6.11
C SER C 4965 16.25 -11.20 -7.52
N ASP C 4966 16.39 -9.88 -7.73
CA ASP C 4966 16.66 -9.37 -9.07
C ASP C 4966 18.00 -9.87 -9.59
N TYR C 4967 19.02 -9.90 -8.73
CA TYR C 4967 20.33 -10.40 -9.16
C TYR C 4967 20.28 -11.89 -9.48
N PHE C 4968 19.65 -12.69 -8.61
CA PHE C 4968 19.64 -14.12 -8.80
C PHE C 4968 18.73 -14.53 -9.95
N ASP C 4969 17.76 -13.70 -10.31
CA ASP C 4969 16.76 -14.06 -11.31
C ASP C 4969 17.26 -13.92 -12.74
N THR C 4970 18.50 -13.47 -12.94
CA THR C 4970 19.07 -13.47 -14.28
C THR C 4970 19.13 -14.89 -14.84
N THR C 4971 19.60 -15.83 -14.04
CA THR C 4971 19.49 -17.24 -14.36
C THR C 4971 18.07 -17.73 -14.09
N PRO C 4972 17.49 -18.51 -15.00
CA PRO C 4972 16.13 -19.03 -14.77
C PRO C 4972 16.06 -19.85 -13.50
N HIS C 4973 15.05 -19.56 -12.68
CA HIS C 4973 14.86 -20.18 -11.37
C HIS C 4973 16.06 -19.95 -10.47
N GLY C 4974 16.79 -18.86 -10.72
CA GLY C 4974 18.02 -18.62 -9.98
C GLY C 4974 17.79 -18.36 -8.50
N PHE C 4975 16.80 -17.52 -8.18
CA PHE C 4975 16.50 -17.24 -6.77
C PHE C 4975 16.02 -18.49 -6.06
N GLU C 4976 15.17 -19.29 -6.72
CA GLU C 4976 14.69 -20.52 -6.11
C GLU C 4976 15.84 -21.46 -5.81
N THR C 4977 16.74 -21.65 -6.79
CA THR C 4977 17.88 -22.53 -6.57
C THR C 4977 18.78 -22.00 -5.46
N HIS C 4978 19.03 -20.69 -5.44
CA HIS C 4978 19.91 -20.11 -4.44
C HIS C 4978 19.34 -20.28 -3.03
N THR C 4979 18.03 -20.06 -2.88
CA THR C 4979 17.44 -20.13 -1.55
C THR C 4979 17.26 -21.58 -1.09
N LEU C 4980 16.97 -22.50 -2.02
CA LEU C 4980 16.78 -23.89 -1.62
C LEU C 4980 18.11 -24.60 -1.38
N GLU C 4981 19.17 -24.19 -2.08
CA GLU C 4981 20.43 -24.93 -2.03
C GLU C 4981 21.56 -24.12 -1.39
N GLU C 4982 21.87 -22.94 -1.92
CA GLU C 4982 23.09 -22.23 -1.50
C GLU C 4982 22.93 -21.61 -0.12
N HIS C 4983 21.80 -20.97 0.15
CA HIS C 4983 21.61 -20.20 1.37
C HIS C 4983 20.38 -20.66 2.15
N ASN C 4984 20.21 -21.97 2.32
CA ASN C 4984 19.06 -22.49 3.02
C ASN C 4984 19.25 -22.37 4.54
N LEU C 4985 18.35 -21.64 5.19
CA LEU C 4985 18.43 -21.49 6.64
C LEU C 4985 18.26 -22.84 7.34
N ALA C 4986 17.47 -23.74 6.76
CA ALA C 4986 17.40 -25.09 7.29
C ALA C 4986 18.75 -25.77 7.22
N ASN C 4987 19.48 -25.58 6.12
CA ASN C 4987 20.82 -26.14 6.01
C ASN C 4987 21.77 -25.52 7.03
N TYR C 4988 21.63 -24.22 7.30
CA TYR C 4988 22.47 -23.59 8.32
C TYR C 4988 22.19 -24.17 9.70
N MET C 4989 20.92 -24.37 10.03
CA MET C 4989 20.58 -24.99 11.32
C MET C 4989 21.12 -26.41 11.39
N PHE C 4990 21.01 -27.16 10.29
CA PHE C 4990 21.52 -28.52 10.26
C PHE C 4990 23.03 -28.54 10.47
N PHE C 4991 23.75 -27.60 9.85
CA PHE C 4991 25.19 -27.51 10.06
C PHE C 4991 25.52 -27.14 11.50
N LEU C 4992 24.73 -26.24 12.09
CA LEU C 4992 24.97 -25.86 13.48
C LEU C 4992 24.84 -27.07 14.41
N MET C 4993 23.77 -27.85 14.22
CA MET C 4993 23.59 -29.01 15.09
C MET C 4993 24.58 -30.12 14.76
N TYR C 4994 25.02 -30.22 13.50
CA TYR C 4994 26.09 -31.16 13.15
C TYR C 4994 27.38 -30.79 13.86
N LEU C 4995 27.71 -29.51 13.90
CA LEU C 4995 28.88 -29.06 14.66
C LEU C 4995 28.72 -29.37 16.14
N ILE C 4996 27.54 -29.12 16.70
CA ILE C 4996 27.33 -29.37 18.12
C ILE C 4996 27.49 -30.85 18.44
N ASN C 4997 26.98 -31.72 17.56
CA ASN C 4997 27.10 -33.15 17.79
C ASN C 4997 28.53 -33.64 17.60
N LYS C 4998 29.23 -33.15 16.57
CA LYS C 4998 30.55 -33.65 16.24
C LYS C 4998 31.57 -33.26 17.30
N ASP C 4999 32.59 -34.11 17.46
CA ASP C 4999 33.65 -33.86 18.42
C ASP C 4999 34.52 -32.69 17.98
N GLU C 5000 35.00 -31.93 18.97
CA GLU C 5000 35.89 -30.82 18.67
C GLU C 5000 37.19 -31.31 18.03
N THR C 5001 37.71 -32.45 18.50
CA THR C 5001 38.89 -33.03 17.88
C THR C 5001 38.60 -33.52 16.47
N GLU C 5002 37.41 -34.12 16.27
CA GLU C 5002 37.06 -34.63 14.95
C GLU C 5002 36.74 -33.53 13.95
N HIS C 5003 36.49 -32.32 14.43
CA HIS C 5003 36.23 -31.19 13.53
C HIS C 5003 37.35 -31.02 12.53
N THR C 5004 36.98 -30.76 11.28
CA THR C 5004 37.94 -30.45 10.23
C THR C 5004 38.30 -28.97 10.32
N GLY C 5005 39.03 -28.46 9.33
CA GLY C 5005 39.51 -27.09 9.38
C GLY C 5005 38.43 -26.02 9.40
N GLN C 5006 37.59 -26.00 8.36
CA GLN C 5006 36.51 -25.02 8.29
C GLN C 5006 35.51 -25.24 9.42
N GLU C 5007 35.25 -26.50 9.77
CA GLU C 5007 34.33 -26.79 10.87
C GLU C 5007 34.84 -26.22 12.18
N SER C 5008 36.14 -26.39 12.46
CA SER C 5008 36.71 -25.83 13.69
C SER C 5008 36.72 -24.31 13.64
N TYR C 5009 36.96 -23.73 12.46
CA TYR C 5009 36.96 -22.28 12.31
C TYR C 5009 35.58 -21.70 12.66
N VAL C 5010 34.53 -22.22 12.03
CA VAL C 5010 33.18 -21.74 12.30
C VAL C 5010 32.75 -22.12 13.72
N TRP C 5011 33.22 -23.25 14.24
CA TRP C 5011 32.93 -23.60 15.63
C TRP C 5011 33.53 -22.59 16.58
N LYS C 5012 34.74 -22.13 16.30
CA LYS C 5012 35.35 -21.08 17.14
C LYS C 5012 34.53 -19.81 17.09
N MET C 5013 34.23 -19.29 15.89
CA MET C 5013 33.44 -18.07 15.85
C MET C 5013 32.04 -18.25 16.42
N TYR C 5014 31.54 -19.49 16.48
CA TYR C 5014 30.29 -19.71 17.23
C TYR C 5014 30.55 -19.64 18.73
N GLN C 5015 31.70 -20.14 19.18
CA GLN C 5015 32.02 -20.13 20.61
C GLN C 5015 32.17 -18.70 21.14
N GLU C 5016 32.85 -17.82 20.41
CA GLU C 5016 32.88 -16.41 20.80
C GLU C 5016 31.72 -15.60 20.25
N ARG C 5017 30.66 -16.27 19.76
CA ARG C 5017 29.43 -15.59 19.35
C ARG C 5017 29.70 -14.51 18.30
N CYS C 5018 30.60 -14.81 17.36
CA CYS C 5018 30.92 -13.91 16.27
C CYS C 5018 30.23 -14.41 15.01
N TRP C 5019 29.30 -13.60 14.49
CA TRP C 5019 28.49 -13.96 13.35
C TRP C 5019 29.01 -13.35 12.05
N ASP C 5020 30.32 -13.18 11.94
CA ASP C 5020 30.92 -12.66 10.72
C ASP C 5020 31.13 -13.74 9.66
N PHE C 5021 30.95 -15.01 10.01
CA PHE C 5021 31.09 -16.08 9.02
C PHE C 5021 29.87 -16.23 8.13
N PHE C 5022 28.74 -15.65 8.51
CA PHE C 5022 27.57 -15.69 7.65
C PHE C 5022 27.77 -14.74 6.46
N PRO C 5023 27.58 -15.21 5.23
CA PRO C 5023 27.76 -14.34 4.07
C PRO C 5023 26.71 -13.24 4.04
N ALA C 5024 27.16 -11.99 4.02
CA ALA C 5024 26.28 -10.83 3.99
C ALA C 5024 26.66 -9.95 2.81
N GLY C 5025 25.69 -9.69 1.93
CA GLY C 5025 25.90 -8.83 0.79
C GLY C 5025 26.62 -9.46 -0.38
N ASP C 5026 27.01 -10.73 -0.27
CA ASP C 5026 27.71 -11.42 -1.35
C ASP C 5026 27.53 -12.92 -1.19
N CYS C 5027 27.82 -13.65 -2.26
CA CYS C 5027 27.67 -15.10 -2.26
C CYS C 5027 28.66 -15.70 -3.24
N PHE C 5028 28.52 -17.01 -3.46
CA PHE C 5028 29.42 -17.71 -4.38
C PHE C 5028 29.28 -17.17 -5.80
N ARG C 5029 28.05 -16.93 -6.25
CA ARG C 5029 27.84 -16.36 -7.57
C ARG C 5029 28.43 -14.96 -7.66
N LYS C 5030 28.16 -14.12 -6.67
CA LYS C 5030 28.67 -12.75 -6.71
C LYS C 5030 30.19 -12.72 -6.62
N GLN C 5031 30.80 -13.79 -6.11
CA GLN C 5031 32.26 -13.81 -6.02
C GLN C 5031 32.90 -14.37 -7.29
N TYR C 5032 32.30 -15.38 -7.91
CA TYR C 5032 32.93 -16.07 -9.03
C TYR C 5032 32.07 -16.02 -10.31
N GLU C 5033 31.31 -14.93 -10.49
CA GLU C 5033 30.51 -14.83 -11.71
C GLU C 5033 31.37 -14.77 -12.96
N ASP C 5034 32.54 -14.12 -12.87
CA ASP C 5034 33.40 -14.01 -14.05
C ASP C 5034 33.91 -15.36 -14.52
N GLN C 5035 34.19 -16.27 -13.58
CA GLN C 5035 34.67 -17.60 -13.96
C GLN C 5035 33.53 -18.54 -14.28
N LEU C 5036 32.40 -18.42 -13.58
CA LEU C 5036 31.30 -19.35 -13.81
C LEU C 5036 30.58 -19.05 -15.11
N SER C 5037 30.34 -17.77 -15.41
CA SER C 5037 29.64 -17.39 -16.63
C SER C 5037 30.39 -16.28 -17.37
N ASN D 3950 6.78 -30.61 -72.46
CA ASN D 3950 7.92 -31.11 -71.69
C ASN D 3950 8.13 -30.27 -70.43
N PHE D 3951 7.43 -29.14 -70.34
CA PHE D 3951 7.53 -28.31 -69.16
C PHE D 3951 6.98 -29.02 -67.93
N SER D 3952 5.87 -29.73 -68.07
CA SER D 3952 5.26 -30.39 -66.93
C SER D 3952 6.17 -31.46 -66.35
N LYS D 3953 6.81 -32.26 -67.21
CA LYS D 3953 7.68 -33.33 -66.72
C LYS D 3953 8.97 -32.80 -66.12
N ALA D 3954 9.49 -31.69 -66.64
CA ALA D 3954 10.72 -31.12 -66.11
C ALA D 3954 10.48 -30.45 -64.76
N MET D 3955 9.33 -29.80 -64.60
CA MET D 3955 9.04 -29.10 -63.35
C MET D 3955 8.72 -30.08 -62.23
N SER D 3956 8.19 -31.26 -62.56
CA SER D 3956 7.96 -32.27 -61.54
C SER D 3956 9.27 -32.74 -60.94
N VAL D 3957 10.31 -32.88 -61.76
CA VAL D 3957 11.63 -33.23 -61.26
C VAL D 3957 12.17 -32.13 -60.35
N ALA D 3958 11.93 -30.87 -60.71
CA ALA D 3958 12.43 -29.76 -59.90
C ALA D 3958 11.80 -29.76 -58.51
N LYS D 3959 10.55 -30.20 -58.39
CA LYS D 3959 9.93 -30.28 -57.07
C LYS D 3959 10.64 -31.31 -56.20
N GLN D 3960 11.00 -32.46 -56.78
CA GLN D 3960 11.70 -33.48 -56.02
C GLN D 3960 13.10 -33.04 -55.62
N VAL D 3961 13.81 -32.33 -56.51
CA VAL D 3961 15.12 -31.81 -56.17
C VAL D 3961 15.02 -30.78 -55.04
N PHE D 3962 14.03 -29.90 -55.12
CA PHE D 3962 13.84 -28.92 -54.06
C PHE D 3962 13.45 -29.60 -52.76
N ASN D 3963 12.59 -30.61 -52.81
CA ASN D 3963 12.20 -31.34 -51.61
C ASN D 3963 13.39 -32.06 -50.99
N SER D 3964 14.24 -32.67 -51.83
CA SER D 3964 15.41 -33.36 -51.31
C SER D 3964 16.36 -32.40 -50.62
N LEU D 3965 16.55 -31.21 -51.20
CA LEU D 3965 17.42 -30.21 -50.57
C LEU D 3965 16.85 -29.77 -49.23
N THR D 3966 15.52 -29.65 -49.13
CA THR D 3966 14.89 -29.30 -47.86
C THR D 3966 15.11 -30.41 -46.83
N GLU D 3967 15.14 -31.67 -47.27
CA GLU D 3967 15.34 -32.78 -46.35
C GLU D 3967 16.72 -32.71 -45.69
N TYR D 3968 17.71 -32.18 -46.41
CA TYR D 3968 19.06 -32.11 -45.86
C TYR D 3968 19.14 -31.10 -44.71
N ILE D 3969 18.43 -29.98 -44.83
CA ILE D 3969 18.63 -28.87 -43.90
C ILE D 3969 17.55 -28.76 -42.83
N GLN D 3970 16.38 -29.36 -43.04
CA GLN D 3970 15.36 -29.34 -41.99
C GLN D 3970 15.83 -30.16 -40.79
N GLY D 3971 15.34 -29.78 -39.61
CA GLY D 3971 15.91 -30.28 -38.39
C GLY D 3971 17.33 -29.75 -38.28
N PRO D 3972 17.45 -28.44 -38.01
CA PRO D 3972 18.61 -27.67 -38.47
C PRO D 3972 19.96 -28.37 -38.38
N CYS D 3973 20.57 -28.57 -39.54
CA CYS D 3973 21.92 -29.12 -39.65
C CYS D 3973 22.83 -27.98 -40.04
N THR D 3974 23.69 -27.54 -39.11
CA THR D 3974 24.54 -26.39 -39.36
C THR D 3974 25.49 -26.64 -40.51
N GLY D 3975 26.06 -27.85 -40.60
CA GLY D 3975 26.98 -28.14 -41.69
C GLY D 3975 26.31 -28.06 -43.05
N ASN D 3976 25.13 -28.67 -43.18
CA ASN D 3976 24.43 -28.66 -44.45
C ASN D 3976 23.91 -27.27 -44.79
N GLN D 3977 23.46 -26.53 -43.78
CA GLN D 3977 22.99 -25.17 -44.02
C GLN D 3977 24.12 -24.26 -44.48
N GLN D 3978 25.29 -24.37 -43.85
CA GLN D 3978 26.43 -23.54 -44.25
C GLN D 3978 26.92 -23.92 -45.63
N SER D 3979 26.93 -25.22 -45.96
CA SER D 3979 27.44 -25.67 -47.25
C SER D 3979 26.57 -25.16 -48.40
N LEU D 3980 25.25 -25.17 -48.21
CA LEU D 3980 24.35 -24.73 -49.27
C LEU D 3980 24.54 -23.26 -49.63
N ALA D 3981 24.99 -22.43 -48.69
CA ALA D 3981 25.21 -21.03 -48.98
C ALA D 3981 26.45 -20.80 -49.85
N HIS D 3982 27.48 -21.62 -49.67
CA HIS D 3982 28.69 -21.47 -50.46
C HIS D 3982 28.53 -22.06 -51.86
N SER D 3983 27.55 -22.91 -52.07
CA SER D 3983 27.35 -23.55 -53.35
C SER D 3983 26.72 -22.58 -54.35
N ARG D 3984 26.42 -23.09 -55.55
CA ARG D 3984 25.80 -22.32 -56.61
C ARG D 3984 24.28 -22.30 -56.51
N LEU D 3985 23.73 -22.56 -55.32
CA LEU D 3985 22.27 -22.60 -55.16
C LEU D 3985 21.65 -21.23 -55.42
N TRP D 3986 22.32 -20.16 -54.99
CA TRP D 3986 21.79 -18.82 -55.19
C TRP D 3986 21.65 -18.50 -56.67
N ASP D 3987 22.61 -18.94 -57.49
CA ASP D 3987 22.51 -18.71 -58.93
C ASP D 3987 21.30 -19.42 -59.52
N ALA D 3988 21.03 -20.65 -59.07
CA ALA D 3988 19.87 -21.39 -59.57
C ALA D 3988 18.57 -20.73 -59.13
N VAL D 3989 18.50 -20.26 -57.88
CA VAL D 3989 17.27 -19.65 -57.38
C VAL D 3989 16.97 -18.36 -58.14
N VAL D 3990 18.00 -17.55 -58.43
CA VAL D 3990 17.79 -16.34 -59.22
C VAL D 3990 17.28 -16.70 -60.60
N GLY D 3991 17.84 -17.75 -61.21
CA GLY D 3991 17.35 -18.18 -62.50
C GLY D 3991 15.90 -18.64 -62.47
N PHE D 3992 15.53 -19.37 -61.41
CA PHE D 3992 14.14 -19.80 -61.28
C PHE D 3992 13.21 -18.61 -61.12
N LEU D 3993 13.57 -17.64 -60.28
CA LEU D 3993 12.73 -16.46 -60.08
C LEU D 3993 12.59 -15.66 -61.36
N HIS D 3994 13.63 -15.65 -62.20
CA HIS D 3994 13.54 -15.00 -63.50
C HIS D 3994 12.50 -15.68 -64.37
N VAL D 3995 12.47 -17.02 -64.37
CA VAL D 3995 11.48 -17.74 -65.15
C VAL D 3995 10.09 -17.58 -64.55
N PHE D 3996 10.00 -17.58 -63.22
CA PHE D 3996 8.69 -17.57 -62.56
C PHE D 3996 7.90 -16.30 -62.89
N ALA D 3997 8.59 -15.17 -62.98
CA ALA D 3997 7.90 -13.89 -63.15
C ALA D 3997 7.15 -13.83 -64.49
N HIS D 3998 7.84 -14.15 -65.58
CA HIS D 3998 7.22 -14.00 -66.90
C HIS D 3998 6.23 -15.11 -67.20
N MET D 3999 6.50 -16.34 -66.73
CA MET D 3999 5.59 -17.44 -66.99
C MET D 3999 4.24 -17.22 -66.32
N MET D 4000 4.24 -16.68 -65.10
CA MET D 4000 2.97 -16.45 -64.40
C MET D 4000 2.10 -15.46 -65.15
N MET D 4001 2.69 -14.38 -65.67
CA MET D 4001 1.90 -13.40 -66.41
C MET D 4001 1.37 -13.99 -67.71
N LYS D 4002 2.20 -14.73 -68.43
CA LYS D 4002 1.79 -15.27 -69.73
C LYS D 4002 0.70 -16.32 -69.58
N LEU D 4003 0.83 -17.21 -68.58
CA LEU D 4003 -0.13 -18.30 -68.43
C LEU D 4003 -1.50 -17.78 -67.99
N ALA D 4004 -1.52 -16.72 -67.18
CA ALA D 4004 -2.79 -16.19 -66.71
C ALA D 4004 -3.59 -15.51 -67.81
N GLN D 4005 -2.96 -15.18 -68.94
CA GLN D 4005 -3.66 -14.51 -70.03
C GLN D 4005 -4.74 -15.42 -70.62
N ASP D 4006 -4.43 -16.70 -70.82
CA ASP D 4006 -5.35 -17.64 -71.42
C ASP D 4006 -5.84 -18.65 -70.38
N SER D 4007 -7.12 -19.03 -70.48
CA SER D 4007 -7.68 -20.02 -69.56
C SER D 4007 -7.32 -21.45 -69.94
N SER D 4008 -6.75 -21.66 -71.13
CA SER D 4008 -6.38 -23.01 -71.54
C SER D 4008 -5.19 -23.53 -70.76
N GLN D 4009 -4.32 -22.64 -70.28
CA GLN D 4009 -3.13 -23.01 -69.55
C GLN D 4009 -3.26 -22.85 -68.04
N ILE D 4010 -4.48 -22.93 -67.51
CA ILE D 4010 -4.67 -22.82 -66.07
C ILE D 4010 -4.07 -24.01 -65.36
N GLU D 4011 -4.19 -25.21 -65.95
CA GLU D 4011 -3.62 -26.40 -65.33
C GLU D 4011 -2.09 -26.32 -65.26
N LEU D 4012 -1.46 -25.78 -66.31
CA LEU D 4012 -0.02 -25.60 -66.29
C LEU D 4012 0.40 -24.63 -65.19
N LEU D 4013 -0.44 -23.62 -64.93
CA LEU D 4013 -0.13 -22.64 -63.88
C LEU D 4013 -0.15 -23.29 -62.50
N LYS D 4014 -0.84 -24.42 -62.36
CA LYS D 4014 -1.03 -25.01 -61.04
C LYS D 4014 0.27 -25.56 -60.47
N GLU D 4015 1.00 -26.37 -61.25
CA GLU D 4015 2.28 -26.86 -60.76
C GLU D 4015 3.35 -25.78 -60.82
N LEU D 4016 3.08 -24.70 -61.56
CA LEU D 4016 3.96 -23.54 -61.50
C LEU D 4016 3.90 -22.90 -60.12
N LEU D 4017 2.72 -22.84 -59.51
CA LEU D 4017 2.59 -22.21 -58.20
C LEU D 4017 3.19 -23.06 -57.09
N ASP D 4018 2.90 -24.37 -57.09
CA ASP D 4018 3.42 -25.21 -56.01
C ASP D 4018 4.91 -25.47 -56.14
N LEU D 4019 5.49 -25.27 -57.33
CA LEU D 4019 6.95 -25.27 -57.43
C LEU D 4019 7.54 -24.09 -56.65
N GLN D 4020 6.89 -22.93 -56.71
CA GLN D 4020 7.31 -21.81 -55.89
C GLN D 4020 7.18 -22.13 -54.41
N LYS D 4021 6.09 -22.78 -54.02
CA LYS D 4021 5.88 -23.13 -52.62
C LYS D 4021 6.98 -24.06 -52.13
N ASP D 4022 7.35 -25.05 -52.93
CA ASP D 4022 8.46 -25.94 -52.57
C ASP D 4022 9.77 -25.16 -52.53
N MET D 4023 9.95 -24.20 -53.43
CA MET D 4023 11.16 -23.39 -53.44
C MET D 4023 11.23 -22.49 -52.21
N VAL D 4024 10.10 -21.88 -51.84
CA VAL D 4024 10.08 -20.99 -50.68
C VAL D 4024 10.32 -21.76 -49.39
N VAL D 4025 9.78 -22.98 -49.28
CA VAL D 4025 10.01 -23.79 -48.09
C VAL D 4025 11.50 -24.06 -47.91
N MET D 4026 12.22 -24.32 -49.01
CA MET D 4026 13.67 -24.47 -48.92
C MET D 4026 14.33 -23.18 -48.44
N LEU D 4027 13.87 -22.03 -48.95
CA LEU D 4027 14.42 -20.75 -48.51
C LEU D 4027 14.15 -20.52 -47.02
N LEU D 4028 12.96 -20.88 -46.55
CA LEU D 4028 12.64 -20.75 -45.14
C LEU D 4028 13.43 -21.74 -44.29
N SER D 4029 13.74 -22.91 -44.84
CA SER D 4029 14.48 -23.92 -44.08
C SER D 4029 15.92 -23.48 -43.83
N LEU D 4030 16.52 -22.78 -44.80
CA LEU D 4030 17.88 -22.30 -44.61
C LEU D 4030 17.98 -21.25 -43.52
N LEU D 4031 16.88 -20.59 -43.18
CA LEU D 4031 16.86 -19.56 -42.15
C LEU D 4031 16.59 -20.10 -40.76
N GLU D 4032 16.43 -21.42 -40.61
CA GLU D 4032 16.15 -21.98 -39.30
C GLU D 4032 17.35 -21.79 -38.38
N GLY D 4033 17.11 -21.18 -37.22
CA GLY D 4033 18.17 -20.95 -36.27
C GLY D 4033 19.18 -19.90 -36.70
N ASN D 4034 18.81 -19.02 -37.63
CA ASN D 4034 19.72 -17.99 -38.08
C ASN D 4034 19.91 -16.91 -37.01
N VAL D 4035 21.03 -16.21 -37.10
CA VAL D 4035 21.36 -15.13 -36.18
C VAL D 4035 21.34 -13.81 -36.91
N VAL D 4036 21.26 -12.72 -36.14
CA VAL D 4036 21.25 -11.40 -36.74
C VAL D 4036 22.61 -11.12 -37.38
N ASN D 4037 22.57 -10.51 -38.57
CA ASN D 4037 23.77 -10.29 -39.38
C ASN D 4037 24.51 -11.61 -39.64
N GLY D 4038 23.74 -12.68 -39.86
CA GLY D 4038 24.32 -13.97 -40.12
C GLY D 4038 24.81 -14.10 -41.56
N MET D 4039 25.63 -15.13 -41.78
CA MET D 4039 26.18 -15.35 -43.11
C MET D 4039 25.07 -15.73 -44.10
N ILE D 4040 24.25 -16.71 -43.74
CA ILE D 4040 23.19 -17.16 -44.64
C ILE D 4040 22.17 -16.07 -44.88
N ALA D 4041 21.79 -15.35 -43.82
CA ALA D 4041 20.79 -14.28 -43.95
C ALA D 4041 21.28 -13.19 -44.88
N ARG D 4042 22.55 -12.79 -44.74
CA ARG D 4042 23.08 -11.73 -45.60
C ARG D 4042 23.24 -12.18 -47.04
N GLN D 4043 23.49 -13.48 -47.27
CA GLN D 4043 23.57 -13.97 -48.64
C GLN D 4043 22.22 -13.86 -49.35
N MET D 4044 21.13 -14.13 -48.64
CA MET D 4044 19.82 -13.99 -49.24
C MET D 4044 19.50 -12.55 -49.59
N VAL D 4045 19.86 -11.60 -48.71
CA VAL D 4045 19.54 -10.20 -48.95
C VAL D 4045 20.12 -9.74 -50.28
N ASP D 4046 21.37 -10.13 -50.55
CA ASP D 4046 21.94 -9.86 -51.87
C ASP D 4046 21.18 -10.58 -52.97
N MET D 4047 20.73 -11.80 -52.70
CA MET D 4047 20.02 -12.58 -53.72
C MET D 4047 18.69 -11.92 -54.08
N LEU D 4048 17.95 -11.44 -53.07
CA LEU D 4048 16.71 -10.70 -53.36
C LEU D 4048 17.01 -9.39 -54.08
N VAL D 4049 18.08 -8.70 -53.68
CA VAL D 4049 18.43 -7.43 -54.32
C VAL D 4049 18.79 -7.64 -55.77
N GLU D 4050 19.58 -8.68 -56.07
CA GLU D 4050 19.97 -8.95 -57.45
C GLU D 4050 18.76 -9.26 -58.32
N SER D 4051 17.83 -10.07 -57.80
CA SER D 4051 16.61 -10.42 -58.52
C SER D 4051 15.43 -9.58 -58.08
N SER D 4052 15.67 -8.31 -57.72
CA SER D 4052 14.60 -7.45 -57.22
C SER D 4052 13.51 -7.25 -58.26
N SER D 4053 13.89 -7.05 -59.52
CA SER D 4053 12.90 -6.88 -60.57
C SER D 4053 12.07 -8.15 -60.75
N ASN D 4054 12.71 -9.32 -60.68
CA ASN D 4054 11.97 -10.56 -60.85
C ASN D 4054 11.06 -10.86 -59.67
N VAL D 4055 11.56 -10.67 -58.44
CA VAL D 4055 10.75 -10.98 -57.27
C VAL D 4055 9.59 -10.00 -57.14
N GLU D 4056 9.78 -8.76 -57.58
CA GLU D 4056 8.70 -7.78 -57.53
C GLU D 4056 7.81 -7.94 -58.76
N MET D 4057 7.42 -9.18 -59.05
CA MET D 4057 6.34 -9.48 -59.97
C MET D 4057 5.44 -10.61 -59.51
N ILE D 4058 5.92 -11.52 -58.66
CA ILE D 4058 5.08 -12.55 -58.09
C ILE D 4058 4.12 -11.95 -57.08
N LEU D 4059 4.54 -10.88 -56.40
CA LEU D 4059 3.71 -10.25 -55.39
C LEU D 4059 2.42 -9.71 -55.99
N LYS D 4060 2.50 -9.10 -57.16
CA LYS D 4060 1.32 -8.61 -57.86
C LYS D 4060 0.75 -9.67 -58.79
N PRO D 4176 -1.46 -9.55 -39.10
CA PRO D 4176 -2.82 -10.06 -38.92
C PRO D 4176 -2.87 -11.59 -38.85
N TYR D 4177 -2.17 -12.24 -39.77
CA TYR D 4177 -2.07 -13.70 -39.78
C TYR D 4177 -0.67 -14.21 -39.45
N LEU D 4178 0.35 -13.38 -39.57
CA LEU D 4178 1.72 -13.82 -39.29
C LEU D 4178 1.95 -13.90 -37.79
N GLY D 4179 2.11 -15.12 -37.28
CA GLY D 4179 2.42 -15.34 -35.89
C GLY D 4179 3.90 -15.13 -35.61
N ARG D 4180 4.22 -15.01 -34.33
CA ARG D 4180 5.61 -14.73 -33.94
C ARG D 4180 5.80 -15.11 -32.48
N ILE D 4181 6.68 -16.06 -32.22
CA ILE D 4181 7.08 -16.43 -30.87
C ILE D 4181 8.59 -16.57 -30.82
N GLU D 4182 9.13 -16.54 -29.61
CA GLU D 4182 10.54 -16.77 -29.36
C GLU D 4182 10.68 -17.96 -28.42
N ILE D 4183 11.58 -18.89 -28.76
CA ILE D 4183 11.83 -20.06 -27.93
C ILE D 4183 13.33 -20.20 -27.72
N MET D 4184 13.68 -20.91 -26.64
CA MET D 4184 15.06 -21.32 -26.40
C MET D 4184 15.31 -22.58 -27.22
N GLY D 4185 15.88 -22.40 -28.41
CA GLY D 4185 16.04 -23.49 -29.34
C GLY D 4185 17.12 -24.47 -28.93
N ALA D 4186 17.33 -25.46 -29.81
CA ALA D 4186 18.35 -26.48 -29.55
C ALA D 4186 19.76 -25.91 -29.57
N SER D 4187 19.95 -24.70 -30.10
CA SER D 4187 21.24 -24.05 -30.15
C SER D 4187 21.57 -23.29 -28.86
N ARG D 4188 20.73 -23.42 -27.83
CA ARG D 4188 20.92 -22.71 -26.56
C ARG D 4188 20.89 -21.20 -26.75
N ARG D 4189 20.16 -20.74 -27.75
CA ARG D 4189 19.97 -19.31 -28.00
C ARG D 4189 18.50 -19.06 -28.32
N ILE D 4190 18.07 -17.82 -28.09
CA ILE D 4190 16.70 -17.44 -28.41
C ILE D 4190 16.50 -17.47 -29.91
N GLU D 4191 15.46 -18.17 -30.36
CA GLU D 4191 15.14 -18.30 -31.77
C GLU D 4191 13.71 -17.84 -32.00
N ARG D 4192 13.53 -16.98 -33.02
CA ARG D 4192 12.22 -16.47 -33.37
C ARG D 4192 11.56 -17.41 -34.38
N ILE D 4193 10.32 -17.78 -34.10
CA ILE D 4193 9.57 -18.74 -34.92
C ILE D 4193 8.38 -18.03 -35.53
N TYR D 4194 8.21 -18.17 -36.84
CA TYR D 4194 7.12 -17.56 -37.58
C TYR D 4194 6.14 -18.63 -38.05
N PHE D 4195 4.86 -18.42 -37.76
CA PHE D 4195 3.81 -19.34 -38.18
C PHE D 4195 2.61 -18.52 -38.65
N GLU D 4196 1.65 -19.21 -39.25
CA GLU D 4196 0.48 -18.57 -39.83
C GLU D 4196 -0.73 -18.82 -38.94
N ILE D 4197 -1.38 -17.74 -38.50
CA ILE D 4197 -2.59 -17.81 -37.70
C ILE D 4197 -3.79 -17.71 -38.64
N SER D 4198 -4.89 -18.35 -38.25
CA SER D 4198 -6.10 -18.38 -39.04
C SER D 4198 -7.14 -17.40 -38.50
N GLU D 4199 -7.97 -16.87 -39.41
CA GLU D 4199 -8.94 -15.86 -39.03
C GLU D 4199 -10.00 -16.42 -38.09
N THR D 4200 -10.40 -17.68 -38.29
CA THR D 4200 -11.38 -18.28 -37.39
C THR D 4200 -10.84 -18.37 -35.98
N ASN D 4201 -9.57 -18.79 -35.84
CA ASN D 4201 -8.97 -18.88 -34.50
C ASN D 4201 -8.80 -17.50 -33.89
N ARG D 4202 -8.43 -16.50 -34.69
CA ARG D 4202 -8.31 -15.15 -34.17
C ARG D 4202 -9.66 -14.64 -33.66
N ALA D 4203 -10.73 -14.89 -34.41
CA ALA D 4203 -12.06 -14.47 -33.97
C ALA D 4203 -12.49 -15.21 -32.71
N GLN D 4204 -12.25 -16.52 -32.64
CA GLN D 4204 -12.60 -17.28 -31.45
C GLN D 4204 -11.79 -16.86 -30.23
N TRP D 4205 -10.57 -16.37 -30.43
CA TRP D 4205 -9.78 -15.82 -29.33
C TRP D 4205 -10.23 -14.43 -28.92
N GLU D 4206 -10.70 -13.61 -29.86
CA GLU D 4206 -11.24 -12.29 -29.55
C GLU D 4206 -12.66 -12.34 -29.03
N MET D 4207 -13.31 -13.52 -29.07
CA MET D 4207 -14.66 -13.65 -28.54
C MET D 4207 -14.71 -13.24 -27.06
N PRO D 4208 -15.79 -12.58 -26.64
CA PRO D 4208 -15.83 -12.04 -25.26
C PRO D 4208 -15.75 -13.10 -24.17
N GLN D 4209 -16.35 -14.27 -24.36
CA GLN D 4209 -16.26 -15.30 -23.32
C GLN D 4209 -14.84 -15.82 -23.18
N VAL D 4210 -14.13 -15.98 -24.30
CA VAL D 4210 -12.73 -16.39 -24.24
C VAL D 4210 -11.88 -15.29 -23.60
N LYS D 4211 -12.20 -14.03 -23.87
CA LYS D 4211 -11.49 -12.93 -23.22
C LYS D 4211 -11.71 -12.96 -21.71
N GLU D 4212 -12.94 -13.23 -21.28
CA GLU D 4212 -13.22 -13.31 -19.84
C GLU D 4212 -12.49 -14.48 -19.20
N SER D 4213 -12.45 -15.62 -19.89
CA SER D 4213 -11.69 -16.77 -19.36
C SER D 4213 -10.20 -16.43 -19.26
N LYS D 4214 -9.66 -15.74 -20.26
CA LYS D 4214 -8.28 -15.29 -20.20
C LYS D 4214 -8.03 -14.38 -19.01
N ARG D 4215 -8.93 -13.42 -18.78
CA ARG D 4215 -8.76 -12.52 -17.65
C ARG D 4215 -8.81 -13.27 -16.33
N GLN D 4216 -9.74 -14.22 -16.21
CA GLN D 4216 -9.83 -15.02 -14.98
C GLN D 4216 -8.57 -15.83 -14.76
N PHE D 4217 -8.05 -16.47 -15.81
CA PHE D 4217 -6.82 -17.26 -15.68
C PHE D 4217 -5.64 -16.37 -15.28
N ILE D 4218 -5.51 -15.20 -15.91
CA ILE D 4218 -4.41 -14.31 -15.59
C ILE D 4218 -4.50 -13.87 -14.14
N PHE D 4219 -5.71 -13.49 -13.69
CA PHE D 4219 -5.88 -13.09 -12.30
C PHE D 4219 -5.48 -14.22 -11.35
N ASP D 4220 -5.98 -15.43 -11.61
CA ASP D 4220 -5.69 -16.54 -10.71
C ASP D 4220 -4.20 -16.84 -10.65
N VAL D 4221 -3.54 -16.90 -11.81
CA VAL D 4221 -2.13 -17.28 -11.82
C VAL D 4221 -1.28 -16.20 -11.18
N VAL D 4222 -1.56 -14.93 -11.47
CA VAL D 4222 -0.77 -13.84 -10.88
C VAL D 4222 -1.01 -13.79 -9.38
N ASN D 4223 -2.24 -14.08 -8.93
CA ASN D 4223 -2.54 -13.98 -7.50
C ASN D 4223 -1.91 -15.11 -6.71
N GLU D 4224 -2.23 -16.36 -7.04
CA GLU D 4224 -1.75 -17.47 -6.22
C GLU D 4224 -0.81 -18.44 -6.93
N GLY D 4225 -0.80 -18.47 -8.26
CA GLY D 4225 0.07 -19.39 -8.98
C GLY D 4225 1.52 -19.01 -8.82
N GLY D 4226 2.35 -19.99 -8.43
CA GLY D 4226 3.76 -19.75 -8.26
C GLY D 4226 4.50 -19.71 -9.58
N GLU D 4227 5.76 -19.25 -9.50
CA GLU D 4227 6.56 -19.12 -10.70
C GLU D 4227 7.05 -20.46 -11.24
N ALA D 4228 7.23 -21.44 -10.37
CA ALA D 4228 7.72 -22.75 -10.82
C ALA D 4228 6.69 -23.46 -11.69
N GLU D 4229 5.41 -23.41 -11.31
CA GLU D 4229 4.35 -24.08 -12.04
C GLU D 4229 3.55 -23.12 -12.92
N LYS D 4230 4.01 -21.86 -13.03
CA LYS D 4230 3.25 -20.87 -13.78
C LYS D 4230 3.05 -21.28 -15.23
N MET D 4231 4.12 -21.76 -15.88
CA MET D 4231 4.01 -22.05 -17.30
C MET D 4231 3.29 -23.36 -17.53
N GLU D 4232 3.34 -24.28 -16.56
CA GLU D 4232 2.49 -25.47 -16.63
C GLU D 4232 1.02 -25.08 -16.59
N LEU D 4233 0.66 -24.17 -15.68
CA LEU D 4233 -0.71 -23.68 -15.63
C LEU D 4233 -1.08 -22.95 -16.92
N PHE D 4234 -0.14 -22.19 -17.48
CA PHE D 4234 -0.40 -21.50 -18.73
C PHE D 4234 -0.66 -22.47 -19.87
N VAL D 4235 0.12 -23.54 -19.96
CA VAL D 4235 -0.08 -24.52 -21.02
C VAL D 4235 -1.41 -25.25 -20.83
N SER D 4236 -1.77 -25.57 -19.58
CA SER D 4236 -3.06 -26.19 -19.33
C SER D 4236 -4.21 -25.26 -19.75
N PHE D 4237 -4.09 -23.97 -19.43
CA PHE D 4237 -5.10 -23.00 -19.84
C PHE D 4237 -5.17 -22.89 -21.36
N CYS D 4238 -4.02 -22.94 -22.03
CA CYS D 4238 -4.01 -22.90 -23.49
C CYS D 4238 -4.74 -24.10 -24.07
N GLU D 4239 -4.50 -25.29 -23.52
CA GLU D 4239 -5.19 -26.49 -24.01
C GLU D 4239 -6.70 -26.38 -23.78
N ASP D 4240 -7.10 -25.89 -22.60
CA ASP D 4240 -8.52 -25.72 -22.33
C ASP D 4240 -9.16 -24.73 -23.30
N THR D 4241 -8.47 -23.62 -23.57
CA THR D 4241 -8.98 -22.64 -24.53
C THR D 4241 -9.08 -23.23 -25.92
N ILE D 4242 -8.09 -24.01 -26.33
CA ILE D 4242 -8.12 -24.64 -27.65
C ILE D 4242 -9.33 -25.55 -27.76
N PHE D 4243 -9.58 -26.36 -26.73
CA PHE D 4243 -10.75 -27.24 -26.77
C PHE D 4243 -12.05 -26.43 -26.79
N GLU D 4244 -12.11 -25.32 -26.05
CA GLU D 4244 -13.30 -24.48 -26.06
C GLU D 4244 -13.58 -23.93 -27.46
N MET D 4245 -12.54 -23.41 -28.13
CA MET D 4245 -12.75 -22.88 -29.47
C MET D 4245 -13.08 -23.99 -30.47
N GLN D 4246 -12.53 -25.20 -30.28
CA GLN D 4246 -12.93 -26.31 -31.14
C GLN D 4246 -14.41 -26.64 -30.97
N ILE D 4247 -14.89 -26.66 -29.74
CA ILE D 4247 -16.32 -26.92 -29.50
C ILE D 4247 -17.17 -25.80 -30.10
N ALA D 4248 -16.72 -24.55 -29.96
CA ALA D 4248 -17.46 -23.43 -30.52
C ALA D 4248 -17.52 -23.51 -32.04
N ALA D 4249 -16.41 -23.89 -32.68
CA ALA D 4249 -16.41 -24.08 -34.13
C ALA D 4249 -17.33 -25.21 -34.54
N GLN D 4250 -17.35 -26.30 -33.75
CA GLN D 4250 -18.26 -27.40 -34.05
C GLN D 4250 -19.72 -26.97 -33.97
N ILE D 4251 -20.07 -26.20 -32.95
CA ILE D 4251 -21.47 -25.80 -32.76
C ILE D 4251 -21.87 -24.61 -33.61
N SER D 4252 -20.91 -23.91 -34.21
CA SER D 4252 -21.24 -22.78 -35.08
C SER D 4252 -22.03 -23.25 -36.29
N GLU D 4253 -23.09 -22.52 -36.62
CA GLU D 4253 -23.97 -22.90 -37.73
C GLU D 4253 -23.58 -22.14 -38.98
N PRO D 4254 -23.17 -22.82 -40.06
CA PRO D 4254 -22.79 -22.17 -41.31
C PRO D 4254 -23.98 -21.59 -42.06
N GLU D 4543 -32.04 -37.89 -41.59
CA GLU D 4543 -33.40 -37.44 -41.38
C GLU D 4543 -33.57 -36.80 -40.02
N LEU D 4544 -34.03 -37.59 -39.04
CA LEU D 4544 -34.19 -37.07 -37.69
C LEU D 4544 -32.86 -36.75 -37.03
N GLU D 4545 -31.76 -37.35 -37.49
CA GLU D 4545 -30.45 -37.04 -36.94
C GLU D 4545 -30.07 -35.59 -37.21
N VAL D 4546 -30.40 -35.09 -38.40
CA VAL D 4546 -30.13 -33.68 -38.72
C VAL D 4546 -30.91 -32.77 -37.77
N GLN D 4547 -32.18 -33.11 -37.52
CA GLN D 4547 -32.98 -32.31 -36.60
C GLN D 4547 -32.39 -32.31 -35.20
N ARG D 4548 -31.94 -33.48 -34.72
CA ARG D 4548 -31.34 -33.55 -33.39
C ARG D 4548 -30.05 -32.74 -33.31
N VAL D 4549 -29.20 -32.84 -34.33
CA VAL D 4549 -27.93 -32.11 -34.32
C VAL D 4549 -28.19 -30.61 -34.42
N LYS D 4550 -29.11 -30.20 -35.28
CA LYS D 4550 -29.41 -28.77 -35.44
C LYS D 4550 -29.99 -28.19 -34.15
N PHE D 4551 -30.90 -28.93 -33.50
CA PHE D 4551 -31.51 -28.42 -32.28
C PHE D 4551 -30.49 -28.27 -31.16
N LEU D 4552 -29.61 -29.26 -31.01
CA LEU D 4552 -28.60 -29.19 -29.95
C LEU D 4552 -27.63 -28.04 -30.19
N ASN D 4553 -27.28 -27.78 -31.45
CA ASN D 4553 -26.41 -26.64 -31.75
C ASN D 4553 -27.11 -25.32 -31.44
N TYR D 4554 -28.42 -25.24 -31.67
CA TYR D 4554 -29.15 -24.02 -31.36
C TYR D 4554 -29.15 -23.75 -29.85
N LEU D 4555 -29.35 -24.80 -29.04
CA LEU D 4555 -29.33 -24.61 -27.59
C LEU D 4555 -27.93 -24.25 -27.10
N SER D 4556 -26.90 -24.84 -27.70
CA SER D 4556 -25.53 -24.54 -27.29
C SER D 4556 -25.16 -23.08 -27.57
N ARG D 4557 -25.56 -22.58 -28.74
CA ARG D 4557 -25.24 -21.20 -29.10
C ARG D 4557 -26.02 -20.20 -28.26
N ASN D 4558 -27.20 -20.59 -27.80
CA ASN D 4558 -28.07 -19.72 -27.00
C ASN D 4558 -28.26 -20.24 -25.59
N PHE D 4559 -27.21 -20.80 -25.00
CA PHE D 4559 -27.30 -21.29 -23.63
C PHE D 4559 -27.42 -20.14 -22.64
N TYR D 4560 -26.56 -19.13 -22.79
CA TYR D 4560 -26.58 -18.01 -21.85
C TYR D 4560 -27.82 -17.14 -22.04
N THR D 4561 -28.36 -17.09 -23.26
CA THR D 4561 -29.63 -16.39 -23.47
C THR D 4561 -30.76 -17.11 -22.74
N LEU D 4562 -30.80 -18.44 -22.80
CA LEU D 4562 -31.84 -19.19 -22.10
C LEU D 4562 -31.72 -19.04 -20.60
N ARG D 4563 -30.49 -19.03 -20.07
CA ARG D 4563 -30.30 -18.84 -18.64
C ARG D 4563 -30.81 -17.48 -18.19
N PHE D 4564 -30.54 -16.43 -18.99
CA PHE D 4564 -31.10 -15.12 -18.69
C PHE D 4564 -32.60 -15.09 -18.90
N LEU D 4565 -33.10 -15.85 -19.89
CA LEU D 4565 -34.54 -15.94 -20.10
C LEU D 4565 -35.22 -16.57 -18.90
N ALA D 4566 -34.62 -17.61 -18.32
CA ALA D 4566 -35.18 -18.24 -17.14
C ALA D 4566 -35.21 -17.28 -15.96
N LEU D 4567 -34.19 -16.42 -15.84
CA LEU D 4567 -34.16 -15.43 -14.77
C LEU D 4567 -35.31 -14.43 -14.91
N PHE D 4568 -35.59 -13.99 -16.13
CA PHE D 4568 -36.71 -13.08 -16.35
C PHE D 4568 -38.04 -13.73 -16.00
N LEU D 4569 -38.21 -15.00 -16.38
CA LEU D 4569 -39.45 -15.70 -16.07
C LEU D 4569 -39.61 -15.93 -14.58
N ALA D 4570 -38.49 -15.98 -13.83
CA ALA D 4570 -38.59 -16.09 -12.38
C ALA D 4570 -39.11 -14.79 -11.76
N PHE D 4571 -38.64 -13.65 -12.26
CA PHE D 4571 -39.13 -12.37 -11.76
C PHE D 4571 -40.59 -12.16 -12.15
N ALA D 4572 -40.96 -12.50 -13.38
CA ALA D 4572 -42.34 -12.33 -13.82
C ALA D 4572 -43.30 -13.18 -13.01
N ILE D 4573 -42.92 -14.42 -12.72
CA ILE D 4573 -43.76 -15.29 -11.90
C ILE D 4573 -43.87 -14.75 -10.49
N ASN D 4574 -42.75 -14.34 -9.90
CA ASN D 4574 -42.76 -13.87 -8.52
C ASN D 4574 -43.51 -12.55 -8.38
N PHE D 4575 -43.51 -11.72 -9.41
CA PHE D 4575 -44.31 -10.50 -9.37
C PHE D 4575 -45.79 -10.82 -9.28
N ILE D 4576 -46.26 -11.81 -10.04
CA ILE D 4576 -47.65 -12.23 -9.95
C ILE D 4576 -47.94 -12.84 -8.59
N LEU D 4577 -46.97 -13.55 -8.01
CA LEU D 4577 -47.15 -14.17 -6.70
C LEU D 4577 -47.39 -13.15 -5.59
N LEU D 4578 -47.09 -11.88 -5.82
CA LEU D 4578 -47.38 -10.83 -4.85
C LEU D 4578 -48.87 -10.52 -4.73
N PHE D 4579 -49.71 -11.08 -5.60
CA PHE D 4579 -51.13 -10.80 -5.61
C PHE D 4579 -51.95 -11.92 -4.96
N TYR D 4580 -51.29 -12.91 -4.36
CA TYR D 4580 -52.02 -13.96 -3.65
C TYR D 4580 -52.69 -13.41 -2.40
N LYS D 4581 -53.86 -13.98 -2.09
CA LYS D 4581 -54.60 -13.65 -0.88
C LYS D 4581 -55.07 -14.95 -0.25
N VAL D 4582 -55.26 -14.93 1.05
CA VAL D 4582 -55.71 -16.10 1.80
C VAL D 4582 -57.05 -15.78 2.46
N SER D 4583 -57.96 -16.74 2.42
CA SER D 4583 -59.28 -16.57 3.02
C SER D 4583 -59.80 -17.92 3.46
N ASP D 4584 -60.49 -17.95 4.60
CA ASP D 4584 -61.06 -19.20 5.10
C ASP D 4584 -62.15 -19.72 4.17
N SER D 4585 -63.01 -18.83 3.68
CA SER D 4585 -64.07 -19.23 2.77
C SER D 4585 -63.54 -19.38 1.34
N PRO D 4586 -64.12 -20.29 0.56
CA PRO D 4586 -63.69 -20.43 -0.83
C PRO D 4586 -64.02 -19.17 -1.62
N PRO D 4587 -63.23 -18.85 -2.65
CA PRO D 4587 -63.47 -17.67 -3.48
C PRO D 4587 -64.68 -17.83 -4.40
N ASN D 4626 -61.96 -25.71 8.51
CA ASN D 4626 -61.92 -24.49 7.71
C ASN D 4626 -60.54 -24.28 7.09
N MET D 4627 -60.08 -25.28 6.33
CA MET D 4627 -58.80 -25.18 5.66
C MET D 4627 -58.81 -24.02 4.68
N VAL D 4628 -57.78 -23.18 4.76
CA VAL D 4628 -57.80 -21.87 4.10
C VAL D 4628 -57.55 -22.03 2.61
N TYR D 4629 -57.94 -21.01 1.85
CA TYR D 4629 -57.85 -21.01 0.41
C TYR D 4629 -56.92 -19.90 -0.06
N TYR D 4630 -55.98 -20.25 -0.95
CA TYR D 4630 -55.08 -19.28 -1.55
C TYR D 4630 -55.53 -18.99 -2.97
N PHE D 4631 -55.59 -17.71 -3.32
CA PHE D 4631 -56.08 -17.31 -4.64
C PHE D 4631 -55.49 -15.95 -5.01
N LEU D 4632 -55.47 -15.68 -6.31
CA LEU D 4632 -54.99 -14.40 -6.81
C LEU D 4632 -56.11 -13.37 -6.75
N GLU D 4633 -55.80 -12.18 -6.26
CA GLU D 4633 -56.77 -11.09 -6.14
C GLU D 4633 -56.30 -9.95 -7.02
N GLU D 4634 -56.73 -9.98 -8.29
CA GLU D 4634 -56.40 -8.94 -9.25
C GLU D 4634 -57.58 -8.75 -10.20
N SER D 4635 -57.87 -7.48 -10.50
CA SER D 4635 -59.10 -7.13 -11.22
C SER D 4635 -59.03 -7.44 -12.71
N THR D 4636 -57.83 -7.44 -13.30
CA THR D 4636 -57.71 -7.58 -14.74
C THR D 4636 -58.25 -8.93 -15.22
N GLY D 4637 -57.95 -10.00 -14.49
CA GLY D 4637 -58.44 -11.32 -14.83
C GLY D 4637 -57.55 -12.10 -15.78
N TYR D 4638 -56.40 -11.56 -16.17
CA TYR D 4638 -55.48 -12.26 -17.07
C TYR D 4638 -54.25 -12.80 -16.36
N MET D 4639 -54.01 -12.41 -15.11
CA MET D 4639 -52.75 -12.75 -14.46
C MET D 4639 -52.70 -14.21 -14.06
N GLU D 4640 -53.84 -14.84 -13.77
CA GLU D 4640 -53.82 -16.27 -13.49
C GLU D 4640 -53.43 -17.09 -14.72
N PRO D 4641 -54.05 -16.90 -15.90
CA PRO D 4641 -53.53 -17.60 -17.09
C PRO D 4641 -52.11 -17.22 -17.43
N ALA D 4642 -51.74 -15.95 -17.21
CA ALA D 4642 -50.36 -15.54 -17.43
C ALA D 4642 -49.40 -16.32 -16.54
N LEU D 4643 -49.76 -16.50 -15.27
CA LEU D 4643 -48.92 -17.25 -14.33
C LEU D 4643 -48.82 -18.71 -14.75
N TRP D 4644 -49.93 -19.31 -15.18
CA TRP D 4644 -49.88 -20.71 -15.63
C TRP D 4644 -48.95 -20.85 -16.83
N CYS D 4645 -49.11 -19.99 -17.83
CA CYS D 4645 -48.26 -20.06 -19.02
C CYS D 4645 -46.80 -19.80 -18.66
N LEU D 4646 -46.55 -18.84 -17.78
CA LEU D 4646 -45.18 -18.52 -17.39
C LEU D 4646 -44.54 -19.67 -16.63
N SER D 4647 -45.30 -20.37 -15.78
CA SER D 4647 -44.75 -21.51 -15.07
C SER D 4647 -44.40 -22.64 -16.03
N LEU D 4648 -45.29 -22.94 -16.98
CA LEU D 4648 -44.97 -23.96 -17.97
C LEU D 4648 -43.74 -23.57 -18.78
N LEU D 4649 -43.66 -22.31 -19.19
CA LEU D 4649 -42.52 -21.84 -19.97
C LEU D 4649 -41.24 -21.90 -19.16
N HIS D 4650 -41.32 -21.59 -17.86
CA HIS D 4650 -40.13 -21.65 -17.00
C HIS D 4650 -39.63 -23.08 -16.86
N THR D 4651 -40.54 -24.04 -16.69
CA THR D 4651 -40.10 -25.43 -16.64
C THR D 4651 -39.46 -25.86 -17.95
N LEU D 4652 -40.06 -25.46 -19.07
CA LEU D 4652 -39.49 -25.79 -20.38
C LEU D 4652 -38.11 -25.19 -20.55
N VAL D 4653 -37.94 -23.93 -20.14
CA VAL D 4653 -36.66 -23.25 -20.28
C VAL D 4653 -35.61 -23.88 -19.36
N ALA D 4654 -36.01 -24.33 -18.18
CA ALA D 4654 -35.06 -25.03 -17.31
C ALA D 4654 -34.58 -26.32 -17.95
N PHE D 4655 -35.51 -27.08 -18.54
CA PHE D 4655 -35.10 -28.30 -19.25
C PHE D 4655 -34.16 -27.99 -20.41
N LEU D 4656 -34.49 -26.95 -21.19
CA LEU D 4656 -33.63 -26.56 -22.30
C LEU D 4656 -32.26 -26.10 -21.81
N CYS D 4657 -32.21 -25.44 -20.65
CA CYS D 4657 -30.93 -25.02 -20.09
C CYS D 4657 -30.09 -26.22 -19.69
N ILE D 4658 -30.71 -27.25 -19.10
CA ILE D 4658 -29.95 -28.45 -18.77
C ILE D 4658 -29.39 -29.09 -20.05
N ILE D 4659 -30.22 -29.18 -21.09
CA ILE D 4659 -29.76 -29.81 -22.33
C ILE D 4659 -28.63 -29.00 -22.95
N GLY D 4660 -28.77 -27.67 -22.95
CA GLY D 4660 -27.73 -26.83 -23.51
C GLY D 4660 -26.43 -26.91 -22.75
N TYR D 4661 -26.50 -26.94 -21.42
CA TYR D 4661 -25.30 -27.13 -20.61
C TYR D 4661 -24.64 -28.46 -20.93
N ASN D 4662 -25.43 -29.53 -21.01
CA ASN D 4662 -24.88 -30.84 -21.32
C ASN D 4662 -24.18 -30.83 -22.68
N CYS D 4663 -24.75 -30.12 -23.65
CA CYS D 4663 -24.14 -30.05 -24.97
C CYS D 4663 -22.90 -29.16 -25.01
N LEU D 4664 -22.85 -28.13 -24.17
CA LEU D 4664 -21.82 -27.09 -24.30
C LEU D 4664 -20.66 -27.26 -23.31
N LYS D 4665 -20.96 -27.30 -22.01
CA LYS D 4665 -19.91 -27.21 -21.00
C LYS D 4665 -19.44 -28.56 -20.48
N VAL D 4666 -20.26 -29.60 -20.56
CA VAL D 4666 -19.82 -30.94 -20.14
C VAL D 4666 -18.62 -31.43 -20.93
N PRO D 4667 -18.54 -31.24 -22.26
CA PRO D 4667 -17.34 -31.71 -22.97
C PRO D 4667 -16.04 -31.17 -22.42
N LEU D 4668 -16.02 -29.90 -21.98
CA LEU D 4668 -14.79 -29.35 -21.40
C LEU D 4668 -14.43 -30.05 -20.09
N VAL D 4669 -15.42 -30.35 -19.25
CA VAL D 4669 -15.15 -31.04 -18.00
C VAL D 4669 -14.62 -32.44 -18.27
N ILE D 4670 -15.23 -33.15 -19.21
CA ILE D 4670 -14.76 -34.49 -19.56
C ILE D 4670 -13.36 -34.43 -20.13
N PHE D 4671 -13.08 -33.43 -20.97
CA PHE D 4671 -11.75 -33.27 -21.54
C PHE D 4671 -10.71 -33.04 -20.47
N LYS D 4672 -11.01 -32.15 -19.51
CA LYS D 4672 -10.06 -31.88 -18.43
C LYS D 4672 -9.83 -33.11 -17.57
N ARG D 4673 -10.90 -33.86 -17.25
CA ARG D 4673 -10.75 -35.06 -16.45
C ARG D 4673 -9.89 -36.09 -17.16
N GLU D 4674 -10.15 -36.32 -18.46
CA GLU D 4674 -9.36 -37.28 -19.22
C GLU D 4674 -7.91 -36.84 -19.34
N LYS D 4675 -7.68 -35.53 -19.54
CA LYS D 4675 -6.32 -35.03 -19.65
C LYS D 4675 -5.54 -35.24 -18.35
N GLU D 4676 -6.18 -34.92 -17.21
CA GLU D 4676 -5.51 -35.13 -15.93
C GLU D 4676 -5.24 -36.60 -15.68
N LEU D 4677 -6.21 -37.47 -16.01
CA LEU D 4677 -6.01 -38.90 -15.81
C LEU D 4677 -4.88 -39.43 -16.69
N ALA D 4678 -4.81 -38.99 -17.95
CA ALA D 4678 -3.74 -39.44 -18.83
C ALA D 4678 -2.39 -38.97 -18.34
N ARG D 4679 -2.31 -37.72 -17.87
CA ARG D 4679 -1.06 -37.21 -17.33
C ARG D 4679 -0.64 -38.01 -16.10
N LYS D 4680 -1.58 -38.34 -15.22
CA LYS D 4680 -1.26 -39.12 -14.04
C LYS D 4680 -0.82 -40.53 -14.42
N LEU D 4681 -1.45 -41.13 -15.43
CA LEU D 4681 -1.04 -42.46 -15.86
C LEU D 4681 0.37 -42.46 -16.43
N GLU D 4682 0.68 -41.48 -17.28
CA GLU D 4682 1.96 -41.52 -18.00
C GLU D 4682 3.09 -40.96 -17.15
N PHE D 4683 3.00 -39.69 -16.74
CA PHE D 4683 4.10 -39.00 -16.11
C PHE D 4683 4.13 -39.17 -14.59
N ASP D 4684 3.21 -39.93 -14.02
CA ASP D 4684 3.21 -40.18 -12.59
C ASP D 4684 3.08 -41.66 -12.22
N GLY D 4685 2.46 -42.49 -13.06
CA GLY D 4685 2.29 -43.89 -12.74
C GLY D 4685 1.41 -44.09 -11.52
N LEU D 4686 0.28 -43.38 -11.47
CA LEU D 4686 -0.60 -43.45 -10.31
C LEU D 4686 -1.13 -44.86 -10.10
N TYR D 4687 -1.92 -45.36 -11.04
CA TYR D 4687 -2.45 -46.71 -10.94
C TYR D 4687 -1.41 -47.78 -11.23
N ILE D 4688 -0.33 -47.42 -11.95
CA ILE D 4688 0.70 -48.40 -12.26
C ILE D 4688 1.50 -48.76 -11.02
N THR D 4689 1.84 -47.77 -10.21
CA THR D 4689 2.73 -47.96 -9.06
C THR D 4689 2.06 -47.66 -7.73
N GLU D 4690 1.45 -46.49 -7.59
CA GLU D 4690 1.00 -45.99 -6.28
C GLU D 4690 -0.44 -46.37 -5.96
N GLN D 4691 -1.39 -45.93 -6.80
CA GLN D 4691 -2.83 -46.13 -6.62
C GLN D 4691 -3.35 -45.35 -5.42
N PRO D 4692 -4.59 -44.85 -5.48
CA PRO D 4692 -5.13 -44.09 -4.34
C PRO D 4692 -5.44 -44.96 -3.14
N GLY D 4693 -5.92 -44.35 -2.06
CA GLY D 4693 -6.20 -45.07 -0.82
C GLY D 4693 -7.59 -44.82 -0.30
N ASP D 4694 -8.56 -44.74 -1.20
CA ASP D 4694 -9.98 -44.53 -0.89
C ASP D 4694 -10.25 -43.12 -0.42
N ASP D 4695 -9.20 -42.33 -0.20
CA ASP D 4695 -9.37 -40.91 0.06
C ASP D 4695 -9.68 -40.15 -1.23
N ASP D 4696 -9.09 -40.59 -2.34
CA ASP D 4696 -9.33 -39.98 -3.65
C ASP D 4696 -10.51 -40.69 -4.31
N VAL D 4697 -11.72 -40.21 -4.00
CA VAL D 4697 -12.91 -40.74 -4.65
C VAL D 4697 -12.87 -40.48 -6.14
N LYS D 4698 -12.24 -39.38 -6.56
CA LYS D 4698 -12.06 -39.11 -7.98
C LYS D 4698 -11.25 -40.22 -8.65
N GLY D 4699 -10.13 -40.61 -8.02
CA GLY D 4699 -9.33 -41.69 -8.58
C GLY D 4699 -10.04 -43.02 -8.54
N GLN D 4700 -10.77 -43.30 -7.45
CA GLN D 4700 -11.51 -44.54 -7.36
C GLN D 4700 -12.55 -44.65 -8.47
N TRP D 4701 -13.23 -43.55 -8.78
CA TRP D 4701 -14.18 -43.56 -9.88
C TRP D 4701 -13.47 -43.64 -11.22
N ASP D 4702 -12.32 -42.98 -11.36
CA ASP D 4702 -11.57 -43.01 -12.61
C ASP D 4702 -10.98 -44.39 -12.89
N ARG D 4703 -10.90 -45.26 -11.87
CA ARG D 4703 -10.47 -46.63 -12.11
C ARG D 4703 -11.29 -47.31 -13.19
N LEU D 4704 -12.57 -46.96 -13.31
CA LEU D 4704 -13.46 -47.65 -14.24
C LEU D 4704 -13.06 -47.47 -15.69
N VAL D 4705 -12.66 -46.24 -16.06
CA VAL D 4705 -12.46 -45.91 -17.47
C VAL D 4705 -11.17 -46.46 -18.06
N LEU D 4706 -10.24 -46.93 -17.21
CA LEU D 4706 -8.94 -47.36 -17.73
C LEU D 4706 -9.08 -48.53 -18.70
N ASN D 4707 -9.91 -49.51 -18.36
CA ASN D 4707 -10.10 -50.68 -19.21
C ASN D 4707 -10.97 -50.40 -20.42
N THR D 4708 -11.67 -49.27 -20.45
CA THR D 4708 -12.59 -48.99 -21.54
C THR D 4708 -11.85 -48.81 -22.86
N PRO D 4709 -12.37 -49.34 -23.96
CA PRO D 4709 -11.69 -49.18 -25.26
C PRO D 4709 -11.62 -47.73 -25.73
N SER D 4710 -12.50 -46.86 -25.25
CA SER D 4710 -12.59 -45.48 -25.70
C SER D 4710 -12.26 -44.51 -24.58
N PHE D 4711 -11.21 -44.79 -23.82
CA PHE D 4711 -10.83 -43.88 -22.74
C PHE D 4711 -10.50 -42.48 -23.24
N PRO D 4712 -9.63 -42.26 -24.24
CA PRO D 4712 -9.46 -40.91 -24.77
C PRO D 4712 -10.50 -40.61 -25.83
N SER D 4713 -11.47 -39.75 -25.48
CA SER D 4713 -12.51 -39.33 -26.41
C SER D 4713 -12.47 -37.83 -26.66
N ASN D 4714 -12.47 -37.02 -25.61
CA ASN D 4714 -12.35 -35.58 -25.78
C ASN D 4714 -10.90 -35.13 -25.88
N TYR D 4715 -9.99 -35.81 -25.16
CA TYR D 4715 -8.58 -35.46 -25.21
C TYR D 4715 -8.00 -35.81 -26.57
N TRP D 4716 -7.11 -34.94 -27.06
CA TRP D 4716 -6.57 -35.11 -28.40
C TRP D 4716 -5.66 -36.33 -28.50
N ASP D 4717 -4.83 -36.56 -27.48
CA ASP D 4717 -3.81 -37.59 -27.54
C ASP D 4717 -4.46 -38.97 -27.52
N LYS D 4718 -4.53 -39.62 -28.67
CA LYS D 4718 -5.06 -40.97 -28.78
C LYS D 4718 -3.99 -42.04 -28.57
N PHE D 4719 -2.72 -41.66 -28.46
CA PHE D 4719 -1.63 -42.59 -28.26
C PHE D 4719 -1.20 -42.71 -26.81
N VAL D 4720 -2.03 -42.22 -25.87
CA VAL D 4720 -1.62 -42.20 -24.47
C VAL D 4720 -1.43 -43.61 -23.93
N LYS D 4721 -2.31 -44.53 -24.32
CA LYS D 4721 -2.19 -45.92 -23.85
C LYS D 4721 -0.89 -46.54 -24.34
N ARG D 4722 -0.56 -46.34 -25.62
CA ARG D 4722 0.68 -46.88 -26.16
C ARG D 4722 1.89 -46.25 -25.48
N LYS D 4723 1.83 -44.94 -25.23
CA LYS D 4723 2.95 -44.26 -24.57
C LYS D 4723 3.18 -44.78 -23.17
N VAL D 4724 2.11 -44.91 -22.37
CA VAL D 4724 2.29 -45.39 -21.00
C VAL D 4724 2.69 -46.86 -21.00
N LEU D 4725 2.19 -47.64 -21.95
CA LEU D 4725 2.63 -49.03 -22.09
C LEU D 4725 4.12 -49.11 -22.35
N ASP D 4726 4.61 -48.32 -23.31
CA ASP D 4726 6.04 -48.34 -23.61
C ASP D 4726 6.86 -47.82 -22.44
N LYS D 4727 6.34 -46.87 -21.67
CA LYS D 4727 7.09 -46.29 -20.57
C LYS D 4727 7.14 -47.21 -19.35
N HIS D 4728 6.12 -48.01 -19.11
CA HIS D 4728 6.02 -48.78 -17.88
C HIS D 4728 6.04 -50.30 -18.08
N GLY D 4729 6.19 -50.78 -19.31
CA GLY D 4729 6.19 -52.22 -19.52
C GLY D 4729 7.35 -52.91 -18.84
N ASP D 4730 8.57 -52.42 -19.08
CA ASP D 4730 9.75 -53.09 -18.54
C ASP D 4730 9.73 -53.13 -17.02
N ILE D 4731 9.02 -52.19 -16.38
CA ILE D 4731 9.07 -52.12 -14.93
C ILE D 4731 7.89 -52.86 -14.30
N PHE D 4732 6.73 -52.88 -14.95
CA PHE D 4732 5.53 -53.42 -14.32
C PHE D 4732 4.90 -54.58 -15.08
N GLY D 4733 5.57 -55.16 -16.06
CA GLY D 4733 5.00 -56.29 -16.76
C GLY D 4733 4.16 -55.84 -17.93
N ARG D 4734 4.56 -56.21 -19.15
CA ARG D 4734 3.80 -55.82 -20.33
C ARG D 4734 2.40 -56.43 -20.31
N GLU D 4735 2.30 -57.70 -19.90
CA GLU D 4735 1.00 -58.35 -19.80
C GLU D 4735 0.11 -57.67 -18.76
N ARG D 4736 0.69 -57.31 -17.61
CA ARG D 4736 -0.07 -56.62 -16.57
C ARG D 4736 -0.58 -55.26 -17.07
N ILE D 4737 0.30 -54.52 -17.76
CA ILE D 4737 -0.11 -53.21 -18.27
C ILE D 4737 -1.21 -53.36 -19.32
N ALA D 4738 -1.08 -54.37 -20.19
CA ALA D 4738 -2.10 -54.61 -21.21
C ALA D 4738 -3.44 -54.95 -20.56
N GLU D 4739 -3.41 -55.79 -19.52
CA GLU D 4739 -4.65 -56.13 -18.82
C GLU D 4739 -5.26 -54.91 -18.16
N LEU D 4740 -4.43 -54.07 -17.52
CA LEU D 4740 -4.95 -52.89 -16.85
C LEU D 4740 -5.56 -51.90 -17.84
N LEU D 4741 -4.94 -51.75 -19.01
CA LEU D 4741 -5.38 -50.78 -19.99
C LEU D 4741 -6.34 -51.35 -21.02
N GLY D 4742 -6.70 -52.62 -20.91
CA GLY D 4742 -7.71 -53.19 -21.78
C GLY D 4742 -7.34 -53.25 -23.25
N MET D 4743 -6.10 -53.61 -23.55
CA MET D 4743 -5.65 -53.76 -24.93
C MET D 4743 -4.82 -55.03 -25.04
N ASP D 4744 -4.80 -55.62 -26.24
CA ASP D 4744 -4.11 -56.88 -26.49
C ASP D 4744 -2.92 -56.65 -27.42
N LEU D 4745 -1.78 -57.25 -27.07
CA LEU D 4745 -0.58 -57.10 -27.89
C LEU D 4745 -0.67 -57.92 -29.18
N ALA D 4746 -1.42 -59.03 -29.16
CA ALA D 4746 -1.48 -59.91 -30.32
C ALA D 4746 -2.17 -59.27 -31.52
N SER D 4747 -2.92 -58.19 -31.32
CA SER D 4747 -3.62 -57.55 -32.42
C SER D 4747 -2.72 -56.57 -33.19
N LEU D 4748 -1.53 -56.29 -32.68
CA LEU D 4748 -0.63 -55.32 -33.29
C LEU D 4748 0.39 -55.93 -34.23
N GLU D 4749 0.33 -57.25 -34.47
CA GLU D 4749 1.32 -57.88 -35.33
C GLU D 4749 1.07 -57.57 -36.80
N ILE D 4750 -0.08 -56.98 -37.12
CA ILE D 4750 -0.20 -56.10 -38.29
C ILE D 4750 -0.77 -54.76 -37.82
N ASP D 4772 -19.94 -48.27 -25.45
CA ASP D 4772 -19.06 -48.44 -24.30
C ASP D 4772 -19.81 -48.12 -23.01
N VAL D 4773 -20.44 -49.15 -22.44
CA VAL D 4773 -21.31 -48.94 -21.28
C VAL D 4773 -20.51 -48.47 -20.08
N LYS D 4774 -19.33 -49.03 -19.86
CA LYS D 4774 -18.52 -48.62 -18.71
C LYS D 4774 -18.06 -47.17 -18.87
N TYR D 4775 -17.66 -46.78 -20.08
CA TYR D 4775 -17.28 -45.39 -20.32
C TYR D 4775 -18.46 -44.46 -20.10
N GLN D 4776 -19.66 -44.87 -20.53
CA GLN D 4776 -20.85 -44.05 -20.31
C GLN D 4776 -21.15 -43.90 -18.82
N ILE D 4777 -20.99 -44.98 -18.06
CA ILE D 4777 -21.22 -44.91 -16.61
C ILE D 4777 -20.22 -43.95 -15.96
N TRP D 4778 -18.95 -44.04 -16.35
CA TRP D 4778 -17.94 -43.14 -15.79
C TRP D 4778 -18.24 -41.68 -16.16
N LYS D 4779 -18.60 -41.46 -17.42
CA LYS D 4779 -18.92 -40.11 -17.88
C LYS D 4779 -20.10 -39.54 -17.11
N PHE D 4780 -21.15 -40.34 -16.91
CA PHE D 4780 -22.31 -39.86 -16.18
C PHE D 4780 -22.00 -39.63 -14.71
N GLY D 4781 -21.10 -40.43 -14.14
CA GLY D 4781 -20.66 -40.16 -12.77
C GLY D 4781 -19.95 -38.82 -12.66
N VAL D 4782 -19.07 -38.52 -13.61
CA VAL D 4782 -18.40 -37.22 -13.62
C VAL D 4782 -19.42 -36.10 -13.80
N ILE D 4783 -20.39 -36.29 -14.70
CA ILE D 4783 -21.40 -35.28 -14.95
C ILE D 4783 -22.20 -35.00 -13.69
N PHE D 4784 -22.65 -36.06 -13.00
CA PHE D 4784 -23.44 -35.88 -11.79
C PHE D 4784 -22.60 -35.36 -10.62
N THR D 4785 -21.27 -35.54 -10.68
CA THR D 4785 -20.41 -34.87 -9.72
C THR D 4785 -20.22 -33.39 -10.03
N ASP D 4786 -20.37 -32.99 -11.29
CA ASP D 4786 -20.16 -31.60 -11.68
C ASP D 4786 -21.11 -30.67 -10.92
N ASN D 4787 -20.53 -29.60 -10.35
CA ASN D 4787 -21.28 -28.69 -9.50
C ASN D 4787 -22.31 -27.88 -10.28
N SER D 4788 -21.93 -27.38 -11.45
CA SER D 4788 -22.88 -26.60 -12.25
C SER D 4788 -24.04 -27.47 -12.73
N PHE D 4789 -23.75 -28.71 -13.12
CA PHE D 4789 -24.83 -29.61 -13.51
C PHE D 4789 -25.74 -29.92 -12.33
N LEU D 4790 -25.17 -30.08 -11.13
CA LEU D 4790 -26.00 -30.29 -9.94
C LEU D 4790 -26.87 -29.06 -9.67
N TYR D 4791 -26.31 -27.86 -9.85
CA TYR D 4791 -27.10 -26.65 -9.64
C TYR D 4791 -28.25 -26.56 -10.63
N LEU D 4792 -27.99 -26.89 -11.90
CA LEU D 4792 -29.05 -26.82 -12.90
C LEU D 4792 -30.11 -27.89 -12.64
N GLY D 4793 -29.69 -29.06 -12.16
CA GLY D 4793 -30.66 -30.08 -11.76
C GLY D 4793 -31.53 -29.62 -10.61
N TRP D 4794 -30.93 -28.95 -9.63
CA TRP D 4794 -31.71 -28.38 -8.53
C TRP D 4794 -32.68 -27.33 -9.04
N TYR D 4795 -32.23 -26.49 -9.97
CA TYR D 4795 -33.10 -25.50 -10.59
C TYR D 4795 -34.32 -26.16 -11.24
N MET D 4796 -34.08 -27.23 -12.00
CA MET D 4796 -35.18 -27.93 -12.66
C MET D 4796 -36.10 -28.59 -11.66
N VAL D 4797 -35.54 -29.18 -10.60
CA VAL D 4797 -36.37 -29.84 -9.59
C VAL D 4797 -37.27 -28.82 -8.90
N MET D 4798 -36.73 -27.65 -8.56
CA MET D 4798 -37.54 -26.64 -7.91
C MET D 4798 -38.59 -26.07 -8.87
N SER D 4799 -38.25 -25.96 -10.15
CA SER D 4799 -39.23 -25.53 -11.14
C SER D 4799 -40.36 -26.54 -11.25
N LEU D 4800 -40.04 -27.83 -11.17
CA LEU D 4800 -41.07 -28.87 -11.19
C LEU D 4800 -41.94 -28.80 -9.94
N LEU D 4801 -41.32 -28.56 -8.78
CA LEU D 4801 -42.09 -28.38 -7.55
C LEU D 4801 -42.94 -27.13 -7.58
N GLY D 4802 -42.60 -26.17 -8.45
CA GLY D 4802 -43.44 -25.00 -8.63
C GLY D 4802 -44.85 -25.33 -9.10
N HIS D 4803 -45.00 -26.34 -9.95
CA HIS D 4803 -46.35 -26.73 -10.37
C HIS D 4803 -47.14 -27.36 -9.23
N TYR D 4804 -46.45 -28.00 -8.28
CA TYR D 4804 -47.13 -28.47 -7.08
C TYR D 4804 -47.52 -27.32 -6.17
N ASN D 4805 -46.61 -26.37 -5.96
CA ASN D 4805 -46.88 -25.20 -5.11
C ASN D 4805 -46.13 -24.00 -5.68
N ASN D 4806 -46.84 -23.19 -6.46
CA ASN D 4806 -46.31 -21.98 -7.10
C ASN D 4806 -45.35 -21.18 -6.22
N PHE D 4807 -45.54 -21.20 -4.90
CA PHE D 4807 -44.62 -20.47 -4.04
C PHE D 4807 -43.22 -21.08 -4.00
N PHE D 4808 -43.04 -22.28 -4.55
CA PHE D 4808 -41.70 -22.83 -4.71
C PHE D 4808 -40.90 -22.15 -5.80
N PHE D 4809 -41.54 -21.31 -6.63
CA PHE D 4809 -40.81 -20.54 -7.62
C PHE D 4809 -40.01 -19.40 -7.00
N ALA D 4810 -40.21 -19.11 -5.71
CA ALA D 4810 -39.42 -18.09 -5.05
C ALA D 4810 -37.96 -18.49 -4.88
N ALA D 4811 -37.67 -19.80 -4.86
CA ALA D 4811 -36.30 -20.27 -4.73
C ALA D 4811 -35.47 -20.01 -5.98
N HIS D 4812 -36.10 -19.63 -7.09
CA HIS D 4812 -35.37 -19.27 -8.29
C HIS D 4812 -34.92 -17.82 -8.31
N LEU D 4813 -35.36 -17.02 -7.33
CA LEU D 4813 -34.83 -15.68 -7.17
C LEU D 4813 -33.44 -15.69 -6.56
N LEU D 4814 -33.03 -16.79 -5.93
CA LEU D 4814 -31.65 -16.95 -5.49
C LEU D 4814 -30.68 -17.07 -6.64
N ASP D 4815 -31.17 -17.31 -7.86
CA ASP D 4815 -30.33 -17.39 -9.04
C ASP D 4815 -29.72 -16.05 -9.42
N ILE D 4816 -30.22 -14.94 -8.87
CA ILE D 4816 -29.66 -13.64 -9.19
C ILE D 4816 -28.22 -13.54 -8.72
N ALA D 4817 -27.88 -14.16 -7.59
CA ALA D 4817 -26.51 -14.12 -7.09
C ALA D 4817 -25.55 -14.77 -8.07
N MET D 4818 -25.93 -15.92 -8.64
CA MET D 4818 -25.07 -16.61 -9.59
C MET D 4818 -25.17 -16.02 -11.00
N GLY D 4819 -26.21 -15.24 -11.27
CA GLY D 4819 -26.37 -14.65 -12.58
C GLY D 4819 -25.69 -13.30 -12.75
N VAL D 4820 -25.90 -12.40 -11.80
CA VAL D 4820 -25.38 -11.04 -11.92
C VAL D 4820 -23.93 -11.02 -11.42
N LYS D 4821 -23.02 -10.55 -12.28
CA LYS D 4821 -21.62 -10.44 -11.87
C LYS D 4821 -21.46 -9.43 -10.75
N THR D 4822 -22.25 -8.35 -10.76
CA THR D 4822 -22.18 -7.37 -9.69
C THR D 4822 -22.59 -7.98 -8.35
N LEU D 4823 -23.67 -8.76 -8.35
CA LEU D 4823 -24.08 -9.45 -7.12
C LEU D 4823 -23.04 -10.46 -6.68
N ARG D 4824 -22.45 -11.19 -7.62
CA ARG D 4824 -21.43 -12.16 -7.25
C ARG D 4824 -20.23 -11.47 -6.61
N THR D 4825 -19.81 -10.33 -7.17
CA THR D 4825 -18.69 -9.59 -6.57
C THR D 4825 -19.06 -9.03 -5.20
N ILE D 4826 -20.29 -8.54 -5.05
CA ILE D 4826 -20.71 -7.99 -3.76
C ILE D 4826 -20.74 -9.08 -2.69
N LEU D 4827 -21.30 -10.25 -3.04
CA LEU D 4827 -21.35 -11.36 -2.08
C LEU D 4827 -19.99 -12.01 -1.88
N SER D 4828 -19.03 -11.76 -2.77
CA SER D 4828 -17.67 -12.20 -2.52
C SER D 4828 -17.10 -11.56 -1.25
N SER D 4829 -17.55 -10.35 -0.91
CA SER D 4829 -17.11 -9.74 0.34
C SER D 4829 -17.58 -10.54 1.54
N VAL D 4830 -18.82 -11.04 1.50
CA VAL D 4830 -19.33 -11.86 2.60
C VAL D 4830 -18.63 -13.21 2.62
N THR D 4831 -18.42 -13.82 1.45
CA THR D 4831 -17.86 -15.16 1.40
C THR D 4831 -16.34 -15.20 1.56
N HIS D 4832 -15.65 -14.05 1.47
CA HIS D 4832 -14.20 -14.05 1.61
C HIS D 4832 -13.79 -14.44 3.03
N ASN D 4833 -14.50 -13.96 4.03
CA ASN D 4833 -14.23 -14.25 5.43
C ASN D 4833 -15.40 -14.99 6.08
N GLY D 4834 -16.03 -15.90 5.32
CA GLY D 4834 -17.17 -16.61 5.84
C GLY D 4834 -16.81 -17.54 6.99
N LYS D 4835 -15.65 -18.18 6.91
CA LYS D 4835 -15.20 -19.03 8.00
C LYS D 4835 -15.03 -18.23 9.29
N GLN D 4836 -14.41 -17.06 9.19
CA GLN D 4836 -14.24 -16.21 10.36
C GLN D 4836 -15.58 -15.67 10.85
N LEU D 4837 -16.52 -15.40 9.94
CA LEU D 4837 -17.84 -14.93 10.35
C LEU D 4837 -18.58 -15.99 11.16
N VAL D 4838 -18.59 -17.24 10.66
CA VAL D 4838 -19.28 -18.28 11.41
C VAL D 4838 -18.54 -18.59 12.71
N MET D 4839 -17.21 -18.47 12.71
CA MET D 4839 -16.46 -18.78 13.92
C MET D 4839 -16.69 -17.71 14.99
N THR D 4840 -16.82 -16.45 14.59
CA THR D 4840 -17.13 -15.40 15.55
C THR D 4840 -18.60 -15.45 15.96
N VAL D 4841 -19.48 -16.00 15.12
CA VAL D 4841 -20.84 -16.27 15.58
C VAL D 4841 -20.83 -17.33 16.68
N GLY D 4842 -20.02 -18.37 16.51
CA GLY D 4842 -19.87 -19.35 17.58
C GLY D 4842 -19.28 -18.74 18.85
N LEU D 4843 -18.31 -17.83 18.68
CA LEU D 4843 -17.77 -17.11 19.84
C LEU D 4843 -18.84 -16.30 20.54
N LEU D 4844 -19.70 -15.63 19.78
CA LEU D 4844 -20.83 -14.90 20.36
C LEU D 4844 -21.74 -15.84 21.13
N ALA D 4845 -22.00 -17.02 20.57
CA ALA D 4845 -22.84 -18.00 21.27
C ALA D 4845 -22.21 -18.41 22.60
N VAL D 4846 -20.89 -18.63 22.61
CA VAL D 4846 -20.22 -19.03 23.84
C VAL D 4846 -20.28 -17.91 24.88
N VAL D 4847 -20.05 -16.67 24.46
CA VAL D 4847 -20.07 -15.54 25.39
C VAL D 4847 -21.47 -15.36 25.97
N VAL D 4848 -22.49 -15.47 25.12
CA VAL D 4848 -23.86 -15.35 25.62
C VAL D 4848 -24.20 -16.51 26.55
N TYR D 4849 -23.64 -17.69 26.29
CA TYR D 4849 -23.84 -18.80 27.23
C TYR D 4849 -23.22 -18.51 28.59
N LEU D 4850 -22.04 -17.90 28.61
CA LEU D 4850 -21.43 -17.53 29.88
C LEU D 4850 -22.29 -16.51 30.63
N TYR D 4851 -22.80 -15.52 29.90
CA TYR D 4851 -23.72 -14.56 30.53
C TYR D 4851 -24.98 -15.24 31.03
N THR D 4852 -25.46 -16.25 30.30
CA THR D 4852 -26.62 -17.02 30.75
C THR D 4852 -26.31 -17.78 32.03
N VAL D 4853 -25.11 -18.35 32.13
CA VAL D 4853 -24.72 -19.03 33.36
C VAL D 4853 -24.77 -18.07 34.54
N VAL D 4854 -24.16 -16.89 34.37
CA VAL D 4854 -24.13 -15.91 35.45
C VAL D 4854 -25.53 -15.48 35.83
N ALA D 4855 -26.38 -15.21 34.82
CA ALA D 4855 -27.75 -14.80 35.09
C ALA D 4855 -28.52 -15.87 35.84
N PHE D 4856 -28.51 -17.09 35.32
CA PHE D 4856 -29.24 -18.20 35.95
C PHE D 4856 -28.75 -18.47 37.36
N ASN D 4857 -27.49 -18.15 37.65
CA ASN D 4857 -27.00 -18.39 39.00
C ASN D 4857 -27.29 -17.25 39.96
N PHE D 4858 -27.37 -16.00 39.48
CA PHE D 4858 -27.46 -14.90 40.43
C PHE D 4858 -28.66 -13.98 40.24
N PHE D 4859 -29.08 -13.69 39.02
CA PHE D 4859 -30.10 -12.68 38.75
C PHE D 4859 -31.37 -13.31 38.18
N ARG D 4860 -31.81 -14.43 38.75
CA ARG D 4860 -33.02 -15.08 38.28
C ARG D 4860 -34.26 -14.25 38.53
N LYS D 4861 -34.27 -13.46 39.62
CA LYS D 4861 -35.47 -12.71 39.99
C LYS D 4861 -35.81 -11.61 39.01
N PHE D 4862 -34.84 -11.12 38.23
CA PHE D 4862 -35.07 -10.03 37.30
C PHE D 4862 -35.62 -10.48 35.96
N TYR D 4863 -35.82 -11.78 35.76
CA TYR D 4863 -36.22 -12.33 34.48
C TYR D 4863 -37.70 -12.73 34.46
N ASN D 4864 -38.54 -11.93 35.11
CA ASN D 4864 -39.98 -12.16 35.11
C ASN D 4864 -40.60 -11.27 34.04
N LYS D 4865 -41.08 -11.88 32.96
CA LYS D 4865 -41.65 -11.17 31.82
C LYS D 4865 -43.16 -11.25 31.79
N SER D 4866 -43.81 -11.23 32.95
CA SER D 4866 -45.27 -11.33 33.05
C SER D 4866 -45.81 -10.08 33.73
N GLU D 4867 -46.74 -9.40 33.06
CA GLU D 4867 -47.44 -8.28 33.70
C GLU D 4867 -48.42 -8.77 34.74
N ASP D 4868 -49.03 -9.94 34.52
CA ASP D 4868 -49.95 -10.50 35.49
C ASP D 4868 -49.21 -10.94 36.74
N GLU D 4869 -49.68 -10.50 37.91
CA GLU D 4869 -49.05 -10.85 39.16
C GLU D 4869 -49.38 -12.28 39.59
N ASP D 4870 -50.57 -12.76 39.24
CA ASP D 4870 -50.98 -14.11 39.66
C ASP D 4870 -50.22 -15.19 38.89
N GLU D 4871 -49.94 -14.96 37.60
CA GLU D 4871 -49.25 -15.94 36.78
C GLU D 4871 -47.88 -15.40 36.37
N PRO D 4872 -46.80 -15.81 37.03
CA PRO D 4872 -45.47 -15.33 36.62
C PRO D 4872 -44.94 -16.12 35.43
N ASP D 4873 -44.25 -15.41 34.55
CA ASP D 4873 -43.61 -15.99 33.38
C ASP D 4873 -42.10 -15.83 33.57
N MET D 4874 -41.50 -16.79 34.25
CA MET D 4874 -40.08 -16.74 34.56
C MET D 4874 -39.28 -17.24 33.37
N LYS D 4875 -38.44 -16.36 32.81
CA LYS D 4875 -37.66 -16.70 31.63
C LYS D 4875 -36.28 -17.22 31.97
N CYS D 4876 -35.92 -17.34 33.25
CA CYS D 4876 -34.61 -17.85 33.61
C CYS D 4876 -34.69 -18.83 34.78
N ASP D 4877 -35.85 -19.45 34.99
CA ASP D 4877 -35.98 -20.55 35.93
C ASP D 4877 -35.58 -21.88 35.32
N ASP D 4878 -35.33 -21.91 34.01
CA ASP D 4878 -34.77 -23.06 33.33
C ASP D 4878 -33.54 -22.60 32.57
N MET D 4879 -32.49 -23.44 32.58
CA MET D 4879 -31.23 -23.02 31.97
C MET D 4879 -31.35 -22.87 30.47
N MET D 4880 -31.98 -23.83 29.80
CA MET D 4880 -32.13 -23.74 28.34
C MET D 4880 -33.09 -22.62 27.97
N THR D 4881 -34.14 -22.41 28.76
CA THR D 4881 -35.05 -21.29 28.51
C THR D 4881 -34.32 -19.97 28.65
N CYS D 4882 -33.46 -19.84 29.66
CA CYS D 4882 -32.70 -18.60 29.85
C CYS D 4882 -31.71 -18.38 28.71
N TYR D 4883 -31.07 -19.45 28.24
CA TYR D 4883 -30.15 -19.32 27.12
C TYR D 4883 -30.88 -18.90 25.85
N LEU D 4884 -32.04 -19.51 25.59
CA LEU D 4884 -32.83 -19.11 24.44
C LEU D 4884 -33.29 -17.67 24.55
N PHE D 4885 -33.71 -17.25 25.74
CA PHE D 4885 -34.12 -15.86 25.96
C PHE D 4885 -32.97 -14.91 25.67
N HIS D 4886 -31.78 -15.22 26.16
CA HIS D 4886 -30.61 -14.40 25.89
C HIS D 4886 -30.34 -14.31 24.39
N MET D 4887 -30.11 -15.46 23.75
CA MET D 4887 -29.82 -15.49 22.32
C MET D 4887 -30.88 -14.79 21.51
N TYR D 4888 -32.13 -14.79 21.97
CA TYR D 4888 -33.21 -14.21 21.18
C TYR D 4888 -33.30 -12.69 21.34
N VAL D 4889 -33.42 -12.21 22.58
CA VAL D 4889 -33.72 -10.80 22.81
C VAL D 4889 -32.47 -9.99 23.11
N GLY D 4890 -31.50 -10.53 23.85
CA GLY D 4890 -30.36 -9.72 24.25
C GLY D 4890 -29.49 -9.30 23.08
N VAL D 4891 -29.30 -10.19 22.12
CA VAL D 4891 -28.48 -9.86 20.96
C VAL D 4891 -29.19 -8.85 20.07
N ARG D 4892 -30.50 -9.02 19.87
CA ARG D 4892 -31.26 -8.13 19.00
C ARG D 4892 -31.67 -6.83 19.67
N ALA D 4893 -31.47 -6.70 20.98
CA ALA D 4893 -31.81 -5.46 21.67
C ALA D 4893 -30.73 -4.41 21.47
N GLY D 4894 -31.14 -3.15 21.47
CA GLY D 4894 -30.19 -2.06 21.25
C GLY D 4894 -29.18 -1.92 22.37
N GLY D 4895 -29.63 -2.01 23.62
CA GLY D 4895 -28.78 -1.87 24.77
C GLY D 4895 -28.42 -3.16 25.48
N GLY D 4896 -28.76 -4.32 24.91
CA GLY D 4896 -28.46 -5.59 25.53
C GLY D 4896 -29.64 -6.15 26.31
N ILE D 4897 -29.31 -7.09 27.19
CA ILE D 4897 -30.35 -7.76 27.98
C ILE D 4897 -30.96 -6.84 29.02
N GLY D 4898 -30.24 -5.80 29.44
CA GLY D 4898 -30.77 -4.85 30.41
C GLY D 4898 -31.96 -4.08 29.90
N ASP D 4899 -32.09 -3.94 28.58
CA ASP D 4899 -33.29 -3.32 28.02
C ASP D 4899 -34.51 -4.22 28.19
N GLU D 4900 -34.29 -5.54 28.27
CA GLU D 4900 -35.39 -6.50 28.27
C GLU D 4900 -35.69 -7.07 29.65
N ILE D 4901 -34.81 -6.91 30.63
CA ILE D 4901 -35.09 -7.47 31.95
C ILE D 4901 -35.39 -6.37 32.96
N GLU D 4902 -35.77 -6.78 34.17
CA GLU D 4902 -36.31 -5.86 35.17
C GLU D 4902 -35.27 -4.84 35.63
N ASP D 4903 -35.76 -3.66 35.99
CA ASP D 4903 -34.90 -2.59 36.46
C ASP D 4903 -34.29 -2.96 37.82
N PRO D 4904 -32.98 -2.82 38.00
CA PRO D 4904 -32.34 -3.18 39.28
C PRO D 4904 -32.27 -2.06 40.31
N ALA D 4905 -32.94 -0.94 40.09
CA ALA D 4905 -32.85 0.19 41.02
C ALA D 4905 -33.37 -0.21 42.39
N GLY D 4906 -32.64 0.20 43.43
CA GLY D 4906 -33.01 -0.10 44.79
C GLY D 4906 -32.99 -1.58 45.12
N ASP D 4907 -31.92 -2.26 44.73
CA ASP D 4907 -31.78 -3.69 44.96
C ASP D 4907 -30.40 -3.99 45.54
N GLU D 4908 -30.28 -5.15 46.19
CA GLU D 4908 -29.02 -5.55 46.79
C GLU D 4908 -27.94 -5.76 45.74
N TYR D 4909 -28.31 -6.36 44.61
CA TYR D 4909 -27.37 -6.65 43.53
C TYR D 4909 -27.43 -5.58 42.43
N GLU D 4910 -27.71 -4.33 42.80
CA GLU D 4910 -27.86 -3.28 41.79
C GLU D 4910 -26.56 -3.05 41.03
N LEU D 4911 -25.45 -2.90 41.74
CA LEU D 4911 -24.18 -2.62 41.08
C LEU D 4911 -23.68 -3.82 40.28
N TYR D 4912 -23.85 -5.02 40.83
CA TYR D 4912 -23.46 -6.22 40.08
C TYR D 4912 -24.26 -6.35 38.80
N ARG D 4913 -25.57 -6.09 38.86
CA ARG D 4913 -26.40 -6.19 37.67
C ARG D 4913 -26.09 -5.08 36.68
N VAL D 4914 -25.74 -3.89 37.17
CA VAL D 4914 -25.34 -2.80 36.29
C VAL D 4914 -24.06 -3.18 35.53
N VAL D 4915 -23.09 -3.75 36.25
CA VAL D 4915 -21.86 -4.21 35.59
C VAL D 4915 -22.18 -5.31 34.59
N PHE D 4916 -23.08 -6.22 34.96
CA PHE D 4916 -23.52 -7.29 34.06
C PHE D 4916 -24.05 -6.71 32.75
N ASP D 4917 -24.98 -5.77 32.84
CA ASP D 4917 -25.61 -5.19 31.66
C ASP D 4917 -24.60 -4.39 30.83
N ILE D 4918 -23.76 -3.59 31.49
CA ILE D 4918 -22.79 -2.77 30.77
C ILE D 4918 -21.79 -3.64 30.02
N THR D 4919 -21.29 -4.69 30.68
CA THR D 4919 -20.35 -5.59 30.03
C THR D 4919 -21.02 -6.34 28.88
N PHE D 4920 -22.28 -6.75 29.06
CA PHE D 4920 -22.99 -7.41 27.96
C PHE D 4920 -23.10 -6.47 26.76
N PHE D 4921 -23.49 -5.22 27.01
CA PHE D 4921 -23.63 -4.25 25.91
C PHE D 4921 -22.30 -4.01 25.21
N PHE D 4922 -21.21 -3.87 25.98
CA PHE D 4922 -19.93 -3.54 25.36
C PHE D 4922 -19.35 -4.74 24.61
N PHE D 4923 -19.37 -5.93 25.22
CA PHE D 4923 -18.74 -7.08 24.59
C PHE D 4923 -19.57 -7.61 23.42
N VAL D 4924 -20.89 -7.71 23.59
CA VAL D 4924 -21.74 -8.39 22.62
C VAL D 4924 -22.23 -7.41 21.56
N ILE D 4925 -22.90 -6.34 21.99
CA ILE D 4925 -23.54 -5.43 21.05
C ILE D 4925 -22.49 -4.63 20.28
N VAL D 4926 -21.45 -4.14 20.98
CA VAL D 4926 -20.49 -3.24 20.36
C VAL D 4926 -19.36 -4.03 19.72
N ILE D 4927 -18.59 -4.76 20.53
CA ILE D 4927 -17.36 -5.37 20.05
C ILE D 4927 -17.66 -6.52 19.10
N LEU D 4928 -18.59 -7.39 19.47
CA LEU D 4928 -18.82 -8.61 18.71
C LEU D 4928 -19.58 -8.38 17.41
N LEU D 4929 -20.19 -7.21 17.23
CA LEU D 4929 -20.75 -6.84 15.93
C LEU D 4929 -19.82 -5.94 15.13
N ALA D 4930 -19.02 -5.12 15.82
CA ALA D 4930 -17.95 -4.40 15.13
C ALA D 4930 -16.96 -5.36 14.51
N ILE D 4931 -16.76 -6.53 15.13
CA ILE D 4931 -15.88 -7.54 14.54
C ILE D 4931 -16.43 -8.01 13.20
N ILE D 4932 -17.72 -8.30 13.14
CA ILE D 4932 -18.34 -8.76 11.90
C ILE D 4932 -18.27 -7.68 10.82
N GLN D 4933 -18.61 -6.44 11.19
CA GLN D 4933 -18.57 -5.36 10.22
C GLN D 4933 -17.15 -5.13 9.72
N GLY D 4934 -16.17 -5.17 10.62
CA GLY D 4934 -14.79 -5.05 10.21
C GLY D 4934 -14.31 -6.17 9.34
N LEU D 4935 -14.80 -7.40 9.58
CA LEU D 4935 -14.46 -8.51 8.70
C LEU D 4935 -14.98 -8.26 7.29
N ILE D 4936 -16.20 -7.77 7.17
CA ILE D 4936 -16.76 -7.49 5.85
C ILE D 4936 -15.96 -6.39 5.15
N ILE D 4937 -15.64 -5.31 5.89
CA ILE D 4937 -14.91 -4.20 5.30
C ILE D 4937 -13.50 -4.64 4.90
N ASP D 4938 -12.86 -5.45 5.73
CA ASP D 4938 -11.53 -5.95 5.40
C ASP D 4938 -11.57 -6.87 4.19
N ALA D 4939 -12.66 -7.63 4.03
CA ALA D 4939 -12.80 -8.42 2.80
C ALA D 4939 -12.89 -7.53 1.57
N PHE D 4940 -13.68 -6.45 1.66
CA PHE D 4940 -13.75 -5.48 0.56
C PHE D 4940 -12.36 -4.95 0.22
N GLY D 4941 -11.64 -4.48 1.23
CA GLY D 4941 -10.33 -3.89 1.01
C GLY D 4941 -9.32 -4.88 0.48
N GLU D 4942 -9.35 -6.11 0.97
CA GLU D 4942 -8.42 -7.13 0.52
C GLU D 4942 -8.69 -7.53 -0.92
N LEU D 4943 -9.96 -7.65 -1.31
CA LEU D 4943 -10.26 -7.94 -2.71
C LEU D 4943 -9.79 -6.81 -3.62
N ARG D 4944 -10.03 -5.56 -3.21
CA ARG D 4944 -9.53 -4.43 -4.01
C ARG D 4944 -8.02 -4.48 -4.14
N ASP D 4945 -7.31 -4.73 -3.03
CA ASP D 4945 -5.86 -4.78 -3.06
C ASP D 4945 -5.36 -5.91 -3.93
N GLN D 4946 -6.03 -7.07 -3.89
CA GLN D 4946 -5.62 -8.19 -4.74
C GLN D 4946 -5.77 -7.82 -6.22
N GLN D 4947 -6.90 -7.19 -6.57
CA GLN D 4947 -7.09 -6.77 -7.96
C GLN D 4947 -6.01 -5.80 -8.39
N GLU D 4948 -5.73 -4.79 -7.57
CA GLU D 4948 -4.75 -3.78 -7.96
C GLU D 4948 -3.35 -4.36 -8.03
N GLN D 4949 -3.02 -5.27 -7.11
CA GLN D 4949 -1.71 -5.93 -7.15
C GLN D 4949 -1.55 -6.76 -8.41
N VAL D 4950 -2.57 -7.53 -8.78
CA VAL D 4950 -2.51 -8.33 -10.00
C VAL D 4950 -2.32 -7.43 -11.21
N LYS D 4951 -3.09 -6.35 -11.28
CA LYS D 4951 -2.97 -5.44 -12.43
C LYS D 4951 -1.59 -4.81 -12.50
N GLU D 4952 -1.06 -4.36 -11.35
CA GLU D 4952 0.25 -3.73 -11.32
C GLU D 4952 1.33 -4.69 -11.76
N ASP D 4953 1.30 -5.92 -11.24
CA ASP D 4953 2.31 -6.91 -11.64
C ASP D 4953 2.20 -7.22 -13.13
N MET D 4954 0.99 -7.37 -13.64
CA MET D 4954 0.79 -7.69 -15.05
C MET D 4954 1.32 -6.57 -15.94
N GLU D 4955 1.09 -5.32 -15.57
CA GLU D 4955 1.52 -4.21 -16.41
C GLU D 4955 2.97 -3.79 -16.17
N THR D 4956 3.62 -4.28 -15.11
CA THR D 4956 5.01 -3.93 -14.89
C THR D 4956 5.98 -5.05 -15.24
N LYS D 4957 5.53 -6.29 -15.39
CA LYS D 4957 6.41 -7.39 -15.71
C LYS D 4957 5.84 -8.20 -16.85
N CYS D 4958 6.73 -8.75 -17.67
CA CYS D 4958 6.31 -9.58 -18.79
C CYS D 4958 5.89 -10.97 -18.30
N PHE D 4959 4.78 -11.46 -18.84
CA PHE D 4959 4.24 -12.74 -18.38
C PHE D 4959 5.16 -13.90 -18.74
N ILE D 4960 5.74 -13.88 -19.95
CA ILE D 4960 6.48 -15.04 -20.42
C ILE D 4960 7.88 -15.10 -19.82
N CYS D 4961 8.69 -14.06 -20.04
CA CYS D 4961 10.08 -14.08 -19.63
C CYS D 4961 10.34 -13.48 -18.26
N GLY D 4962 9.40 -12.69 -17.73
CA GLY D 4962 9.56 -12.12 -16.40
C GLY D 4962 10.47 -10.91 -16.32
N ILE D 4963 10.96 -10.40 -17.44
CA ILE D 4963 11.82 -9.23 -17.43
C ILE D 4963 10.95 -7.98 -17.24
N GLY D 4964 11.39 -7.10 -16.36
CA GLY D 4964 10.62 -5.91 -16.06
C GLY D 4964 10.56 -4.94 -17.22
N SER D 4965 9.55 -4.06 -17.17
CA SER D 4965 9.35 -3.07 -18.23
C SER D 4965 10.43 -2.01 -18.25
N ASP D 4966 11.26 -1.90 -17.20
CA ASP D 4966 12.31 -0.89 -17.18
C ASP D 4966 13.33 -1.14 -18.29
N TYR D 4967 13.69 -2.41 -18.52
CA TYR D 4967 14.63 -2.72 -19.59
C TYR D 4967 14.05 -2.42 -20.96
N PHE D 4968 12.80 -2.84 -21.20
CA PHE D 4968 12.21 -2.67 -22.51
C PHE D 4968 11.85 -1.22 -22.79
N ASP D 4969 11.67 -0.41 -21.74
CA ASP D 4969 11.21 0.97 -21.91
C ASP D 4969 12.31 1.93 -22.34
N THR D 4970 13.54 1.46 -22.49
CA THR D 4970 14.59 2.31 -23.05
C THR D 4970 14.23 2.76 -24.45
N THR D 4971 13.76 1.83 -25.28
CA THR D 4971 13.17 2.16 -26.56
C THR D 4971 11.74 2.66 -26.35
N PRO D 4972 11.35 3.74 -27.03
CA PRO D 4972 9.98 4.25 -26.88
C PRO D 4972 8.96 3.20 -27.27
N HIS D 4973 7.95 3.02 -26.41
CA HIS D 4973 6.92 2.00 -26.56
C HIS D 4973 7.53 0.60 -26.62
N GLY D 4974 8.70 0.44 -26.02
CA GLY D 4974 9.40 -0.83 -26.11
C GLY D 4974 8.67 -1.97 -25.43
N PHE D 4975 8.18 -1.73 -24.21
CA PHE D 4975 7.44 -2.78 -23.50
C PHE D 4975 6.16 -3.15 -24.24
N GLU D 4976 5.45 -2.14 -24.76
CA GLU D 4976 4.23 -2.41 -25.51
C GLU D 4976 4.52 -3.26 -26.73
N THR D 4977 5.56 -2.89 -27.50
CA THR D 4977 5.90 -3.68 -28.67
C THR D 4977 6.32 -5.09 -28.30
N HIS D 4978 7.11 -5.23 -27.24
CA HIS D 4978 7.60 -6.54 -26.83
C HIS D 4978 6.44 -7.45 -26.41
N THR D 4979 5.49 -6.91 -25.65
CA THR D 4979 4.40 -7.73 -25.15
C THR D 4979 3.38 -8.04 -26.24
N LEU D 4980 3.15 -7.09 -27.17
CA LEU D 4980 2.17 -7.33 -28.22
C LEU D 4980 2.72 -8.23 -29.32
N GLU D 4981 4.04 -8.19 -29.56
CA GLU D 4981 4.62 -8.88 -30.70
C GLU D 4981 5.56 -10.01 -30.29
N GLU D 4982 6.59 -9.72 -29.50
CA GLU D 4982 7.65 -10.71 -29.26
C GLU D 4982 7.19 -11.81 -28.31
N HIS D 4983 6.52 -11.45 -27.23
CA HIS D 4983 6.18 -12.39 -26.17
C HIS D 4983 4.68 -12.42 -25.90
N ASN D 4984 3.86 -12.48 -26.94
CA ASN D 4984 2.42 -12.48 -26.77
C ASN D 4984 1.93 -13.88 -26.37
N LEU D 4985 1.29 -13.97 -25.20
CA LEU D 4985 0.76 -15.25 -24.75
C LEU D 4985 -0.32 -15.76 -25.70
N ALA D 4986 -1.07 -14.86 -26.31
CA ALA D 4986 -2.01 -15.27 -27.35
C ALA D 4986 -1.27 -15.92 -28.51
N ASN D 4987 -0.13 -15.35 -28.90
CA ASN D 4987 0.67 -15.96 -29.96
C ASN D 4987 1.21 -17.32 -29.55
N TYR D 4988 1.59 -17.48 -28.28
CA TYR D 4988 2.06 -18.79 -27.82
C TYR D 4988 0.95 -19.82 -27.87
N MET D 4989 -0.27 -19.45 -27.46
CA MET D 4989 -1.40 -20.37 -27.55
C MET D 4989 -1.70 -20.71 -29.01
N PHE D 4990 -1.63 -19.72 -29.89
CA PHE D 4990 -1.87 -19.95 -31.31
C PHE D 4990 -0.83 -20.92 -31.88
N PHE D 4991 0.44 -20.76 -31.49
CA PHE D 4991 1.47 -21.68 -31.94
C PHE D 4991 1.23 -23.08 -31.39
N LEU D 4992 0.79 -23.19 -30.13
CA LEU D 4992 0.52 -24.50 -29.56
C LEU D 4992 -0.58 -25.22 -30.35
N MET D 4993 -1.66 -24.51 -30.66
CA MET D 4993 -2.75 -25.16 -31.39
C MET D 4993 -2.36 -25.39 -32.85
N TYR D 4994 -1.51 -24.54 -33.42
CA TYR D 4994 -0.98 -24.78 -34.75
C TYR D 4994 -0.15 -26.07 -34.79
N LEU D 4995 0.67 -26.28 -33.77
CA LEU D 4995 1.42 -27.54 -33.66
C LEU D 4995 0.48 -28.72 -33.51
N ILE D 4996 -0.55 -28.58 -32.68
CA ILE D 4996 -1.48 -29.69 -32.47
C ILE D 4996 -2.19 -30.05 -33.76
N ASN D 4997 -2.59 -29.03 -34.54
CA ASN D 4997 -3.28 -29.29 -35.80
C ASN D 4997 -2.34 -29.87 -36.85
N LYS D 4998 -1.12 -29.35 -36.95
CA LYS D 4998 -0.20 -29.75 -38.00
C LYS D 4998 0.27 -31.20 -37.80
N ASP D 4999 0.57 -31.85 -38.93
CA ASP D 4999 1.05 -33.22 -38.89
C ASP D 4999 2.45 -33.30 -38.32
N GLU D 5000 2.73 -34.40 -37.60
CA GLU D 5000 4.05 -34.61 -37.05
C GLU D 5000 5.09 -34.73 -38.15
N THR D 5001 4.74 -35.40 -39.26
CA THR D 5001 5.65 -35.48 -40.40
C THR D 5001 5.83 -34.12 -41.05
N GLU D 5002 4.75 -33.34 -41.16
CA GLU D 5002 4.84 -32.02 -41.78
C GLU D 5002 5.57 -31.01 -40.93
N HIS D 5003 5.74 -31.29 -39.63
CA HIS D 5003 6.49 -30.38 -38.76
C HIS D 5003 7.87 -30.11 -39.31
N THR D 5004 8.28 -28.84 -39.25
CA THR D 5004 9.64 -28.45 -39.61
C THR D 5004 10.57 -28.71 -38.43
N GLY D 5005 11.81 -28.24 -38.51
CA GLY D 5005 12.80 -28.53 -37.48
C GLY D 5005 12.47 -27.98 -36.11
N GLN D 5006 12.33 -26.66 -36.01
CA GLN D 5006 11.99 -26.04 -34.73
C GLN D 5006 10.62 -26.49 -34.24
N GLU D 5007 9.68 -26.65 -35.16
CA GLU D 5007 8.34 -27.11 -34.78
C GLU D 5007 8.39 -28.50 -34.16
N SER D 5008 9.16 -29.41 -34.76
CA SER D 5008 9.30 -30.76 -34.20
C SER D 5008 10.05 -30.72 -32.87
N TYR D 5009 11.03 -29.84 -32.75
CA TYR D 5009 11.78 -29.71 -31.50
C TYR D 5009 10.86 -29.29 -30.35
N VAL D 5010 10.10 -28.22 -30.54
CA VAL D 5010 9.20 -27.75 -29.51
C VAL D 5010 8.04 -28.73 -29.32
N TRP D 5011 7.62 -29.43 -30.38
CA TRP D 5011 6.60 -30.46 -30.24
C TRP D 5011 7.09 -31.58 -29.35
N LYS D 5012 8.36 -31.97 -29.50
CA LYS D 5012 8.92 -33.00 -28.62
C LYS D 5012 8.92 -32.54 -27.18
N MET D 5013 9.49 -31.36 -26.90
CA MET D 5013 9.49 -30.91 -25.51
C MET D 5013 8.08 -30.67 -24.96
N TYR D 5014 7.09 -30.46 -25.84
CA TYR D 5014 5.71 -30.45 -25.36
C TYR D 5014 5.25 -31.87 -25.03
N GLN D 5015 5.68 -32.86 -25.82
CA GLN D 5015 5.27 -34.25 -25.59
C GLN D 5015 5.82 -34.77 -24.26
N GLU D 5016 7.08 -34.50 -23.94
CA GLU D 5016 7.58 -34.86 -22.61
C GLU D 5016 7.33 -33.76 -21.57
N ARG D 5017 6.45 -32.81 -21.85
CA ARG D 5017 6.03 -31.82 -20.85
C ARG D 5017 7.22 -31.06 -20.27
N CYS D 5018 8.18 -30.72 -21.12
CA CYS D 5018 9.36 -29.96 -20.72
C CYS D 5018 9.17 -28.52 -21.19
N TRP D 5019 9.09 -27.59 -20.23
CA TRP D 5019 8.83 -26.20 -20.51
C TRP D 5019 10.10 -25.36 -20.49
N ASP D 5020 11.22 -25.94 -20.90
CA ASP D 5020 12.48 -25.20 -20.97
C ASP D 5020 12.61 -24.41 -22.27
N PHE D 5021 11.72 -24.62 -23.23
CA PHE D 5021 11.78 -23.85 -24.48
C PHE D 5021 11.19 -22.45 -24.34
N PHE D 5022 10.44 -22.19 -23.28
CA PHE D 5022 9.92 -20.85 -23.05
C PHE D 5022 11.06 -19.94 -22.59
N PRO D 5023 11.27 -18.79 -23.23
CA PRO D 5023 12.35 -17.88 -22.82
C PRO D 5023 12.08 -17.32 -21.43
N ALA D 5024 13.02 -17.53 -20.52
CA ALA D 5024 12.91 -17.05 -19.14
C ALA D 5024 14.15 -16.24 -18.80
N GLY D 5025 13.95 -14.99 -18.40
CA GLY D 5025 15.03 -14.12 -18.01
C GLY D 5025 15.81 -13.49 -19.14
N ASP D 5026 15.46 -13.78 -20.39
CA ASP D 5026 16.16 -13.22 -21.54
C ASP D 5026 15.25 -13.27 -22.75
N CYS D 5027 15.61 -12.51 -23.78
CA CYS D 5027 14.82 -12.42 -24.99
C CYS D 5027 15.73 -12.10 -26.16
N PHE D 5028 15.11 -11.84 -27.32
CA PHE D 5028 15.87 -11.53 -28.53
C PHE D 5028 16.67 -10.24 -28.34
N ARG D 5029 16.07 -9.21 -27.75
CA ARG D 5029 16.78 -7.98 -27.48
C ARG D 5029 17.92 -8.20 -26.50
N LYS D 5030 17.66 -8.91 -25.41
CA LYS D 5030 18.71 -9.14 -24.41
C LYS D 5030 19.83 -10.00 -24.98
N GLN D 5031 19.56 -10.76 -26.04
CA GLN D 5031 20.60 -11.60 -26.62
C GLN D 5031 21.41 -10.84 -27.68
N TYR D 5032 20.76 -10.00 -28.48
CA TYR D 5032 21.42 -9.37 -29.62
C TYR D 5032 21.38 -7.83 -29.55
N GLU D 5033 21.40 -7.28 -28.33
CA GLU D 5033 21.40 -5.82 -28.21
C GLU D 5033 22.66 -5.20 -28.81
N ASP D 5034 23.80 -5.88 -28.69
CA ASP D 5034 25.05 -5.32 -29.22
C ASP D 5034 25.01 -5.18 -30.73
N GLN D 5035 24.36 -6.13 -31.42
CA GLN D 5035 24.28 -6.06 -32.88
C GLN D 5035 23.11 -5.20 -33.33
N LEU D 5036 22.00 -5.20 -32.59
CA LEU D 5036 20.83 -4.44 -33.03
C LEU D 5036 21.03 -2.95 -32.79
N SER D 5037 21.59 -2.57 -31.64
CA SER D 5037 21.79 -1.16 -31.32
C SER D 5037 23.22 -0.92 -30.83
O5' ADN E . 4.11 20.50 -12.06
C5' ADN E . 4.98 20.41 -10.95
C4' ADN E . 5.00 19.03 -10.35
O4' ADN E . 4.94 18.05 -11.43
C3' ADN E . 6.25 18.70 -9.53
O3' ADN E . 5.89 17.81 -8.46
C2' ADN E . 7.12 17.95 -10.54
O2' ADN E . 8.06 17.06 -9.96
C1' ADN E . 6.06 17.18 -11.34
N9 ADN E . 6.48 16.83 -12.70
C8 ADN E . 6.91 15.61 -13.14
N7 ADN E . 7.22 15.57 -14.40
C5 ADN E . 6.99 16.87 -14.84
C6 ADN E . 7.13 17.49 -16.09
N6 ADN E . 7.57 16.86 -17.19
N1 ADN E . 6.81 18.80 -16.18
C2 ADN E . 6.38 19.44 -15.09
N3 ADN E . 6.20 18.95 -13.85
C4 ADN E . 6.53 17.66 -13.79
ZN ZN F . 11.79 14.55 -18.73
O5' ADN G . 18.26 8.20 13.49
C5' ADN G . 18.37 6.79 13.34
C4' ADN G . 17.46 6.27 12.25
O4' ADN G . 17.45 7.22 11.15
C3' ADN G . 17.87 4.92 11.65
O3' ADN G . 16.69 4.21 11.28
C2' ADN G . 18.63 5.33 10.40
O2' ADN G . 18.67 4.35 9.38
C1' ADN G . 17.84 6.56 9.96
N9 ADN G . 18.62 7.51 9.14
C8 ADN G . 18.56 7.66 7.78
N7 ADN G . 19.36 8.58 7.31
C5 ADN G . 20.00 9.07 8.44
C6 ADN G . 20.97 10.07 8.64
N6 ADN G . 21.50 10.79 7.64
N1 ADN G . 21.38 10.32 9.90
C2 ADN G . 20.86 9.60 10.90
N3 ADN G . 19.93 8.64 10.84
C4 ADN G . 19.54 8.42 9.58
ZN ZN H . 24.31 9.91 3.52
O5' ADN I . 11.47 -21.00 3.19
C5' ADN I . 10.96 -20.92 1.87
C4' ADN I . 10.52 -19.53 1.51
O4' ADN I . 11.47 -18.58 2.09
C3' ADN I . 10.47 -19.23 0.01
O3' ADN I . 9.42 -18.30 -0.24
C2' ADN I . 11.81 -18.54 -0.24
O2' ADN I . 11.84 -17.70 -1.37
C1' ADN I . 12.00 -17.76 1.06
N9 ADN I . 13.40 -17.46 1.38
C8 ADN I . 14.05 -16.28 1.21
N7 ADN I . 15.30 -16.29 1.58
C5 ADN I . 15.50 -17.58 2.04
C6 ADN I . 16.61 -18.25 2.57
N6 ADN I . 17.81 -17.67 2.74
N1 ADN I . 16.47 -19.54 2.94
C2 ADN I . 15.28 -20.13 2.76
N3 ADN I . 14.15 -19.60 2.27
C4 ADN I . 14.33 -18.32 1.92
ZN ZN J . 21.40 -15.61 -0.16
O5' ADN K . -2.68 -8.69 -22.36
C5' ADN K . -2.43 -7.30 -22.41
C4' ADN K . -1.94 -6.76 -21.09
O4' ADN K . -1.04 -7.74 -20.49
C3' ADN K . -1.15 -5.46 -21.17
O3' ADN K . -1.39 -4.68 -19.99
C2' ADN K . 0.30 -5.94 -21.17
O2' ADN K . 1.24 -4.98 -20.71
C1' ADN K . 0.22 -7.14 -20.24
N9 ADN K . 1.27 -8.14 -20.46
C8 ADN K . 2.40 -8.33 -19.72
N7 ADN K . 3.17 -9.30 -20.13
C5 ADN K . 2.49 -9.79 -21.25
C6 ADN K . 2.77 -10.83 -22.15
N6 ADN K . 3.87 -11.60 -22.08
N1 ADN K . 1.89 -11.06 -23.14
C2 ADN K . 0.80 -10.30 -23.23
N3 ADN K . 0.42 -9.29 -22.43
C4 ADN K . 1.31 -9.09 -21.46
ZN ZN L . 8.88 -10.97 -22.41
#